data_2LKN
#
_entry.id   2LKN
#
_cell.length_a   1.000
_cell.length_b   1.000
_cell.length_c   1.000
_cell.angle_alpha   90.00
_cell.angle_beta   90.00
_cell.angle_gamma   90.00
#
_symmetry.space_group_name_H-M   'P 1'
#
_entity_poly.entity_id   1
_entity_poly.type   'polypeptide(L)'
_entity_poly.pdbx_seq_one_letter_code
;ADIIARLREDGIQKRVIQEGRGELPDFQDGTKATFHYRTLHSDDEGTVLDDSRARGKPMELIIGKKFKLPVWETIVCTMR
EGEIAQFLCDIKHVVLYPLVAKSLRNIAVGKDPLEGQRHCCGVAQMREHSSLGHADLDALQQNPQPLIFHMEMLKVESPG
TYQQD
;
_entity_poly.pdbx_strand_id   A
#
# COMPACT_ATOMS: atom_id res chain seq x y z
N ALA A 1 -3.78 15.93 -14.67
CA ALA A 1 -3.83 17.42 -14.70
C ALA A 1 -3.02 18.04 -13.53
N ASP A 2 -3.58 18.10 -12.30
CA ASP A 2 -2.87 18.62 -11.10
C ASP A 2 -3.28 17.70 -9.92
N ILE A 3 -2.37 16.78 -9.55
CA ILE A 3 -2.66 15.74 -8.51
C ILE A 3 -2.37 16.26 -7.06
N ILE A 4 -1.29 17.04 -6.82
CA ILE A 4 -1.07 17.82 -5.56
C ILE A 4 -2.27 18.75 -5.18
N ALA A 5 -2.86 19.47 -6.16
CA ALA A 5 -4.09 20.27 -5.96
C ALA A 5 -5.40 19.50 -5.66
N ARG A 6 -5.60 18.27 -6.20
CA ARG A 6 -6.73 17.38 -5.77
C ARG A 6 -6.50 16.64 -4.41
N LEU A 7 -5.26 16.27 -4.00
CA LEU A 7 -4.99 15.63 -2.69
C LEU A 7 -5.30 16.51 -1.45
N ARG A 8 -4.88 17.80 -1.44
CA ARG A 8 -5.25 18.77 -0.36
C ARG A 8 -6.80 18.96 -0.11
N GLU A 9 -7.61 19.08 -1.18
CA GLU A 9 -9.10 18.97 -1.10
C GLU A 9 -9.74 17.56 -0.93
N ASP A 10 -8.98 16.45 -0.96
CA ASP A 10 -9.52 15.08 -0.68
C ASP A 10 -9.70 14.71 0.83
N GLY A 11 -9.32 15.59 1.80
CA GLY A 11 -9.19 15.19 3.22
C GLY A 11 -7.75 14.91 3.70
N ILE A 12 -6.96 14.25 2.83
CA ILE A 12 -5.50 14.00 3.04
C ILE A 12 -4.65 15.30 2.80
N GLN A 13 -3.37 15.24 3.22
CA GLN A 13 -2.42 16.37 3.04
C GLN A 13 -1.03 15.75 2.77
N LYS A 14 -0.45 15.96 1.55
CA LYS A 14 0.83 15.30 1.17
C LYS A 14 2.09 16.20 1.29
N ARG A 15 3.25 15.53 1.42
CA ARG A 15 4.57 16.19 1.47
C ARG A 15 5.62 15.22 0.86
N VAL A 16 6.36 15.70 -0.15
CA VAL A 16 7.55 14.97 -0.70
C VAL A 16 8.84 15.43 0.02
N ILE A 17 9.68 14.43 0.37
CA ILE A 17 11.03 14.66 0.93
C ILE A 17 12.02 14.95 -0.25
N GLN A 18 12.27 13.95 -1.14
CA GLN A 18 13.18 14.10 -2.30
C GLN A 18 12.34 13.86 -3.59
N GLU A 19 12.17 14.92 -4.40
CA GLU A 19 11.61 14.82 -5.78
C GLU A 19 12.55 13.99 -6.70
N GLY A 20 12.03 12.87 -7.24
CA GLY A 20 12.87 11.83 -7.87
C GLY A 20 13.40 12.13 -9.28
N ARG A 21 13.11 11.22 -10.23
CA ARG A 21 13.65 11.27 -11.61
C ARG A 21 12.58 10.79 -12.62
N GLY A 22 12.58 11.45 -13.80
CA GLY A 22 11.81 11.00 -14.97
C GLY A 22 10.39 11.56 -15.10
N GLU A 23 9.62 10.91 -15.98
CA GLU A 23 8.21 11.29 -16.28
C GLU A 23 7.25 10.51 -15.35
N LEU A 24 6.20 11.23 -14.87
CA LEU A 24 5.14 10.66 -14.02
C LEU A 24 4.16 9.78 -14.89
N PRO A 25 4.03 8.43 -14.73
CA PRO A 25 3.20 7.58 -15.64
C PRO A 25 1.66 7.67 -15.38
N ASP A 26 0.89 6.76 -16.02
CA ASP A 26 -0.60 6.79 -16.02
C ASP A 26 -1.26 6.74 -14.60
N PHE A 27 -0.93 5.73 -13.76
CA PHE A 27 -1.63 5.45 -12.48
C PHE A 27 -3.18 5.21 -12.61
N GLN A 28 -3.54 4.28 -13.51
CA GLN A 28 -4.95 3.91 -13.81
C GLN A 28 -5.16 2.39 -13.59
N ASP A 29 -6.37 1.87 -13.87
CA ASP A 29 -6.81 0.51 -13.45
C ASP A 29 -6.01 -0.62 -14.15
N GLY A 30 -5.03 -1.16 -13.41
CA GLY A 30 -4.02 -2.12 -13.90
C GLY A 30 -2.58 -1.57 -14.02
N THR A 31 -2.09 -0.72 -13.08
CA THR A 31 -0.70 -0.23 -13.08
C THR A 31 0.01 -0.95 -11.89
N LYS A 32 1.16 -1.57 -12.17
CA LYS A 32 2.03 -2.17 -11.13
C LYS A 32 3.01 -1.10 -10.57
N ALA A 33 2.64 -0.50 -9.44
CA ALA A 33 3.53 0.41 -8.68
C ALA A 33 4.29 -0.38 -7.58
N THR A 34 5.62 -0.45 -7.75
CA THR A 34 6.55 -1.17 -6.82
C THR A 34 7.31 -0.10 -5.98
N PHE A 35 7.18 -0.22 -4.65
CA PHE A 35 7.70 0.81 -3.70
C PHE A 35 7.90 0.18 -2.28
N HIS A 36 8.60 0.91 -1.38
CA HIS A 36 8.63 0.59 0.07
C HIS A 36 7.53 1.36 0.87
N TYR A 37 7.27 0.92 2.11
CA TYR A 37 6.23 1.52 3.00
C TYR A 37 6.68 1.45 4.47
N ARG A 38 6.36 2.48 5.26
CA ARG A 38 6.68 2.52 6.72
C ARG A 38 5.52 3.27 7.43
N THR A 39 4.59 2.50 7.97
CA THR A 39 3.39 3.04 8.67
C THR A 39 3.72 3.21 10.16
N LEU A 40 3.65 4.46 10.64
CA LEU A 40 3.85 4.79 12.06
C LEU A 40 2.76 5.79 12.54
N HIS A 41 2.49 5.78 13.85
CA HIS A 41 1.48 6.66 14.49
C HIS A 41 1.94 8.14 14.50
N SER A 42 1.00 9.05 14.21
CA SER A 42 1.32 10.48 13.91
C SER A 42 1.69 11.30 15.18
N ASP A 43 0.74 11.49 16.13
CA ASP A 43 1.00 12.20 17.41
C ASP A 43 0.37 11.52 18.68
N ASP A 44 -0.42 10.41 18.57
CA ASP A 44 -0.92 9.64 19.74
C ASP A 44 0.19 8.97 20.58
N GLU A 45 1.07 8.16 19.95
CA GLU A 45 2.29 7.62 20.58
C GLU A 45 3.59 8.03 19.82
N GLY A 46 3.57 8.05 18.47
CA GLY A 46 4.79 7.96 17.65
C GLY A 46 5.36 6.55 17.34
N THR A 47 4.62 5.46 17.64
CA THR A 47 5.10 4.06 17.48
C THR A 47 4.98 3.56 16.02
N VAL A 48 6.00 2.82 15.56
CA VAL A 48 6.01 2.20 14.21
C VAL A 48 5.31 0.81 14.29
N LEU A 49 4.15 0.73 13.62
CA LEU A 49 3.38 -0.53 13.47
C LEU A 49 3.89 -1.46 12.34
N ASP A 50 4.40 -0.90 11.22
CA ASP A 50 4.91 -1.68 10.07
C ASP A 50 6.10 -0.92 9.40
N ASP A 51 7.08 -1.69 8.88
CA ASP A 51 8.36 -1.12 8.38
C ASP A 51 8.98 -2.13 7.36
N SER A 52 9.03 -1.73 6.08
CA SER A 52 9.51 -2.62 4.97
C SER A 52 10.94 -2.31 4.48
N ARG A 53 11.25 -1.03 4.19
CA ARG A 53 12.64 -0.53 4.00
C ARG A 53 13.62 -0.68 5.19
N ALA A 54 13.10 -0.88 6.42
CA ALA A 54 13.91 -1.26 7.59
C ALA A 54 14.70 -2.61 7.46
N ARG A 55 14.07 -3.65 6.88
CA ARG A 55 14.75 -4.89 6.40
C ARG A 55 15.23 -4.87 4.90
N GLY A 56 14.84 -3.88 4.07
CA GLY A 56 15.15 -3.87 2.62
C GLY A 56 14.29 -4.77 1.69
N LYS A 57 13.02 -5.03 2.05
CA LYS A 57 12.11 -5.93 1.28
C LYS A 57 10.91 -5.08 0.74
N PRO A 58 10.83 -4.68 -0.56
CA PRO A 58 9.76 -3.77 -1.07
C PRO A 58 8.42 -4.49 -1.35
N MET A 59 7.33 -3.75 -1.10
CA MET A 59 5.95 -4.19 -1.43
C MET A 59 5.57 -3.91 -2.91
N GLU A 60 4.39 -4.42 -3.29
CA GLU A 60 3.80 -4.23 -4.63
C GLU A 60 2.28 -3.97 -4.48
N LEU A 61 1.86 -2.83 -5.05
CA LEU A 61 0.44 -2.39 -5.09
C LEU A 61 0.02 -2.41 -6.59
N ILE A 62 -1.13 -3.06 -6.81
CA ILE A 62 -1.85 -3.03 -8.11
C ILE A 62 -2.87 -1.86 -7.96
N ILE A 63 -2.84 -0.94 -8.94
CA ILE A 63 -3.81 0.19 -9.03
C ILE A 63 -5.19 -0.39 -9.48
N GLY A 64 -6.19 -0.43 -8.59
CA GLY A 64 -7.63 -0.58 -8.96
C GLY A 64 -8.07 -1.80 -9.81
N LYS A 65 -7.58 -3.01 -9.50
CA LYS A 65 -7.89 -4.23 -10.28
C LYS A 65 -7.79 -5.47 -9.34
N LYS A 66 -6.59 -5.77 -8.79
CA LYS A 66 -6.41 -6.80 -7.74
C LYS A 66 -6.58 -6.22 -6.31
N PHE A 67 -5.90 -5.10 -5.97
CA PHE A 67 -5.71 -4.66 -4.58
C PHE A 67 -6.98 -4.03 -3.94
N LYS A 68 -7.16 -4.36 -2.65
CA LYS A 68 -8.35 -3.97 -1.86
C LYS A 68 -8.31 -2.54 -1.23
N LEU A 69 -7.12 -2.00 -0.85
CA LEU A 69 -6.98 -0.74 -0.08
C LEU A 69 -6.71 0.45 -1.08
N PRO A 70 -7.69 1.35 -1.40
CA PRO A 70 -7.51 2.46 -2.37
C PRO A 70 -6.68 3.71 -1.93
N VAL A 71 -6.44 3.90 -0.62
CA VAL A 71 -5.61 5.01 -0.08
C VAL A 71 -4.09 4.89 -0.43
N TRP A 72 -3.49 3.67 -0.47
CA TRP A 72 -2.15 3.43 -1.10
C TRP A 72 -2.00 3.91 -2.57
N GLU A 73 -3.05 3.77 -3.38
CA GLU A 73 -3.09 4.25 -4.81
C GLU A 73 -3.15 5.80 -4.97
N THR A 74 -3.97 6.50 -4.16
CA THR A 74 -4.02 7.99 -4.08
C THR A 74 -2.76 8.63 -3.43
N ILE A 75 -2.15 7.99 -2.40
CA ILE A 75 -0.76 8.28 -1.92
C ILE A 75 0.28 8.29 -3.10
N VAL A 76 0.40 7.16 -3.85
CA VAL A 76 1.42 7.02 -4.93
C VAL A 76 1.08 7.60 -6.33
N CYS A 77 -0.15 8.06 -6.62
CA CYS A 77 -0.46 8.76 -7.90
C CYS A 77 0.36 10.07 -8.18
N THR A 78 0.75 10.81 -7.13
CA THR A 78 1.73 11.94 -7.21
C THR A 78 3.25 11.55 -7.35
N MET A 79 3.62 10.26 -7.21
CA MET A 79 5.03 9.80 -7.02
C MET A 79 5.58 9.15 -8.31
N ARG A 80 6.84 9.48 -8.66
CA ARG A 80 7.55 8.97 -9.87
C ARG A 80 8.74 8.03 -9.49
N GLU A 81 9.37 7.40 -10.49
CA GLU A 81 10.46 6.38 -10.28
C GLU A 81 11.70 7.01 -9.57
N GLY A 82 11.89 6.64 -8.29
CA GLY A 82 12.92 7.27 -7.43
C GLY A 82 12.49 8.43 -6.49
N GLU A 83 11.19 8.72 -6.33
CA GLU A 83 10.67 9.83 -5.47
C GLU A 83 10.28 9.28 -4.08
N ILE A 84 10.59 10.03 -3.03
CA ILE A 84 10.39 9.58 -1.62
C ILE A 84 9.46 10.64 -0.95
N ALA A 85 8.28 10.22 -0.46
CA ALA A 85 7.30 11.12 0.19
C ALA A 85 6.70 10.49 1.47
N GLN A 86 6.65 11.28 2.56
CA GLN A 86 6.07 10.85 3.86
C GLN A 86 4.96 11.83 4.32
N PHE A 87 3.81 11.29 4.76
CA PHE A 87 2.59 12.13 4.98
C PHE A 87 1.41 11.36 5.65
N LEU A 88 0.54 12.13 6.34
CA LEU A 88 -0.68 11.57 6.99
C LEU A 88 -1.89 11.43 6.03
N CYS A 89 -2.73 10.41 6.31
CA CYS A 89 -4.06 10.25 5.67
C CYS A 89 -5.16 10.19 6.75
N ASP A 90 -6.32 10.82 6.47
CA ASP A 90 -7.48 10.81 7.38
C ASP A 90 -8.11 9.39 7.50
N ILE A 91 -8.61 9.07 8.71
CA ILE A 91 -9.30 7.79 9.03
C ILE A 91 -10.48 7.34 8.12
N LYS A 92 -11.27 8.25 7.52
CA LYS A 92 -12.20 7.88 6.40
C LYS A 92 -11.60 7.07 5.19
N HIS A 93 -10.29 7.22 4.91
CA HIS A 93 -9.55 6.50 3.86
C HIS A 93 -8.83 5.24 4.44
N VAL A 94 -8.16 5.34 5.62
CA VAL A 94 -7.47 4.20 6.30
C VAL A 94 -8.35 3.37 7.30
N VAL A 95 -9.70 3.43 7.17
CA VAL A 95 -10.66 2.60 7.95
C VAL A 95 -10.51 1.05 7.70
N LEU A 96 -10.36 0.66 6.42
CA LEU A 96 -10.05 -0.73 6.00
C LEU A 96 -8.54 -1.08 5.75
N TYR A 97 -7.58 -0.22 6.14
CA TYR A 97 -6.15 -0.60 6.27
C TYR A 97 -5.85 -1.79 7.28
N PRO A 98 -6.36 -1.89 8.54
CA PRO A 98 -6.21 -3.14 9.36
C PRO A 98 -6.96 -4.42 8.88
N LEU A 99 -7.87 -4.33 7.88
CA LEU A 99 -8.51 -5.50 7.23
C LEU A 99 -7.68 -6.03 6.02
N VAL A 100 -7.16 -5.11 5.17
CA VAL A 100 -6.28 -5.44 4.00
C VAL A 100 -4.81 -5.78 4.38
N ALA A 101 -4.27 -5.29 5.50
CA ALA A 101 -3.07 -5.88 6.15
C ALA A 101 -3.10 -7.42 6.43
N LYS A 102 -4.29 -8.00 6.69
CA LYS A 102 -4.49 -9.48 6.68
C LYS A 102 -4.67 -10.14 5.25
N SER A 103 -4.24 -9.47 4.16
CA SER A 103 -4.29 -10.00 2.77
C SER A 103 -3.08 -9.55 1.88
N LEU A 104 -2.59 -8.29 1.98
CA LEU A 104 -1.26 -7.88 1.45
C LEU A 104 -0.02 -8.68 1.96
N ARG A 105 -0.09 -9.25 3.19
CA ARG A 105 0.78 -10.36 3.64
C ARG A 105 0.31 -11.75 3.06
N ASN A 106 -0.96 -12.16 3.28
CA ASN A 106 -1.38 -13.58 3.16
C ASN A 106 -1.74 -14.01 1.72
N ILE A 107 -2.72 -13.33 1.08
CA ILE A 107 -3.07 -13.50 -0.35
C ILE A 107 -1.90 -13.21 -1.38
N ALA A 108 -0.96 -12.31 -1.03
CA ALA A 108 0.31 -12.10 -1.78
C ALA A 108 1.34 -13.26 -1.88
N VAL A 109 1.11 -14.43 -1.24
CA VAL A 109 1.79 -15.72 -1.57
C VAL A 109 1.89 -16.08 -3.10
N GLY A 110 0.79 -15.95 -3.84
CA GLY A 110 0.79 -16.20 -5.30
C GLY A 110 -0.62 -16.29 -5.92
N LYS A 111 -1.36 -15.16 -5.95
CA LYS A 111 -2.70 -15.04 -6.60
C LYS A 111 -3.79 -15.94 -5.94
N ASP A 112 -4.74 -15.32 -5.23
CA ASP A 112 -5.89 -16.00 -4.56
C ASP A 112 -5.54 -17.06 -3.45
N PRO A 113 -6.41 -17.38 -2.44
CA PRO A 113 -6.05 -18.27 -1.30
C PRO A 113 -5.86 -19.77 -1.69
N LEU A 114 -6.94 -20.46 -2.11
CA LEU A 114 -6.86 -21.83 -2.69
C LEU A 114 -6.15 -21.92 -4.09
N GLU A 115 -6.29 -20.90 -4.96
CA GLU A 115 -5.69 -20.88 -6.32
C GLU A 115 -4.16 -21.16 -6.37
N GLY A 116 -3.34 -20.36 -5.65
CA GLY A 116 -1.94 -20.70 -5.36
C GLY A 116 -1.73 -20.92 -3.85
N GLN A 117 -2.05 -22.14 -3.36
CA GLN A 117 -1.71 -22.57 -1.98
C GLN A 117 -0.35 -23.34 -1.97
N ARG A 118 0.75 -22.58 -2.16
CA ARG A 118 2.09 -23.14 -2.48
C ARG A 118 3.15 -22.00 -2.38
N HIS A 119 4.34 -22.34 -1.84
CA HIS A 119 5.50 -21.40 -1.82
C HIS A 119 6.42 -21.72 -3.03
N CYS A 120 6.11 -21.09 -4.18
CA CYS A 120 6.92 -21.19 -5.42
C CYS A 120 7.09 -19.78 -6.04
N CYS A 121 7.97 -18.97 -5.42
CA CYS A 121 8.27 -17.58 -5.83
C CYS A 121 9.62 -17.16 -5.18
N GLY A 122 9.68 -17.01 -3.84
CA GLY A 122 10.95 -16.92 -3.10
C GLY A 122 10.78 -17.08 -1.58
N VAL A 123 10.32 -18.27 -1.14
CA VAL A 123 10.17 -18.62 0.30
C VAL A 123 10.54 -20.13 0.35
N ALA A 124 11.74 -20.45 0.86
CA ALA A 124 12.27 -21.84 0.86
C ALA A 124 13.27 -22.03 2.03
N GLN A 125 13.04 -23.09 2.84
CA GLN A 125 13.86 -23.44 4.03
C GLN A 125 13.67 -22.41 5.18
N MET A 126 12.54 -22.52 5.90
CA MET A 126 12.21 -21.65 7.06
C MET A 126 11.18 -22.42 7.92
N ARG A 127 11.62 -22.90 9.11
CA ARG A 127 10.73 -23.60 10.08
C ARG A 127 10.25 -22.57 11.13
N GLU A 128 9.04 -22.03 10.92
CA GLU A 128 8.46 -20.97 11.79
C GLU A 128 6.91 -21.10 11.76
N HIS A 129 6.30 -21.09 12.96
CA HIS A 129 4.82 -20.95 13.11
C HIS A 129 4.48 -19.42 13.12
N SER A 130 3.73 -18.97 12.10
CA SER A 130 3.35 -17.53 11.94
C SER A 130 2.24 -17.11 12.95
N SER A 131 1.00 -17.67 12.82
CA SER A 131 -0.13 -17.44 13.76
C SER A 131 -0.66 -15.97 13.70
N LEU A 132 -1.81 -15.77 13.01
CA LEU A 132 -2.36 -14.42 12.77
C LEU A 132 -3.16 -13.90 14.00
N GLY A 133 -2.92 -12.62 14.34
CA GLY A 133 -3.55 -11.97 15.51
C GLY A 133 -2.64 -10.83 15.99
N HIS A 134 -2.78 -9.65 15.38
CA HIS A 134 -1.88 -8.50 15.65
C HIS A 134 -2.40 -7.66 16.86
N ALA A 135 -1.47 -6.92 17.48
CA ALA A 135 -1.80 -5.80 18.42
C ALA A 135 -1.41 -4.38 17.93
N ASP A 136 -0.46 -4.24 16.98
CA ASP A 136 -0.01 -2.94 16.43
C ASP A 136 -1.05 -2.28 15.45
N LEU A 137 -1.50 -3.02 14.42
CA LEU A 137 -2.66 -2.61 13.56
C LEU A 137 -4.06 -2.92 14.15
N ASP A 138 -4.22 -3.85 15.13
CA ASP A 138 -5.49 -4.01 15.90
C ASP A 138 -5.76 -2.93 17.00
N ALA A 139 -4.77 -2.08 17.38
CA ALA A 139 -5.02 -0.77 18.04
C ALA A 139 -6.03 0.20 17.34
N LEU A 140 -6.09 0.18 15.99
CA LEU A 140 -7.14 0.90 15.20
C LEU A 140 -8.58 0.31 15.32
N GLN A 141 -8.71 -1.02 15.36
CA GLN A 141 -10.01 -1.73 15.63
C GLN A 141 -10.72 -1.37 16.97
N GLN A 142 -9.94 -1.08 18.04
CA GLN A 142 -10.45 -0.45 19.29
C GLN A 142 -10.50 1.11 19.24
N ASN A 143 -9.55 1.81 18.57
CA ASN A 143 -9.47 3.29 18.58
C ASN A 143 -8.79 3.75 17.25
N PRO A 144 -9.51 4.09 16.14
CA PRO A 144 -8.88 4.40 14.83
C PRO A 144 -8.20 5.80 14.77
N GLN A 145 -7.02 5.86 14.13
CA GLN A 145 -6.10 7.03 14.20
C GLN A 145 -5.53 7.37 12.78
N PRO A 146 -5.36 8.66 12.35
CA PRO A 146 -4.79 9.01 11.01
C PRO A 146 -3.24 8.87 10.98
N LEU A 147 -2.75 7.91 10.17
CA LEU A 147 -1.35 7.39 10.28
C LEU A 147 -0.39 8.04 9.24
N ILE A 148 0.92 8.01 9.57
CA ILE A 148 2.03 8.49 8.68
C ILE A 148 2.48 7.29 7.79
N PHE A 149 2.29 7.44 6.48
CA PHE A 149 2.71 6.45 5.47
C PHE A 149 3.96 7.03 4.75
N HIS A 150 5.15 6.54 5.14
CA HIS A 150 6.42 6.90 4.45
C HIS A 150 6.63 5.87 3.31
N MET A 151 6.24 6.28 2.11
CA MET A 151 6.46 5.52 0.86
C MET A 151 7.78 5.95 0.17
N GLU A 152 8.47 4.98 -0.46
CA GLU A 152 9.71 5.24 -1.22
C GLU A 152 9.52 4.56 -2.60
N MET A 153 9.25 5.35 -3.66
CA MET A 153 9.13 4.83 -5.05
C MET A 153 10.50 4.44 -5.64
N LEU A 154 10.51 3.25 -6.25
CA LEU A 154 11.66 2.70 -7.00
C LEU A 154 11.28 2.54 -8.51
N LYS A 155 10.28 1.69 -8.83
CA LYS A 155 9.82 1.45 -10.23
C LYS A 155 8.27 1.44 -10.26
N VAL A 156 7.71 1.74 -11.46
CA VAL A 156 6.25 1.71 -11.69
C VAL A 156 6.03 1.46 -13.22
N GLU A 157 5.20 0.45 -13.52
CA GLU A 157 4.93 -0.02 -14.92
C GLU A 157 3.40 0.04 -15.21
N SER A 158 3.08 0.37 -16.46
CA SER A 158 1.69 0.60 -16.94
C SER A 158 1.02 -0.66 -17.58
N PRO A 159 -0.34 -0.75 -17.78
CA PRO A 159 -1.01 -1.95 -18.38
C PRO A 159 -0.64 -2.17 -19.88
N GLY A 160 0.16 -3.22 -20.14
CA GLY A 160 0.84 -3.38 -21.44
C GLY A 160 2.27 -3.93 -21.29
N THR A 161 3.10 -3.20 -20.51
CA THR A 161 4.49 -3.60 -20.20
C THR A 161 4.65 -4.58 -19.01
N TYR A 162 3.84 -4.47 -17.93
CA TYR A 162 3.99 -5.33 -16.73
C TYR A 162 3.49 -6.79 -16.98
N GLN A 163 4.24 -7.77 -16.48
CA GLN A 163 3.81 -9.20 -16.49
C GLN A 163 4.45 -9.98 -15.30
N GLN A 164 3.70 -10.95 -14.76
CA GLN A 164 4.23 -11.95 -13.79
C GLN A 164 4.77 -13.21 -14.55
N ASP A 165 5.87 -13.78 -14.04
CA ASP A 165 6.54 -14.96 -14.65
C ASP A 165 5.92 -16.26 -14.13
N ALA A 1 -6.33 19.08 -14.14
CA ALA A 1 -5.75 19.99 -13.11
C ALA A 1 -4.56 19.35 -12.33
N ASP A 2 -3.88 20.16 -11.50
CA ASP A 2 -2.75 19.70 -10.64
C ASP A 2 -3.25 18.72 -9.54
N ILE A 3 -2.52 17.60 -9.40
CA ILE A 3 -2.92 16.46 -8.51
C ILE A 3 -2.55 16.71 -7.01
N ILE A 4 -1.38 17.28 -6.68
CA ILE A 4 -1.06 17.85 -5.34
C ILE A 4 -2.15 18.85 -4.79
N ALA A 5 -2.66 19.74 -5.66
CA ALA A 5 -3.82 20.62 -5.35
C ALA A 5 -5.20 19.93 -5.11
N ARG A 6 -5.53 18.81 -5.79
CA ARG A 6 -6.71 17.97 -5.41
C ARG A 6 -6.53 17.04 -4.17
N LEU A 7 -5.32 16.54 -3.84
CA LEU A 7 -5.07 15.68 -2.65
C LEU A 7 -5.16 16.45 -1.29
N ARG A 8 -4.61 17.67 -1.16
CA ARG A 8 -4.83 18.56 0.02
C ARG A 8 -6.32 18.85 0.40
N GLU A 9 -7.19 19.11 -0.59
CA GLU A 9 -8.68 19.13 -0.41
C GLU A 9 -9.43 17.76 -0.38
N ASP A 10 -8.77 16.59 -0.56
CA ASP A 10 -9.41 15.26 -0.42
C ASP A 10 -9.64 14.74 1.04
N GLY A 11 -9.16 15.44 2.08
CA GLY A 11 -9.05 14.85 3.44
C GLY A 11 -7.60 14.47 3.85
N ILE A 12 -6.85 13.86 2.92
CA ILE A 12 -5.39 13.61 3.02
C ILE A 12 -4.57 14.94 2.84
N GLN A 13 -3.25 14.87 3.08
CA GLN A 13 -2.31 15.98 2.80
C GLN A 13 -0.98 15.36 2.28
N LYS A 14 -0.57 15.70 1.05
CA LYS A 14 0.66 15.16 0.42
C LYS A 14 1.92 16.03 0.75
N ARG A 15 3.06 15.38 1.09
CA ARG A 15 4.34 16.09 1.36
C ARG A 15 5.54 15.21 0.92
N VAL A 16 6.45 15.80 0.14
CA VAL A 16 7.62 15.10 -0.48
C VAL A 16 8.96 15.41 0.24
N ILE A 17 9.84 14.39 0.26
CA ILE A 17 11.24 14.53 0.75
C ILE A 17 12.18 14.78 -0.48
N GLN A 18 12.33 13.81 -1.41
CA GLN A 18 13.27 13.91 -2.57
C GLN A 18 12.50 13.61 -3.89
N GLU A 19 12.16 14.68 -4.65
CA GLU A 19 11.53 14.59 -6.00
C GLU A 19 12.23 13.61 -6.99
N GLY A 20 11.48 12.65 -7.56
CA GLY A 20 12.02 11.61 -8.46
C GLY A 20 12.49 12.12 -9.83
N ARG A 21 13.06 11.16 -10.58
CA ARG A 21 13.99 11.50 -11.71
C ARG A 21 13.32 11.33 -13.10
N GLY A 22 12.65 12.42 -13.46
CA GLY A 22 11.96 12.57 -14.76
C GLY A 22 10.52 13.12 -14.62
N GLU A 23 9.58 12.54 -15.40
CA GLU A 23 8.16 13.00 -15.47
C GLU A 23 7.17 11.81 -15.23
N LEU A 24 6.08 12.07 -14.48
CA LEU A 24 5.19 11.01 -13.91
C LEU A 24 4.42 10.17 -14.99
N PRO A 25 4.41 8.81 -14.97
CA PRO A 25 3.73 7.98 -16.02
C PRO A 25 2.17 7.95 -15.89
N ASP A 26 1.53 6.82 -16.23
CA ASP A 26 0.04 6.68 -16.22
C ASP A 26 -0.57 6.68 -14.79
N PHE A 27 -0.32 5.64 -13.96
CA PHE A 27 -1.05 5.39 -12.68
C PHE A 27 -2.60 5.28 -12.84
N GLN A 28 -3.01 4.34 -13.71
CA GLN A 28 -4.44 4.08 -14.05
C GLN A 28 -4.75 2.56 -13.90
N ASP A 29 -5.97 2.13 -14.28
CA ASP A 29 -6.49 0.75 -14.03
C ASP A 29 -5.62 -0.40 -14.66
N GLY A 30 -4.83 -1.04 -13.78
CA GLY A 30 -3.84 -2.06 -14.17
C GLY A 30 -2.37 -1.58 -14.21
N THR A 31 -1.92 -0.73 -13.28
CA THR A 31 -0.51 -0.29 -13.20
C THR A 31 0.10 -1.04 -11.99
N LYS A 32 1.20 -1.75 -12.27
CA LYS A 32 2.02 -2.41 -11.22
C LYS A 32 3.07 -1.41 -10.66
N ALA A 33 2.71 -0.74 -9.55
CA ALA A 33 3.63 0.18 -8.84
C ALA A 33 4.38 -0.59 -7.71
N THR A 34 5.70 -0.66 -7.86
CA THR A 34 6.60 -1.37 -6.91
C THR A 34 7.35 -0.31 -6.05
N PHE A 35 7.22 -0.43 -4.73
CA PHE A 35 7.70 0.61 -3.77
C PHE A 35 7.89 0.00 -2.34
N HIS A 36 8.57 0.74 -1.45
CA HIS A 36 8.58 0.46 0.01
C HIS A 36 7.48 1.25 0.77
N TYR A 37 7.20 0.82 2.01
CA TYR A 37 6.14 1.43 2.87
C TYR A 37 6.60 1.37 4.37
N ARG A 38 6.28 2.42 5.13
CA ARG A 38 6.58 2.47 6.59
C ARG A 38 5.45 3.25 7.29
N THR A 39 4.49 2.49 7.83
CA THR A 39 3.31 3.06 8.55
C THR A 39 3.68 3.26 10.03
N LEU A 40 3.60 4.53 10.48
CA LEU A 40 3.81 4.90 11.89
C LEU A 40 2.72 5.90 12.35
N HIS A 41 2.44 5.94 13.67
CA HIS A 41 1.41 6.83 14.26
C HIS A 41 1.87 8.31 14.26
N SER A 42 0.96 9.22 13.85
CA SER A 42 1.30 10.64 13.58
C SER A 42 1.68 11.47 14.84
N ASP A 43 0.72 11.75 15.72
CA ASP A 43 0.96 12.29 17.09
C ASP A 43 0.11 11.60 18.21
N ASP A 44 -0.48 10.41 17.95
CA ASP A 44 -1.30 9.65 18.94
C ASP A 44 -0.40 8.83 19.92
N GLU A 45 0.45 7.92 19.39
CA GLU A 45 1.56 7.28 20.15
C GLU A 45 2.95 7.79 19.67
N GLY A 46 3.14 8.00 18.34
CA GLY A 46 4.48 8.05 17.72
C GLY A 46 5.18 6.70 17.39
N THR A 47 4.46 5.56 17.49
CA THR A 47 5.05 4.19 17.31
C THR A 47 4.96 3.73 15.83
N VAL A 48 5.98 2.98 15.38
CA VAL A 48 5.97 2.33 14.05
C VAL A 48 5.24 0.96 14.18
N LEU A 49 4.07 0.89 13.54
CA LEU A 49 3.25 -0.34 13.44
C LEU A 49 3.73 -1.33 12.32
N ASP A 50 4.26 -0.82 11.19
CA ASP A 50 4.73 -1.66 10.06
C ASP A 50 5.92 -0.94 9.35
N ASP A 51 6.90 -1.73 8.87
CA ASP A 51 8.19 -1.20 8.34
C ASP A 51 8.80 -2.22 7.35
N SER A 52 8.93 -1.80 6.07
CA SER A 52 9.44 -2.67 4.97
C SER A 52 10.87 -2.32 4.47
N ARG A 53 11.14 -1.03 4.17
CA ARG A 53 12.52 -0.50 3.98
C ARG A 53 13.49 -0.59 5.19
N ALA A 54 12.95 -0.74 6.42
CA ALA A 54 13.74 -1.16 7.60
C ALA A 54 14.41 -2.56 7.49
N ARG A 55 13.71 -3.54 6.91
CA ARG A 55 14.29 -4.86 6.49
C ARG A 55 15.05 -4.84 5.12
N GLY A 56 14.72 -3.93 4.18
CA GLY A 56 15.13 -4.04 2.76
C GLY A 56 14.25 -4.91 1.83
N LYS A 57 12.95 -5.11 2.14
CA LYS A 57 12.05 -6.03 1.39
C LYS A 57 10.85 -5.19 0.81
N PRO A 58 10.80 -4.81 -0.51
CA PRO A 58 9.74 -3.92 -1.04
C PRO A 58 8.39 -4.64 -1.34
N MET A 59 7.29 -3.90 -1.13
CA MET A 59 5.92 -4.35 -1.47
C MET A 59 5.57 -4.10 -2.98
N GLU A 60 4.36 -4.56 -3.35
CA GLU A 60 3.82 -4.43 -4.74
C GLU A 60 2.29 -4.18 -4.67
N LEU A 61 1.88 -3.02 -5.21
CA LEU A 61 0.47 -2.57 -5.27
C LEU A 61 0.02 -2.59 -6.74
N ILE A 62 -1.22 -3.07 -6.93
CA ILE A 62 -1.95 -3.01 -8.23
C ILE A 62 -2.91 -1.78 -8.12
N ILE A 63 -2.85 -0.93 -9.15
CA ILE A 63 -3.78 0.23 -9.29
C ILE A 63 -5.15 -0.28 -9.83
N GLY A 64 -6.19 -0.26 -8.99
CA GLY A 64 -7.61 -0.33 -9.43
C GLY A 64 -8.05 -1.51 -10.33
N LYS A 65 -7.84 -2.74 -9.85
CA LYS A 65 -8.05 -3.99 -10.63
C LYS A 65 -8.12 -5.16 -9.60
N LYS A 66 -6.98 -5.53 -8.98
CA LYS A 66 -6.88 -6.64 -8.01
C LYS A 66 -6.88 -6.17 -6.52
N PHE A 67 -6.21 -5.04 -6.18
CA PHE A 67 -5.96 -4.64 -4.78
C PHE A 67 -7.21 -4.03 -4.09
N LYS A 68 -7.34 -4.38 -2.80
CA LYS A 68 -8.51 -3.99 -1.96
C LYS A 68 -8.46 -2.55 -1.35
N LEU A 69 -7.28 -2.02 -0.98
CA LEU A 69 -7.13 -0.76 -0.22
C LEU A 69 -6.82 0.43 -1.21
N PRO A 70 -7.77 1.35 -1.55
CA PRO A 70 -7.54 2.46 -2.53
C PRO A 70 -6.73 3.70 -2.04
N VAL A 71 -6.48 3.86 -0.73
CA VAL A 71 -5.62 4.97 -0.19
C VAL A 71 -4.11 4.80 -0.55
N TRP A 72 -3.52 3.59 -0.55
CA TRP A 72 -2.20 3.31 -1.21
C TRP A 72 -2.07 3.77 -2.68
N GLU A 73 -3.13 3.59 -3.49
CA GLU A 73 -3.18 4.06 -4.91
C GLU A 73 -3.27 5.60 -5.10
N THR A 74 -4.05 6.31 -4.26
CA THR A 74 -4.11 7.80 -4.21
C THR A 74 -2.79 8.46 -3.65
N ILE A 75 -2.16 7.85 -2.61
CA ILE A 75 -0.77 8.16 -2.16
C ILE A 75 0.25 8.13 -3.35
N VAL A 76 0.37 6.98 -4.05
CA VAL A 76 1.37 6.79 -5.15
C VAL A 76 1.00 7.34 -6.56
N CYS A 77 -0.26 7.75 -6.83
CA CYS A 77 -0.59 8.50 -8.08
C CYS A 77 0.10 9.89 -8.25
N THR A 78 0.50 10.56 -7.14
CA THR A 78 1.44 11.71 -7.16
C THR A 78 2.95 11.33 -6.93
N MET A 79 3.36 10.07 -7.22
CA MET A 79 4.76 9.59 -7.09
C MET A 79 5.23 8.89 -8.40
N ARG A 80 6.54 8.89 -8.66
CA ARG A 80 7.15 8.32 -9.90
C ARG A 80 8.52 7.62 -9.60
N GLU A 81 9.19 6.98 -10.59
CA GLU A 81 10.38 6.11 -10.36
C GLU A 81 11.57 6.85 -9.69
N GLY A 82 11.85 6.52 -8.42
CA GLY A 82 12.82 7.26 -7.58
C GLY A 82 12.29 8.43 -6.69
N GLU A 83 10.96 8.56 -6.51
CA GLU A 83 10.33 9.57 -5.63
C GLU A 83 10.22 9.03 -4.19
N ILE A 84 10.53 9.87 -3.20
CA ILE A 84 10.41 9.50 -1.77
C ILE A 84 9.54 10.61 -1.13
N ALA A 85 8.34 10.23 -0.66
CA ALA A 85 7.39 11.16 0.00
C ALA A 85 6.79 10.51 1.26
N GLN A 86 6.78 11.27 2.38
CA GLN A 86 6.22 10.80 3.67
C GLN A 86 5.11 11.76 4.14
N PHE A 87 3.92 11.22 4.46
CA PHE A 87 2.71 12.04 4.64
C PHE A 87 1.51 11.26 5.22
N LEU A 88 0.60 12.03 5.86
CA LEU A 88 -0.58 11.49 6.59
C LEU A 88 -1.81 11.23 5.67
N CYS A 89 -2.65 10.28 6.12
CA CYS A 89 -4.01 10.09 5.56
C CYS A 89 -5.05 10.09 6.71
N ASP A 90 -6.21 10.72 6.45
CA ASP A 90 -7.35 10.72 7.41
C ASP A 90 -8.03 9.33 7.50
N ILE A 91 -8.58 9.02 8.69
CA ILE A 91 -9.30 7.74 8.98
C ILE A 91 -10.50 7.36 8.07
N LYS A 92 -11.24 8.31 7.47
CA LYS A 92 -12.15 8.02 6.32
C LYS A 92 -11.56 7.20 5.10
N HIS A 93 -10.24 7.31 4.85
CA HIS A 93 -9.51 6.57 3.80
C HIS A 93 -8.82 5.29 4.37
N VAL A 94 -8.17 5.37 5.56
CA VAL A 94 -7.56 4.19 6.25
C VAL A 94 -8.52 3.41 7.23
N VAL A 95 -9.85 3.50 7.02
CA VAL A 95 -10.87 2.71 7.77
C VAL A 95 -10.78 1.16 7.50
N LEU A 96 -10.59 0.76 6.24
CA LEU A 96 -10.27 -0.62 5.83
C LEU A 96 -8.75 -0.95 5.60
N TYR A 97 -7.80 -0.11 6.05
CA TYR A 97 -6.38 -0.50 6.22
C TYR A 97 -6.13 -1.66 7.24
N PRO A 98 -6.65 -1.74 8.51
CA PRO A 98 -6.53 -2.97 9.35
C PRO A 98 -7.32 -4.25 8.90
N LEU A 99 -8.17 -4.16 7.86
CA LEU A 99 -8.77 -5.34 7.17
C LEU A 99 -7.85 -5.88 6.04
N VAL A 100 -7.27 -4.97 5.22
CA VAL A 100 -6.40 -5.32 4.06
C VAL A 100 -4.91 -5.57 4.46
N ALA A 101 -4.33 -4.83 5.41
CA ALA A 101 -3.06 -5.23 6.08
C ALA A 101 -3.01 -6.65 6.72
N LYS A 102 -4.18 -7.16 7.20
CA LYS A 102 -4.34 -8.59 7.55
C LYS A 102 -4.57 -9.58 6.34
N SER A 103 -4.28 -9.18 5.09
CA SER A 103 -4.31 -10.06 3.89
C SER A 103 -3.11 -9.79 2.91
N LEU A 104 -2.67 -8.53 2.67
CA LEU A 104 -1.37 -8.22 2.01
C LEU A 104 -0.08 -8.83 2.67
N ARG A 105 -0.11 -9.12 3.98
CA ARG A 105 0.84 -10.04 4.65
C ARG A 105 0.42 -11.54 4.48
N ASN A 106 -0.81 -11.92 4.88
CA ASN A 106 -1.20 -13.34 5.12
C ASN A 106 -1.59 -14.09 3.82
N ILE A 107 -2.66 -13.64 3.13
CA ILE A 107 -3.07 -14.14 1.78
C ILE A 107 -2.01 -14.01 0.64
N ALA A 108 -1.13 -12.98 0.69
CA ALA A 108 -0.01 -12.79 -0.26
C ALA A 108 1.12 -13.86 -0.30
N VAL A 109 1.23 -14.79 0.69
CA VAL A 109 2.18 -15.94 0.62
C VAL A 109 1.94 -16.89 -0.61
N GLY A 110 0.67 -17.29 -0.84
CA GLY A 110 0.32 -18.26 -1.90
C GLY A 110 -1.01 -19.01 -1.71
N LYS A 111 -2.02 -18.39 -1.05
CA LYS A 111 -3.32 -19.04 -0.74
C LYS A 111 -4.42 -17.95 -0.76
N ASP A 112 -5.39 -18.14 -1.67
CA ASP A 112 -6.64 -17.33 -1.71
C ASP A 112 -7.70 -17.88 -0.70
N PRO A 113 -8.65 -17.09 -0.12
CA PRO A 113 -9.63 -17.58 0.88
C PRO A 113 -10.55 -18.73 0.39
N LEU A 114 -11.38 -18.51 -0.65
CA LEU A 114 -12.21 -19.58 -1.27
C LEU A 114 -11.34 -20.59 -2.08
N GLU A 115 -10.69 -20.13 -3.17
CA GLU A 115 -9.84 -20.96 -4.07
C GLU A 115 -10.52 -22.25 -4.62
N GLY A 116 -11.55 -22.08 -5.47
CA GLY A 116 -12.43 -23.19 -5.89
C GLY A 116 -13.62 -23.41 -4.93
N GLN A 117 -13.38 -24.13 -3.82
CA GLN A 117 -14.39 -24.44 -2.78
C GLN A 117 -15.58 -25.31 -3.31
N ARG A 118 -15.35 -26.63 -3.41
CA ARG A 118 -16.33 -27.58 -3.99
C ARG A 118 -16.26 -28.89 -3.17
N HIS A 119 -17.21 -29.06 -2.24
CA HIS A 119 -17.31 -30.27 -1.37
C HIS A 119 -18.32 -31.30 -1.96
N CYS A 120 -18.01 -32.60 -1.79
CA CYS A 120 -18.83 -33.72 -2.34
C CYS A 120 -20.15 -33.98 -1.56
N CYS A 121 -20.98 -34.91 -2.06
CA CYS A 121 -22.33 -35.22 -1.50
C CYS A 121 -22.36 -35.66 -0.01
N GLY A 122 -21.67 -36.74 0.37
CA GLY A 122 -21.42 -37.07 1.80
C GLY A 122 -20.05 -36.60 2.36
N VAL A 123 -19.70 -35.32 2.14
CA VAL A 123 -18.44 -34.70 2.64
C VAL A 123 -18.81 -33.22 2.88
N ALA A 124 -18.78 -32.77 4.15
CA ALA A 124 -18.91 -31.33 4.49
C ALA A 124 -18.22 -31.09 5.86
N GLN A 125 -16.88 -30.87 5.84
CA GLN A 125 -16.09 -30.68 7.08
C GLN A 125 -14.77 -29.93 6.70
N MET A 126 -14.70 -28.63 7.03
CA MET A 126 -13.54 -27.77 6.71
C MET A 126 -13.35 -26.71 7.84
N ARG A 127 -14.27 -25.72 7.95
CA ARG A 127 -14.12 -24.53 8.85
C ARG A 127 -12.95 -23.62 8.35
N GLU A 128 -13.27 -22.60 7.52
CA GLU A 128 -12.26 -21.71 6.90
C GLU A 128 -11.72 -20.68 7.94
N HIS A 129 -10.42 -20.74 8.20
CA HIS A 129 -9.76 -19.93 9.25
C HIS A 129 -9.47 -18.46 8.82
N SER A 130 -9.64 -17.52 9.77
CA SER A 130 -9.26 -16.10 9.58
C SER A 130 -7.78 -15.90 10.02
N SER A 131 -6.92 -15.47 9.08
CA SER A 131 -5.45 -15.38 9.31
C SER A 131 -5.06 -13.99 9.88
N LEU A 132 -4.79 -13.95 11.20
CA LEU A 132 -4.34 -12.73 11.92
C LEU A 132 -3.16 -13.11 12.86
N GLY A 133 -2.23 -12.15 13.05
CA GLY A 133 -1.20 -12.27 14.11
C GLY A 133 -0.45 -10.94 14.32
N HIS A 134 -1.16 -9.92 14.83
CA HIS A 134 -0.58 -8.56 15.07
C HIS A 134 -1.28 -7.91 16.29
N ALA A 135 -0.51 -7.09 17.04
CA ALA A 135 -1.08 -6.17 18.07
C ALA A 135 -0.96 -4.64 17.76
N ASP A 136 -0.09 -4.20 16.84
CA ASP A 136 0.09 -2.76 16.49
C ASP A 136 -0.93 -2.27 15.41
N LEU A 137 -1.10 -3.02 14.30
CA LEU A 137 -2.23 -2.82 13.35
C LEU A 137 -3.61 -3.38 13.86
N ASP A 138 -3.66 -4.28 14.86
CA ASP A 138 -4.91 -4.57 15.62
C ASP A 138 -5.31 -3.52 16.72
N ALA A 139 -4.40 -2.61 17.15
CA ALA A 139 -4.78 -1.38 17.89
C ALA A 139 -5.76 -0.39 17.17
N LEU A 140 -5.80 -0.36 15.82
CA LEU A 140 -6.85 0.34 15.04
C LEU A 140 -8.28 -0.27 15.11
N GLN A 141 -8.39 -1.61 15.18
CA GLN A 141 -9.67 -2.32 15.43
C GLN A 141 -10.44 -1.94 16.73
N GLN A 142 -9.71 -1.67 17.82
CA GLN A 142 -10.25 -1.02 19.05
C GLN A 142 -10.32 0.53 18.98
N ASN A 143 -9.36 1.22 18.32
CA ASN A 143 -9.31 2.71 18.31
C ASN A 143 -8.61 3.19 17.00
N PRO A 144 -9.31 3.51 15.87
CA PRO A 144 -8.66 3.89 14.58
C PRO A 144 -8.11 5.35 14.58
N GLN A 145 -6.94 5.54 13.94
CA GLN A 145 -6.11 6.77 14.09
C GLN A 145 -5.48 7.18 12.71
N PRO A 146 -5.31 8.49 12.34
CA PRO A 146 -4.74 8.89 11.03
C PRO A 146 -3.19 8.72 10.97
N LEU A 147 -2.72 7.90 10.02
CA LEU A 147 -1.33 7.34 10.05
C LEU A 147 -0.39 8.01 9.01
N ILE A 148 0.92 8.03 9.32
CA ILE A 148 2.01 8.50 8.41
C ILE A 148 2.47 7.28 7.55
N PHE A 149 2.27 7.39 6.24
CA PHE A 149 2.71 6.39 5.25
C PHE A 149 3.97 6.98 4.56
N HIS A 150 5.15 6.49 4.97
CA HIS A 150 6.43 6.81 4.27
C HIS A 150 6.62 5.78 3.13
N MET A 151 6.22 6.20 1.93
CA MET A 151 6.44 5.43 0.69
C MET A 151 7.77 5.85 0.02
N GLU A 152 8.48 4.86 -0.56
CA GLU A 152 9.73 5.10 -1.32
C GLU A 152 9.51 4.40 -2.68
N MET A 153 9.19 5.17 -3.75
CA MET A 153 9.10 4.64 -5.12
C MET A 153 10.48 4.29 -5.71
N LEU A 154 10.57 3.05 -6.20
CA LEU A 154 11.71 2.52 -6.97
C LEU A 154 11.32 2.31 -8.46
N LYS A 155 10.24 1.53 -8.75
CA LYS A 155 9.82 1.19 -10.13
C LYS A 155 8.27 1.25 -10.25
N VAL A 156 7.80 1.31 -11.51
CA VAL A 156 6.36 1.28 -11.85
C VAL A 156 6.24 0.92 -13.37
N GLU A 157 5.37 -0.06 -13.67
CA GLU A 157 5.07 -0.50 -15.06
C GLU A 157 3.55 -0.33 -15.34
N SER A 158 3.22 0.34 -16.45
CA SER A 158 1.82 0.70 -16.82
C SER A 158 1.06 -0.43 -17.61
N PRO A 159 -0.29 -0.41 -17.82
CA PRO A 159 -1.04 -1.46 -18.55
C PRO A 159 -0.68 -1.54 -20.07
N GLY A 160 0.06 -2.60 -20.44
CA GLY A 160 0.80 -2.64 -21.71
C GLY A 160 2.17 -3.32 -21.54
N THR A 161 3.02 -2.74 -20.68
CA THR A 161 4.40 -3.22 -20.39
C THR A 161 4.56 -4.20 -19.19
N TYR A 162 3.64 -4.22 -18.20
CA TYR A 162 3.84 -4.97 -16.93
C TYR A 162 3.67 -6.51 -17.05
N GLN A 163 4.38 -7.24 -16.17
CA GLN A 163 4.10 -8.67 -15.90
C GLN A 163 4.19 -8.95 -14.38
N GLN A 164 3.34 -9.89 -13.90
CA GLN A 164 3.42 -10.41 -12.51
C GLN A 164 4.09 -11.81 -12.55
N ASP A 165 5.21 -11.96 -11.82
CA ASP A 165 6.08 -13.16 -11.89
C ASP A 165 5.52 -14.29 -11.00
N ALA A 1 -3.98 16.15 -13.86
CA ALA A 1 -3.27 17.38 -14.28
C ALA A 1 -2.33 17.87 -13.14
N ASP A 2 -2.90 18.36 -12.01
CA ASP A 2 -2.13 18.63 -10.76
C ASP A 2 -2.71 17.68 -9.69
N ILE A 3 -1.95 16.61 -9.36
CA ILE A 3 -2.36 15.59 -8.35
C ILE A 3 -2.21 16.10 -6.88
N ILE A 4 -1.12 16.84 -6.57
CA ILE A 4 -0.96 17.68 -5.34
C ILE A 4 -2.17 18.61 -5.04
N ALA A 5 -2.69 19.32 -6.05
CA ALA A 5 -3.92 20.16 -5.92
C ALA A 5 -5.27 19.39 -5.71
N ARG A 6 -5.45 18.18 -6.27
CA ARG A 6 -6.62 17.32 -5.93
C ARG A 6 -6.53 16.56 -4.56
N LEU A 7 -5.34 16.19 -4.05
CA LEU A 7 -5.18 15.49 -2.74
C LEU A 7 -5.45 16.38 -1.48
N ARG A 8 -4.99 17.65 -1.44
CA ARG A 8 -5.39 18.61 -0.37
C ARG A 8 -6.92 18.81 -0.15
N GLU A 9 -7.71 18.94 -1.24
CA GLU A 9 -9.19 18.85 -1.22
C GLU A 9 -9.85 17.43 -1.09
N ASP A 10 -9.08 16.32 -1.09
CA ASP A 10 -9.60 14.95 -0.79
C ASP A 10 -9.49 14.55 0.73
N GLY A 11 -9.50 15.50 1.68
CA GLY A 11 -9.32 15.20 3.13
C GLY A 11 -7.90 14.83 3.66
N ILE A 12 -6.89 14.81 2.78
CA ILE A 12 -5.56 14.19 3.03
C ILE A 12 -4.46 15.25 2.70
N GLN A 13 -3.29 15.05 3.33
CA GLN A 13 -2.09 15.90 3.14
C GLN A 13 -1.03 15.17 2.27
N LYS A 14 -0.08 15.94 1.71
CA LYS A 14 0.98 15.44 0.79
C LYS A 14 2.26 16.31 0.91
N ARG A 15 3.40 15.65 1.17
CA ARG A 15 4.71 16.33 1.41
C ARG A 15 5.84 15.41 0.89
N VAL A 16 6.61 15.91 -0.10
CA VAL A 16 7.76 15.17 -0.70
C VAL A 16 9.09 15.53 0.01
N ILE A 17 9.89 14.48 0.31
CA ILE A 17 11.26 14.63 0.85
C ILE A 17 12.25 14.84 -0.36
N GLN A 18 12.39 13.82 -1.26
CA GLN A 18 13.28 13.90 -2.44
C GLN A 18 12.41 13.68 -3.71
N GLU A 19 12.28 14.73 -4.53
CA GLU A 19 11.71 14.62 -5.91
C GLU A 19 12.63 13.76 -6.83
N GLY A 20 12.06 12.68 -7.39
CA GLY A 20 12.85 11.60 -8.04
C GLY A 20 13.42 11.89 -9.44
N ARG A 21 13.20 10.95 -10.37
CA ARG A 21 13.75 11.04 -11.76
C ARG A 21 12.67 10.63 -12.81
N GLY A 22 12.73 11.29 -13.98
CA GLY A 22 11.93 10.91 -15.16
C GLY A 22 10.52 11.51 -15.21
N GLU A 23 9.60 10.75 -15.82
CA GLU A 23 8.20 11.16 -16.04
C GLU A 23 7.27 10.47 -15.01
N LEU A 24 6.18 11.18 -14.65
CA LEU A 24 5.07 10.63 -13.84
C LEU A 24 4.16 9.71 -14.74
N PRO A 25 4.06 8.36 -14.55
CA PRO A 25 3.35 7.45 -15.50
C PRO A 25 1.79 7.52 -15.41
N ASP A 26 1.12 6.52 -16.03
CA ASP A 26 -0.37 6.46 -16.12
C ASP A 26 -1.11 6.45 -14.74
N PHE A 27 -0.82 5.47 -13.85
CA PHE A 27 -1.60 5.24 -12.60
C PHE A 27 -3.13 4.96 -12.81
N GLN A 28 -3.43 4.01 -13.71
CA GLN A 28 -4.81 3.60 -14.05
C GLN A 28 -4.98 2.07 -13.82
N ASP A 29 -6.14 1.50 -14.23
CA ASP A 29 -6.52 0.09 -13.94
C ASP A 29 -5.50 -0.97 -14.50
N GLY A 30 -4.63 -1.45 -13.60
CA GLY A 30 -3.51 -2.36 -13.95
C GLY A 30 -2.11 -1.71 -14.00
N THR A 31 -1.77 -0.77 -13.08
CA THR A 31 -0.40 -0.23 -12.96
C THR A 31 0.22 -0.94 -11.73
N LYS A 32 1.37 -1.55 -11.95
CA LYS A 32 2.16 -2.22 -10.88
C LYS A 32 3.17 -1.20 -10.30
N ALA A 33 2.76 -0.54 -9.19
CA ALA A 33 3.62 0.37 -8.43
C ALA A 33 4.41 -0.41 -7.34
N THR A 34 5.72 -0.51 -7.56
CA THR A 34 6.67 -1.23 -6.65
C THR A 34 7.44 -0.16 -5.83
N PHE A 35 7.29 -0.23 -4.51
CA PHE A 35 7.81 0.80 -3.57
C PHE A 35 8.01 0.20 -2.16
N HIS A 36 8.66 0.96 -1.27
CA HIS A 36 8.71 0.67 0.19
C HIS A 36 7.62 1.46 0.98
N TYR A 37 7.29 0.98 2.18
CA TYR A 37 6.24 1.59 3.04
C TYR A 37 6.69 1.54 4.52
N ARG A 38 6.38 2.62 5.27
CA ARG A 38 6.64 2.67 6.72
C ARG A 38 5.47 3.43 7.39
N THR A 39 4.59 2.65 8.01
CA THR A 39 3.39 3.16 8.72
C THR A 39 3.74 3.33 10.20
N LEU A 40 3.61 4.58 10.69
CA LEU A 40 3.86 4.93 12.10
C LEU A 40 2.78 5.91 12.60
N HIS A 41 2.55 5.92 13.92
CA HIS A 41 1.53 6.77 14.57
C HIS A 41 1.95 8.27 14.56
N SER A 42 1.00 9.13 14.16
CA SER A 42 1.28 10.57 13.84
C SER A 42 1.64 11.41 15.11
N ASP A 43 0.71 11.53 16.06
CA ASP A 43 0.95 12.18 17.38
C ASP A 43 0.40 11.38 18.62
N ASP A 44 -0.52 10.42 18.44
CA ASP A 44 -1.13 9.62 19.54
C ASP A 44 -0.11 8.77 20.36
N GLU A 45 0.71 7.93 19.70
CA GLU A 45 1.80 7.16 20.36
C GLU A 45 3.20 7.65 19.87
N GLY A 46 3.36 8.01 18.59
CA GLY A 46 4.68 8.09 17.92
C GLY A 46 5.36 6.75 17.49
N THR A 47 4.70 5.58 17.68
CA THR A 47 5.31 4.25 17.46
C THR A 47 5.17 3.78 15.98
N VAL A 48 6.18 3.05 15.50
CA VAL A 48 6.12 2.39 14.16
C VAL A 48 5.43 1.01 14.31
N LEU A 49 4.25 0.92 13.69
CA LEU A 49 3.47 -0.33 13.58
C LEU A 49 3.96 -1.31 12.46
N ASP A 50 4.45 -0.77 11.31
CA ASP A 50 4.93 -1.59 10.17
C ASP A 50 6.10 -0.83 9.47
N ASP A 51 7.12 -1.58 9.03
CA ASP A 51 8.37 -1.02 8.44
C ASP A 51 8.96 -2.03 7.43
N SER A 52 9.06 -1.59 6.17
CA SER A 52 9.59 -2.42 5.04
C SER A 52 11.02 -2.00 4.61
N ARG A 53 11.28 -0.70 4.34
CA ARG A 53 12.65 -0.16 4.14
C ARG A 53 13.64 -0.25 5.33
N ALA A 54 13.14 -0.36 6.58
CA ALA A 54 13.95 -0.76 7.75
C ALA A 54 14.65 -2.15 7.64
N ARG A 55 13.94 -3.15 7.09
CA ARG A 55 14.51 -4.46 6.69
C ARG A 55 15.27 -4.46 5.32
N GLY A 56 14.87 -3.60 4.36
CA GLY A 56 15.28 -3.71 2.93
C GLY A 56 14.42 -4.62 2.02
N LYS A 57 13.12 -4.82 2.34
CA LYS A 57 12.22 -5.76 1.62
C LYS A 57 11.02 -4.97 1.04
N PRO A 58 10.97 -4.58 -0.28
CA PRO A 58 9.89 -3.71 -0.82
C PRO A 58 8.57 -4.45 -1.13
N MET A 59 7.47 -3.72 -0.93
CA MET A 59 6.10 -4.19 -1.27
C MET A 59 5.73 -3.94 -2.77
N GLU A 60 4.54 -4.45 -3.16
CA GLU A 60 3.96 -4.28 -4.51
C GLU A 60 2.43 -4.04 -4.39
N LEU A 61 1.99 -2.94 -5.00
CA LEU A 61 0.57 -2.50 -5.04
C LEU A 61 0.10 -2.55 -6.51
N ILE A 62 -1.11 -3.10 -6.68
CA ILE A 62 -1.84 -3.09 -7.98
C ILE A 62 -2.83 -1.89 -7.88
N ILE A 63 -2.81 -1.06 -8.94
CA ILE A 63 -3.78 0.05 -9.12
C ILE A 63 -5.11 -0.56 -9.66
N GLY A 64 -6.11 -0.79 -8.78
CA GLY A 64 -7.51 -1.04 -9.19
C GLY A 64 -7.80 -2.29 -10.06
N LYS A 65 -7.49 -3.48 -9.54
CA LYS A 65 -7.82 -4.77 -10.19
C LYS A 65 -7.81 -5.89 -9.10
N LYS A 66 -6.63 -6.21 -8.52
CA LYS A 66 -6.49 -7.14 -7.38
C LYS A 66 -6.68 -6.45 -6.01
N PHE A 67 -6.02 -5.28 -5.78
CA PHE A 67 -5.86 -4.70 -4.43
C PHE A 67 -7.16 -4.03 -3.89
N LYS A 68 -7.43 -4.33 -2.63
CA LYS A 68 -8.64 -3.84 -1.90
C LYS A 68 -8.56 -2.38 -1.35
N LEU A 69 -7.38 -1.90 -0.92
CA LEU A 69 -7.21 -0.59 -0.25
C LEU A 69 -7.05 0.55 -1.31
N PRO A 70 -7.99 1.53 -1.46
CA PRO A 70 -7.83 2.67 -2.41
C PRO A 70 -6.92 3.86 -1.96
N VAL A 71 -6.65 4.05 -0.65
CA VAL A 71 -5.72 5.11 -0.15
C VAL A 71 -4.24 4.91 -0.55
N TRP A 72 -3.70 3.67 -0.52
CA TRP A 72 -2.41 3.32 -1.19
C TRP A 72 -2.33 3.66 -2.70
N GLU A 73 -3.43 3.52 -3.45
CA GLU A 73 -3.52 3.91 -4.89
C GLU A 73 -3.62 5.46 -5.18
N THR A 74 -4.11 6.27 -4.21
CA THR A 74 -4.21 7.76 -4.29
C THR A 74 -2.90 8.48 -3.86
N ILE A 75 -2.32 8.11 -2.70
CA ILE A 75 -1.01 8.64 -2.21
C ILE A 75 0.22 8.38 -3.15
N VAL A 76 0.25 7.23 -3.86
CA VAL A 76 1.25 6.91 -4.92
C VAL A 76 1.07 7.64 -6.27
N CYS A 77 -0.16 8.01 -6.67
CA CYS A 77 -0.42 8.79 -7.91
C CYS A 77 0.34 10.15 -8.05
N THR A 78 0.74 10.78 -6.93
CA THR A 78 1.65 11.97 -6.89
C THR A 78 3.16 11.68 -7.17
N MET A 79 3.63 10.42 -7.08
CA MET A 79 5.06 10.05 -7.05
C MET A 79 5.49 9.27 -8.32
N ARG A 80 6.73 9.51 -8.75
CA ARG A 80 7.35 8.86 -9.94
C ARG A 80 8.45 7.84 -9.52
N GLU A 81 9.14 7.22 -10.50
CA GLU A 81 10.26 6.27 -10.27
C GLU A 81 11.44 6.97 -9.52
N GLY A 82 11.67 6.55 -8.27
CA GLY A 82 12.68 7.19 -7.39
C GLY A 82 12.22 8.37 -6.49
N GLU A 83 10.92 8.68 -6.35
CA GLU A 83 10.43 9.82 -5.54
C GLU A 83 9.98 9.31 -4.15
N ILE A 84 10.47 10.00 -3.11
CA ILE A 84 10.27 9.60 -1.69
C ILE A 84 9.42 10.72 -1.05
N ALA A 85 8.24 10.34 -0.52
CA ALA A 85 7.29 11.30 0.11
C ALA A 85 6.61 10.66 1.35
N GLN A 86 6.64 11.38 2.48
CA GLN A 86 6.01 10.95 3.76
C GLN A 86 4.87 11.91 4.15
N PHE A 87 3.71 11.36 4.51
CA PHE A 87 2.47 12.15 4.69
C PHE A 87 1.29 11.34 5.28
N LEU A 88 0.41 12.06 6.01
CA LEU A 88 -0.79 11.47 6.67
C LEU A 88 -2.03 11.38 5.74
N CYS A 89 -2.97 10.49 6.13
CA CYS A 89 -4.32 10.42 5.54
C CYS A 89 -5.39 10.34 6.67
N ASP A 90 -6.57 10.95 6.44
CA ASP A 90 -7.71 10.87 7.39
C ASP A 90 -8.28 9.42 7.50
N ILE A 91 -8.75 9.05 8.71
CA ILE A 91 -9.37 7.74 9.02
C ILE A 91 -10.53 7.23 8.12
N LYS A 92 -11.37 8.09 7.52
CA LYS A 92 -12.30 7.67 6.41
C LYS A 92 -11.68 6.92 5.18
N HIS A 93 -10.39 7.17 4.89
CA HIS A 93 -9.61 6.51 3.81
C HIS A 93 -8.80 5.30 4.37
N VAL A 94 -8.13 5.42 5.54
CA VAL A 94 -7.39 4.29 6.20
C VAL A 94 -8.24 3.43 7.20
N VAL A 95 -9.58 3.42 7.08
CA VAL A 95 -10.51 2.56 7.89
C VAL A 95 -10.32 1.03 7.63
N LEU A 96 -10.19 0.64 6.34
CA LEU A 96 -9.84 -0.74 5.93
C LEU A 96 -8.33 -1.02 5.62
N TYR A 97 -7.38 -0.14 6.01
CA TYR A 97 -5.95 -0.50 6.16
C TYR A 97 -5.63 -1.69 7.14
N PRO A 98 -6.12 -1.81 8.42
CA PRO A 98 -5.95 -3.07 9.21
C PRO A 98 -6.62 -4.38 8.68
N LEU A 99 -7.57 -4.27 7.72
CA LEU A 99 -8.14 -5.43 7.01
C LEU A 99 -7.26 -5.89 5.80
N VAL A 100 -6.71 -4.92 5.02
CA VAL A 100 -5.87 -5.19 3.82
C VAL A 100 -4.38 -5.49 4.14
N ALA A 101 -3.78 -4.92 5.20
CA ALA A 101 -2.53 -5.48 5.81
C ALA A 101 -2.59 -6.97 6.26
N LYS A 102 -3.76 -7.47 6.69
CA LYS A 102 -4.02 -8.92 6.83
C LYS A 102 -4.41 -9.69 5.50
N SER A 103 -4.02 -9.16 4.32
CA SER A 103 -4.21 -9.82 2.99
C SER A 103 -3.06 -9.55 1.97
N LEU A 104 -2.43 -8.36 1.96
CA LEU A 104 -1.14 -8.11 1.24
C LEU A 104 0.07 -9.00 1.68
N ARG A 105 0.12 -9.45 2.96
CA ARG A 105 0.92 -10.63 3.36
C ARG A 105 0.22 -11.98 2.98
N ASN A 106 -1.03 -12.22 3.44
CA ASN A 106 -1.61 -13.59 3.53
C ASN A 106 -2.20 -14.08 2.19
N ILE A 107 -3.24 -13.40 1.68
CA ILE A 107 -3.84 -13.62 0.33
C ILE A 107 -2.87 -13.44 -0.90
N ALA A 108 -1.78 -12.66 -0.77
CA ALA A 108 -0.63 -12.68 -1.74
C ALA A 108 0.08 -14.05 -2.03
N VAL A 109 -0.22 -15.12 -1.27
CA VAL A 109 0.00 -16.54 -1.70
C VAL A 109 -0.53 -16.89 -3.14
N GLY A 110 -1.80 -16.55 -3.45
CA GLY A 110 -2.43 -16.89 -4.72
C GLY A 110 -3.70 -16.06 -4.93
N LYS A 111 -4.85 -16.60 -4.51
CA LYS A 111 -6.17 -15.94 -4.69
C LYS A 111 -6.98 -15.89 -3.35
N ASP A 112 -8.06 -15.09 -3.37
CA ASP A 112 -9.02 -14.93 -2.24
C ASP A 112 -9.78 -16.25 -1.84
N PRO A 113 -10.35 -16.40 -0.60
CA PRO A 113 -10.94 -17.68 -0.10
C PRO A 113 -12.14 -18.25 -0.92
N LEU A 114 -13.16 -17.44 -1.24
CA LEU A 114 -14.17 -17.78 -2.28
C LEU A 114 -13.80 -17.24 -3.69
N GLU A 115 -13.37 -15.96 -3.83
CA GLU A 115 -13.08 -15.34 -5.14
C GLU A 115 -11.79 -15.95 -5.77
N GLY A 116 -11.99 -16.79 -6.80
CA GLY A 116 -10.91 -17.63 -7.37
C GLY A 116 -11.12 -19.12 -7.02
N GLN A 117 -10.59 -19.55 -5.85
CA GLN A 117 -10.49 -20.99 -5.45
C GLN A 117 -9.49 -21.77 -6.36
N ARG A 118 -9.97 -22.39 -7.46
CA ARG A 118 -9.11 -23.07 -8.47
C ARG A 118 -8.44 -22.03 -9.41
N HIS A 119 -7.12 -22.17 -9.58
CA HIS A 119 -6.34 -21.38 -10.58
C HIS A 119 -6.45 -22.08 -11.97
N CYS A 120 -7.09 -21.39 -12.93
CA CYS A 120 -7.20 -21.87 -14.33
C CYS A 120 -5.98 -21.42 -15.19
N CYS A 121 -5.85 -20.11 -15.49
CA CYS A 121 -4.69 -19.55 -16.22
C CYS A 121 -3.76 -18.78 -15.23
N GLY A 122 -2.73 -19.48 -14.72
CA GLY A 122 -1.80 -18.92 -13.72
C GLY A 122 -1.09 -20.02 -12.93
N VAL A 123 -1.73 -20.49 -11.85
CA VAL A 123 -1.21 -21.57 -10.94
C VAL A 123 -0.05 -20.99 -10.08
N ALA A 124 -0.36 -20.56 -8.85
CA ALA A 124 0.56 -19.71 -8.04
C ALA A 124 0.28 -19.92 -6.54
N GLN A 125 1.25 -20.55 -5.84
CA GLN A 125 1.21 -20.73 -4.37
C GLN A 125 2.64 -20.43 -3.82
N MET A 126 2.76 -19.33 -3.05
CA MET A 126 4.04 -18.92 -2.39
C MET A 126 4.25 -19.69 -1.05
N ARG A 127 5.53 -19.84 -0.64
CA ARG A 127 5.88 -20.48 0.65
C ARG A 127 5.85 -19.42 1.78
N GLU A 128 4.69 -19.32 2.47
CA GLU A 128 4.42 -18.29 3.50
C GLU A 128 3.78 -19.02 4.73
N HIS A 129 4.36 -18.79 5.92
CA HIS A 129 3.93 -19.47 7.17
C HIS A 129 2.62 -18.82 7.73
N SER A 130 1.58 -19.66 7.90
CA SER A 130 0.26 -19.20 8.42
C SER A 130 0.24 -19.29 9.97
N SER A 131 0.43 -18.13 10.61
CA SER A 131 0.39 -17.99 12.10
C SER A 131 -0.46 -16.74 12.43
N LEU A 132 0.09 -15.52 12.23
CA LEU A 132 -0.69 -14.24 12.19
C LEU A 132 -1.16 -13.74 13.59
N GLY A 133 -0.93 -12.45 13.83
CA GLY A 133 -1.33 -11.80 15.11
C GLY A 133 -0.42 -10.60 15.38
N HIS A 134 -0.85 -9.39 14.98
CA HIS A 134 -0.05 -8.16 15.12
C HIS A 134 -0.85 -7.18 16.01
N ALA A 135 -0.38 -6.92 17.24
CA ALA A 135 -1.04 -5.99 18.19
C ALA A 135 -0.97 -4.46 17.90
N ASP A 136 -0.10 -4.00 16.97
CA ASP A 136 0.06 -2.56 16.62
C ASP A 136 -0.95 -2.08 15.53
N LEU A 137 -1.14 -2.84 14.43
CA LEU A 137 -2.29 -2.65 13.49
C LEU A 137 -3.66 -3.19 14.04
N ASP A 138 -3.69 -4.11 15.03
CA ASP A 138 -4.92 -4.40 15.82
C ASP A 138 -5.31 -3.34 16.90
N ALA A 139 -4.39 -2.43 17.33
CA ALA A 139 -4.76 -1.16 18.02
C ALA A 139 -5.75 -0.20 17.26
N LEU A 140 -5.76 -0.21 15.92
CA LEU A 140 -6.79 0.50 15.09
C LEU A 140 -8.22 -0.13 15.15
N GLN A 141 -8.32 -1.46 15.20
CA GLN A 141 -9.61 -2.19 15.44
C GLN A 141 -10.37 -1.82 16.75
N GLN A 142 -9.65 -1.59 17.85
CA GLN A 142 -10.19 -0.99 19.10
C GLN A 142 -10.26 0.56 19.08
N ASN A 143 -9.32 1.30 18.43
CA ASN A 143 -9.28 2.78 18.48
C ASN A 143 -8.59 3.31 17.18
N PRO A 144 -9.31 3.68 16.07
CA PRO A 144 -8.68 4.16 14.82
C PRO A 144 -8.32 5.68 14.86
N GLN A 145 -7.18 6.02 14.23
CA GLN A 145 -6.61 7.41 14.24
C GLN A 145 -5.75 7.65 12.95
N PRO A 146 -5.58 8.90 12.39
CA PRO A 146 -4.89 9.13 11.09
C PRO A 146 -3.34 8.90 11.17
N LEU A 147 -2.82 8.01 10.31
CA LEU A 147 -1.41 7.51 10.39
C LEU A 147 -0.48 8.17 9.34
N ILE A 148 0.84 8.09 9.59
CA ILE A 148 1.91 8.57 8.65
C ILE A 148 2.37 7.37 7.78
N PHE A 149 2.19 7.50 6.45
CA PHE A 149 2.61 6.48 5.46
C PHE A 149 3.83 7.09 4.72
N HIS A 150 5.05 6.62 5.10
CA HIS A 150 6.30 6.98 4.40
C HIS A 150 6.51 5.98 3.24
N MET A 151 6.10 6.40 2.04
CA MET A 151 6.33 5.64 0.79
C MET A 151 7.65 6.09 0.11
N GLU A 152 8.45 5.11 -0.35
CA GLU A 152 9.74 5.35 -1.04
C GLU A 152 9.60 4.65 -2.41
N MET A 153 9.34 5.39 -3.51
CA MET A 153 9.24 4.78 -4.86
C MET A 153 10.61 4.38 -5.45
N LEU A 154 10.60 3.23 -6.14
CA LEU A 154 11.78 2.68 -6.86
C LEU A 154 11.42 2.47 -8.36
N LYS A 155 10.41 1.62 -8.69
CA LYS A 155 9.95 1.40 -10.08
C LYS A 155 8.39 1.37 -10.09
N VAL A 156 7.80 1.72 -11.24
CA VAL A 156 6.33 1.71 -11.44
C VAL A 156 6.07 1.46 -12.95
N GLU A 157 5.29 0.39 -13.23
CA GLU A 157 5.11 -0.17 -14.60
C GLU A 157 3.63 -0.06 -14.99
N SER A 158 3.35 0.46 -16.20
CA SER A 158 1.97 0.74 -16.68
C SER A 158 1.29 -0.48 -17.39
N PRO A 159 -0.07 -0.53 -17.62
CA PRO A 159 -0.75 -1.66 -18.30
C PRO A 159 -0.38 -1.80 -19.80
N GLY A 160 0.43 -2.84 -20.09
CA GLY A 160 1.19 -2.92 -21.36
C GLY A 160 2.59 -3.52 -21.15
N THR A 161 3.39 -2.85 -20.30
CA THR A 161 4.78 -3.26 -19.97
C THR A 161 4.95 -4.21 -18.73
N TYR A 162 4.04 -4.19 -17.74
CA TYR A 162 4.18 -4.98 -16.48
C TYR A 162 3.98 -6.52 -16.67
N GLN A 163 4.29 -7.29 -15.60
CA GLN A 163 3.98 -8.75 -15.53
C GLN A 163 2.48 -8.94 -15.18
N GLN A 164 1.68 -9.30 -16.20
CA GLN A 164 0.21 -9.53 -16.06
C GLN A 164 -0.08 -11.06 -16.10
N ASP A 165 -0.93 -11.52 -15.17
CA ASP A 165 -1.35 -12.94 -15.07
C ASP A 165 -2.87 -12.97 -15.28
N ALA A 1 -4.01 17.60 -14.86
CA ALA A 1 -3.70 19.03 -14.56
C ALA A 1 -2.76 19.23 -13.33
N ASP A 2 -3.31 19.38 -12.12
CA ASP A 2 -2.54 19.55 -10.86
C ASP A 2 -3.08 18.51 -9.86
N ILE A 3 -2.23 17.56 -9.45
CA ILE A 3 -2.64 16.34 -8.70
C ILE A 3 -2.53 16.57 -7.16
N ILE A 4 -1.39 17.08 -6.64
CA ILE A 4 -1.27 17.60 -5.24
C ILE A 4 -2.40 18.61 -4.84
N ALA A 5 -2.78 19.54 -5.74
CA ALA A 5 -3.92 20.47 -5.52
C ALA A 5 -5.34 19.83 -5.43
N ARG A 6 -5.66 18.79 -6.24
CA ARG A 6 -6.92 18.00 -6.08
C ARG A 6 -6.94 16.99 -4.88
N LEU A 7 -5.79 16.39 -4.50
CA LEU A 7 -5.68 15.47 -3.36
C LEU A 7 -5.58 16.14 -1.95
N ARG A 8 -5.01 17.36 -1.80
CA ARG A 8 -5.07 18.13 -0.52
C ARG A 8 -6.52 18.46 -0.03
N GLU A 9 -7.42 18.85 -0.97
CA GLU A 9 -8.89 18.86 -0.75
C GLU A 9 -9.65 17.49 -0.82
N ASP A 10 -8.98 16.33 -1.00
CA ASP A 10 -9.61 14.98 -0.80
C ASP A 10 -9.81 14.53 0.68
N GLY A 11 -9.28 15.25 1.68
CA GLY A 11 -9.16 14.74 3.06
C GLY A 11 -7.72 14.39 3.49
N ILE A 12 -6.99 13.71 2.60
CA ILE A 12 -5.52 13.40 2.73
C ILE A 12 -4.64 14.68 2.57
N GLN A 13 -3.35 14.59 2.99
CA GLN A 13 -2.42 15.75 2.97
C GLN A 13 -0.98 15.27 2.65
N LYS A 14 -0.34 15.86 1.62
CA LYS A 14 0.95 15.39 1.08
C LYS A 14 2.18 16.19 1.59
N ARG A 15 3.34 15.50 1.58
CA ARG A 15 4.66 16.18 1.61
C ARG A 15 5.74 15.23 1.00
N VAL A 16 6.43 15.71 -0.05
CA VAL A 16 7.58 14.99 -0.68
C VAL A 16 8.92 15.40 -0.02
N ILE A 17 9.77 14.39 0.23
CA ILE A 17 11.16 14.59 0.73
C ILE A 17 12.10 14.84 -0.50
N GLN A 18 12.28 13.83 -1.37
CA GLN A 18 13.14 13.92 -2.57
C GLN A 18 12.26 13.69 -3.82
N GLU A 19 12.03 14.76 -4.60
CA GLU A 19 11.41 14.66 -5.96
C GLU A 19 12.34 13.87 -6.94
N GLY A 20 11.82 12.75 -7.48
CA GLY A 20 12.66 11.70 -8.11
C GLY A 20 13.17 11.98 -9.54
N ARG A 21 13.12 10.95 -10.39
CA ARG A 21 13.76 10.95 -11.72
C ARG A 21 12.71 10.81 -12.85
N GLY A 22 12.89 11.63 -13.91
CA GLY A 22 12.19 11.45 -15.19
C GLY A 22 10.82 12.16 -15.24
N GLU A 23 9.76 11.36 -15.33
CA GLU A 23 8.35 11.84 -15.44
C GLU A 23 7.38 10.89 -14.70
N LEU A 24 6.18 11.41 -14.38
CA LEU A 24 5.10 10.62 -13.75
C LEU A 24 4.34 9.77 -14.84
N PRO A 25 4.18 8.41 -14.72
CA PRO A 25 3.43 7.59 -15.72
C PRO A 25 1.87 7.69 -15.53
N ASP A 26 1.13 6.72 -16.10
CA ASP A 26 -0.36 6.74 -16.13
C ASP A 26 -1.06 6.65 -14.74
N PHE A 27 -0.79 5.60 -13.94
CA PHE A 27 -1.55 5.27 -12.69
C PHE A 27 -3.07 5.05 -12.92
N GLN A 28 -3.37 4.00 -13.71
CA GLN A 28 -4.75 3.59 -14.06
C GLN A 28 -4.98 2.07 -13.83
N ASP A 29 -6.18 1.57 -14.16
CA ASP A 29 -6.63 0.19 -13.82
C ASP A 29 -5.75 -0.90 -14.52
N GLY A 30 -4.85 -1.49 -13.72
CA GLY A 30 -3.80 -2.41 -14.19
C GLY A 30 -2.36 -1.82 -14.22
N THR A 31 -1.96 -0.95 -13.26
CA THR A 31 -0.58 -0.42 -13.16
C THR A 31 0.06 -1.16 -11.94
N LYS A 32 1.23 -1.74 -12.19
CA LYS A 32 2.06 -2.40 -11.15
C LYS A 32 3.05 -1.37 -10.55
N ALA A 33 2.63 -0.74 -9.43
CA ALA A 33 3.49 0.21 -8.68
C ALA A 33 4.25 -0.54 -7.57
N THR A 34 5.58 -0.67 -7.77
CA THR A 34 6.50 -1.35 -6.82
C THR A 34 7.24 -0.25 -6.00
N PHE A 35 7.10 -0.32 -4.67
CA PHE A 35 7.60 0.73 -3.74
C PHE A 35 7.81 0.12 -2.33
N HIS A 36 8.51 0.88 -1.47
CA HIS A 36 8.59 0.60 -0.01
C HIS A 36 7.50 1.38 0.78
N TYR A 37 7.24 0.92 2.02
CA TYR A 37 6.19 1.50 2.90
C TYR A 37 6.67 1.41 4.38
N ARG A 38 6.35 2.44 5.19
CA ARG A 38 6.70 2.46 6.63
C ARG A 38 5.54 3.17 7.37
N THR A 39 4.62 2.35 7.91
CA THR A 39 3.44 2.85 8.64
C THR A 39 3.79 2.96 10.14
N LEU A 40 3.68 4.18 10.67
CA LEU A 40 3.92 4.48 12.10
C LEU A 40 2.84 5.45 12.64
N HIS A 41 2.58 5.39 13.95
CA HIS A 41 1.57 6.24 14.63
C HIS A 41 2.02 7.73 14.67
N SER A 42 1.06 8.62 14.31
CA SER A 42 1.32 10.09 14.20
C SER A 42 1.62 10.79 15.55
N ASP A 43 0.70 10.68 16.52
CA ASP A 43 0.85 11.23 17.90
C ASP A 43 0.30 10.30 19.03
N ASP A 44 -0.61 9.34 18.75
CA ASP A 44 -1.22 8.43 19.78
C ASP A 44 -0.20 7.61 20.62
N GLU A 45 0.67 6.83 19.93
CA GLU A 45 1.79 6.09 20.57
C GLU A 45 3.17 6.65 20.13
N GLY A 46 3.33 7.09 18.86
CA GLY A 46 4.65 7.21 18.20
C GLY A 46 5.36 5.92 17.72
N THR A 47 4.68 4.75 17.76
CA THR A 47 5.28 3.43 17.46
C THR A 47 5.17 3.10 15.94
N VAL A 48 6.18 2.38 15.42
CA VAL A 48 6.12 1.80 14.06
C VAL A 48 5.38 0.44 14.14
N LEU A 49 4.23 0.40 13.46
CA LEU A 49 3.45 -0.85 13.28
C LEU A 49 3.95 -1.77 12.13
N ASP A 50 4.49 -1.19 11.03
CA ASP A 50 4.98 -1.96 9.87
C ASP A 50 6.15 -1.18 9.20
N ASP A 51 7.17 -1.92 8.72
CA ASP A 51 8.40 -1.32 8.16
C ASP A 51 8.99 -2.29 7.09
N SER A 52 9.08 -1.79 5.85
CA SER A 52 9.62 -2.55 4.69
C SER A 52 11.05 -2.12 4.31
N ARG A 53 11.29 -0.81 4.07
CA ARG A 53 12.65 -0.24 3.86
C ARG A 53 13.64 -0.31 5.05
N ALA A 54 13.14 -0.44 6.29
CA ALA A 54 13.97 -0.86 7.45
C ALA A 54 14.65 -2.26 7.32
N ARG A 55 13.93 -3.25 6.77
CA ARG A 55 14.50 -4.57 6.36
C ARG A 55 15.22 -4.57 4.96
N GLY A 56 14.90 -3.64 4.04
CA GLY A 56 15.28 -3.73 2.60
C GLY A 56 14.39 -4.63 1.69
N LYS A 57 13.12 -4.87 2.05
CA LYS A 57 12.22 -5.82 1.34
C LYS A 57 10.97 -5.04 0.81
N PRO A 58 10.85 -4.65 -0.49
CA PRO A 58 9.74 -3.78 -0.98
C PRO A 58 8.41 -4.54 -1.24
N MET A 59 7.31 -3.79 -1.04
CA MET A 59 5.94 -4.27 -1.36
C MET A 59 5.56 -4.03 -2.87
N GLU A 60 4.37 -4.54 -3.24
CA GLU A 60 3.79 -4.37 -4.59
C GLU A 60 2.27 -4.11 -4.45
N LEU A 61 1.84 -2.98 -5.03
CA LEU A 61 0.43 -2.55 -5.09
C LEU A 61 -0.01 -2.63 -6.57
N ILE A 62 -1.19 -3.26 -6.76
CA ILE A 62 -1.91 -3.29 -8.06
C ILE A 62 -2.93 -2.10 -7.99
N ILE A 63 -2.87 -1.25 -9.03
CA ILE A 63 -3.87 -0.16 -9.23
C ILE A 63 -5.19 -0.78 -9.79
N GLY A 64 -6.28 -0.74 -9.01
CA GLY A 64 -7.66 -0.92 -9.53
C GLY A 64 -8.01 -2.21 -10.31
N LYS A 65 -7.72 -3.38 -9.72
CA LYS A 65 -7.92 -4.70 -10.40
C LYS A 65 -7.93 -5.81 -9.30
N LYS A 66 -6.78 -6.06 -8.63
CA LYS A 66 -6.64 -7.09 -7.57
C LYS A 66 -6.75 -6.49 -6.14
N PHE A 67 -6.07 -5.37 -5.83
CA PHE A 67 -5.80 -4.92 -4.45
C PHE A 67 -7.05 -4.32 -3.73
N LYS A 68 -7.14 -4.63 -2.43
CA LYS A 68 -8.31 -4.30 -1.58
C LYS A 68 -8.33 -2.87 -0.95
N LEU A 69 -7.17 -2.21 -0.71
CA LEU A 69 -7.06 -0.91 -0.01
C LEU A 69 -6.77 0.22 -1.05
N PRO A 70 -7.75 1.04 -1.54
CA PRO A 70 -7.53 2.09 -2.57
C PRO A 70 -6.90 3.44 -2.11
N VAL A 71 -6.71 3.68 -0.79
CA VAL A 71 -5.90 4.84 -0.29
C VAL A 71 -4.38 4.75 -0.65
N TRP A 72 -3.75 3.55 -0.61
CA TRP A 72 -2.42 3.29 -1.25
C TRP A 72 -2.29 3.71 -2.73
N GLU A 73 -3.33 3.51 -3.55
CA GLU A 73 -3.37 3.91 -4.98
C GLU A 73 -3.48 5.45 -5.24
N THR A 74 -4.30 6.18 -4.46
CA THR A 74 -4.44 7.66 -4.50
C THR A 74 -3.16 8.42 -4.03
N ILE A 75 -2.58 8.02 -2.88
CA ILE A 75 -1.33 8.63 -2.33
C ILE A 75 -0.06 8.43 -3.22
N VAL A 76 0.13 7.22 -3.80
CA VAL A 76 1.18 6.95 -4.83
C VAL A 76 0.84 7.39 -6.29
N CYS A 77 -0.41 7.78 -6.63
CA CYS A 77 -0.72 8.45 -7.94
C CYS A 77 0.17 9.67 -8.30
N THR A 78 0.54 10.50 -7.31
CA THR A 78 1.51 11.63 -7.44
C THR A 78 3.04 11.27 -7.49
N MET A 79 3.41 10.02 -7.20
CA MET A 79 4.82 9.59 -6.96
C MET A 79 5.39 8.87 -8.21
N ARG A 80 6.59 9.29 -8.67
CA ARG A 80 7.24 8.72 -9.89
C ARG A 80 8.39 7.73 -9.53
N GLU A 81 9.03 7.13 -10.55
CA GLU A 81 10.16 6.16 -10.35
C GLU A 81 11.39 6.83 -9.70
N GLY A 82 11.63 6.48 -8.43
CA GLY A 82 12.68 7.15 -7.61
C GLY A 82 12.26 8.33 -6.69
N GLU A 83 10.95 8.61 -6.49
CA GLU A 83 10.46 9.72 -5.63
C GLU A 83 10.08 9.18 -4.23
N ILE A 84 10.45 9.94 -3.19
CA ILE A 84 10.29 9.52 -1.78
C ILE A 84 9.40 10.60 -1.10
N ALA A 85 8.22 10.19 -0.59
CA ALA A 85 7.27 11.12 0.08
C ALA A 85 6.70 10.49 1.38
N GLN A 86 6.74 11.28 2.46
CA GLN A 86 6.31 10.86 3.82
C GLN A 86 5.22 11.82 4.33
N PHE A 87 4.06 11.25 4.71
CA PHE A 87 2.84 12.04 5.00
C PHE A 87 1.68 11.16 5.57
N LEU A 88 0.69 11.80 6.25
CA LEU A 88 -0.50 11.10 6.80
C LEU A 88 -1.72 11.07 5.85
N CYS A 89 -2.60 10.07 6.08
CA CYS A 89 -3.91 9.94 5.38
C CYS A 89 -5.04 9.96 6.45
N ASP A 90 -6.15 10.68 6.16
CA ASP A 90 -7.31 10.77 7.09
C ASP A 90 -8.01 9.39 7.30
N ILE A 91 -8.46 9.13 8.54
CA ILE A 91 -9.19 7.89 8.94
C ILE A 91 -10.43 7.48 8.09
N LYS A 92 -11.18 8.41 7.47
CA LYS A 92 -12.17 8.06 6.40
C LYS A 92 -11.66 7.19 5.19
N HIS A 93 -10.37 7.30 4.85
CA HIS A 93 -9.68 6.52 3.79
C HIS A 93 -8.95 5.28 4.40
N VAL A 94 -8.23 5.42 5.55
CA VAL A 94 -7.59 4.27 6.27
C VAL A 94 -8.50 3.57 7.33
N VAL A 95 -9.84 3.62 7.16
CA VAL A 95 -10.84 2.85 7.97
C VAL A 95 -10.80 1.32 7.71
N LEU A 96 -10.63 0.90 6.44
CA LEU A 96 -10.31 -0.50 6.04
C LEU A 96 -8.80 -0.85 5.84
N TYR A 97 -7.82 0.04 6.17
CA TYR A 97 -6.41 -0.36 6.41
C TYR A 97 -6.17 -1.40 7.56
N PRO A 98 -6.72 -1.36 8.80
CA PRO A 98 -6.59 -2.49 9.78
C PRO A 98 -7.27 -3.85 9.38
N LEU A 99 -8.12 -3.86 8.34
CA LEU A 99 -8.73 -5.08 7.75
C LEU A 99 -7.84 -5.66 6.59
N VAL A 100 -7.34 -4.80 5.67
CA VAL A 100 -6.49 -5.20 4.51
C VAL A 100 -4.99 -5.45 4.88
N ALA A 101 -4.42 -4.76 5.87
CA ALA A 101 -3.14 -5.20 6.52
C ALA A 101 -3.08 -6.68 7.04
N LYS A 102 -4.24 -7.24 7.47
CA LYS A 102 -4.39 -8.70 7.71
C LYS A 102 -4.61 -9.60 6.43
N SER A 103 -4.39 -9.09 5.21
CA SER A 103 -4.49 -9.86 3.94
C SER A 103 -3.37 -9.52 2.91
N LEU A 104 -2.91 -8.27 2.77
CA LEU A 104 -1.67 -7.91 2.03
C LEU A 104 -0.35 -8.60 2.51
N ARG A 105 -0.25 -8.96 3.80
CA ARG A 105 0.74 -9.95 4.30
C ARG A 105 0.26 -11.42 4.10
N ASN A 106 -0.93 -11.79 4.62
CA ASN A 106 -1.30 -13.21 4.88
C ASN A 106 -1.87 -13.91 3.61
N ILE A 107 -3.01 -13.42 3.08
CA ILE A 107 -3.62 -13.87 1.80
C ILE A 107 -2.73 -13.68 0.51
N ALA A 108 -1.82 -12.69 0.48
CA ALA A 108 -0.80 -12.52 -0.59
C ALA A 108 0.20 -13.68 -0.87
N VAL A 109 0.30 -14.70 0.02
CA VAL A 109 0.94 -16.02 -0.31
C VAL A 109 0.41 -16.72 -1.61
N GLY A 110 -0.92 -16.81 -1.79
CA GLY A 110 -1.51 -17.48 -2.96
C GLY A 110 -3.04 -17.28 -3.08
N LYS A 111 -3.47 -16.02 -3.33
CA LYS A 111 -4.87 -15.67 -3.74
C LYS A 111 -5.95 -15.84 -2.63
N ASP A 112 -7.12 -15.21 -2.87
CA ASP A 112 -8.28 -15.20 -1.93
C ASP A 112 -8.92 -16.61 -1.66
N PRO A 113 -9.55 -16.89 -0.47
CA PRO A 113 -10.17 -18.21 -0.16
C PRO A 113 -11.41 -18.60 -1.01
N LEU A 114 -12.40 -17.70 -1.18
CA LEU A 114 -13.50 -17.87 -2.17
C LEU A 114 -13.03 -17.86 -3.65
N GLU A 115 -12.15 -16.92 -4.06
CA GLU A 115 -11.69 -16.81 -5.46
C GLU A 115 -10.65 -17.94 -5.77
N GLY A 116 -11.14 -19.02 -6.41
CA GLY A 116 -10.35 -20.25 -6.61
C GLY A 116 -10.36 -21.20 -5.39
N GLN A 117 -11.48 -21.94 -5.19
CA GLN A 117 -11.53 -23.10 -4.26
C GLN A 117 -12.08 -24.32 -5.04
N ARG A 118 -11.20 -25.34 -5.25
CA ARG A 118 -11.58 -26.62 -5.91
C ARG A 118 -11.97 -27.61 -4.78
N HIS A 119 -13.30 -27.76 -4.57
CA HIS A 119 -13.87 -28.40 -3.35
C HIS A 119 -14.62 -29.73 -3.71
N CYS A 120 -14.50 -30.72 -2.80
CA CYS A 120 -15.19 -32.03 -2.95
C CYS A 120 -16.70 -31.99 -2.54
N CYS A 121 -17.39 -33.14 -2.66
CA CYS A 121 -18.86 -33.24 -2.40
C CYS A 121 -19.21 -33.05 -0.89
N GLY A 122 -19.94 -31.96 -0.60
CA GLY A 122 -20.19 -31.50 0.79
C GLY A 122 -18.98 -30.83 1.48
N VAL A 123 -18.40 -29.79 0.86
CA VAL A 123 -17.23 -29.05 1.40
C VAL A 123 -17.45 -27.58 0.96
N ALA A 124 -17.89 -26.73 1.91
CA ALA A 124 -18.12 -25.28 1.64
C ALA A 124 -18.19 -24.52 2.99
N GLN A 125 -17.23 -23.60 3.22
CA GLN A 125 -17.16 -22.72 4.42
C GLN A 125 -16.84 -23.53 5.71
N MET A 126 -15.53 -23.64 6.04
CA MET A 126 -15.05 -24.44 7.19
C MET A 126 -13.79 -23.75 7.80
N ARG A 127 -13.86 -23.43 9.11
CA ARG A 127 -12.78 -22.70 9.82
C ARG A 127 -12.43 -23.51 11.10
N GLU A 128 -11.24 -24.13 11.11
CA GLU A 128 -10.76 -24.93 12.27
C GLU A 128 -9.93 -24.07 13.26
N HIS A 129 -8.77 -23.51 12.83
CA HIS A 129 -7.81 -22.83 13.75
C HIS A 129 -7.50 -21.39 13.23
N SER A 130 -7.50 -20.42 14.15
CA SER A 130 -7.27 -18.98 13.82
C SER A 130 -5.76 -18.64 13.94
N SER A 131 -5.13 -18.32 12.78
CA SER A 131 -3.74 -17.79 12.72
C SER A 131 -3.71 -16.23 12.82
N LEU A 132 -2.54 -15.67 13.21
CA LEU A 132 -2.27 -14.20 13.33
C LEU A 132 -2.72 -13.61 14.69
N GLY A 133 -1.93 -12.64 15.20
CA GLY A 133 -2.29 -11.87 16.41
C GLY A 133 -1.38 -10.63 16.54
N HIS A 134 -1.86 -9.47 16.07
CA HIS A 134 -1.06 -8.22 16.03
C HIS A 134 -1.91 -7.06 16.62
N ALA A 135 -1.47 -6.48 17.75
CA ALA A 135 -2.12 -5.26 18.32
C ALA A 135 -1.70 -3.87 17.74
N ASP A 136 -0.69 -3.79 16.84
CA ASP A 136 -0.21 -2.51 16.25
C ASP A 136 -0.96 -2.17 14.92
N LEU A 137 -1.11 -3.13 13.99
CA LEU A 137 -2.07 -3.03 12.85
C LEU A 137 -3.56 -3.37 13.19
N ASP A 138 -3.89 -3.87 14.40
CA ASP A 138 -5.26 -3.76 15.00
C ASP A 138 -5.41 -2.59 16.04
N ALA A 139 -4.47 -1.63 16.12
CA ALA A 139 -4.59 -0.41 16.97
C ALA A 139 -5.73 0.58 16.62
N LEU A 140 -6.13 0.71 15.34
CA LEU A 140 -7.30 1.56 14.94
C LEU A 140 -8.70 1.03 15.35
N GLN A 141 -8.87 -0.30 15.34
CA GLN A 141 -10.05 -0.99 15.97
C GLN A 141 -10.37 -0.59 17.45
N GLN A 142 -9.32 -0.41 18.28
CA GLN A 142 -9.42 0.16 19.66
C GLN A 142 -9.31 1.72 19.73
N ASN A 143 -8.52 2.38 18.85
CA ASN A 143 -8.26 3.85 18.93
C ASN A 143 -8.01 4.39 17.48
N PRO A 144 -9.04 4.84 16.70
CA PRO A 144 -8.84 5.27 15.28
C PRO A 144 -8.34 6.73 15.15
N GLN A 145 -7.21 6.91 14.43
CA GLN A 145 -6.55 8.23 14.22
C GLN A 145 -5.59 8.14 12.98
N PRO A 146 -5.36 9.23 12.18
CA PRO A 146 -4.64 9.15 10.88
C PRO A 146 -3.12 8.80 11.02
N LEU A 147 -2.72 7.72 10.33
CA LEU A 147 -1.33 7.16 10.46
C LEU A 147 -0.36 7.80 9.44
N ILE A 148 0.94 7.73 9.73
CA ILE A 148 2.03 8.25 8.84
C ILE A 148 2.50 7.10 7.91
N PHE A 149 2.23 7.27 6.62
CA PHE A 149 2.63 6.33 5.55
C PHE A 149 3.85 6.96 4.83
N HIS A 150 5.06 6.46 5.17
CA HIS A 150 6.31 6.84 4.47
C HIS A 150 6.52 5.85 3.31
N MET A 151 6.10 6.26 2.09
CA MET A 151 6.41 5.54 0.84
C MET A 151 7.76 5.98 0.22
N GLU A 152 8.44 5.03 -0.45
CA GLU A 152 9.68 5.27 -1.20
C GLU A 152 9.48 4.54 -2.55
N MET A 153 9.18 5.27 -3.66
CA MET A 153 9.06 4.65 -4.99
C MET A 153 10.44 4.33 -5.63
N LEU A 154 10.47 3.13 -6.23
CA LEU A 154 11.61 2.60 -7.02
C LEU A 154 11.17 2.36 -8.49
N LYS A 155 10.12 1.55 -8.73
CA LYS A 155 9.62 1.22 -10.09
C LYS A 155 8.09 1.36 -10.14
N VAL A 156 7.58 1.55 -11.37
CA VAL A 156 6.13 1.59 -11.65
C VAL A 156 5.97 1.38 -13.18
N GLU A 157 5.15 0.36 -13.54
CA GLU A 157 4.93 -0.04 -14.96
C GLU A 157 3.40 -0.03 -15.25
N SER A 158 3.01 0.62 -16.35
CA SER A 158 1.59 0.85 -16.74
C SER A 158 0.97 -0.31 -17.59
N PRO A 159 -0.38 -0.41 -17.84
CA PRO A 159 -0.99 -1.53 -18.61
C PRO A 159 -0.59 -1.56 -20.11
N GLY A 160 0.24 -2.54 -20.47
CA GLY A 160 1.00 -2.52 -21.73
C GLY A 160 2.44 -3.03 -21.55
N THR A 161 3.20 -2.37 -20.66
CA THR A 161 4.61 -2.71 -20.34
C THR A 161 4.84 -3.66 -19.12
N TYR A 162 3.91 -3.76 -18.15
CA TYR A 162 4.16 -4.48 -16.87
C TYR A 162 4.23 -6.03 -17.00
N GLN A 163 5.13 -6.64 -16.20
CA GLN A 163 5.27 -8.12 -16.07
C GLN A 163 5.81 -8.75 -17.38
N GLN A 164 7.14 -8.99 -17.44
CA GLN A 164 7.81 -9.56 -18.64
C GLN A 164 7.67 -11.11 -18.69
N ASP A 165 7.29 -11.61 -19.88
CA ASP A 165 6.91 -13.03 -20.09
C ASP A 165 8.00 -13.66 -20.97
N ALA A 1 -6.07 20.56 -12.18
CA ALA A 1 -4.84 20.46 -13.01
C ALA A 1 -3.51 20.22 -12.24
N ASP A 2 -3.26 20.97 -11.14
CA ASP A 2 -2.23 20.62 -10.12
C ASP A 2 -2.80 19.51 -9.20
N ILE A 3 -2.15 18.33 -9.17
CA ILE A 3 -2.68 17.12 -8.47
C ILE A 3 -2.37 17.16 -6.93
N ILE A 4 -1.19 17.62 -6.47
CA ILE A 4 -0.93 18.02 -5.05
C ILE A 4 -2.02 18.97 -4.44
N ALA A 5 -2.45 20.00 -5.18
CA ALA A 5 -3.60 20.86 -4.81
C ALA A 5 -4.98 20.13 -4.61
N ARG A 6 -5.36 19.20 -5.50
CA ARG A 6 -6.56 18.33 -5.29
C ARG A 6 -6.46 17.27 -4.15
N LEU A 7 -5.25 16.78 -3.79
CA LEU A 7 -5.01 15.96 -2.57
C LEU A 7 -5.24 16.71 -1.22
N ARG A 8 -4.82 17.98 -1.06
CA ARG A 8 -5.13 18.81 0.15
C ARG A 8 -6.64 18.88 0.52
N GLU A 9 -7.46 19.29 -0.47
CA GLU A 9 -8.94 19.22 -0.41
C GLU A 9 -9.63 17.81 -0.51
N ASP A 10 -8.90 16.69 -0.64
CA ASP A 10 -9.48 15.32 -0.51
C ASP A 10 -9.70 14.82 0.95
N GLY A 11 -9.28 15.56 2.00
CA GLY A 11 -9.13 14.99 3.36
C GLY A 11 -7.65 14.78 3.76
N ILE A 12 -6.92 14.05 2.89
CA ILE A 12 -5.46 13.79 3.01
C ILE A 12 -4.61 15.10 2.86
N GLN A 13 -3.32 15.02 3.18
CA GLN A 13 -2.37 16.15 3.00
C GLN A 13 -1.01 15.54 2.61
N LYS A 14 -0.53 15.80 1.37
CA LYS A 14 0.76 15.24 0.88
C LYS A 14 1.97 16.17 1.18
N ARG A 15 3.13 15.53 1.45
CA ARG A 15 4.44 16.22 1.51
C ARG A 15 5.53 15.27 0.95
N VAL A 16 6.26 15.74 -0.07
CA VAL A 16 7.42 15.02 -0.67
C VAL A 16 8.75 15.43 0.03
N ILE A 17 9.59 14.41 0.29
CA ILE A 17 10.99 14.59 0.80
C ILE A 17 11.91 14.89 -0.44
N GLN A 18 12.10 13.90 -1.34
CA GLN A 18 12.95 14.04 -2.56
C GLN A 18 12.05 13.83 -3.80
N GLU A 19 11.86 14.89 -4.60
CA GLU A 19 11.23 14.81 -5.95
C GLU A 19 12.10 13.96 -6.91
N GLY A 20 11.51 12.89 -7.46
CA GLY A 20 12.26 11.80 -8.13
C GLY A 20 12.78 12.07 -9.55
N ARG A 21 12.71 11.01 -10.38
CA ARG A 21 13.40 10.97 -11.69
C ARG A 21 12.43 10.44 -12.79
N GLY A 22 12.54 11.04 -13.98
CA GLY A 22 11.89 10.53 -15.20
C GLY A 22 10.39 10.89 -15.33
N GLU A 23 9.61 9.89 -15.79
CA GLU A 23 8.17 10.04 -16.10
C GLU A 23 7.26 9.55 -14.94
N LEU A 24 6.12 10.22 -14.79
CA LEU A 24 4.96 9.72 -14.01
C LEU A 24 4.00 8.95 -14.99
N PRO A 25 3.84 7.58 -14.97
CA PRO A 25 2.97 6.84 -15.93
C PRO A 25 1.44 7.00 -15.66
N ASP A 26 0.62 6.02 -16.10
CA ASP A 26 -0.87 6.14 -16.14
C ASP A 26 -1.56 6.38 -14.76
N PHE A 27 -1.40 5.45 -13.79
CA PHE A 27 -2.05 5.52 -12.45
C PHE A 27 -3.62 5.66 -12.47
N GLN A 28 -4.30 4.79 -13.24
CA GLN A 28 -5.78 4.83 -13.38
C GLN A 28 -6.30 3.46 -13.91
N ASP A 29 -6.74 2.59 -12.98
CA ASP A 29 -7.25 1.21 -13.26
C ASP A 29 -6.34 0.33 -14.17
N GLY A 30 -5.12 0.08 -13.68
CA GLY A 30 -4.14 -0.81 -14.33
C GLY A 30 -2.77 -0.13 -14.39
N THR A 31 -1.96 -0.29 -13.32
CA THR A 31 -0.55 0.15 -13.27
C THR A 31 0.09 -0.69 -12.11
N LYS A 32 1.25 -1.32 -12.38
CA LYS A 32 2.06 -2.00 -11.33
C LYS A 32 3.04 -0.98 -10.69
N ALA A 33 2.67 -0.44 -9.52
CA ALA A 33 3.55 0.45 -8.74
C ALA A 33 4.31 -0.36 -7.67
N THR A 34 5.63 -0.50 -7.90
CA THR A 34 6.56 -1.21 -6.97
C THR A 34 7.30 -0.12 -6.14
N PHE A 35 7.18 -0.24 -4.81
CA PHE A 35 7.67 0.78 -3.86
C PHE A 35 7.86 0.17 -2.44
N HIS A 36 8.58 0.90 -1.57
CA HIS A 36 8.62 0.60 -0.12
C HIS A 36 7.54 1.37 0.69
N TYR A 37 7.24 0.89 1.90
CA TYR A 37 6.19 1.47 2.79
C TYR A 37 6.65 1.39 4.27
N ARG A 38 6.33 2.43 5.06
CA ARG A 38 6.67 2.47 6.51
C ARG A 38 5.53 3.20 7.25
N THR A 39 4.57 2.42 7.76
CA THR A 39 3.39 2.95 8.48
C THR A 39 3.74 3.08 9.98
N LEU A 40 3.67 4.32 10.48
CA LEU A 40 3.90 4.62 11.91
C LEU A 40 2.81 5.59 12.43
N HIS A 41 2.59 5.57 13.76
CA HIS A 41 1.59 6.45 14.43
C HIS A 41 2.04 7.93 14.44
N SER A 42 1.09 8.83 14.11
CA SER A 42 1.37 10.29 13.93
C SER A 42 1.72 11.01 15.27
N ASP A 43 0.78 11.08 16.21
CA ASP A 43 0.98 11.65 17.58
C ASP A 43 0.33 10.83 18.74
N ASP A 44 -0.52 9.82 18.46
CA ASP A 44 -1.10 8.89 19.48
C ASP A 44 -0.05 8.14 20.36
N GLU A 45 0.90 7.43 19.71
CA GLU A 45 2.03 6.76 20.38
C GLU A 45 3.41 7.21 19.81
N GLY A 46 3.51 7.49 18.50
CA GLY A 46 4.81 7.54 17.78
C GLY A 46 5.46 6.20 17.34
N THR A 47 4.76 5.05 17.51
CA THR A 47 5.32 3.70 17.24
C THR A 47 5.17 3.29 15.75
N VAL A 48 6.18 2.58 15.23
CA VAL A 48 6.11 1.96 13.88
C VAL A 48 5.39 0.60 13.98
N LEU A 49 4.19 0.56 13.37
CA LEU A 49 3.40 -0.68 13.21
C LEU A 49 3.88 -1.62 12.07
N ASP A 50 4.40 -1.06 10.95
CA ASP A 50 4.85 -1.84 9.78
C ASP A 50 6.04 -1.10 9.10
N ASP A 51 7.03 -1.86 8.63
CA ASP A 51 8.30 -1.30 8.07
C ASP A 51 8.85 -2.29 7.01
N SER A 52 9.06 -1.76 5.80
CA SER A 52 9.53 -2.54 4.61
C SER A 52 10.95 -2.17 4.14
N ARG A 53 11.24 -0.86 3.97
CA ARG A 53 12.62 -0.34 3.79
C ARG A 53 13.59 -0.49 5.00
N ALA A 54 13.06 -0.60 6.24
CA ALA A 54 13.85 -1.07 7.41
C ALA A 54 14.39 -2.53 7.30
N ARG A 55 13.59 -3.44 6.72
CA ARG A 55 14.04 -4.80 6.29
C ARG A 55 14.96 -4.80 5.02
N GLY A 56 14.70 -3.91 4.04
CA GLY A 56 15.28 -4.00 2.69
C GLY A 56 14.62 -4.99 1.71
N LYS A 57 13.27 -5.03 1.67
CA LYS A 57 12.52 -5.86 0.69
C LYS A 57 11.17 -5.15 0.33
N PRO A 58 10.93 -4.62 -0.90
CA PRO A 58 9.76 -3.75 -1.21
C PRO A 58 8.44 -4.50 -1.50
N MET A 59 7.33 -3.78 -1.27
CA MET A 59 5.95 -4.24 -1.61
C MET A 59 5.58 -3.96 -3.10
N GLU A 60 4.38 -4.42 -3.50
CA GLU A 60 3.82 -4.25 -4.86
C GLU A 60 2.30 -4.00 -4.76
N LEU A 61 1.88 -2.82 -5.21
CA LEU A 61 0.46 -2.38 -5.27
C LEU A 61 0.02 -2.41 -6.76
N ILE A 62 -1.16 -3.01 -6.97
CA ILE A 62 -1.89 -2.98 -8.26
C ILE A 62 -2.89 -1.80 -8.15
N ILE A 63 -2.84 -0.91 -9.15
CA ILE A 63 -3.85 0.19 -9.29
C ILE A 63 -5.18 -0.41 -9.85
N GLY A 64 -6.25 -0.36 -9.05
CA GLY A 64 -7.65 -0.52 -9.52
C GLY A 64 -8.03 -1.76 -10.36
N LYS A 65 -7.74 -2.96 -9.85
CA LYS A 65 -7.98 -4.24 -10.56
C LYS A 65 -7.96 -5.39 -9.51
N LYS A 66 -6.78 -5.70 -8.91
CA LYS A 66 -6.62 -6.72 -7.86
C LYS A 66 -6.75 -6.13 -6.41
N PHE A 67 -6.05 -5.02 -6.11
CA PHE A 67 -5.79 -4.60 -4.72
C PHE A 67 -7.03 -3.94 -4.05
N LYS A 68 -7.20 -4.30 -2.77
CA LYS A 68 -8.40 -3.94 -1.97
C LYS A 68 -8.35 -2.57 -1.22
N LEU A 69 -7.15 -2.01 -0.91
CA LEU A 69 -7.00 -0.74 -0.16
C LEU A 69 -6.73 0.43 -1.16
N PRO A 70 -7.72 1.30 -1.53
CA PRO A 70 -7.53 2.41 -2.52
C PRO A 70 -6.75 3.69 -2.07
N VAL A 71 -6.52 3.88 -0.75
CA VAL A 71 -5.67 4.99 -0.22
C VAL A 71 -4.16 4.86 -0.57
N TRP A 72 -3.57 3.64 -0.60
CA TRP A 72 -2.24 3.39 -1.24
C TRP A 72 -2.12 3.87 -2.71
N GLU A 73 -3.18 3.69 -3.52
CA GLU A 73 -3.26 4.18 -4.93
C GLU A 73 -3.36 5.74 -5.09
N THR A 74 -4.13 6.42 -4.23
CA THR A 74 -4.21 7.91 -4.15
C THR A 74 -2.94 8.58 -3.53
N ILE A 75 -2.29 7.95 -2.51
CA ILE A 75 -0.90 8.28 -2.07
C ILE A 75 0.12 8.29 -3.27
N VAL A 76 0.20 7.18 -4.04
CA VAL A 76 1.22 7.04 -5.13
C VAL A 76 0.86 7.59 -6.53
N CYS A 77 -0.39 8.00 -6.83
CA CYS A 77 -0.73 8.66 -8.12
C CYS A 77 0.00 10.01 -8.44
N THR A 78 0.50 10.73 -7.41
CA THR A 78 1.39 11.91 -7.55
C THR A 78 2.92 11.58 -7.31
N MET A 79 3.38 10.36 -7.64
CA MET A 79 4.77 9.88 -7.41
C MET A 79 5.29 9.16 -8.69
N ARG A 80 6.58 9.36 -8.99
CA ARG A 80 7.28 8.77 -10.17
C ARG A 80 8.44 7.82 -9.75
N GLU A 81 9.17 7.25 -10.72
CA GLU A 81 10.32 6.31 -10.46
C GLU A 81 11.47 7.01 -9.69
N GLY A 82 11.63 6.65 -8.40
CA GLY A 82 12.59 7.34 -7.52
C GLY A 82 12.08 8.50 -6.62
N GLU A 83 10.76 8.75 -6.50
CA GLU A 83 10.21 9.84 -5.65
C GLU A 83 9.85 9.29 -4.25
N ILE A 84 10.27 10.02 -3.20
CA ILE A 84 10.12 9.58 -1.79
C ILE A 84 9.25 10.66 -1.09
N ALA A 85 8.07 10.26 -0.59
CA ALA A 85 7.14 11.17 0.13
C ALA A 85 6.60 10.51 1.42
N GLN A 86 6.64 11.26 2.54
CA GLN A 86 6.09 10.81 3.86
C GLN A 86 5.00 11.78 4.35
N PHE A 87 3.83 11.24 4.75
CA PHE A 87 2.62 12.07 4.98
C PHE A 87 1.43 11.30 5.59
N LEU A 88 0.54 12.05 6.29
CA LEU A 88 -0.68 11.49 6.91
C LEU A 88 -1.89 11.40 5.93
N CYS A 89 -2.74 10.38 6.18
CA CYS A 89 -4.06 10.25 5.51
C CYS A 89 -5.17 10.17 6.58
N ASP A 90 -6.30 10.85 6.33
CA ASP A 90 -7.50 10.82 7.21
C ASP A 90 -8.12 9.41 7.34
N ILE A 91 -8.62 9.10 8.55
CA ILE A 91 -9.31 7.82 8.87
C ILE A 91 -10.50 7.38 7.96
N LYS A 92 -11.27 8.30 7.36
CA LYS A 92 -12.19 7.98 6.23
C LYS A 92 -11.60 7.17 5.01
N HIS A 93 -10.28 7.32 4.75
CA HIS A 93 -9.55 6.59 3.68
C HIS A 93 -8.82 5.33 4.26
N VAL A 94 -8.16 5.44 5.43
CA VAL A 94 -7.48 4.27 6.11
C VAL A 94 -8.38 3.45 7.10
N VAL A 95 -9.73 3.51 6.95
CA VAL A 95 -10.71 2.70 7.73
C VAL A 95 -10.61 1.16 7.50
N LEU A 96 -10.43 0.75 6.23
CA LEU A 96 -10.14 -0.65 5.83
C LEU A 96 -8.63 -1.00 5.59
N TYR A 97 -7.67 -0.17 6.01
CA TYR A 97 -6.25 -0.58 6.20
C TYR A 97 -6.02 -1.73 7.26
N PRO A 98 -6.57 -1.79 8.52
CA PRO A 98 -6.51 -3.01 9.37
C PRO A 98 -7.29 -4.28 8.89
N LEU A 99 -8.07 -4.21 7.79
CA LEU A 99 -8.74 -5.37 7.16
C LEU A 99 -7.90 -5.94 5.95
N VAL A 100 -7.35 -5.06 5.10
CA VAL A 100 -6.45 -5.42 3.96
C VAL A 100 -5.00 -5.80 4.38
N ALA A 101 -4.46 -5.24 5.47
CA ALA A 101 -3.29 -5.82 6.19
C ALA A 101 -3.37 -7.33 6.59
N LYS A 102 -4.58 -7.87 6.85
CA LYS A 102 -4.81 -9.34 6.95
C LYS A 102 -4.82 -10.16 5.61
N SER A 103 -4.47 -9.56 4.45
CA SER A 103 -4.31 -10.28 3.16
C SER A 103 -3.06 -9.83 2.35
N LEU A 104 -2.68 -8.53 2.32
CA LEU A 104 -1.34 -8.08 1.80
C LEU A 104 -0.08 -8.72 2.49
N ARG A 105 -0.18 -9.12 3.77
CA ARG A 105 0.75 -10.08 4.41
C ARG A 105 0.41 -11.57 4.07
N ASN A 106 -0.85 -12.01 4.29
CA ASN A 106 -1.20 -13.46 4.43
C ASN A 106 -1.40 -14.16 3.06
N ILE A 107 -2.38 -13.71 2.26
CA ILE A 107 -2.59 -14.13 0.84
C ILE A 107 -1.35 -13.92 -0.11
N ALA A 108 -0.53 -12.87 0.11
CA ALA A 108 0.74 -12.64 -0.63
C ALA A 108 1.89 -13.68 -0.49
N VAL A 109 1.76 -14.75 0.35
CA VAL A 109 2.58 -15.99 0.22
C VAL A 109 2.59 -16.65 -1.20
N GLY A 110 1.40 -16.82 -1.82
CA GLY A 110 1.28 -17.39 -3.17
C GLY A 110 -0.08 -17.10 -3.84
N LYS A 111 -0.41 -15.80 -4.01
CA LYS A 111 -1.60 -15.33 -4.79
C LYS A 111 -2.99 -15.76 -4.19
N ASP A 112 -4.08 -15.25 -4.81
CA ASP A 112 -5.48 -15.47 -4.34
C ASP A 112 -5.95 -16.98 -4.36
N PRO A 113 -6.91 -17.45 -3.51
CA PRO A 113 -7.24 -18.89 -3.37
C PRO A 113 -7.82 -19.60 -4.64
N LEU A 114 -8.84 -19.03 -5.32
CA LEU A 114 -9.30 -19.51 -6.65
C LEU A 114 -8.33 -19.03 -7.76
N GLU A 115 -8.28 -17.73 -8.09
CA GLU A 115 -7.41 -17.15 -9.15
C GLU A 115 -7.59 -17.76 -10.58
N GLY A 116 -6.70 -17.41 -11.53
CA GLY A 116 -6.41 -18.26 -12.70
C GLY A 116 -5.45 -19.40 -12.31
N GLN A 117 -5.99 -20.63 -12.19
CA GLN A 117 -5.32 -21.75 -11.46
C GLN A 117 -4.15 -22.37 -12.28
N ARG A 118 -2.92 -21.86 -12.01
CA ARG A 118 -1.69 -22.25 -12.76
C ARG A 118 -0.49 -21.59 -12.04
N HIS A 119 0.19 -22.33 -11.14
CA HIS A 119 1.45 -21.88 -10.49
C HIS A 119 2.22 -23.13 -9.96
N CYS A 120 3.14 -23.65 -10.79
CA CYS A 120 4.24 -24.53 -10.33
C CYS A 120 5.53 -24.19 -11.14
N CYS A 121 6.06 -22.96 -10.93
CA CYS A 121 7.17 -22.39 -11.75
C CYS A 121 7.69 -21.09 -11.07
N GLY A 122 6.89 -20.01 -11.02
CA GLY A 122 7.31 -18.70 -10.46
C GLY A 122 7.14 -18.61 -8.94
N VAL A 123 5.98 -18.10 -8.48
CA VAL A 123 5.63 -18.03 -7.04
C VAL A 123 4.76 -19.29 -6.74
N ALA A 124 5.40 -20.32 -6.17
CA ALA A 124 4.72 -21.59 -5.81
C ALA A 124 5.45 -22.26 -4.62
N GLN A 125 5.30 -21.65 -3.42
CA GLN A 125 6.18 -21.92 -2.26
C GLN A 125 5.33 -21.78 -0.97
N MET A 126 5.38 -22.84 -0.13
CA MET A 126 4.64 -22.92 1.17
C MET A 126 3.11 -23.07 0.93
N ARG A 127 2.61 -24.33 1.00
CA ARG A 127 1.15 -24.62 0.97
C ARG A 127 0.67 -24.62 2.45
N GLU A 128 0.18 -23.44 2.88
CA GLU A 128 0.09 -23.06 4.31
C GLU A 128 -1.08 -22.06 4.45
N HIS A 129 -1.96 -22.31 5.45
CA HIS A 129 -3.07 -21.37 5.79
C HIS A 129 -2.52 -20.25 6.72
N SER A 130 -2.19 -19.08 6.12
CA SER A 130 -1.56 -17.96 6.84
C SER A 130 -2.64 -17.15 7.62
N SER A 131 -2.52 -17.18 8.96
CA SER A 131 -3.57 -16.66 9.88
C SER A 131 -3.23 -15.26 10.45
N LEU A 132 -4.29 -14.52 10.84
CA LEU A 132 -4.16 -13.22 11.57
C LEU A 132 -3.55 -13.35 12.99
N GLY A 133 -2.76 -12.34 13.38
CA GLY A 133 -2.18 -12.27 14.73
C GLY A 133 -1.33 -11.01 14.88
N HIS A 134 -1.98 -9.88 15.22
CA HIS A 134 -1.31 -8.56 15.36
C HIS A 134 -1.94 -7.79 16.55
N ALA A 135 -1.12 -6.98 17.23
CA ALA A 135 -1.60 -5.92 18.18
C ALA A 135 -1.32 -4.45 17.73
N ASP A 136 -0.35 -4.21 16.83
CA ASP A 136 0.01 -2.86 16.34
C ASP A 136 -1.02 -2.23 15.34
N LEU A 137 -1.44 -2.98 14.29
CA LEU A 137 -2.60 -2.59 13.43
C LEU A 137 -4.01 -2.93 14.02
N ASP A 138 -4.13 -3.89 14.96
CA ASP A 138 -5.37 -4.06 15.78
C ASP A 138 -5.58 -3.02 16.93
N ALA A 139 -4.60 -2.13 17.23
CA ALA A 139 -4.85 -0.82 17.90
C ALA A 139 -5.88 0.13 17.20
N LEU A 140 -5.99 0.10 15.86
CA LEU A 140 -7.06 0.82 15.10
C LEU A 140 -8.49 0.24 15.25
N GLN A 141 -8.62 -1.10 15.31
CA GLN A 141 -9.89 -1.80 15.64
C GLN A 141 -10.56 -1.41 17.00
N GLN A 142 -9.75 -1.16 18.04
CA GLN A 142 -10.21 -0.52 19.30
C GLN A 142 -10.25 1.04 19.24
N ASN A 143 -9.32 1.73 18.53
CA ASN A 143 -9.24 3.22 18.54
C ASN A 143 -8.61 3.71 17.20
N PRO A 144 -9.38 4.04 16.11
CA PRO A 144 -8.79 4.46 14.81
C PRO A 144 -8.37 5.96 14.78
N GLN A 145 -7.20 6.23 14.16
CA GLN A 145 -6.62 7.61 14.07
C GLN A 145 -5.75 7.76 12.77
N PRO A 146 -5.52 8.97 12.17
CA PRO A 146 -4.77 9.11 10.89
C PRO A 146 -3.25 8.80 11.04
N LEU A 147 -2.74 7.90 10.17
CA LEU A 147 -1.35 7.36 10.28
C LEU A 147 -0.37 7.99 9.24
N ILE A 148 0.94 7.92 9.54
CA ILE A 148 2.04 8.40 8.64
C ILE A 148 2.48 7.22 7.72
N PHE A 149 2.26 7.38 6.41
CA PHE A 149 2.66 6.40 5.37
C PHE A 149 3.90 6.99 4.64
N HIS A 150 5.09 6.48 5.00
CA HIS A 150 6.35 6.84 4.29
C HIS A 150 6.54 5.83 3.13
N MET A 151 6.12 6.26 1.93
CA MET A 151 6.37 5.53 0.67
C MET A 151 7.70 5.98 0.03
N GLU A 152 8.43 5.02 -0.56
CA GLU A 152 9.71 5.27 -1.26
C GLU A 152 9.53 4.58 -2.63
N MET A 153 9.23 5.33 -3.70
CA MET A 153 9.13 4.74 -5.07
C MET A 153 10.50 4.42 -5.68
N LEU A 154 10.52 3.26 -6.34
CA LEU A 154 11.70 2.74 -7.10
C LEU A 154 11.34 2.57 -8.60
N LYS A 155 10.30 1.77 -8.92
CA LYS A 155 9.91 1.44 -10.31
C LYS A 155 8.36 1.37 -10.34
N VAL A 156 7.81 1.82 -11.47
CA VAL A 156 6.35 1.81 -11.71
C VAL A 156 6.12 1.66 -13.24
N GLU A 157 5.28 0.67 -13.58
CA GLU A 157 5.17 0.11 -14.95
C GLU A 157 3.70 0.20 -15.45
N SER A 158 3.55 0.47 -16.76
CA SER A 158 2.22 0.51 -17.43
C SER A 158 1.77 -0.89 -18.02
N PRO A 159 0.46 -1.20 -18.23
CA PRO A 159 -0.01 -2.52 -18.72
C PRO A 159 0.39 -2.80 -20.20
N GLY A 160 1.17 -3.87 -20.37
CA GLY A 160 2.02 -4.04 -21.57
C GLY A 160 3.46 -4.46 -21.20
N THR A 161 4.13 -3.65 -20.35
CA THR A 161 5.47 -3.96 -19.81
C THR A 161 5.46 -4.75 -18.45
N TYR A 162 4.45 -4.58 -17.57
CA TYR A 162 4.42 -5.26 -16.25
C TYR A 162 4.06 -6.78 -16.36
N GLN A 163 4.82 -7.60 -15.60
CA GLN A 163 4.57 -9.06 -15.50
C GLN A 163 5.05 -9.49 -14.08
N GLN A 164 4.09 -9.71 -13.16
CA GLN A 164 4.38 -10.29 -11.82
C GLN A 164 3.79 -11.73 -11.78
N ASP A 165 4.67 -12.69 -11.46
CA ASP A 165 4.37 -14.13 -11.43
C ASP A 165 3.89 -14.57 -10.04
N ALA A 1 -5.43 17.67 -13.47
CA ALA A 1 -4.16 18.28 -13.95
C ALA A 1 -3.13 18.40 -12.80
N ASP A 2 -3.35 19.29 -11.81
CA ASP A 2 -2.48 19.41 -10.61
C ASP A 2 -2.94 18.37 -9.55
N ILE A 3 -2.11 17.33 -9.33
CA ILE A 3 -2.46 16.17 -8.46
C ILE A 3 -2.18 16.45 -6.95
N ILE A 4 -1.05 17.11 -6.61
CA ILE A 4 -0.80 17.72 -5.27
C ILE A 4 -1.97 18.64 -4.77
N ALA A 5 -2.48 19.56 -5.63
CA ALA A 5 -3.66 20.40 -5.31
C ALA A 5 -4.98 19.63 -5.02
N ARG A 6 -5.35 18.62 -5.86
CA ARG A 6 -6.51 17.73 -5.58
C ARG A 6 -6.39 16.80 -4.33
N LEU A 7 -5.19 16.38 -3.89
CA LEU A 7 -5.00 15.64 -2.62
C LEU A 7 -5.26 16.48 -1.32
N ARG A 8 -4.90 17.78 -1.27
CA ARG A 8 -5.25 18.69 -0.12
C ARG A 8 -6.77 18.76 0.17
N GLU A 9 -7.56 19.10 -0.87
CA GLU A 9 -9.05 18.98 -0.86
C GLU A 9 -9.69 17.56 -0.84
N ASP A 10 -8.91 16.45 -0.89
CA ASP A 10 -9.45 15.09 -0.64
C ASP A 10 -9.66 14.69 0.86
N GLY A 11 -9.26 15.52 1.85
CA GLY A 11 -9.16 15.09 3.26
C GLY A 11 -7.72 14.77 3.76
N ILE A 12 -6.92 14.16 2.88
CA ILE A 12 -5.48 13.85 3.09
C ILE A 12 -4.57 15.13 2.90
N GLN A 13 -3.27 15.01 3.22
CA GLN A 13 -2.29 16.11 3.05
C GLN A 13 -0.94 15.50 2.57
N LYS A 14 -0.43 15.96 1.41
CA LYS A 14 0.79 15.39 0.77
C LYS A 14 2.07 16.21 1.13
N ARG A 15 3.20 15.52 1.37
CA ARG A 15 4.52 16.17 1.59
C ARG A 15 5.66 15.27 1.03
N VAL A 16 6.52 15.84 0.15
CA VAL A 16 7.71 15.14 -0.42
C VAL A 16 9.01 15.49 0.34
N ILE A 17 9.88 14.47 0.47
CA ILE A 17 11.26 14.64 0.98
C ILE A 17 12.20 14.94 -0.23
N GLN A 18 12.37 13.97 -1.17
CA GLN A 18 13.25 14.12 -2.36
C GLN A 18 12.39 13.86 -3.63
N GLU A 19 12.18 14.92 -4.44
CA GLU A 19 11.54 14.81 -5.78
C GLU A 19 12.43 14.00 -6.76
N GLY A 20 11.85 12.94 -7.36
CA GLY A 20 12.62 11.87 -8.03
C GLY A 20 13.18 12.18 -9.44
N ARG A 21 13.18 11.15 -10.30
CA ARG A 21 14.02 11.12 -11.52
C ARG A 21 13.21 11.60 -12.75
N GLY A 22 12.60 10.66 -13.50
CA GLY A 22 12.09 10.94 -14.87
C GLY A 22 10.58 11.20 -14.91
N GLU A 23 9.85 10.24 -15.48
CA GLU A 23 8.42 10.41 -15.86
C GLU A 23 7.47 9.90 -14.75
N LEU A 24 6.41 10.68 -14.52
CA LEU A 24 5.22 10.27 -13.73
C LEU A 24 4.25 9.51 -14.70
N PRO A 25 4.00 8.17 -14.62
CA PRO A 25 3.11 7.45 -15.58
C PRO A 25 1.59 7.74 -15.36
N ASP A 26 0.72 7.07 -16.14
CA ASP A 26 -0.76 7.30 -16.09
C ASP A 26 -1.46 6.94 -14.74
N PHE A 27 -1.11 5.78 -14.11
CA PHE A 27 -1.77 5.27 -12.88
C PHE A 27 -3.26 4.91 -13.15
N GLN A 28 -3.45 3.71 -13.74
CA GLN A 28 -4.76 3.22 -14.20
C GLN A 28 -4.99 1.71 -13.86
N ASP A 29 -6.19 1.19 -14.20
CA ASP A 29 -6.62 -0.19 -13.84
C ASP A 29 -5.67 -1.33 -14.36
N GLY A 30 -4.82 -1.82 -13.44
CA GLY A 30 -3.74 -2.78 -13.75
C GLY A 30 -2.34 -2.15 -13.95
N THR A 31 -1.94 -1.16 -13.13
CA THR A 31 -0.57 -0.57 -13.14
C THR A 31 0.15 -1.20 -11.92
N LYS A 32 1.34 -1.77 -12.18
CA LYS A 32 2.20 -2.33 -11.11
C LYS A 32 3.14 -1.23 -10.57
N ALA A 33 2.72 -0.60 -9.47
CA ALA A 33 3.56 0.33 -8.69
C ALA A 33 4.35 -0.45 -7.60
N THR A 34 5.68 -0.53 -7.80
CA THR A 34 6.62 -1.21 -6.88
C THR A 34 7.35 -0.11 -6.06
N PHE A 35 7.27 -0.23 -4.72
CA PHE A 35 7.74 0.80 -3.77
C PHE A 35 7.97 0.19 -2.36
N HIS A 36 8.64 0.95 -1.48
CA HIS A 36 8.71 0.65 -0.03
C HIS A 36 7.60 1.38 0.78
N TYR A 37 7.35 0.91 2.01
CA TYR A 37 6.32 1.50 2.91
C TYR A 37 6.80 1.43 4.39
N ARG A 38 6.51 2.47 5.16
CA ARG A 38 6.81 2.50 6.62
C ARG A 38 5.65 3.24 7.32
N THR A 39 4.72 2.45 7.88
CA THR A 39 3.52 2.97 8.53
C THR A 39 3.79 3.11 10.04
N LEU A 40 3.65 4.35 10.54
CA LEU A 40 3.86 4.68 11.95
C LEU A 40 2.74 5.64 12.45
N HIS A 41 2.50 5.62 13.77
CA HIS A 41 1.45 6.44 14.43
C HIS A 41 1.87 7.94 14.47
N SER A 42 0.93 8.82 14.09
CA SER A 42 1.24 10.25 13.81
C SER A 42 1.61 11.08 15.08
N ASP A 43 0.69 11.20 16.05
CA ASP A 43 0.94 11.86 17.36
C ASP A 43 0.30 11.14 18.59
N ASP A 44 -0.49 10.05 18.43
CA ASP A 44 -1.06 9.26 19.56
C ASP A 44 0.02 8.56 20.43
N GLU A 45 0.87 7.70 19.82
CA GLU A 45 2.02 7.06 20.50
C GLU A 45 3.39 7.44 19.83
N GLY A 46 3.44 7.68 18.52
CA GLY A 46 4.71 7.72 17.75
C GLY A 46 5.35 6.36 17.36
N THR A 47 4.65 5.23 17.55
CA THR A 47 5.20 3.86 17.33
C THR A 47 5.08 3.41 15.85
N VAL A 48 6.11 2.71 15.35
CA VAL A 48 6.10 2.10 14.00
C VAL A 48 5.39 0.72 14.08
N LEU A 49 4.23 0.65 13.43
CA LEU A 49 3.46 -0.61 13.27
C LEU A 49 3.99 -1.56 12.15
N ASP A 50 4.52 -1.01 11.04
CA ASP A 50 5.04 -1.81 9.91
C ASP A 50 6.23 -1.06 9.24
N ASP A 51 7.24 -1.81 8.77
CA ASP A 51 8.49 -1.24 8.22
C ASP A 51 9.09 -2.22 7.16
N SER A 52 9.19 -1.73 5.91
CA SER A 52 9.73 -2.51 4.76
C SER A 52 11.15 -2.08 4.34
N ARG A 53 11.38 -0.77 4.09
CA ARG A 53 12.74 -0.20 3.88
C ARG A 53 13.74 -0.27 5.07
N ALA A 54 13.25 -0.41 6.31
CA ALA A 54 14.07 -0.82 7.47
C ALA A 54 14.79 -2.21 7.32
N ARG A 55 14.08 -3.21 6.76
CA ARG A 55 14.66 -4.51 6.34
C ARG A 55 15.38 -4.50 4.94
N GLY A 56 15.00 -3.58 4.01
CA GLY A 56 15.36 -3.68 2.58
C GLY A 56 14.49 -4.61 1.68
N LYS A 57 13.21 -4.83 2.04
CA LYS A 57 12.31 -5.78 1.32
C LYS A 57 11.08 -4.98 0.77
N PRO A 58 10.99 -4.57 -0.53
CA PRO A 58 9.89 -3.70 -1.03
C PRO A 58 8.57 -4.45 -1.30
N MET A 59 7.47 -3.72 -1.09
CA MET A 59 6.10 -4.17 -1.42
C MET A 59 5.72 -3.94 -2.91
N GLU A 60 4.53 -4.43 -3.30
CA GLU A 60 3.99 -4.31 -4.68
C GLU A 60 2.45 -4.09 -4.59
N LEU A 61 2.01 -2.92 -5.07
CA LEU A 61 0.58 -2.52 -5.13
C LEU A 61 0.14 -2.58 -6.62
N ILE A 62 -1.03 -3.22 -6.80
CA ILE A 62 -1.76 -3.22 -8.09
C ILE A 62 -2.77 -2.04 -7.99
N ILE A 63 -2.78 -1.19 -9.03
CA ILE A 63 -3.76 -0.07 -9.16
C ILE A 63 -5.15 -0.65 -9.57
N GLY A 64 -6.08 -0.79 -8.62
CA GLY A 64 -7.53 -0.94 -8.90
C GLY A 64 -7.98 -2.08 -9.84
N LYS A 65 -7.63 -3.32 -9.48
CA LYS A 65 -7.87 -4.52 -10.33
C LYS A 65 -7.91 -5.75 -9.37
N LYS A 66 -6.78 -6.11 -8.73
CA LYS A 66 -6.70 -7.12 -7.66
C LYS A 66 -6.70 -6.51 -6.22
N PHE A 67 -5.97 -5.40 -5.97
CA PHE A 67 -5.72 -4.88 -4.60
C PHE A 67 -6.96 -4.20 -3.98
N LYS A 68 -7.13 -4.45 -2.68
CA LYS A 68 -8.34 -4.05 -1.91
C LYS A 68 -8.29 -2.66 -1.20
N LEU A 69 -7.10 -2.09 -0.90
CA LEU A 69 -6.94 -0.81 -0.16
C LEU A 69 -6.66 0.34 -1.16
N PRO A 70 -7.63 1.23 -1.54
CA PRO A 70 -7.41 2.33 -2.53
C PRO A 70 -6.64 3.60 -2.06
N VAL A 71 -6.42 3.79 -0.75
CA VAL A 71 -5.58 4.90 -0.21
C VAL A 71 -4.06 4.77 -0.55
N TRP A 72 -3.46 3.55 -0.57
CA TRP A 72 -2.13 3.30 -1.20
C TRP A 72 -1.99 3.76 -2.68
N GLU A 73 -3.05 3.60 -3.50
CA GLU A 73 -3.12 4.09 -4.90
C GLU A 73 -3.19 5.65 -5.05
N THR A 74 -3.98 6.34 -4.20
CA THR A 74 -4.04 7.83 -4.12
C THR A 74 -2.75 8.49 -3.56
N ILE A 75 -2.13 7.91 -2.50
CA ILE A 75 -0.73 8.23 -2.05
C ILE A 75 0.30 8.20 -3.24
N VAL A 76 0.38 7.07 -3.97
CA VAL A 76 1.38 6.90 -5.07
C VAL A 76 1.03 7.48 -6.46
N CYS A 77 -0.21 7.91 -6.75
CA CYS A 77 -0.55 8.63 -8.01
C CYS A 77 0.24 9.96 -8.26
N THR A 78 0.57 10.70 -7.18
CA THR A 78 1.53 11.83 -7.20
C THR A 78 3.07 11.47 -7.26
N MET A 79 3.46 10.18 -7.19
CA MET A 79 4.86 9.74 -6.97
C MET A 79 5.44 9.11 -8.26
N ARG A 80 6.61 9.59 -8.70
CA ARG A 80 7.32 9.08 -9.91
C ARG A 80 8.49 8.12 -9.55
N GLU A 81 9.08 7.46 -10.57
CA GLU A 81 10.18 6.47 -10.40
C GLU A 81 11.45 7.09 -9.75
N GLY A 82 11.68 6.74 -8.47
CA GLY A 82 12.74 7.38 -7.65
C GLY A 82 12.34 8.52 -6.68
N GLU A 83 11.04 8.79 -6.45
CA GLU A 83 10.55 9.91 -5.59
C GLU A 83 10.17 9.37 -4.18
N ILE A 84 10.57 10.10 -3.13
CA ILE A 84 10.44 9.64 -1.72
C ILE A 84 9.55 10.71 -1.03
N ALA A 85 8.34 10.31 -0.61
CA ALA A 85 7.38 11.22 0.06
C ALA A 85 6.74 10.54 1.30
N GLN A 86 6.74 11.29 2.41
CA GLN A 86 6.27 10.81 3.73
C GLN A 86 5.18 11.77 4.23
N PHE A 87 3.99 11.21 4.51
CA PHE A 87 2.78 12.01 4.75
C PHE A 87 1.58 11.18 5.32
N LEU A 88 0.66 11.90 6.01
CA LEU A 88 -0.53 11.29 6.64
C LEU A 88 -1.77 11.14 5.71
N CYS A 89 -2.68 10.22 6.10
CA CYS A 89 -4.05 10.12 5.52
C CYS A 89 -5.12 10.11 6.65
N ASP A 90 -6.27 10.76 6.38
CA ASP A 90 -7.44 10.75 7.31
C ASP A 90 -8.10 9.34 7.42
N ILE A 91 -8.65 9.01 8.61
CA ILE A 91 -9.26 7.67 8.88
C ILE A 91 -10.48 7.25 8.01
N LYS A 92 -11.25 8.17 7.41
CA LYS A 92 -12.18 7.82 6.28
C LYS A 92 -11.58 7.02 5.06
N HIS A 93 -10.28 7.19 4.79
CA HIS A 93 -9.53 6.46 3.72
C HIS A 93 -8.81 5.20 4.31
N VAL A 94 -8.16 5.31 5.49
CA VAL A 94 -7.50 4.15 6.19
C VAL A 94 -8.44 3.37 7.18
N VAL A 95 -9.77 3.41 7.00
CA VAL A 95 -10.78 2.62 7.76
C VAL A 95 -10.70 1.07 7.49
N LEU A 96 -10.52 0.70 6.21
CA LEU A 96 -10.19 -0.70 5.79
C LEU A 96 -8.67 -1.03 5.62
N TYR A 97 -7.73 -0.16 6.06
CA TYR A 97 -6.31 -0.55 6.27
C TYR A 97 -6.05 -1.68 7.33
N PRO A 98 -6.64 -1.79 8.56
CA PRO A 98 -6.53 -3.03 9.38
C PRO A 98 -7.16 -4.33 8.78
N LEU A 99 -8.15 -4.22 7.89
CA LEU A 99 -8.75 -5.39 7.18
C LEU A 99 -7.82 -5.92 6.04
N VAL A 100 -7.23 -5.02 5.24
CA VAL A 100 -6.30 -5.35 4.12
C VAL A 100 -4.84 -5.62 4.58
N ALA A 101 -4.32 -4.97 5.64
CA ALA A 101 -3.10 -5.45 6.37
C ALA A 101 -3.13 -6.92 6.86
N LYS A 102 -4.32 -7.45 7.24
CA LYS A 102 -4.52 -8.91 7.47
C LYS A 102 -4.76 -9.78 6.18
N SER A 103 -4.34 -9.31 4.99
CA SER A 103 -4.37 -10.07 3.72
C SER A 103 -3.15 -9.77 2.78
N LEU A 104 -2.68 -8.51 2.64
CA LEU A 104 -1.39 -8.17 1.97
C LEU A 104 -0.12 -8.88 2.54
N ARG A 105 -0.10 -9.23 3.85
CA ARG A 105 0.82 -10.25 4.41
C ARG A 105 0.33 -11.71 4.17
N ASN A 106 -0.89 -12.06 4.62
CA ASN A 106 -1.30 -13.49 4.83
C ASN A 106 -1.76 -14.19 3.52
N ILE A 107 -2.83 -13.69 2.88
CA ILE A 107 -3.29 -14.10 1.53
C ILE A 107 -2.22 -14.05 0.38
N ALA A 108 -1.31 -13.06 0.41
CA ALA A 108 -0.17 -12.94 -0.52
C ALA A 108 0.89 -14.08 -0.57
N VAL A 109 0.91 -15.03 0.41
CA VAL A 109 1.77 -16.25 0.34
C VAL A 109 1.45 -17.22 -0.84
N GLY A 110 0.18 -17.48 -1.14
CA GLY A 110 -0.22 -18.59 -2.04
C GLY A 110 -1.68 -18.46 -2.49
N LYS A 111 -2.63 -18.93 -1.66
CA LYS A 111 -4.06 -19.01 -2.04
C LYS A 111 -4.77 -17.62 -1.93
N ASP A 112 -5.46 -17.26 -3.03
CA ASP A 112 -6.10 -15.93 -3.21
C ASP A 112 -7.65 -16.08 -3.35
N PRO A 113 -8.51 -15.20 -2.75
CA PRO A 113 -9.99 -15.37 -2.75
C PRO A 113 -10.69 -15.12 -4.12
N LEU A 114 -10.38 -14.02 -4.84
CA LEU A 114 -10.83 -13.82 -6.25
C LEU A 114 -10.21 -14.82 -7.28
N GLU A 115 -8.90 -15.12 -7.18
CA GLU A 115 -8.20 -16.10 -8.04
C GLU A 115 -8.82 -17.54 -8.03
N GLY A 116 -9.02 -18.14 -6.84
CA GLY A 116 -9.73 -19.44 -6.70
C GLY A 116 -11.25 -19.29 -6.79
N GLN A 117 -11.95 -19.21 -5.63
CA GLN A 117 -13.44 -19.23 -5.53
C GLN A 117 -14.16 -20.32 -6.39
N ARG A 118 -14.15 -21.57 -5.87
CA ARG A 118 -14.54 -22.80 -6.63
C ARG A 118 -13.47 -23.12 -7.72
N HIS A 119 -12.47 -23.95 -7.36
CA HIS A 119 -11.41 -24.42 -8.29
C HIS A 119 -11.90 -25.65 -9.12
N CYS A 120 -11.63 -25.60 -10.44
CA CYS A 120 -12.01 -26.69 -11.40
C CYS A 120 -10.79 -27.23 -12.20
N CYS A 121 -10.01 -26.36 -12.88
CA CYS A 121 -8.77 -26.76 -13.59
C CYS A 121 -7.52 -26.52 -12.68
N GLY A 122 -6.70 -27.57 -12.48
CA GLY A 122 -5.51 -27.51 -11.59
C GLY A 122 -5.77 -28.08 -10.20
N VAL A 123 -6.50 -27.31 -9.36
CA VAL A 123 -7.05 -27.75 -8.05
C VAL A 123 -5.98 -27.92 -6.92
N ALA A 124 -6.20 -27.23 -5.80
CA ALA A 124 -5.37 -27.36 -4.56
C ALA A 124 -6.21 -27.95 -3.38
N GLN A 125 -5.53 -28.25 -2.25
CA GLN A 125 -6.21 -28.55 -0.96
C GLN A 125 -7.03 -27.35 -0.35
N MET A 126 -6.44 -26.14 -0.30
CA MET A 126 -7.10 -24.89 0.16
C MET A 126 -7.58 -24.94 1.65
N ARG A 127 -6.62 -25.02 2.59
CA ARG A 127 -6.90 -24.97 4.04
C ARG A 127 -5.80 -24.07 4.68
N GLU A 128 -6.04 -22.75 4.65
CA GLU A 128 -5.08 -21.72 5.14
C GLU A 128 -5.94 -20.59 5.74
N HIS A 129 -6.29 -20.71 7.04
CA HIS A 129 -7.25 -19.78 7.72
C HIS A 129 -7.01 -19.63 9.26
N SER A 130 -5.74 -19.56 9.72
CA SER A 130 -5.38 -19.27 11.14
C SER A 130 -3.97 -18.64 11.13
N SER A 131 -3.90 -17.29 11.13
CA SER A 131 -2.62 -16.55 11.18
C SER A 131 -2.89 -15.15 11.79
N LEU A 132 -2.51 -14.96 13.07
CA LEU A 132 -2.72 -13.69 13.81
C LEU A 132 -1.61 -13.45 14.88
N GLY A 133 -1.28 -12.17 15.10
CA GLY A 133 -0.28 -11.77 16.11
C GLY A 133 0.00 -10.27 15.98
N HIS A 134 -0.82 -9.44 16.65
CA HIS A 134 -0.92 -7.98 16.35
C HIS A 134 -1.61 -7.21 17.50
N ALA A 135 -0.97 -6.11 17.92
CA ALA A 135 -1.59 -5.04 18.74
C ALA A 135 -1.38 -3.58 18.22
N ASP A 136 -0.47 -3.33 17.26
CA ASP A 136 -0.23 -1.99 16.65
C ASP A 136 -1.17 -1.71 15.44
N LEU A 137 -1.24 -2.62 14.44
CA LEU A 137 -2.31 -2.62 13.41
C LEU A 137 -3.72 -3.03 13.93
N ASP A 138 -3.84 -3.85 15.01
CA ASP A 138 -5.12 -4.08 15.72
C ASP A 138 -5.56 -2.95 16.73
N ALA A 139 -4.71 -1.95 17.05
CA ALA A 139 -5.13 -0.69 17.73
C ALA A 139 -6.23 0.16 17.03
N LEU A 140 -6.35 0.12 15.70
CA LEU A 140 -7.44 0.78 14.92
C LEU A 140 -8.85 0.14 15.10
N GLN A 141 -8.91 -1.20 15.19
CA GLN A 141 -10.13 -1.98 15.58
C GLN A 141 -10.82 -1.55 16.91
N GLN A 142 -10.02 -1.19 17.94
CA GLN A 142 -10.50 -0.56 19.19
C GLN A 142 -10.58 0.99 19.15
N ASN A 143 -9.69 1.70 18.41
CA ASN A 143 -9.62 3.18 18.42
C ASN A 143 -9.05 3.69 17.06
N PRO A 144 -9.86 4.04 16.02
CA PRO A 144 -9.34 4.49 14.69
C PRO A 144 -8.68 5.89 14.71
N GLN A 145 -7.55 6.05 14.00
CA GLN A 145 -6.65 7.24 14.13
C GLN A 145 -5.86 7.48 12.79
N PRO A 146 -5.58 8.73 12.34
CA PRO A 146 -4.94 8.99 11.00
C PRO A 146 -3.40 8.75 11.04
N LEU A 147 -2.93 7.85 10.16
CA LEU A 147 -1.54 7.31 10.24
C LEU A 147 -0.59 7.97 9.21
N ILE A 148 0.73 7.88 9.50
CA ILE A 148 1.82 8.27 8.56
C ILE A 148 2.12 7.05 7.66
N PHE A 149 2.40 7.35 6.39
CA PHE A 149 2.78 6.35 5.37
C PHE A 149 4.02 6.96 4.66
N HIS A 150 5.20 6.48 5.06
CA HIS A 150 6.48 6.82 4.38
C HIS A 150 6.67 5.84 3.19
N MET A 151 6.25 6.30 2.00
CA MET A 151 6.46 5.56 0.73
C MET A 151 7.76 6.02 0.03
N GLU A 152 8.48 5.05 -0.56
CA GLU A 152 9.72 5.31 -1.33
C GLU A 152 9.52 4.63 -2.70
N MET A 153 9.22 5.41 -3.76
CA MET A 153 9.08 4.87 -5.13
C MET A 153 10.46 4.51 -5.75
N LEU A 154 10.49 3.31 -6.35
CA LEU A 154 11.65 2.79 -7.12
C LEU A 154 11.27 2.60 -8.62
N LYS A 155 10.22 1.82 -8.92
CA LYS A 155 9.79 1.49 -10.31
C LYS A 155 8.25 1.40 -10.34
N VAL A 156 7.67 1.82 -11.46
CA VAL A 156 6.20 1.76 -11.70
C VAL A 156 5.98 1.58 -13.23
N GLU A 157 5.17 0.55 -13.58
CA GLU A 157 4.93 0.14 -14.99
C GLU A 157 3.41 -0.03 -15.25
N SER A 158 2.91 0.63 -16.30
CA SER A 158 1.46 0.66 -16.68
C SER A 158 0.99 -0.57 -17.54
N PRO A 159 -0.34 -0.84 -17.77
CA PRO A 159 -0.81 -2.03 -18.55
C PRO A 159 -0.47 -1.95 -20.06
N GLY A 160 0.47 -2.81 -20.46
CA GLY A 160 1.20 -2.66 -21.75
C GLY A 160 2.70 -2.99 -21.60
N THR A 161 3.38 -2.26 -20.69
CA THR A 161 4.82 -2.43 -20.40
C THR A 161 5.16 -3.44 -19.25
N TYR A 162 4.30 -3.60 -18.22
CA TYR A 162 4.58 -4.52 -17.09
C TYR A 162 4.48 -6.04 -17.46
N GLN A 163 4.90 -6.91 -16.53
CA GLN A 163 4.63 -8.38 -16.62
C GLN A 163 3.14 -8.63 -16.23
N GLN A 164 2.28 -8.83 -17.25
CA GLN A 164 0.81 -8.90 -17.07
C GLN A 164 0.38 -10.38 -16.84
N ASP A 165 -0.43 -10.58 -15.79
CA ASP A 165 -0.91 -11.91 -15.36
C ASP A 165 -2.43 -11.77 -15.18
N ALA A 1 -5.32 18.54 -13.46
CA ALA A 1 -4.05 19.18 -13.90
C ALA A 1 -3.05 19.21 -12.71
N ASP A 2 -3.25 20.08 -11.69
CA ASP A 2 -2.40 20.12 -10.47
C ASP A 2 -2.97 19.08 -9.45
N ILE A 3 -2.20 18.00 -9.23
CA ILE A 3 -2.67 16.81 -8.46
C ILE A 3 -2.41 16.98 -6.94
N ILE A 4 -1.23 17.46 -6.48
CA ILE A 4 -0.99 17.90 -5.07
C ILE A 4 -2.05 18.96 -4.57
N ALA A 5 -2.44 19.94 -5.41
CA ALA A 5 -3.55 20.88 -5.12
C ALA A 5 -4.98 20.29 -5.00
N ARG A 6 -5.32 19.20 -5.73
CA ARG A 6 -6.60 18.45 -5.54
C ARG A 6 -6.60 17.36 -4.41
N LEU A 7 -5.45 16.72 -4.08
CA LEU A 7 -5.33 15.74 -2.96
C LEU A 7 -5.27 16.39 -1.55
N ARG A 8 -4.64 17.58 -1.35
CA ARG A 8 -4.79 18.39 -0.11
C ARG A 8 -6.27 18.74 0.30
N GLU A 9 -7.11 19.15 -0.67
CA GLU A 9 -8.59 19.30 -0.49
C GLU A 9 -9.46 17.99 -0.51
N ASP A 10 -8.87 16.79 -0.70
CA ASP A 10 -9.60 15.49 -0.56
C ASP A 10 -9.64 14.91 0.90
N GLY A 11 -9.38 15.70 1.96
CA GLY A 11 -9.24 15.18 3.34
C GLY A 11 -7.79 14.77 3.75
N ILE A 12 -7.08 14.11 2.83
CA ILE A 12 -5.66 13.71 2.94
C ILE A 12 -4.68 14.90 2.73
N GLN A 13 -3.39 14.68 3.04
CA GLN A 13 -2.31 15.69 2.86
C GLN A 13 -1.04 14.99 2.32
N LYS A 14 -0.40 15.59 1.30
CA LYS A 14 0.76 15.00 0.57
C LYS A 14 2.02 15.89 0.76
N ARG A 15 3.19 15.26 1.06
CA ARG A 15 4.47 15.99 1.34
C ARG A 15 5.67 15.13 0.87
N VAL A 16 6.49 15.68 -0.06
CA VAL A 16 7.68 14.97 -0.63
C VAL A 16 8.99 15.33 0.13
N ILE A 17 9.83 14.31 0.34
CA ILE A 17 11.21 14.46 0.88
C ILE A 17 12.19 14.73 -0.32
N GLN A 18 12.38 13.73 -1.22
CA GLN A 18 13.27 13.85 -2.40
C GLN A 18 12.40 13.65 -3.67
N GLU A 19 12.22 14.73 -4.45
CA GLU A 19 11.62 14.66 -5.81
C GLU A 19 12.50 13.82 -6.78
N GLY A 20 11.93 12.73 -7.33
CA GLY A 20 12.72 11.66 -7.99
C GLY A 20 13.24 11.94 -9.41
N ARG A 21 12.94 11.01 -10.34
CA ARG A 21 13.48 11.05 -11.72
C ARG A 21 12.36 10.84 -12.78
N GLY A 22 12.64 11.43 -13.96
CA GLY A 22 11.81 11.22 -15.18
C GLY A 22 10.44 11.93 -15.19
N GLU A 23 9.55 11.39 -16.03
CA GLU A 23 8.15 11.86 -16.16
C GLU A 23 7.21 10.96 -15.30
N LEU A 24 6.16 11.59 -14.75
CA LEU A 24 5.10 10.90 -13.96
C LEU A 24 4.21 10.02 -14.90
N PRO A 25 4.14 8.66 -14.80
CA PRO A 25 3.38 7.81 -15.76
C PRO A 25 1.83 7.81 -15.54
N ASP A 26 1.13 6.78 -16.04
CA ASP A 26 -0.36 6.72 -16.06
C ASP A 26 -1.02 6.67 -14.65
N PHE A 27 -0.72 5.64 -13.83
CA PHE A 27 -1.46 5.34 -12.56
C PHE A 27 -3.00 5.13 -12.72
N GLN A 28 -3.36 4.23 -13.66
CA GLN A 28 -4.76 3.89 -14.00
C GLN A 28 -4.99 2.35 -13.85
N ASP A 29 -6.22 1.87 -14.16
CA ASP A 29 -6.66 0.47 -13.91
C ASP A 29 -5.77 -0.63 -14.59
N GLY A 30 -4.92 -1.25 -13.77
CA GLY A 30 -3.91 -2.24 -14.22
C GLY A 30 -2.46 -1.72 -14.27
N THR A 31 -2.00 -0.84 -13.34
CA THR A 31 -0.61 -0.35 -13.29
C THR A 31 0.05 -1.09 -12.09
N LYS A 32 1.21 -1.69 -12.35
CA LYS A 32 2.06 -2.31 -11.30
C LYS A 32 3.04 -1.24 -10.74
N ALA A 33 2.63 -0.61 -9.62
CA ALA A 33 3.50 0.31 -8.86
C ALA A 33 4.27 -0.47 -7.77
N THR A 34 5.60 -0.54 -7.94
CA THR A 34 6.52 -1.28 -7.03
C THR A 34 7.27 -0.24 -6.15
N PHE A 35 7.16 -0.40 -4.83
CA PHE A 35 7.64 0.62 -3.86
C PHE A 35 7.83 -0.01 -2.44
N HIS A 36 8.51 0.73 -1.55
CA HIS A 36 8.54 0.43 -0.09
C HIS A 36 7.45 1.21 0.68
N TYR A 37 7.17 0.77 1.93
CA TYR A 37 6.11 1.35 2.80
C TYR A 37 6.57 1.28 4.29
N ARG A 38 6.23 2.30 5.08
CA ARG A 38 6.54 2.33 6.53
C ARG A 38 5.40 3.08 7.25
N THR A 39 4.47 2.31 7.82
CA THR A 39 3.29 2.86 8.54
C THR A 39 3.65 3.03 10.02
N LEU A 40 3.59 4.29 10.49
CA LEU A 40 3.83 4.64 11.91
C LEU A 40 2.75 5.63 12.40
N HIS A 41 2.51 5.62 13.72
CA HIS A 41 1.49 6.50 14.38
C HIS A 41 1.95 7.98 14.39
N SER A 42 1.01 8.88 14.05
CA SER A 42 1.33 10.32 13.77
C SER A 42 1.79 11.11 15.03
N ASP A 43 0.90 11.29 16.02
CA ASP A 43 1.24 11.89 17.35
C ASP A 43 0.60 11.17 18.59
N ASP A 44 -0.32 10.20 18.42
CA ASP A 44 -0.99 9.49 19.54
C ASP A 44 -0.05 8.54 20.34
N GLU A 45 0.56 7.54 19.67
CA GLU A 45 1.58 6.65 20.26
C GLU A 45 3.02 7.07 19.83
N GLY A 46 3.20 7.52 18.56
CA GLY A 46 4.54 7.63 17.93
C GLY A 46 5.25 6.31 17.50
N THR A 47 4.54 5.17 17.51
CA THR A 47 5.14 3.83 17.29
C THR A 47 5.03 3.40 15.80
N VAL A 48 6.07 2.70 15.32
CA VAL A 48 6.05 2.07 13.98
C VAL A 48 5.34 0.68 14.09
N LEU A 49 4.16 0.62 13.47
CA LEU A 49 3.36 -0.62 13.37
C LEU A 49 3.81 -1.58 12.23
N ASP A 50 4.32 -1.05 11.09
CA ASP A 50 4.79 -1.85 9.94
C ASP A 50 5.97 -1.12 9.26
N ASP A 51 6.94 -1.89 8.74
CA ASP A 51 8.21 -1.36 8.19
C ASP A 51 8.79 -2.38 7.17
N SER A 52 8.90 -1.95 5.90
CA SER A 52 9.40 -2.81 4.79
C SER A 52 10.85 -2.50 4.33
N ARG A 53 11.16 -1.23 4.03
CA ARG A 53 12.54 -0.72 3.85
C ARG A 53 13.51 -0.86 5.05
N ALA A 54 12.99 -1.07 6.28
CA ALA A 54 13.81 -1.40 7.46
C ALA A 54 14.67 -2.70 7.35
N ARG A 55 14.10 -3.76 6.76
CA ARG A 55 14.86 -4.94 6.26
C ARG A 55 15.41 -4.81 4.79
N GLY A 56 14.75 -4.01 3.92
CA GLY A 56 15.09 -3.93 2.47
C GLY A 56 14.28 -4.84 1.52
N LYS A 57 13.01 -5.16 1.85
CA LYS A 57 12.15 -6.07 1.06
C LYS A 57 10.90 -5.26 0.55
N PRO A 58 10.79 -4.84 -0.74
CA PRO A 58 9.69 -3.94 -1.21
C PRO A 58 8.36 -4.68 -1.50
N MET A 59 7.26 -3.94 -1.29
CA MET A 59 5.88 -4.38 -1.64
C MET A 59 5.53 -4.09 -3.13
N GLU A 60 4.33 -4.55 -3.54
CA GLU A 60 3.81 -4.39 -4.92
C GLU A 60 2.27 -4.16 -4.84
N LEU A 61 1.85 -2.94 -5.25
CA LEU A 61 0.44 -2.53 -5.31
C LEU A 61 -0.02 -2.57 -6.79
N ILE A 62 -1.19 -3.19 -6.99
CA ILE A 62 -1.91 -3.18 -8.28
C ILE A 62 -2.92 -2.00 -8.17
N ILE A 63 -2.87 -1.12 -9.18
CA ILE A 63 -3.82 0.03 -9.29
C ILE A 63 -5.20 -0.51 -9.80
N GLY A 64 -6.21 -0.49 -8.92
CA GLY A 64 -7.64 -0.64 -9.30
C GLY A 64 -8.07 -1.84 -10.18
N LYS A 65 -7.64 -3.05 -9.80
CA LYS A 65 -7.89 -4.29 -10.59
C LYS A 65 -7.86 -5.51 -9.63
N LYS A 66 -6.70 -5.79 -8.98
CA LYS A 66 -6.56 -6.87 -7.98
C LYS A 66 -5.94 -6.34 -6.66
N PHE A 67 -6.64 -5.42 -5.97
CA PHE A 67 -6.22 -4.90 -4.65
C PHE A 67 -7.45 -4.36 -3.87
N LYS A 68 -7.41 -4.56 -2.55
CA LYS A 68 -8.53 -4.23 -1.63
C LYS A 68 -8.48 -2.81 -0.97
N LEU A 69 -7.29 -2.19 -0.76
CA LEU A 69 -7.13 -0.90 -0.04
C LEU A 69 -6.79 0.23 -1.07
N PRO A 70 -7.75 1.11 -1.52
CA PRO A 70 -7.48 2.16 -2.55
C PRO A 70 -6.78 3.48 -2.09
N VAL A 71 -6.61 3.70 -0.77
CA VAL A 71 -5.78 4.84 -0.24
C VAL A 71 -4.25 4.70 -0.56
N TRP A 72 -3.66 3.49 -0.58
CA TRP A 72 -2.33 3.23 -1.20
C TRP A 72 -2.13 3.71 -2.65
N GLU A 73 -3.16 3.57 -3.50
CA GLU A 73 -3.16 4.08 -4.90
C GLU A 73 -3.19 5.63 -5.04
N THR A 74 -3.96 6.34 -4.18
CA THR A 74 -3.99 7.83 -4.09
C THR A 74 -2.70 8.45 -3.42
N ILE A 75 -2.11 7.80 -2.39
CA ILE A 75 -0.71 8.05 -1.93
C ILE A 75 0.32 8.06 -3.12
N VAL A 76 0.37 6.98 -3.92
CA VAL A 76 1.37 6.84 -5.02
C VAL A 76 1.00 7.45 -6.41
N CYS A 77 -0.24 7.91 -6.66
CA CYS A 77 -0.59 8.59 -7.94
C CYS A 77 0.26 9.87 -8.27
N THR A 78 0.58 10.69 -7.25
CA THR A 78 1.56 11.81 -7.36
C THR A 78 3.08 11.44 -7.37
N MET A 79 3.46 10.15 -7.20
CA MET A 79 4.87 9.72 -6.99
C MET A 79 5.43 9.07 -8.28
N ARG A 80 6.63 9.51 -8.72
CA ARG A 80 7.31 8.98 -9.95
C ARG A 80 8.47 8.00 -9.58
N GLU A 81 9.04 7.32 -10.60
CA GLU A 81 10.15 6.32 -10.42
C GLU A 81 11.42 6.96 -9.78
N GLY A 82 11.65 6.60 -8.50
CA GLY A 82 12.72 7.23 -7.68
C GLY A 82 12.31 8.32 -6.65
N GLU A 83 11.00 8.60 -6.44
CA GLU A 83 10.52 9.69 -5.54
C GLU A 83 10.17 9.14 -4.15
N ILE A 84 10.57 9.88 -3.10
CA ILE A 84 10.41 9.44 -1.69
C ILE A 84 9.52 10.53 -1.02
N ALA A 85 8.33 10.13 -0.55
CA ALA A 85 7.36 11.07 0.08
C ALA A 85 6.72 10.42 1.33
N GLN A 86 6.73 11.15 2.46
CA GLN A 86 6.15 10.70 3.76
C GLN A 86 5.06 11.67 4.24
N PHE A 87 3.88 11.13 4.61
CA PHE A 87 2.67 11.95 4.81
C PHE A 87 1.47 11.14 5.36
N LEU A 88 0.53 11.87 6.00
CA LEU A 88 -0.69 11.27 6.60
C LEU A 88 -1.88 11.11 5.62
N CYS A 89 -2.79 10.17 5.96
CA CYS A 89 -4.15 10.09 5.36
C CYS A 89 -5.21 10.08 6.49
N ASP A 90 -6.35 10.74 6.25
CA ASP A 90 -7.50 10.76 7.19
C ASP A 90 -8.17 9.35 7.30
N ILE A 91 -8.70 9.05 8.51
CA ILE A 91 -9.38 7.77 8.84
C ILE A 91 -10.58 7.33 7.96
N LYS A 92 -11.37 8.23 7.36
CA LYS A 92 -12.33 7.85 6.27
C LYS A 92 -11.75 7.05 5.03
N HIS A 93 -10.45 7.23 4.73
CA HIS A 93 -9.71 6.51 3.67
C HIS A 93 -8.97 5.26 4.24
N VAL A 94 -8.29 5.37 5.42
CA VAL A 94 -7.60 4.21 6.09
C VAL A 94 -8.49 3.41 7.12
N VAL A 95 -9.83 3.45 6.97
CA VAL A 95 -10.80 2.69 7.84
C VAL A 95 -10.70 1.14 7.68
N LEU A 96 -10.58 0.67 6.43
CA LEU A 96 -10.26 -0.75 6.09
C LEU A 96 -8.76 -1.09 5.84
N TYR A 97 -7.80 -0.23 6.23
CA TYR A 97 -6.37 -0.61 6.41
C TYR A 97 -6.11 -1.74 7.48
N PRO A 98 -6.64 -1.80 8.75
CA PRO A 98 -6.53 -3.00 9.61
C PRO A 98 -7.23 -4.32 9.12
N LEU A 99 -8.11 -4.25 8.10
CA LEU A 99 -8.72 -5.44 7.46
C LEU A 99 -7.83 -6.00 6.30
N VAL A 100 -7.26 -5.11 5.46
CA VAL A 100 -6.39 -5.48 4.30
C VAL A 100 -4.90 -5.75 4.70
N ALA A 101 -4.34 -5.06 5.72
CA ALA A 101 -3.10 -5.51 6.40
C ALA A 101 -3.10 -6.97 6.98
N LYS A 102 -4.27 -7.50 7.38
CA LYS A 102 -4.47 -8.94 7.65
C LYS A 102 -4.52 -9.90 6.40
N SER A 103 -4.22 -9.43 5.17
CA SER A 103 -4.10 -10.29 3.96
C SER A 103 -2.89 -9.89 3.05
N LEU A 104 -2.57 -8.60 2.84
CA LEU A 104 -1.25 -8.18 2.26
C LEU A 104 0.04 -8.66 3.00
N ARG A 105 -0.05 -9.00 4.31
CA ARG A 105 0.94 -9.85 5.01
C ARG A 105 0.67 -11.37 4.77
N ASN A 106 -0.52 -11.86 5.16
CA ASN A 106 -0.77 -13.32 5.39
C ASN A 106 -0.98 -14.09 4.06
N ILE A 107 -2.02 -13.72 3.28
CA ILE A 107 -2.30 -14.25 1.91
C ILE A 107 -1.17 -14.01 0.85
N ALA A 108 -0.50 -12.85 0.88
CA ALA A 108 0.68 -12.51 0.03
C ALA A 108 1.97 -13.38 0.16
N VAL A 109 2.04 -14.28 1.16
CA VAL A 109 3.10 -15.32 1.28
C VAL A 109 3.41 -16.18 0.01
N GLY A 110 2.38 -16.60 -0.74
CA GLY A 110 2.56 -17.56 -1.84
C GLY A 110 1.22 -17.85 -2.53
N LYS A 111 0.42 -18.75 -1.92
CA LYS A 111 -0.89 -19.16 -2.48
C LYS A 111 -2.00 -18.16 -2.07
N ASP A 112 -2.59 -17.53 -3.11
CA ASP A 112 -3.71 -16.58 -2.96
C ASP A 112 -5.07 -17.27 -3.37
N PRO A 113 -6.26 -16.89 -2.82
CA PRO A 113 -7.54 -17.63 -3.03
C PRO A 113 -8.10 -17.60 -4.48
N LEU A 114 -8.23 -16.43 -5.12
CA LEU A 114 -8.45 -16.31 -6.59
C LEU A 114 -7.13 -16.36 -7.43
N GLU A 115 -6.05 -15.68 -7.01
CA GLU A 115 -4.81 -15.54 -7.80
C GLU A 115 -3.98 -16.86 -7.75
N GLY A 116 -4.01 -17.62 -8.85
CA GLY A 116 -3.37 -18.96 -8.92
C GLY A 116 -4.22 -20.07 -8.26
N GLN A 117 -5.22 -20.57 -8.99
CA GLN A 117 -6.08 -21.71 -8.53
C GLN A 117 -5.52 -23.07 -9.08
N ARG A 118 -5.54 -23.29 -10.40
CA ARG A 118 -5.08 -24.56 -11.04
C ARG A 118 -3.52 -24.70 -11.05
N HIS A 119 -2.81 -23.84 -11.82
CA HIS A 119 -1.33 -23.92 -12.05
C HIS A 119 -0.94 -25.12 -12.98
N CYS A 120 -0.24 -24.83 -14.09
CA CYS A 120 0.20 -25.85 -15.07
C CYS A 120 1.61 -25.50 -15.63
N CYS A 121 2.51 -26.51 -15.68
CA CYS A 121 3.89 -26.41 -16.21
C CYS A 121 4.80 -25.53 -15.31
N GLY A 122 5.51 -26.17 -14.35
CA GLY A 122 6.28 -25.46 -13.31
C GLY A 122 5.39 -24.98 -12.14
N VAL A 123 5.57 -23.71 -11.74
CA VAL A 123 4.65 -22.93 -10.86
C VAL A 123 3.92 -23.68 -9.70
N ALA A 124 4.53 -23.69 -8.50
CA ALA A 124 3.94 -24.34 -7.30
C ALA A 124 4.50 -23.63 -6.04
N GLN A 125 3.66 -22.83 -5.37
CA GLN A 125 4.10 -22.00 -4.20
C GLN A 125 3.95 -22.85 -2.90
N MET A 126 5.11 -23.22 -2.32
CA MET A 126 5.18 -23.99 -1.04
C MET A 126 5.76 -23.09 0.09
N ARG A 127 4.93 -22.17 0.60
CA ARG A 127 5.32 -21.22 1.68
C ARG A 127 3.99 -20.75 2.33
N GLU A 128 3.78 -21.10 3.62
CA GLU A 128 2.47 -20.94 4.30
C GLU A 128 2.60 -19.98 5.51
N HIS A 129 1.72 -18.97 5.56
CA HIS A 129 1.55 -18.06 6.73
C HIS A 129 0.05 -17.65 6.76
N SER A 130 -0.74 -18.40 7.54
CA SER A 130 -2.14 -18.02 7.88
C SER A 130 -2.23 -18.12 9.43
N SER A 131 -1.97 -16.98 10.11
CA SER A 131 -1.74 -16.95 11.57
C SER A 131 -2.55 -15.81 12.22
N LEU A 132 -2.18 -14.52 11.98
CA LEU A 132 -2.85 -13.32 12.57
C LEU A 132 -2.48 -13.17 14.09
N GLY A 133 -2.00 -11.98 14.46
CA GLY A 133 -1.62 -11.70 15.85
C GLY A 133 -0.84 -10.39 15.95
N HIS A 134 -1.57 -9.27 16.10
CA HIS A 134 -0.97 -7.91 16.23
C HIS A 134 -1.70 -7.12 17.35
N ALA A 135 -0.98 -6.17 17.96
CA ALA A 135 -1.58 -5.13 18.85
C ALA A 135 -1.43 -3.66 18.36
N ASP A 136 -0.61 -3.37 17.33
CA ASP A 136 -0.38 -2.00 16.81
C ASP A 136 -1.38 -1.61 15.67
N LEU A 137 -1.62 -2.49 14.67
CA LEU A 137 -2.80 -2.35 13.75
C LEU A 137 -4.17 -2.75 14.41
N ASP A 138 -4.19 -3.62 15.45
CA ASP A 138 -5.41 -3.82 16.29
C ASP A 138 -5.70 -2.71 17.36
N ALA A 139 -4.76 -1.77 17.64
CA ALA A 139 -5.09 -0.45 18.23
C ALA A 139 -6.11 0.44 17.45
N LEU A 140 -6.18 0.33 16.10
CA LEU A 140 -7.25 0.95 15.27
C LEU A 140 -8.66 0.34 15.43
N GLN A 141 -8.75 -1.00 15.56
CA GLN A 141 -10.02 -1.72 15.88
C GLN A 141 -10.76 -1.28 17.18
N GLN A 142 -10.00 -0.95 18.24
CA GLN A 142 -10.52 -0.26 19.46
C GLN A 142 -10.59 1.29 19.34
N ASN A 143 -9.67 1.97 18.62
CA ASN A 143 -9.61 3.45 18.56
C ASN A 143 -8.95 3.89 17.23
N PRO A 144 -9.67 4.16 16.11
CA PRO A 144 -9.04 4.50 14.79
C PRO A 144 -8.46 5.94 14.76
N GLN A 145 -7.26 6.08 14.15
CA GLN A 145 -6.46 7.33 14.20
C GLN A 145 -5.68 7.55 12.86
N PRO A 146 -5.51 8.78 12.29
CA PRO A 146 -4.89 8.99 10.95
C PRO A 146 -3.34 8.79 10.96
N LEU A 147 -2.85 7.85 10.14
CA LEU A 147 -1.46 7.32 10.23
C LEU A 147 -0.50 7.93 9.18
N ILE A 148 0.82 7.85 9.46
CA ILE A 148 1.91 8.33 8.56
C ILE A 148 2.36 7.12 7.68
N PHE A 149 2.19 7.26 6.37
CA PHE A 149 2.58 6.26 5.36
C PHE A 149 3.82 6.83 4.62
N HIS A 150 5.02 6.34 5.00
CA HIS A 150 6.29 6.69 4.31
C HIS A 150 6.51 5.68 3.17
N MET A 151 6.13 6.10 1.96
CA MET A 151 6.42 5.38 0.71
C MET A 151 7.78 5.82 0.09
N GLU A 152 8.47 4.86 -0.55
CA GLU A 152 9.70 5.11 -1.34
C GLU A 152 9.44 4.44 -2.72
N MET A 153 9.16 5.23 -3.76
CA MET A 153 9.02 4.73 -5.15
C MET A 153 10.39 4.37 -5.76
N LEU A 154 10.44 3.15 -6.31
CA LEU A 154 11.59 2.63 -7.10
C LEU A 154 11.16 2.50 -8.59
N LYS A 155 10.16 1.64 -8.89
CA LYS A 155 9.65 1.40 -10.26
C LYS A 155 8.11 1.51 -10.29
N VAL A 156 7.61 1.69 -11.51
CA VAL A 156 6.15 1.68 -11.81
C VAL A 156 6.02 1.41 -13.35
N GLU A 157 5.24 0.37 -13.69
CA GLU A 157 5.03 -0.08 -15.09
C GLU A 157 3.51 -0.07 -15.39
N SER A 158 3.13 0.64 -16.46
CA SER A 158 1.71 0.87 -16.85
C SER A 158 1.08 -0.29 -17.70
N PRO A 159 -0.27 -0.40 -17.93
CA PRO A 159 -0.90 -1.49 -18.70
C PRO A 159 -0.51 -1.49 -20.21
N GLY A 160 0.33 -2.47 -20.59
CA GLY A 160 1.09 -2.41 -21.85
C GLY A 160 2.52 -2.97 -21.68
N THR A 161 3.30 -2.34 -20.79
CA THR A 161 4.70 -2.71 -20.49
C THR A 161 4.91 -3.73 -19.32
N TYR A 162 4.01 -3.80 -18.31
CA TYR A 162 4.22 -4.63 -17.10
C TYR A 162 4.04 -6.15 -17.36
N GLN A 163 4.85 -6.97 -16.65
CA GLN A 163 4.70 -8.46 -16.58
C GLN A 163 4.90 -9.26 -17.90
N GLN A 164 5.16 -10.58 -17.76
CA GLN A 164 4.91 -11.57 -18.84
C GLN A 164 3.62 -12.36 -18.47
N ASP A 165 2.65 -12.32 -19.39
CA ASP A 165 1.34 -13.01 -19.25
C ASP A 165 1.34 -14.25 -20.16
N ALA A 1 -4.43 16.79 -15.05
CA ALA A 1 -4.76 17.26 -13.68
C ALA A 1 -3.48 17.35 -12.81
N ASP A 2 -3.39 18.40 -11.98
CA ASP A 2 -2.34 18.52 -10.94
C ASP A 2 -2.78 17.71 -9.68
N ILE A 3 -1.98 16.69 -9.32
CA ILE A 3 -2.35 15.70 -8.26
C ILE A 3 -2.11 16.25 -6.82
N ILE A 4 -1.00 16.97 -6.58
CA ILE A 4 -0.79 17.83 -5.37
C ILE A 4 -1.98 18.79 -5.04
N ALA A 5 -2.54 19.48 -6.05
CA ALA A 5 -3.75 20.31 -5.90
C ALA A 5 -5.10 19.56 -5.66
N ARG A 6 -5.32 18.34 -6.21
CA ARG A 6 -6.48 17.48 -5.84
C ARG A 6 -6.36 16.71 -4.48
N LEU A 7 -5.15 16.40 -3.94
CA LEU A 7 -5.02 15.70 -2.64
C LEU A 7 -5.28 16.58 -1.37
N ARG A 8 -4.85 17.86 -1.33
CA ARG A 8 -5.29 18.82 -0.26
C ARG A 8 -6.83 18.95 -0.05
N GLU A 9 -7.61 19.03 -1.15
CA GLU A 9 -9.09 18.90 -1.14
C GLU A 9 -9.69 17.44 -1.04
N ASP A 10 -8.89 16.37 -1.01
CA ASP A 10 -9.37 14.98 -0.74
C ASP A 10 -9.25 14.56 0.77
N GLY A 11 -9.43 15.50 1.74
CA GLY A 11 -9.27 15.21 3.19
C GLY A 11 -7.87 14.84 3.76
N ILE A 12 -6.82 14.93 2.94
CA ILE A 12 -5.47 14.36 3.20
C ILE A 12 -4.40 15.47 2.88
N GLN A 13 -3.22 15.31 3.47
CA GLN A 13 -2.04 16.18 3.22
C GLN A 13 -0.92 15.38 2.52
N LYS A 14 -0.09 16.07 1.73
CA LYS A 14 1.00 15.48 0.91
C LYS A 14 2.33 16.28 1.10
N ARG A 15 3.45 15.56 1.28
CA ARG A 15 4.78 16.16 1.56
C ARG A 15 5.86 15.21 0.97
N VAL A 16 6.67 15.73 0.03
CA VAL A 16 7.80 14.99 -0.58
C VAL A 16 9.14 15.33 0.14
N ILE A 17 9.94 14.29 0.42
CA ILE A 17 11.32 14.42 0.95
C ILE A 17 12.29 14.66 -0.27
N GLN A 18 12.43 13.67 -1.17
CA GLN A 18 13.30 13.77 -2.38
C GLN A 18 12.40 13.59 -3.62
N GLU A 19 12.24 14.67 -4.41
CA GLU A 19 11.62 14.62 -5.76
C GLU A 19 12.48 13.76 -6.74
N GLY A 20 11.88 12.69 -7.27
CA GLY A 20 12.63 11.59 -7.91
C GLY A 20 13.15 11.81 -9.35
N ARG A 21 13.09 10.73 -10.13
CA ARG A 21 13.78 10.64 -11.46
C ARG A 21 12.73 10.35 -12.58
N GLY A 22 12.92 11.03 -13.71
CA GLY A 22 12.23 10.68 -14.98
C GLY A 22 10.79 11.21 -15.09
N GLU A 23 9.89 10.30 -15.52
CA GLU A 23 8.48 10.64 -15.87
C GLU A 23 7.49 10.11 -14.80
N LEU A 24 6.37 10.84 -14.66
CA LEU A 24 5.20 10.39 -13.87
C LEU A 24 4.26 9.56 -14.81
N PRO A 25 4.04 8.22 -14.66
CA PRO A 25 3.21 7.43 -15.61
C PRO A 25 1.66 7.62 -15.44
N ASP A 26 0.86 6.72 -16.04
CA ASP A 26 -0.63 6.84 -16.10
C ASP A 26 -1.34 6.82 -14.71
N PHE A 27 -1.07 5.81 -13.86
CA PHE A 27 -1.84 5.55 -12.60
C PHE A 27 -3.38 5.32 -12.81
N GLN A 28 -3.70 4.37 -13.70
CA GLN A 28 -5.09 3.98 -14.03
C GLN A 28 -5.27 2.44 -13.83
N ASP A 29 -6.39 1.85 -14.30
CA ASP A 29 -6.75 0.43 -14.06
C ASP A 29 -5.73 -0.60 -14.64
N GLY A 30 -4.81 -1.05 -13.77
CA GLY A 30 -3.67 -1.91 -14.16
C GLY A 30 -2.30 -1.20 -14.24
N THR A 31 -1.98 -0.25 -13.33
CA THR A 31 -0.61 0.28 -13.20
C THR A 31 0.02 -0.51 -12.03
N LYS A 32 1.18 -1.11 -12.31
CA LYS A 32 1.95 -1.89 -11.32
C LYS A 32 3.00 -0.97 -10.65
N ALA A 33 2.63 -0.41 -9.51
CA ALA A 33 3.52 0.47 -8.69
C ALA A 33 4.25 -0.37 -7.60
N THR A 34 5.57 -0.51 -7.78
CA THR A 34 6.47 -1.26 -6.86
C THR A 34 7.26 -0.23 -6.00
N PHE A 35 7.12 -0.33 -4.67
CA PHE A 35 7.64 0.68 -3.72
C PHE A 35 7.78 0.07 -2.29
N HIS A 36 8.47 0.79 -1.39
CA HIS A 36 8.48 0.48 0.07
C HIS A 36 7.40 1.28 0.85
N TYR A 37 7.06 0.82 2.08
CA TYR A 37 6.00 1.43 2.92
C TYR A 37 6.40 1.34 4.42
N ARG A 38 6.05 2.37 5.21
CA ARG A 38 6.38 2.41 6.66
C ARG A 38 5.26 3.18 7.38
N THR A 39 4.31 2.43 7.95
CA THR A 39 3.16 3.00 8.68
C THR A 39 3.56 3.22 10.15
N LEU A 40 3.47 4.47 10.60
CA LEU A 40 3.74 4.85 12.01
C LEU A 40 2.67 5.87 12.49
N HIS A 41 2.40 5.89 13.80
CA HIS A 41 1.41 6.79 14.43
C HIS A 41 1.91 8.27 14.40
N SER A 42 1.01 9.18 13.96
CA SER A 42 1.38 10.59 13.66
C SER A 42 1.69 11.43 14.93
N ASP A 43 0.69 11.61 15.82
CA ASP A 43 0.87 12.29 17.14
C ASP A 43 0.26 11.51 18.35
N ASP A 44 -0.63 10.53 18.15
CA ASP A 44 -1.22 9.68 19.22
C ASP A 44 -0.19 8.94 20.14
N GLU A 45 0.82 8.27 19.56
CA GLU A 45 1.98 7.70 20.31
C GLU A 45 3.36 8.09 19.68
N GLY A 46 3.45 8.24 18.34
CA GLY A 46 4.74 8.20 17.62
C GLY A 46 5.34 6.80 17.27
N THR A 47 4.61 5.69 17.51
CA THR A 47 5.14 4.31 17.37
C THR A 47 4.98 3.76 15.93
N VAL A 48 6.02 3.04 15.45
CA VAL A 48 5.97 2.33 14.14
C VAL A 48 5.26 0.98 14.33
N LEU A 49 4.09 0.89 13.69
CA LEU A 49 3.26 -0.34 13.65
C LEU A 49 3.67 -1.35 12.53
N ASP A 50 4.13 -0.86 11.36
CA ASP A 50 4.53 -1.70 10.20
C ASP A 50 5.70 -1.02 9.43
N ASP A 51 6.63 -1.82 8.88
CA ASP A 51 7.90 -1.32 8.30
C ASP A 51 8.40 -2.34 7.24
N SER A 52 8.71 -1.83 6.04
CA SER A 52 9.16 -2.64 4.87
C SER A 52 10.60 -2.31 4.41
N ARG A 53 10.94 -1.01 4.22
CA ARG A 53 12.34 -0.53 4.07
C ARG A 53 13.27 -0.68 5.31
N ALA A 54 12.73 -0.73 6.53
CA ALA A 54 13.47 -1.20 7.73
C ALA A 54 13.96 -2.68 7.67
N ARG A 55 13.13 -3.58 7.10
CA ARG A 55 13.54 -4.96 6.73
C ARG A 55 14.50 -5.03 5.50
N GLY A 56 14.30 -4.17 4.48
CA GLY A 56 14.94 -4.31 3.15
C GLY A 56 14.27 -5.28 2.15
N LYS A 57 12.92 -5.25 2.05
CA LYS A 57 12.18 -6.06 1.05
C LYS A 57 10.87 -5.29 0.62
N PRO A 58 10.69 -4.78 -0.64
CA PRO A 58 9.56 -3.89 -1.00
C PRO A 58 8.23 -4.61 -1.30
N MET A 59 7.14 -3.86 -1.10
CA MET A 59 5.77 -4.29 -1.44
C MET A 59 5.41 -4.00 -2.94
N GLU A 60 4.21 -4.46 -3.32
CA GLU A 60 3.66 -4.33 -4.69
C GLU A 60 2.15 -4.02 -4.61
N LEU A 61 1.77 -2.89 -5.22
CA LEU A 61 0.37 -2.40 -5.29
C LEU A 61 -0.07 -2.42 -6.77
N ILE A 62 -1.27 -2.99 -6.97
CA ILE A 62 -1.98 -3.01 -8.28
C ILE A 62 -3.03 -1.86 -8.19
N ILE A 63 -3.01 -0.95 -9.19
CA ILE A 63 -3.94 0.21 -9.25
C ILE A 63 -5.32 -0.29 -9.81
N GLY A 64 -6.34 -0.42 -8.93
CA GLY A 64 -7.76 -0.64 -9.34
C GLY A 64 -8.05 -1.79 -10.34
N LYS A 65 -7.67 -3.01 -9.97
CA LYS A 65 -7.58 -4.17 -10.91
C LYS A 65 -7.63 -5.46 -10.06
N LYS A 66 -6.60 -5.78 -9.23
CA LYS A 66 -6.73 -6.72 -8.09
C LYS A 66 -6.03 -6.09 -6.84
N PHE A 67 -6.72 -5.13 -6.17
CA PHE A 67 -6.31 -4.61 -4.85
C PHE A 67 -7.52 -4.02 -4.10
N LYS A 68 -7.56 -4.29 -2.79
CA LYS A 68 -8.68 -3.90 -1.90
C LYS A 68 -8.60 -2.46 -1.29
N LEU A 69 -7.40 -1.90 -1.03
CA LEU A 69 -7.21 -0.64 -0.30
C LEU A 69 -7.10 0.56 -1.32
N PRO A 70 -8.04 1.55 -1.35
CA PRO A 70 -8.00 2.71 -2.30
C PRO A 70 -7.08 3.92 -1.93
N VAL A 71 -6.74 4.15 -0.63
CA VAL A 71 -5.80 5.23 -0.21
C VAL A 71 -4.32 4.98 -0.66
N TRP A 72 -3.83 3.72 -0.69
CA TRP A 72 -2.54 3.36 -1.35
C TRP A 72 -2.44 3.75 -2.85
N GLU A 73 -3.55 3.66 -3.60
CA GLU A 73 -3.63 4.08 -5.03
C GLU A 73 -3.70 5.63 -5.29
N THR A 74 -4.20 6.43 -4.32
CA THR A 74 -4.27 7.92 -4.38
C THR A 74 -2.93 8.60 -3.94
N ILE A 75 -2.36 8.21 -2.80
CA ILE A 75 -1.04 8.74 -2.29
C ILE A 75 0.19 8.46 -3.21
N VAL A 76 0.21 7.30 -3.91
CA VAL A 76 1.21 6.96 -4.97
C VAL A 76 1.02 7.69 -6.33
N CYS A 77 -0.20 8.13 -6.69
CA CYS A 77 -0.45 8.86 -7.96
C CYS A 77 0.34 10.20 -8.14
N THR A 78 0.74 10.85 -7.03
CA THR A 78 1.72 11.98 -6.99
C THR A 78 3.24 11.61 -7.23
N MET A 79 3.60 10.31 -7.23
CA MET A 79 5.00 9.83 -7.06
C MET A 79 5.50 9.11 -8.34
N ARG A 80 6.76 9.39 -8.72
CA ARG A 80 7.42 8.80 -9.92
C ARG A 80 8.54 7.80 -9.52
N GLU A 81 9.24 7.20 -10.51
CA GLU A 81 10.34 6.21 -10.28
C GLU A 81 11.54 6.85 -9.54
N GLY A 82 11.73 6.47 -8.26
CA GLY A 82 12.74 7.11 -7.40
C GLY A 82 12.29 8.27 -6.46
N GLU A 83 10.98 8.56 -6.31
CA GLU A 83 10.48 9.67 -5.46
C GLU A 83 10.09 9.13 -4.06
N ILE A 84 10.58 9.82 -3.03
CA ILE A 84 10.39 9.40 -1.61
C ILE A 84 9.53 10.51 -0.96
N ALA A 85 8.32 10.14 -0.52
CA ALA A 85 7.35 11.08 0.10
C ALA A 85 6.67 10.44 1.34
N GLN A 86 6.70 11.17 2.47
CA GLN A 86 6.07 10.74 3.75
C GLN A 86 4.97 11.73 4.17
N PHE A 87 3.79 11.21 4.52
CA PHE A 87 2.60 12.05 4.72
C PHE A 87 1.39 11.30 5.33
N LEU A 88 0.55 12.07 6.07
CA LEU A 88 -0.66 11.56 6.75
C LEU A 88 -1.92 11.48 5.83
N CYS A 89 -2.84 10.58 6.20
CA CYS A 89 -4.20 10.53 5.61
C CYS A 89 -5.24 10.42 6.77
N ASP A 90 -6.41 11.05 6.59
CA ASP A 90 -7.54 10.94 7.55
C ASP A 90 -8.12 9.49 7.60
N ILE A 91 -8.57 9.09 8.80
CA ILE A 91 -9.20 7.77 9.07
C ILE A 91 -10.40 7.33 8.18
N LYS A 92 -11.23 8.22 7.61
CA LYS A 92 -12.18 7.85 6.51
C LYS A 92 -11.58 7.12 5.25
N HIS A 93 -10.29 7.36 4.94
CA HIS A 93 -9.54 6.71 3.83
C HIS A 93 -8.71 5.49 4.36
N VAL A 94 -8.00 5.61 5.52
CA VAL A 94 -7.25 4.48 6.15
C VAL A 94 -8.10 3.61 7.15
N VAL A 95 -9.43 3.58 7.00
CA VAL A 95 -10.38 2.74 7.80
C VAL A 95 -10.22 1.20 7.53
N LEU A 96 -10.02 0.83 6.26
CA LEU A 96 -9.72 -0.55 5.83
C LEU A 96 -8.22 -0.86 5.54
N TYR A 97 -7.26 -0.07 6.04
CA TYR A 97 -5.86 -0.55 6.27
C TYR A 97 -5.75 -1.77 7.25
N PRO A 98 -6.28 -1.81 8.51
CA PRO A 98 -6.23 -3.05 9.35
C PRO A 98 -7.17 -4.23 8.96
N LEU A 99 -7.92 -4.13 7.84
CA LEU A 99 -8.56 -5.29 7.17
C LEU A 99 -7.62 -5.88 6.05
N VAL A 100 -6.98 -5.01 5.24
CA VAL A 100 -6.10 -5.40 4.10
C VAL A 100 -4.64 -5.73 4.53
N ALA A 101 -4.07 -5.09 5.57
CA ALA A 101 -2.84 -5.59 6.26
C ALA A 101 -2.87 -7.06 6.78
N LYS A 102 -4.05 -7.59 7.13
CA LYS A 102 -4.25 -9.04 7.38
C LYS A 102 -4.34 -9.97 6.10
N SER A 103 -4.05 -9.46 4.88
CA SER A 103 -3.90 -10.26 3.64
C SER A 103 -2.66 -9.85 2.79
N LEU A 104 -2.33 -8.55 2.61
CA LEU A 104 -1.01 -8.12 2.04
C LEU A 104 0.29 -8.65 2.75
N ARG A 105 0.20 -8.98 4.05
CA ARG A 105 1.19 -9.84 4.76
C ARG A 105 0.97 -11.37 4.47
N ASN A 106 -0.24 -11.90 4.75
CA ASN A 106 -0.47 -13.36 4.94
C ASN A 106 -0.79 -14.11 3.61
N ILE A 107 -1.83 -13.69 2.87
CA ILE A 107 -2.11 -14.12 1.46
C ILE A 107 -0.92 -13.91 0.44
N ALA A 108 -0.09 -12.87 0.63
CA ALA A 108 1.17 -12.66 -0.14
C ALA A 108 2.30 -13.72 -0.04
N VAL A 109 2.20 -14.76 0.81
CA VAL A 109 3.00 -16.02 0.69
C VAL A 109 3.01 -16.68 -0.74
N GLY A 110 1.82 -16.83 -1.35
CA GLY A 110 1.66 -17.56 -2.62
C GLY A 110 0.81 -16.72 -3.58
N LYS A 111 -0.53 -16.86 -3.53
CA LYS A 111 -1.47 -16.08 -4.38
C LYS A 111 -2.83 -15.78 -3.65
N ASP A 112 -3.65 -14.93 -4.28
CA ASP A 112 -5.04 -14.65 -3.84
C ASP A 112 -6.00 -15.83 -4.22
N PRO A 113 -7.03 -16.22 -3.39
CA PRO A 113 -7.72 -17.52 -3.54
C PRO A 113 -8.54 -17.72 -4.84
N LEU A 114 -9.55 -16.88 -5.12
CA LEU A 114 -10.29 -16.89 -6.40
C LEU A 114 -9.54 -16.07 -7.49
N GLU A 115 -9.46 -14.73 -7.36
CA GLU A 115 -8.87 -13.80 -8.37
C GLU A 115 -9.28 -14.00 -9.87
N GLY A 116 -10.57 -14.28 -10.13
CA GLY A 116 -11.02 -14.92 -11.39
C GLY A 116 -10.62 -16.41 -11.46
N GLN A 117 -11.43 -17.29 -10.85
CA GLN A 117 -11.06 -18.72 -10.64
C GLN A 117 -11.11 -19.53 -11.96
N ARG A 118 -9.92 -19.96 -12.43
CA ARG A 118 -9.74 -20.68 -13.73
C ARG A 118 -8.77 -21.85 -13.48
N HIS A 119 -9.30 -23.08 -13.49
CA HIS A 119 -8.54 -24.31 -13.15
C HIS A 119 -8.22 -25.17 -14.41
N CYS A 120 -7.02 -25.77 -14.42
CA CYS A 120 -6.68 -26.87 -15.37
C CYS A 120 -7.14 -28.25 -14.80
N CYS A 121 -6.53 -28.73 -13.69
CA CYS A 121 -6.98 -29.96 -12.97
C CYS A 121 -8.05 -29.65 -11.89
N GLY A 122 -7.69 -28.89 -10.83
CA GLY A 122 -8.64 -28.55 -9.75
C GLY A 122 -8.00 -27.54 -8.79
N VAL A 123 -8.23 -26.24 -9.05
CA VAL A 123 -7.74 -25.12 -8.20
C VAL A 123 -9.00 -24.63 -7.43
N ALA A 124 -9.17 -25.15 -6.21
CA ALA A 124 -10.38 -24.96 -5.39
C ALA A 124 -10.04 -25.30 -3.91
N GLN A 125 -10.36 -24.35 -3.01
CA GLN A 125 -10.06 -24.44 -1.55
C GLN A 125 -8.55 -24.22 -1.27
N MET A 126 -8.20 -22.99 -0.84
CA MET A 126 -6.81 -22.62 -0.45
C MET A 126 -6.67 -22.86 1.07
N ARG A 127 -5.86 -23.87 1.44
CA ARG A 127 -6.00 -24.55 2.75
C ARG A 127 -5.24 -23.80 3.86
N GLU A 128 -6.02 -23.17 4.77
CA GLU A 128 -5.52 -22.44 5.97
C GLU A 128 -4.66 -21.19 5.62
N HIS A 129 -5.30 -20.02 5.51
CA HIS A 129 -4.60 -18.73 5.35
C HIS A 129 -5.13 -17.76 6.44
N SER A 130 -4.55 -17.87 7.65
CA SER A 130 -4.90 -17.01 8.81
C SER A 130 -3.74 -17.12 9.82
N SER A 131 -2.82 -16.14 9.79
CA SER A 131 -1.60 -16.14 10.64
C SER A 131 -1.54 -14.79 11.40
N LEU A 132 -1.96 -14.81 12.68
CA LEU A 132 -2.03 -13.60 13.53
C LEU A 132 -0.68 -13.28 14.25
N GLY A 133 -0.42 -11.98 14.45
CA GLY A 133 0.76 -11.50 15.17
C GLY A 133 0.81 -9.97 15.12
N HIS A 134 0.04 -9.31 16.00
CA HIS A 134 -0.28 -7.86 15.87
C HIS A 134 -0.94 -7.34 17.18
N ALA A 135 -0.40 -6.21 17.66
CA ALA A 135 -1.04 -5.35 18.68
C ALA A 135 -1.10 -3.82 18.35
N ASP A 136 -0.30 -3.32 17.37
CA ASP A 136 -0.32 -1.90 16.94
C ASP A 136 -1.26 -1.63 15.73
N LEU A 137 -1.24 -2.47 14.66
CA LEU A 137 -2.35 -2.54 13.66
C LEU A 137 -3.67 -3.17 14.23
N ASP A 138 -3.63 -4.04 15.26
CA ASP A 138 -4.84 -4.48 16.00
C ASP A 138 -5.38 -3.46 17.07
N ALA A 139 -4.57 -2.51 17.58
CA ALA A 139 -5.09 -1.28 18.25
C ALA A 139 -6.04 -0.36 17.40
N LEU A 140 -5.91 -0.35 16.07
CA LEU A 140 -6.88 0.30 15.14
C LEU A 140 -8.28 -0.37 15.06
N GLN A 141 -8.33 -1.71 15.12
CA GLN A 141 -9.58 -2.51 15.24
C GLN A 141 -10.51 -2.17 16.45
N GLN A 142 -9.92 -1.81 17.61
CA GLN A 142 -10.63 -1.20 18.75
C GLN A 142 -10.73 0.36 18.68
N ASN A 143 -9.73 1.09 18.13
CA ASN A 143 -9.70 2.58 18.16
C ASN A 143 -8.86 3.09 16.95
N PRO A 144 -9.43 3.41 15.76
CA PRO A 144 -8.64 3.84 14.56
C PRO A 144 -8.10 5.28 14.65
N GLN A 145 -6.90 5.51 14.08
CA GLN A 145 -6.11 6.76 14.26
C GLN A 145 -5.45 7.20 12.90
N PRO A 146 -5.33 8.51 12.53
CA PRO A 146 -4.76 8.91 11.21
C PRO A 146 -3.20 8.78 11.17
N LEU A 147 -2.69 7.95 10.24
CA LEU A 147 -1.30 7.42 10.30
C LEU A 147 -0.39 8.05 9.21
N ILE A 148 0.94 8.03 9.48
CA ILE A 148 2.00 8.47 8.52
C ILE A 148 2.38 7.24 7.64
N PHE A 149 2.09 7.34 6.35
CA PHE A 149 2.47 6.31 5.35
C PHE A 149 3.72 6.84 4.61
N HIS A 150 4.92 6.42 5.08
CA HIS A 150 6.22 6.80 4.48
C HIS A 150 6.50 5.79 3.33
N MET A 151 6.29 6.26 2.11
CA MET A 151 6.47 5.43 0.89
C MET A 151 7.72 5.89 0.10
N GLU A 152 8.44 4.90 -0.45
CA GLU A 152 9.73 5.12 -1.13
C GLU A 152 9.58 4.43 -2.50
N MET A 153 9.33 5.20 -3.58
CA MET A 153 9.19 4.62 -4.94
C MET A 153 10.55 4.24 -5.57
N LEU A 154 10.52 3.08 -6.23
CA LEU A 154 11.66 2.51 -6.98
C LEU A 154 11.28 2.29 -8.48
N LYS A 155 10.19 1.53 -8.76
CA LYS A 155 9.69 1.28 -10.13
C LYS A 155 8.16 1.45 -10.18
N VAL A 156 7.66 1.72 -11.39
CA VAL A 156 6.20 1.81 -11.66
C VAL A 156 6.00 1.67 -13.21
N GLU A 157 5.13 0.70 -13.58
CA GLU A 157 4.82 0.34 -14.99
C GLU A 157 3.31 0.55 -15.29
N SER A 158 3.00 0.80 -16.57
CA SER A 158 1.62 1.14 -17.02
C SER A 158 0.83 -0.06 -17.65
N PRO A 159 -0.53 -0.03 -17.81
CA PRO A 159 -1.31 -1.14 -18.43
C PRO A 159 -1.02 -1.33 -19.96
N GLY A 160 -0.29 -2.41 -20.27
CA GLY A 160 0.39 -2.56 -21.58
C GLY A 160 1.75 -3.27 -21.44
N THR A 161 2.66 -2.66 -20.65
CA THR A 161 4.01 -3.20 -20.38
C THR A 161 4.13 -4.20 -19.18
N TYR A 162 3.31 -4.06 -18.12
CA TYR A 162 3.50 -4.83 -16.86
C TYR A 162 3.18 -6.35 -16.98
N GLN A 163 4.01 -7.19 -16.34
CA GLN A 163 3.73 -8.65 -16.12
C GLN A 163 3.67 -9.46 -17.44
N GLN A 164 4.78 -10.13 -17.79
CA GLN A 164 4.86 -10.97 -19.02
C GLN A 164 4.34 -12.40 -18.73
N ASP A 165 3.36 -12.83 -19.54
CA ASP A 165 2.64 -14.11 -19.34
C ASP A 165 2.92 -14.98 -20.58
N ALA A 1 -4.33 23.72 -12.54
CA ALA A 1 -4.78 22.40 -11.98
C ALA A 1 -3.63 21.37 -11.82
N ASP A 2 -3.03 21.35 -10.62
CA ASP A 2 -2.00 20.34 -10.24
C ASP A 2 -2.65 19.13 -9.52
N ILE A 3 -1.95 17.98 -9.49
CA ILE A 3 -2.43 16.74 -8.81
C ILE A 3 -2.29 16.85 -7.25
N ILE A 4 -1.17 17.37 -6.71
CA ILE A 4 -1.08 17.82 -5.28
C ILE A 4 -2.22 18.82 -4.87
N ALA A 5 -2.59 19.79 -5.73
CA ALA A 5 -3.76 20.69 -5.52
C ALA A 5 -5.16 20.01 -5.46
N ARG A 6 -5.43 18.95 -6.25
CA ARG A 6 -6.66 18.12 -6.09
C ARG A 6 -6.66 17.09 -4.91
N LEU A 7 -5.50 16.50 -4.52
CA LEU A 7 -5.41 15.54 -3.39
C LEU A 7 -5.33 16.20 -1.98
N ARG A 8 -4.77 17.42 -1.81
CA ARG A 8 -4.95 18.24 -0.57
C ARG A 8 -6.44 18.55 -0.18
N GLU A 9 -7.29 18.87 -1.18
CA GLU A 9 -8.78 18.89 -1.00
C GLU A 9 -9.55 17.52 -1.03
N ASP A 10 -8.88 16.35 -1.16
CA ASP A 10 -9.51 15.03 -0.95
C ASP A 10 -9.71 14.60 0.55
N GLY A 11 -9.22 15.36 1.54
CA GLY A 11 -9.11 14.89 2.95
C GLY A 11 -7.69 14.46 3.39
N ILE A 12 -6.96 13.79 2.48
CA ILE A 12 -5.49 13.52 2.58
C ILE A 12 -4.64 14.83 2.35
N GLN A 13 -3.34 14.76 2.65
CA GLN A 13 -2.41 15.92 2.51
C GLN A 13 -0.98 15.39 2.23
N LYS A 14 -0.32 15.90 1.18
CA LYS A 14 1.03 15.40 0.74
C LYS A 14 2.20 16.21 1.36
N ARG A 15 3.37 15.52 1.47
CA ARG A 15 4.68 16.19 1.60
C ARG A 15 5.79 15.25 1.05
N VAL A 16 6.56 15.74 0.08
CA VAL A 16 7.73 15.01 -0.51
C VAL A 16 9.05 15.39 0.21
N ILE A 17 9.89 14.36 0.46
CA ILE A 17 11.28 14.52 0.96
C ILE A 17 12.22 14.79 -0.26
N GLN A 18 12.39 13.78 -1.15
CA GLN A 18 13.22 13.89 -2.38
C GLN A 18 12.30 13.71 -3.62
N GLU A 19 12.13 14.78 -4.41
CA GLU A 19 11.47 14.72 -5.73
C GLU A 19 12.29 13.85 -6.73
N GLY A 20 11.65 12.79 -7.25
CA GLY A 20 12.36 11.68 -7.94
C GLY A 20 12.95 11.95 -9.34
N ARG A 21 13.33 10.82 -9.96
CA ARG A 21 14.19 10.81 -11.17
C ARG A 21 13.39 10.86 -12.50
N GLY A 22 12.60 9.81 -12.77
CA GLY A 22 11.92 9.63 -14.08
C GLY A 22 10.66 10.48 -14.30
N GLU A 23 9.83 10.04 -15.26
CA GLU A 23 8.52 10.66 -15.58
C GLU A 23 7.39 10.00 -14.73
N LEU A 24 6.34 10.78 -14.43
CA LEU A 24 5.14 10.28 -13.73
C LEU A 24 4.24 9.47 -14.73
N PRO A 25 3.92 8.16 -14.53
CA PRO A 25 3.02 7.39 -15.43
C PRO A 25 1.50 7.74 -15.24
N ASP A 26 0.65 7.07 -16.03
CA ASP A 26 -0.83 7.28 -16.01
C ASP A 26 -1.58 7.05 -14.66
N PHE A 27 -1.23 5.99 -13.88
CA PHE A 27 -1.91 5.63 -12.61
C PHE A 27 -3.45 5.38 -12.73
N GLN A 28 -3.81 4.40 -13.56
CA GLN A 28 -5.20 3.94 -13.78
C GLN A 28 -5.30 2.39 -13.61
N ASP A 29 -6.47 1.80 -13.95
CA ASP A 29 -6.78 0.37 -13.68
C ASP A 29 -5.84 -0.60 -14.46
N GLY A 30 -4.85 -1.13 -13.72
CA GLY A 30 -3.75 -1.95 -14.28
C GLY A 30 -2.36 -1.26 -14.30
N THR A 31 -1.97 -0.48 -13.26
CA THR A 31 -0.60 0.07 -13.14
C THR A 31 0.06 -0.73 -11.98
N LYS A 32 1.24 -1.28 -12.27
CA LYS A 32 2.05 -2.03 -11.28
C LYS A 32 3.08 -1.08 -10.63
N ALA A 33 2.72 -0.54 -9.47
CA ALA A 33 3.60 0.35 -8.66
C ALA A 33 4.35 -0.46 -7.56
N THR A 34 5.68 -0.51 -7.71
CA THR A 34 6.60 -1.29 -6.84
C THR A 34 7.41 -0.27 -5.98
N PHE A 35 7.30 -0.40 -4.65
CA PHE A 35 7.81 0.63 -3.70
C PHE A 35 7.98 0.02 -2.27
N HIS A 36 8.66 0.76 -1.38
CA HIS A 36 8.67 0.49 0.08
C HIS A 36 7.59 1.30 0.85
N TYR A 37 7.25 0.85 2.06
CA TYR A 37 6.18 1.45 2.90
C TYR A 37 6.61 1.38 4.40
N ARG A 38 6.23 2.41 5.18
CA ARG A 38 6.54 2.45 6.64
C ARG A 38 5.39 3.21 7.33
N THR A 39 4.42 2.44 7.87
CA THR A 39 3.26 3.00 8.58
C THR A 39 3.62 3.19 10.07
N LEU A 40 3.53 4.44 10.54
CA LEU A 40 3.75 4.79 11.96
C LEU A 40 2.63 5.75 12.45
N HIS A 41 2.40 5.76 13.77
CA HIS A 41 1.38 6.62 14.41
C HIS A 41 1.81 8.10 14.40
N SER A 42 0.86 8.99 14.07
CA SER A 42 1.14 10.44 13.81
C SER A 42 1.49 11.24 15.10
N ASP A 43 0.53 11.35 16.04
CA ASP A 43 0.72 12.03 17.36
C ASP A 43 0.21 11.24 18.60
N ASP A 44 -0.67 10.22 18.43
CA ASP A 44 -1.16 9.35 19.54
C ASP A 44 -0.05 8.69 20.41
N GLU A 45 0.90 7.99 19.78
CA GLU A 45 2.09 7.40 20.45
C GLU A 45 3.43 7.79 19.76
N GLY A 46 3.45 8.00 18.42
CA GLY A 46 4.70 7.99 17.63
C GLY A 46 5.31 6.61 17.26
N THR A 47 4.62 5.49 17.52
CA THR A 47 5.15 4.11 17.34
C THR A 47 5.01 3.63 15.87
N VAL A 48 6.04 2.92 15.38
CA VAL A 48 6.01 2.27 14.04
C VAL A 48 5.27 0.91 14.18
N LEU A 49 4.08 0.87 13.58
CA LEU A 49 3.25 -0.36 13.48
C LEU A 49 3.72 -1.36 12.37
N ASP A 50 4.23 -0.85 11.23
CA ASP A 50 4.69 -1.67 10.10
C ASP A 50 5.88 -0.95 9.39
N ASP A 51 6.83 -1.74 8.87
CA ASP A 51 8.12 -1.25 8.33
C ASP A 51 8.67 -2.29 7.33
N SER A 52 8.90 -1.84 6.08
CA SER A 52 9.44 -2.70 4.98
C SER A 52 10.89 -2.36 4.55
N ARG A 53 11.18 -1.07 4.27
CA ARG A 53 12.57 -0.56 4.11
C ARG A 53 13.51 -0.66 5.33
N ALA A 54 12.97 -0.86 6.55
CA ALA A 54 13.77 -1.19 7.75
C ALA A 54 14.65 -2.48 7.65
N ARG A 55 14.07 -3.56 7.07
CA ARG A 55 14.80 -4.77 6.62
C ARG A 55 15.36 -4.72 5.15
N GLY A 56 14.81 -3.86 4.25
CA GLY A 56 15.18 -3.84 2.82
C GLY A 56 14.38 -4.77 1.87
N LYS A 57 13.10 -5.08 2.17
CA LYS A 57 12.26 -5.99 1.38
C LYS A 57 11.02 -5.20 0.83
N PRO A 58 10.94 -4.79 -0.47
CA PRO A 58 9.85 -3.90 -0.97
C PRO A 58 8.53 -4.65 -1.27
N MET A 59 7.42 -3.90 -1.08
CA MET A 59 6.05 -4.37 -1.41
C MET A 59 5.68 -4.09 -2.91
N GLU A 60 4.49 -4.59 -3.30
CA GLU A 60 3.93 -4.46 -4.66
C GLU A 60 2.41 -4.19 -4.57
N LEU A 61 2.00 -3.05 -5.14
CA LEU A 61 0.59 -2.60 -5.19
C LEU A 61 0.14 -2.60 -6.67
N ILE A 62 -1.07 -3.16 -6.88
CA ILE A 62 -1.77 -3.13 -8.17
C ILE A 62 -2.82 -1.97 -8.04
N ILE A 63 -2.79 -1.06 -9.02
CA ILE A 63 -3.82 0.02 -9.16
C ILE A 63 -5.10 -0.66 -9.75
N GLY A 64 -6.17 -0.81 -8.96
CA GLY A 64 -7.53 -1.15 -9.48
C GLY A 64 -7.71 -2.39 -10.38
N LYS A 65 -7.31 -3.58 -9.88
CA LYS A 65 -7.50 -4.86 -10.61
C LYS A 65 -7.54 -6.03 -9.59
N LYS A 66 -6.50 -6.24 -8.75
CA LYS A 66 -6.55 -7.22 -7.62
C LYS A 66 -5.97 -6.69 -6.27
N PHE A 67 -6.31 -5.45 -5.86
CA PHE A 67 -5.94 -4.89 -4.54
C PHE A 67 -7.20 -4.29 -3.85
N LYS A 68 -7.29 -4.57 -2.54
CA LYS A 68 -8.45 -4.18 -1.70
C LYS A 68 -8.44 -2.73 -1.15
N LEU A 69 -7.26 -2.14 -0.83
CA LEU A 69 -7.14 -0.85 -0.11
C LEU A 69 -6.89 0.31 -1.13
N PRO A 70 -7.87 1.20 -1.48
CA PRO A 70 -7.69 2.28 -2.49
C PRO A 70 -6.89 3.55 -2.08
N VAL A 71 -6.64 3.79 -0.77
CA VAL A 71 -5.77 4.90 -0.28
C VAL A 71 -4.27 4.75 -0.65
N TRP A 72 -3.68 3.53 -0.62
CA TRP A 72 -2.37 3.23 -1.28
C TRP A 72 -2.26 3.61 -2.78
N GLU A 73 -3.35 3.47 -3.55
CA GLU A 73 -3.40 3.87 -5.00
C GLU A 73 -3.46 5.40 -5.30
N THR A 74 -4.09 6.20 -4.42
CA THR A 74 -4.18 7.70 -4.51
C THR A 74 -2.89 8.42 -4.00
N ILE A 75 -2.34 8.00 -2.84
CA ILE A 75 -1.06 8.55 -2.29
C ILE A 75 0.21 8.29 -3.19
N VAL A 76 0.30 7.11 -3.82
CA VAL A 76 1.30 6.82 -4.91
C VAL A 76 1.06 7.54 -6.27
N CYS A 77 -0.18 7.96 -6.59
CA CYS A 77 -0.50 8.67 -7.86
C CYS A 77 0.35 9.95 -8.16
N THR A 78 0.73 10.72 -7.11
CA THR A 78 1.68 11.86 -7.21
C THR A 78 3.21 11.50 -7.04
N MET A 79 3.60 10.21 -7.16
CA MET A 79 4.98 9.73 -6.90
C MET A 79 5.53 9.02 -8.17
N ARG A 80 6.75 9.41 -8.61
CA ARG A 80 7.40 8.86 -9.83
C ARG A 80 8.50 7.80 -9.45
N GLU A 81 9.18 7.24 -10.47
CA GLU A 81 10.32 6.29 -10.27
C GLU A 81 11.50 6.96 -9.51
N GLY A 82 11.69 6.56 -8.24
CA GLY A 82 12.70 7.21 -7.37
C GLY A 82 12.25 8.39 -6.46
N GLU A 83 10.93 8.66 -6.29
CA GLU A 83 10.43 9.72 -5.39
C GLU A 83 10.19 9.13 -3.98
N ILE A 84 10.60 9.88 -2.95
CA ILE A 84 10.45 9.47 -1.53
C ILE A 84 9.58 10.56 -0.88
N ALA A 85 8.38 10.18 -0.41
CA ALA A 85 7.41 11.12 0.20
C ALA A 85 6.76 10.49 1.46
N GLN A 86 6.76 11.26 2.57
CA GLN A 86 6.15 10.82 3.86
C GLN A 86 5.06 11.81 4.31
N PHE A 87 3.87 11.27 4.66
CA PHE A 87 2.66 12.11 4.83
C PHE A 87 1.44 11.30 5.37
N LEU A 88 0.50 12.04 5.99
CA LEU A 88 -0.72 11.44 6.62
C LEU A 88 -1.91 11.23 5.64
N CYS A 89 -2.76 10.25 5.97
CA CYS A 89 -4.10 10.08 5.34
C CYS A 89 -5.19 10.12 6.45
N ASP A 90 -6.34 10.74 6.15
CA ASP A 90 -7.51 10.77 7.08
C ASP A 90 -8.15 9.37 7.24
N ILE A 91 -8.68 9.08 8.44
CA ILE A 91 -9.36 7.81 8.79
C ILE A 91 -10.59 7.39 7.93
N LYS A 92 -11.35 8.31 7.31
CA LYS A 92 -12.29 7.97 6.19
C LYS A 92 -11.70 7.13 4.98
N HIS A 93 -10.39 7.27 4.71
CA HIS A 93 -9.66 6.53 3.66
C HIS A 93 -8.93 5.26 4.24
N VAL A 94 -8.28 5.37 5.43
CA VAL A 94 -7.64 4.21 6.13
C VAL A 94 -8.58 3.46 7.13
N VAL A 95 -9.91 3.51 6.95
CA VAL A 95 -10.93 2.76 7.76
C VAL A 95 -10.84 1.21 7.58
N LEU A 96 -10.68 0.76 6.31
CA LEU A 96 -10.32 -0.64 5.96
C LEU A 96 -8.81 -0.96 5.76
N TYR A 97 -7.87 -0.08 6.19
CA TYR A 97 -6.44 -0.45 6.37
C TYR A 97 -6.17 -1.57 7.42
N PRO A 98 -6.71 -1.66 8.67
CA PRO A 98 -6.57 -2.89 9.51
C PRO A 98 -7.32 -4.18 9.05
N LEU A 99 -8.18 -4.10 8.01
CA LEU A 99 -8.75 -5.30 7.33
C LEU A 99 -7.79 -5.83 6.21
N VAL A 100 -7.19 -4.91 5.42
CA VAL A 100 -6.26 -5.24 4.30
C VAL A 100 -4.78 -5.43 4.74
N ALA A 101 -4.27 -4.73 5.76
CA ALA A 101 -3.03 -5.15 6.49
C ALA A 101 -3.00 -6.60 7.04
N LYS A 102 -4.18 -7.14 7.44
CA LYS A 102 -4.36 -8.59 7.70
C LYS A 102 -4.56 -9.49 6.42
N SER A 103 -4.14 -9.04 5.22
CA SER A 103 -4.16 -9.81 3.95
C SER A 103 -2.93 -9.48 3.04
N LEU A 104 -2.48 -8.22 2.89
CA LEU A 104 -1.16 -7.87 2.27
C LEU A 104 0.11 -8.50 2.93
N ARG A 105 0.05 -8.91 4.22
CA ARG A 105 0.95 -9.94 4.79
C ARG A 105 0.47 -11.39 4.47
N ASN A 106 -0.77 -11.77 4.85
CA ASN A 106 -1.19 -13.19 4.99
C ASN A 106 -1.55 -13.87 3.63
N ILE A 107 -2.56 -13.34 2.91
CA ILE A 107 -2.87 -13.69 1.49
C ILE A 107 -1.67 -13.54 0.48
N ALA A 108 -0.88 -12.47 0.61
CA ALA A 108 0.34 -12.24 -0.22
C ALA A 108 1.56 -13.20 -0.05
N VAL A 109 1.51 -14.17 0.88
CA VAL A 109 2.53 -15.27 0.95
C VAL A 109 2.60 -16.17 -0.34
N GLY A 110 1.45 -16.50 -0.94
CA GLY A 110 1.39 -17.54 -1.98
C GLY A 110 0.01 -17.59 -2.63
N LYS A 111 -0.95 -18.25 -1.96
CA LYS A 111 -2.33 -18.42 -2.46
C LYS A 111 -3.15 -17.12 -2.31
N ASP A 112 -3.61 -16.60 -3.47
CA ASP A 112 -4.57 -15.46 -3.53
C ASP A 112 -6.03 -15.96 -3.82
N PRO A 113 -7.12 -15.23 -3.44
CA PRO A 113 -8.52 -15.61 -3.78
C PRO A 113 -8.89 -15.59 -5.30
N LEU A 114 -8.35 -14.61 -6.08
CA LEU A 114 -8.37 -14.67 -7.57
C LEU A 114 -7.20 -15.55 -8.10
N GLU A 115 -5.92 -15.10 -7.98
CA GLU A 115 -4.71 -15.84 -8.44
C GLU A 115 -4.65 -16.05 -10.00
N GLY A 116 -3.78 -16.93 -10.49
CA GLY A 116 -3.74 -17.32 -11.92
C GLY A 116 -4.74 -18.45 -12.21
N GLN A 117 -5.90 -18.07 -12.77
CA GLN A 117 -7.09 -18.97 -12.89
C GLN A 117 -6.92 -19.89 -14.13
N ARG A 118 -6.73 -21.19 -13.87
CA ARG A 118 -6.27 -22.21 -14.87
C ARG A 118 -4.80 -21.93 -15.30
N HIS A 119 -3.84 -22.51 -14.58
CA HIS A 119 -2.39 -22.29 -14.79
C HIS A 119 -1.80 -23.32 -15.80
N CYS A 120 -1.12 -22.81 -16.84
CA CYS A 120 -0.52 -23.64 -17.92
C CYS A 120 0.77 -24.41 -17.48
N CYS A 121 1.83 -23.70 -17.05
CA CYS A 121 3.10 -24.33 -16.59
C CYS A 121 2.99 -24.85 -15.12
N GLY A 122 2.90 -23.96 -14.13
CA GLY A 122 2.78 -24.37 -12.71
C GLY A 122 2.81 -23.15 -11.79
N VAL A 123 1.63 -22.57 -11.50
CA VAL A 123 1.48 -21.42 -10.56
C VAL A 123 0.52 -21.92 -9.45
N ALA A 124 1.09 -22.55 -8.41
CA ALA A 124 0.34 -23.10 -7.26
C ALA A 124 1.33 -23.19 -6.07
N GLN A 125 1.17 -22.29 -5.10
CA GLN A 125 2.22 -22.01 -4.08
C GLN A 125 1.86 -22.75 -2.76
N MET A 126 2.69 -23.74 -2.41
CA MET A 126 2.48 -24.58 -1.19
C MET A 126 3.31 -23.99 -0.02
N ARG A 127 2.61 -23.37 0.96
CA ARG A 127 3.25 -22.71 2.13
C ARG A 127 2.22 -22.70 3.31
N GLU A 128 2.68 -23.12 4.50
CA GLU A 128 1.89 -23.06 5.76
C GLU A 128 1.67 -21.62 6.29
N HIS A 129 2.76 -20.83 6.53
CA HIS A 129 2.70 -19.42 7.00
C HIS A 129 2.31 -19.30 8.51
N SER A 130 3.04 -18.44 9.24
CA SER A 130 2.67 -18.02 10.62
C SER A 130 1.57 -16.92 10.56
N SER A 131 0.30 -17.34 10.74
CA SER A 131 -0.88 -16.45 10.62
C SER A 131 -1.21 -15.79 11.99
N LEU A 132 -1.50 -14.48 11.93
CA LEU A 132 -1.75 -13.60 13.11
C LEU A 132 -0.56 -13.43 14.11
N GLY A 133 -0.38 -12.19 14.59
CA GLY A 133 0.68 -11.82 15.56
C GLY A 133 0.89 -10.31 15.53
N HIS A 134 0.05 -9.57 16.28
CA HIS A 134 -0.14 -8.11 16.08
C HIS A 134 -0.87 -7.48 17.29
N ALA A 135 -0.34 -6.32 17.73
CA ALA A 135 -1.02 -5.40 18.69
C ALA A 135 -0.99 -3.89 18.30
N ASP A 136 -0.17 -3.45 17.31
CA ASP A 136 -0.14 -2.05 16.81
C ASP A 136 -1.09 -1.81 15.59
N LEU A 137 -1.07 -2.67 14.56
CA LEU A 137 -2.15 -2.75 13.54
C LEU A 137 -3.49 -3.35 14.05
N ASP A 138 -3.50 -4.17 15.13
CA ASP A 138 -4.75 -4.50 15.88
C ASP A 138 -5.18 -3.44 16.96
N ALA A 139 -4.34 -2.46 17.35
CA ALA A 139 -4.80 -1.23 18.06
C ALA A 139 -5.81 -0.32 17.30
N LEU A 140 -5.80 -0.31 15.95
CA LEU A 140 -6.84 0.35 15.11
C LEU A 140 -8.27 -0.26 15.20
N GLN A 141 -8.36 -1.60 15.32
CA GLN A 141 -9.62 -2.33 15.63
C GLN A 141 -10.39 -1.90 16.92
N GLN A 142 -9.65 -1.56 18.00
CA GLN A 142 -10.21 -0.89 19.21
C GLN A 142 -10.24 0.67 19.12
N ASN A 143 -9.30 1.35 18.41
CA ASN A 143 -9.20 2.82 18.39
C ASN A 143 -8.53 3.26 17.06
N PRO A 144 -9.26 3.63 15.96
CA PRO A 144 -8.63 4.11 14.70
C PRO A 144 -8.24 5.63 14.77
N GLN A 145 -7.05 5.95 14.22
CA GLN A 145 -6.52 7.36 14.19
C GLN A 145 -5.67 7.58 12.89
N PRO A 146 -5.60 8.79 12.27
CA PRO A 146 -4.94 8.99 10.94
C PRO A 146 -3.40 8.84 10.98
N LEU A 147 -2.87 7.96 10.12
CA LEU A 147 -1.48 7.41 10.25
C LEU A 147 -0.52 8.05 9.21
N ILE A 148 0.79 7.99 9.49
CA ILE A 148 1.88 8.47 8.58
C ILE A 148 2.35 7.27 7.72
N PHE A 149 2.18 7.41 6.40
CA PHE A 149 2.58 6.40 5.39
C PHE A 149 3.84 6.96 4.67
N HIS A 150 5.02 6.48 5.07
CA HIS A 150 6.31 6.83 4.39
C HIS A 150 6.54 5.79 3.26
N MET A 151 6.16 6.20 2.04
CA MET A 151 6.51 5.46 0.81
C MET A 151 7.89 5.89 0.25
N GLU A 152 8.62 4.92 -0.32
CA GLU A 152 9.88 5.16 -1.04
C GLU A 152 9.68 4.45 -2.41
N MET A 153 9.39 5.21 -3.49
CA MET A 153 9.27 4.64 -4.85
C MET A 153 10.63 4.27 -5.48
N LEU A 154 10.61 3.12 -6.17
CA LEU A 154 11.78 2.58 -6.93
C LEU A 154 11.41 2.40 -8.43
N LYS A 155 10.31 1.67 -8.75
CA LYS A 155 9.88 1.40 -10.15
C LYS A 155 8.33 1.36 -10.23
N VAL A 156 7.78 1.65 -11.42
CA VAL A 156 6.32 1.68 -11.68
C VAL A 156 6.08 1.52 -13.22
N GLU A 157 5.16 0.61 -13.56
CA GLU A 157 4.83 0.23 -14.96
C GLU A 157 3.31 0.45 -15.25
N SER A 158 2.99 0.69 -16.53
CA SER A 158 1.62 1.05 -16.99
C SER A 158 0.85 -0.14 -17.67
N PRO A 159 -0.51 -0.11 -17.89
CA PRO A 159 -1.26 -1.21 -18.54
C PRO A 159 -0.92 -1.40 -20.04
N GLY A 160 -0.20 -2.50 -20.34
CA GLY A 160 0.49 -2.66 -21.64
C GLY A 160 1.87 -3.34 -21.48
N THR A 161 2.74 -2.73 -20.64
CA THR A 161 4.10 -3.25 -20.35
C THR A 161 4.21 -4.26 -19.17
N TYR A 162 3.36 -4.17 -18.13
CA TYR A 162 3.50 -5.01 -16.91
C TYR A 162 3.07 -6.49 -17.17
N GLN A 163 4.02 -7.43 -17.00
CA GLN A 163 3.81 -8.89 -17.28
C GLN A 163 3.37 -9.17 -18.75
N GLN A 164 4.35 -9.29 -19.66
CA GLN A 164 4.09 -9.60 -21.09
C GLN A 164 4.44 -11.09 -21.32
N ASP A 165 3.39 -11.91 -21.46
CA ASP A 165 3.51 -13.39 -21.50
C ASP A 165 3.49 -13.85 -22.97
N ALA A 1 -4.72 22.23 -13.44
CA ALA A 1 -4.71 21.90 -11.99
C ALA A 1 -3.46 21.07 -11.60
N ASP A 2 -2.78 21.51 -10.53
CA ASP A 2 -1.72 20.70 -9.85
C ASP A 2 -2.39 19.61 -8.96
N ILE A 3 -1.80 18.39 -8.96
CA ILE A 3 -2.41 17.20 -8.29
C ILE A 3 -2.19 17.23 -6.75
N ILE A 4 -1.00 17.56 -6.23
CA ILE A 4 -0.80 17.87 -4.77
C ILE A 4 -1.78 18.98 -4.22
N ALA A 5 -2.05 20.04 -5.00
CA ALA A 5 -3.11 21.04 -4.68
C ALA A 5 -4.59 20.52 -4.65
N ARG A 6 -4.98 19.55 -5.50
CA ARG A 6 -6.28 18.82 -5.37
C ARG A 6 -6.36 17.81 -4.17
N LEU A 7 -5.24 17.14 -3.80
CA LEU A 7 -5.19 16.12 -2.72
C LEU A 7 -5.13 16.70 -1.27
N ARG A 8 -4.46 17.84 -1.01
CA ARG A 8 -4.59 18.58 0.27
C ARG A 8 -6.05 18.99 0.69
N GLU A 9 -6.87 19.45 -0.28
CA GLU A 9 -8.35 19.59 -0.12
C GLU A 9 -9.23 18.29 -0.24
N ASP A 10 -8.66 17.09 -0.47
CA ASP A 10 -9.41 15.79 -0.41
C ASP A 10 -9.56 15.16 1.01
N GLY A 11 -9.19 15.85 2.11
CA GLY A 11 -9.11 15.24 3.47
C GLY A 11 -7.69 14.79 3.87
N ILE A 12 -7.00 14.11 2.95
CA ILE A 12 -5.55 13.76 3.04
C ILE A 12 -4.62 15.01 2.92
N GLN A 13 -3.32 14.83 3.23
CA GLN A 13 -2.31 15.92 3.13
C GLN A 13 -0.99 15.28 2.63
N LYS A 14 -0.52 15.72 1.45
CA LYS A 14 0.67 15.13 0.77
C LYS A 14 1.92 16.04 0.93
N ARG A 15 3.08 15.42 1.26
CA ARG A 15 4.37 16.14 1.45
C ARG A 15 5.54 15.26 0.93
N VAL A 16 6.29 15.76 -0.06
CA VAL A 16 7.46 15.04 -0.66
C VAL A 16 8.80 15.45 0.01
N ILE A 17 9.67 14.44 0.21
CA ILE A 17 11.06 14.64 0.68
C ILE A 17 11.97 14.92 -0.57
N GLN A 18 12.14 13.92 -1.46
CA GLN A 18 12.97 14.04 -2.69
C GLN A 18 12.06 13.81 -3.91
N GLU A 19 11.83 14.87 -4.71
CA GLU A 19 11.18 14.75 -6.04
C GLU A 19 12.08 13.95 -7.03
N GLY A 20 11.54 12.85 -7.57
CA GLY A 20 12.32 11.83 -8.30
C GLY A 20 12.78 12.20 -9.73
N ARG A 21 12.87 11.16 -10.58
CA ARG A 21 13.40 11.30 -11.97
C ARG A 21 12.47 10.54 -12.96
N GLY A 22 12.21 11.15 -14.13
CA GLY A 22 11.52 10.50 -15.25
C GLY A 22 10.04 10.90 -15.44
N GLU A 23 9.36 10.13 -16.30
CA GLU A 23 7.94 10.36 -16.68
C GLU A 23 6.98 9.68 -15.68
N LEU A 24 5.88 10.37 -15.38
CA LEU A 24 4.81 9.89 -14.45
C LEU A 24 3.82 8.96 -15.23
N PRO A 25 3.67 7.62 -14.96
CA PRO A 25 2.77 6.71 -15.73
C PRO A 25 1.24 6.91 -15.46
N ASP A 26 0.40 5.93 -15.87
CA ASP A 26 -1.09 6.06 -15.87
C ASP A 26 -1.74 6.29 -14.48
N PHE A 27 -1.60 5.32 -13.54
CA PHE A 27 -2.26 5.36 -12.20
C PHE A 27 -3.82 5.51 -12.20
N GLN A 28 -4.52 4.67 -12.99
CA GLN A 28 -6.00 4.70 -13.09
C GLN A 28 -6.52 3.36 -13.67
N ASP A 29 -6.94 2.43 -12.77
CA ASP A 29 -7.38 1.05 -13.11
C ASP A 29 -6.43 0.25 -14.07
N GLY A 30 -5.18 0.05 -13.61
CA GLY A 30 -4.16 -0.71 -14.35
C GLY A 30 -2.82 0.04 -14.32
N THR A 31 -1.98 -0.24 -13.31
CA THR A 31 -0.56 0.17 -13.26
C THR A 31 0.07 -0.73 -12.14
N LYS A 32 1.24 -1.31 -12.42
CA LYS A 32 2.04 -2.07 -11.41
C LYS A 32 3.06 -1.12 -10.74
N ALA A 33 2.74 -0.66 -9.53
CA ALA A 33 3.62 0.24 -8.74
C ALA A 33 4.37 -0.55 -7.63
N THR A 34 5.69 -0.66 -7.80
CA THR A 34 6.61 -1.35 -6.85
C THR A 34 7.34 -0.24 -6.04
N PHE A 35 7.22 -0.32 -4.71
CA PHE A 35 7.71 0.74 -3.77
C PHE A 35 7.92 0.15 -2.34
N HIS A 36 8.62 0.91 -1.48
CA HIS A 36 8.66 0.63 -0.02
C HIS A 36 7.54 1.39 0.76
N TYR A 37 7.29 0.94 2.01
CA TYR A 37 6.24 1.53 2.89
C TYR A 37 6.71 1.42 4.38
N ARG A 38 6.35 2.44 5.19
CA ARG A 38 6.63 2.43 6.65
C ARG A 38 5.47 3.16 7.34
N THR A 39 4.50 2.37 7.83
CA THR A 39 3.30 2.90 8.52
C THR A 39 3.60 3.03 10.02
N LEU A 40 3.49 4.25 10.54
CA LEU A 40 3.68 4.55 11.98
C LEU A 40 2.58 5.54 12.45
N HIS A 41 2.29 5.50 13.76
CA HIS A 41 1.27 6.37 14.41
C HIS A 41 1.78 7.83 14.50
N SER A 42 0.90 8.79 14.15
CA SER A 42 1.28 10.21 13.95
C SER A 42 1.65 10.94 15.27
N ASP A 43 0.67 11.15 16.17
CA ASP A 43 0.90 11.69 17.55
C ASP A 43 0.15 10.93 18.70
N ASP A 44 -0.75 9.97 18.39
CA ASP A 44 -1.52 9.21 19.41
C ASP A 44 -0.66 8.22 20.24
N GLU A 45 0.04 7.26 19.58
CA GLU A 45 1.03 6.37 20.25
C GLU A 45 2.50 6.82 19.93
N GLY A 46 2.78 7.28 18.69
CA GLY A 46 4.16 7.39 18.16
C GLY A 46 4.87 6.08 17.70
N THR A 47 4.17 4.94 17.67
CA THR A 47 4.76 3.60 17.41
C THR A 47 4.73 3.23 15.91
N VAL A 48 5.78 2.54 15.44
CA VAL A 48 5.81 1.94 14.08
C VAL A 48 5.06 0.57 14.13
N LEU A 49 3.93 0.53 13.42
CA LEU A 49 3.11 -0.69 13.26
C LEU A 49 3.61 -1.65 12.12
N ASP A 50 4.16 -1.09 11.01
CA ASP A 50 4.65 -1.87 9.85
C ASP A 50 5.85 -1.12 9.20
N ASP A 51 6.81 -1.90 8.67
CA ASP A 51 8.13 -1.37 8.21
C ASP A 51 8.76 -2.34 7.18
N SER A 52 9.00 -1.84 5.95
CA SER A 52 9.56 -2.65 4.83
C SER A 52 11.01 -2.28 4.42
N ARG A 53 11.28 -0.98 4.18
CA ARG A 53 12.65 -0.43 4.04
C ARG A 53 13.57 -0.52 5.30
N ALA A 54 12.99 -0.68 6.50
CA ALA A 54 13.73 -1.14 7.70
C ALA A 54 14.51 -2.48 7.56
N ARG A 55 13.84 -3.46 6.94
CA ARG A 55 14.41 -4.77 6.54
C ARG A 55 15.31 -4.72 5.28
N GLY A 56 15.01 -3.83 4.31
CA GLY A 56 15.57 -3.88 2.96
C GLY A 56 14.72 -4.48 1.83
N LYS A 57 13.45 -4.88 2.08
CA LYS A 57 12.65 -5.61 1.05
C LYS A 57 11.33 -4.84 0.70
N PRO A 58 10.99 -4.51 -0.58
CA PRO A 58 9.80 -3.68 -0.92
C PRO A 58 8.49 -4.47 -1.14
N MET A 59 7.37 -3.74 -1.00
CA MET A 59 6.01 -4.22 -1.33
C MET A 59 5.64 -4.01 -2.83
N GLU A 60 4.44 -4.51 -3.19
CA GLU A 60 3.87 -4.38 -4.55
C GLU A 60 2.34 -4.10 -4.45
N LEU A 61 1.94 -2.97 -5.05
CA LEU A 61 0.52 -2.54 -5.15
C LEU A 61 0.13 -2.55 -6.65
N ILE A 62 -1.03 -3.15 -6.91
CA ILE A 62 -1.70 -3.13 -8.23
C ILE A 62 -2.79 -2.03 -8.12
N ILE A 63 -2.78 -1.12 -9.11
CA ILE A 63 -3.80 -0.03 -9.23
C ILE A 63 -5.11 -0.64 -9.81
N GLY A 64 -6.18 -0.65 -9.00
CA GLY A 64 -7.58 -0.90 -9.46
C GLY A 64 -7.88 -2.16 -10.32
N LYS A 65 -7.49 -3.33 -9.82
CA LYS A 65 -7.67 -4.63 -10.52
C LYS A 65 -7.61 -5.77 -9.46
N LYS A 66 -6.43 -5.99 -8.83
CA LYS A 66 -6.20 -7.04 -7.82
C LYS A 66 -6.25 -6.56 -6.33
N PHE A 67 -5.91 -5.29 -6.03
CA PHE A 67 -5.73 -4.81 -4.64
C PHE A 67 -7.04 -4.21 -4.05
N LYS A 68 -7.25 -4.50 -2.76
CA LYS A 68 -8.44 -4.05 -1.99
C LYS A 68 -8.41 -2.58 -1.45
N LEU A 69 -7.24 -2.05 -1.05
CA LEU A 69 -7.13 -0.74 -0.32
C LEU A 69 -6.87 0.42 -1.34
N PRO A 70 -7.85 1.32 -1.69
CA PRO A 70 -7.64 2.42 -2.67
C PRO A 70 -6.82 3.68 -2.23
N VAL A 71 -6.62 3.89 -0.91
CA VAL A 71 -5.77 5.00 -0.38
C VAL A 71 -4.25 4.85 -0.71
N TRP A 72 -3.66 3.62 -0.67
CA TRP A 72 -2.33 3.33 -1.26
C TRP A 72 -2.14 3.76 -2.74
N GLU A 73 -3.18 3.59 -3.57
CA GLU A 73 -3.20 4.05 -5.00
C GLU A 73 -3.22 5.60 -5.20
N THR A 74 -3.98 6.34 -4.36
CA THR A 74 -4.01 7.83 -4.31
C THR A 74 -2.72 8.46 -3.67
N ILE A 75 -2.15 7.85 -2.59
CA ILE A 75 -0.76 8.13 -2.11
C ILE A 75 0.31 8.12 -3.25
N VAL A 76 0.36 7.03 -4.05
CA VAL A 76 1.34 6.88 -5.16
C VAL A 76 0.95 7.47 -6.55
N CYS A 77 -0.28 7.99 -6.75
CA CYS A 77 -0.68 8.62 -8.02
C CYS A 77 0.18 9.84 -8.46
N THR A 78 0.61 10.70 -7.51
CA THR A 78 1.59 11.79 -7.76
C THR A 78 3.11 11.36 -7.81
N MET A 79 3.45 10.07 -7.57
CA MET A 79 4.85 9.60 -7.34
C MET A 79 5.39 8.89 -8.61
N ARG A 80 6.61 9.27 -9.02
CA ARG A 80 7.32 8.71 -10.20
C ARG A 80 8.52 7.82 -9.75
N GLU A 81 9.20 7.15 -10.72
CA GLU A 81 10.34 6.22 -10.45
C GLU A 81 11.54 6.93 -9.76
N GLY A 82 11.71 6.62 -8.46
CA GLY A 82 12.69 7.33 -7.59
C GLY A 82 12.18 8.52 -6.72
N GLU A 83 10.86 8.74 -6.57
CA GLU A 83 10.30 9.82 -5.72
C GLU A 83 9.96 9.27 -4.32
N ILE A 84 10.35 10.02 -3.28
CA ILE A 84 10.21 9.58 -1.86
C ILE A 84 9.32 10.65 -1.17
N ALA A 85 8.13 10.24 -0.68
CA ALA A 85 7.19 11.15 0.01
C ALA A 85 6.65 10.51 1.31
N GLN A 86 6.67 11.30 2.40
CA GLN A 86 6.27 10.86 3.76
C GLN A 86 5.23 11.83 4.33
N PHE A 87 4.06 11.30 4.73
CA PHE A 87 2.87 12.14 5.04
C PHE A 87 1.68 11.31 5.62
N LEU A 88 0.70 12.00 6.22
CA LEU A 88 -0.54 11.37 6.78
C LEU A 88 -1.74 11.31 5.79
N CYS A 89 -2.63 10.31 6.03
CA CYS A 89 -3.98 10.26 5.40
C CYS A 89 -5.07 10.21 6.50
N ASP A 90 -6.22 10.86 6.25
CA ASP A 90 -7.38 10.86 7.19
C ASP A 90 -8.06 9.46 7.26
N ILE A 91 -8.59 9.14 8.47
CA ILE A 91 -9.30 7.85 8.75
C ILE A 91 -10.51 7.45 7.86
N LYS A 92 -11.28 8.39 7.28
CA LYS A 92 -12.22 8.07 6.17
C LYS A 92 -11.66 7.30 4.91
N HIS A 93 -10.34 7.44 4.63
CA HIS A 93 -9.62 6.74 3.54
C HIS A 93 -8.89 5.46 4.08
N VAL A 94 -8.21 5.54 5.26
CA VAL A 94 -7.55 4.34 5.91
C VAL A 94 -8.48 3.54 6.90
N VAL A 95 -9.82 3.59 6.73
CA VAL A 95 -10.81 2.86 7.57
C VAL A 95 -10.73 1.30 7.42
N LEU A 96 -10.61 0.82 6.17
CA LEU A 96 -10.29 -0.60 5.85
C LEU A 96 -8.78 -0.94 5.60
N TYR A 97 -7.83 -0.07 6.02
CA TYR A 97 -6.40 -0.45 6.18
C TYR A 97 -6.11 -1.57 7.22
N PRO A 98 -6.63 -1.67 8.49
CA PRO A 98 -6.49 -2.91 9.31
C PRO A 98 -7.18 -4.22 8.79
N LEU A 99 -8.11 -4.12 7.82
CA LEU A 99 -8.68 -5.32 7.13
C LEU A 99 -7.72 -5.84 6.01
N VAL A 100 -7.14 -4.93 5.20
CA VAL A 100 -6.21 -5.27 4.08
C VAL A 100 -4.73 -5.50 4.54
N ALA A 101 -4.22 -4.79 5.55
CA ALA A 101 -2.98 -5.19 6.29
C ALA A 101 -2.94 -6.64 6.86
N LYS A 102 -4.10 -7.20 7.24
CA LYS A 102 -4.25 -8.64 7.55
C LYS A 102 -4.35 -9.61 6.30
N SER A 103 -4.00 -9.17 5.07
CA SER A 103 -3.91 -10.01 3.86
C SER A 103 -2.71 -9.63 2.93
N LEU A 104 -2.38 -8.34 2.73
CA LEU A 104 -1.08 -7.91 2.11
C LEU A 104 0.24 -8.42 2.80
N ARG A 105 0.18 -8.76 4.11
CA ARG A 105 1.18 -9.63 4.78
C ARG A 105 0.89 -11.15 4.58
N ASN A 106 -0.32 -11.64 4.94
CA ASN A 106 -0.59 -13.08 5.18
C ASN A 106 -0.88 -13.88 3.87
N ILE A 107 -1.92 -13.49 3.11
CA ILE A 107 -2.21 -13.99 1.73
C ILE A 107 -1.05 -13.79 0.69
N ALA A 108 -0.30 -12.67 0.78
CA ALA A 108 0.90 -12.39 -0.06
C ALA A 108 2.18 -13.25 0.15
N VAL A 109 2.17 -14.27 1.04
CA VAL A 109 3.18 -15.38 1.04
C VAL A 109 3.40 -16.08 -0.35
N GLY A 110 2.32 -16.41 -1.07
CA GLY A 110 2.42 -16.96 -2.43
C GLY A 110 1.04 -17.20 -3.10
N LYS A 111 0.24 -16.12 -3.26
CA LYS A 111 -1.15 -16.17 -3.82
C LYS A 111 -2.16 -17.00 -3.00
N ASP A 112 -3.36 -16.42 -2.74
CA ASP A 112 -4.56 -17.14 -2.21
C ASP A 112 -4.42 -17.81 -0.79
N PRO A 113 -5.51 -18.20 -0.06
CA PRO A 113 -5.40 -18.83 1.30
C PRO A 113 -4.73 -20.23 1.33
N LEU A 114 -5.20 -21.20 0.52
CA LEU A 114 -4.51 -22.51 0.35
C LEU A 114 -3.49 -22.37 -0.83
N GLU A 115 -3.94 -22.58 -2.09
CA GLU A 115 -3.13 -22.46 -3.34
C GLU A 115 -1.64 -22.91 -3.26
N GLY A 116 -1.41 -24.23 -3.09
CA GLY A 116 -0.06 -24.81 -2.91
C GLY A 116 0.80 -24.26 -1.74
N GLN A 117 0.31 -24.39 -0.48
CA GLN A 117 0.99 -23.80 0.70
C GLN A 117 2.00 -24.80 1.34
N ARG A 118 3.29 -24.43 1.33
CA ARG A 118 4.35 -25.09 2.15
C ARG A 118 4.58 -24.37 3.51
N HIS A 119 4.81 -23.03 3.51
CA HIS A 119 5.07 -22.19 4.70
C HIS A 119 6.43 -22.52 5.37
N CYS A 120 7.52 -21.90 4.87
CA CYS A 120 8.87 -22.04 5.45
C CYS A 120 9.64 -20.69 5.31
N CYS A 121 9.33 -19.74 6.21
CA CYS A 121 10.14 -18.52 6.42
C CYS A 121 9.97 -18.11 7.90
N GLY A 122 10.69 -18.82 8.80
CA GLY A 122 10.40 -18.81 10.25
C GLY A 122 9.02 -19.37 10.68
N VAL A 123 8.65 -20.57 10.19
CA VAL A 123 7.31 -21.19 10.43
C VAL A 123 7.55 -22.70 10.67
N ALA A 124 6.94 -23.24 11.76
CA ALA A 124 6.97 -24.67 12.13
C ALA A 124 8.31 -25.10 12.79
N GLN A 125 8.21 -25.72 13.97
CA GLN A 125 9.36 -26.16 14.81
C GLN A 125 10.21 -24.97 15.34
N MET A 126 9.62 -24.19 16.27
CA MET A 126 10.27 -23.04 16.92
C MET A 126 9.53 -22.89 18.29
N ARG A 127 8.51 -22.01 18.38
CA ARG A 127 7.59 -21.90 19.54
C ARG A 127 6.26 -21.36 18.95
N GLU A 128 5.27 -22.26 18.74
CA GLU A 128 4.04 -21.93 17.98
C GLU A 128 2.92 -21.46 18.96
N HIS A 129 2.67 -20.13 18.98
CA HIS A 129 1.59 -19.52 19.80
C HIS A 129 1.06 -18.31 18.98
N SER A 130 -0.08 -18.50 18.28
CA SER A 130 -0.75 -17.47 17.45
C SER A 130 0.07 -17.05 16.19
N SER A 131 -0.39 -17.47 14.99
CA SER A 131 0.25 -17.07 13.69
C SER A 131 -0.01 -15.59 13.31
N LEU A 132 -1.28 -15.17 13.14
CA LEU A 132 -1.67 -13.74 13.00
C LEU A 132 -2.44 -13.26 14.26
N GLY A 133 -2.27 -11.97 14.59
CA GLY A 133 -2.88 -11.37 15.79
C GLY A 133 -2.62 -9.86 15.84
N HIS A 134 -1.40 -9.48 16.29
CA HIS A 134 -0.93 -8.07 16.32
C HIS A 134 -1.58 -7.25 17.49
N ALA A 135 -0.85 -6.23 17.97
CA ALA A 135 -1.41 -5.16 18.84
C ALA A 135 -1.12 -3.69 18.38
N ASP A 136 -0.53 -3.47 17.20
CA ASP A 136 -0.32 -2.12 16.60
C ASP A 136 -1.30 -1.87 15.42
N LEU A 137 -1.40 -2.78 14.44
CA LEU A 137 -2.50 -2.81 13.45
C LEU A 137 -3.85 -3.39 14.01
N ASP A 138 -3.88 -4.18 15.12
CA ASP A 138 -5.13 -4.43 15.89
C ASP A 138 -5.53 -3.30 16.89
N ALA A 139 -4.64 -2.36 17.28
CA ALA A 139 -5.04 -1.07 17.92
C ALA A 139 -6.04 -0.16 17.13
N LEU A 140 -6.02 -0.18 15.78
CA LEU A 140 -7.06 0.47 14.94
C LEU A 140 -8.49 -0.14 15.01
N GLN A 141 -8.58 -1.48 15.13
CA GLN A 141 -9.86 -2.21 15.40
C GLN A 141 -10.65 -1.76 16.67
N GLN A 142 -9.94 -1.46 17.77
CA GLN A 142 -10.50 -0.80 18.97
C GLN A 142 -10.54 0.76 18.90
N ASN A 143 -9.57 1.43 18.23
CA ASN A 143 -9.47 2.91 18.22
C ASN A 143 -8.75 3.36 16.91
N PRO A 144 -9.45 3.70 15.79
CA PRO A 144 -8.78 4.15 14.53
C PRO A 144 -8.33 5.65 14.59
N GLN A 145 -7.12 5.92 14.06
CA GLN A 145 -6.52 7.28 14.07
C GLN A 145 -5.64 7.52 12.80
N PRO A 146 -5.49 8.77 12.23
CA PRO A 146 -4.83 8.98 10.91
C PRO A 146 -3.29 8.77 10.95
N LEU A 147 -2.80 7.88 10.07
CA LEU A 147 -1.43 7.29 10.18
C LEU A 147 -0.44 7.93 9.16
N ILE A 148 0.86 7.85 9.49
CA ILE A 148 1.97 8.34 8.63
C ILE A 148 2.44 7.16 7.72
N PHE A 149 2.29 7.35 6.40
CA PHE A 149 2.72 6.38 5.37
C PHE A 149 3.99 6.98 4.71
N HIS A 150 5.18 6.51 5.13
CA HIS A 150 6.47 6.87 4.49
C HIS A 150 6.70 5.87 3.33
N MET A 151 6.42 6.33 2.11
CA MET A 151 6.57 5.51 0.88
C MET A 151 7.76 6.00 0.01
N GLU A 152 8.43 5.04 -0.64
CA GLU A 152 9.65 5.30 -1.42
C GLU A 152 9.43 4.58 -2.78
N MET A 153 9.11 5.33 -3.85
CA MET A 153 9.02 4.77 -5.22
C MET A 153 10.41 4.41 -5.79
N LEU A 154 10.49 3.20 -6.37
CA LEU A 154 11.68 2.68 -7.07
C LEU A 154 11.36 2.41 -8.57
N LYS A 155 10.38 1.53 -8.87
CA LYS A 155 9.95 1.22 -10.26
C LYS A 155 8.42 1.18 -10.32
N VAL A 156 7.87 1.58 -11.47
CA VAL A 156 6.41 1.65 -11.71
C VAL A 156 6.16 1.55 -13.24
N GLU A 157 5.26 0.64 -13.61
CA GLU A 157 5.07 0.16 -15.00
C GLU A 157 3.60 0.34 -15.46
N SER A 158 3.42 0.63 -16.75
CA SER A 158 2.07 0.80 -17.37
C SER A 158 1.53 -0.50 -18.07
N PRO A 159 0.20 -0.71 -18.28
CA PRO A 159 -0.38 -1.96 -18.86
C PRO A 159 -0.02 -2.15 -20.36
N GLY A 160 0.71 -3.25 -20.62
CA GLY A 160 1.52 -3.38 -21.85
C GLY A 160 2.92 -3.95 -21.55
N THR A 161 3.66 -3.26 -20.63
CA THR A 161 4.99 -3.73 -20.13
C THR A 161 4.91 -4.64 -18.87
N TYR A 162 3.96 -4.44 -17.93
CA TYR A 162 3.92 -5.20 -16.66
C TYR A 162 3.39 -6.66 -16.80
N GLN A 163 3.99 -7.56 -16.00
CA GLN A 163 3.59 -8.99 -15.86
C GLN A 163 3.78 -9.89 -17.12
N GLN A 164 4.20 -11.15 -16.88
CA GLN A 164 3.95 -12.28 -17.80
C GLN A 164 3.22 -13.36 -16.93
N ASP A 165 1.92 -13.53 -17.23
CA ASP A 165 1.00 -14.45 -16.51
C ASP A 165 0.86 -14.07 -15.01
N ALA A 1 -4.40 21.94 -14.11
CA ALA A 1 -4.75 20.65 -13.47
C ALA A 1 -3.53 20.08 -12.70
N ASP A 2 -3.64 20.04 -11.36
CA ASP A 2 -2.53 19.64 -10.44
C ASP A 2 -3.06 18.59 -9.43
N ILE A 3 -2.29 17.51 -9.24
CA ILE A 3 -2.67 16.37 -8.34
C ILE A 3 -2.35 16.66 -6.84
N ILE A 4 -1.20 17.27 -6.51
CA ILE A 4 -0.92 17.88 -5.16
C ILE A 4 -2.06 18.85 -4.67
N ALA A 5 -2.56 19.73 -5.54
CA ALA A 5 -3.78 20.55 -5.28
C ALA A 5 -5.13 19.78 -5.13
N ARG A 6 -5.34 18.65 -5.84
CA ARG A 6 -6.53 17.75 -5.61
C ARG A 6 -6.46 16.86 -4.32
N LEU A 7 -5.28 16.41 -3.88
CA LEU A 7 -5.12 15.57 -2.66
C LEU A 7 -5.25 16.34 -1.31
N ARG A 8 -4.72 17.56 -1.17
CA ARG A 8 -5.02 18.45 0.00
C ARG A 8 -6.53 18.71 0.31
N GLU A 9 -7.35 18.94 -0.74
CA GLU A 9 -8.85 18.92 -0.63
C GLU A 9 -9.57 17.54 -0.63
N ASP A 10 -8.86 16.38 -0.73
CA ASP A 10 -9.46 15.04 -0.54
C ASP A 10 -9.65 14.58 0.94
N GLY A 11 -9.28 15.39 1.96
CA GLY A 11 -9.18 14.92 3.37
C GLY A 11 -7.75 14.55 3.84
N ILE A 12 -6.98 13.92 2.95
CA ILE A 12 -5.54 13.59 3.13
C ILE A 12 -4.63 14.86 2.95
N GLN A 13 -3.35 14.71 3.35
CA GLN A 13 -2.28 15.70 3.01
C GLN A 13 -1.08 14.96 2.38
N LYS A 14 -0.44 15.63 1.40
CA LYS A 14 0.77 15.10 0.69
C LYS A 14 1.99 16.01 1.01
N ARG A 15 3.14 15.38 1.36
CA ARG A 15 4.42 16.09 1.63
C ARG A 15 5.59 15.23 1.08
N VAL A 16 6.48 15.86 0.30
CA VAL A 16 7.67 15.20 -0.31
C VAL A 16 8.99 15.53 0.47
N ILE A 17 9.90 14.53 0.47
CA ILE A 17 11.29 14.68 0.98
C ILE A 17 12.23 14.98 -0.23
N GLN A 18 12.42 14.01 -1.15
CA GLN A 18 13.36 14.14 -2.30
C GLN A 18 12.58 13.90 -3.62
N GLU A 19 12.25 14.99 -4.34
CA GLU A 19 11.64 14.97 -5.70
C GLU A 19 12.36 14.03 -6.71
N GLY A 20 11.67 12.97 -7.19
CA GLY A 20 12.30 11.91 -8.01
C GLY A 20 12.54 12.24 -9.50
N ARG A 21 12.52 11.17 -10.31
CA ARG A 21 12.94 11.22 -11.74
C ARG A 21 12.07 10.22 -12.60
N GLY A 22 12.35 10.16 -13.91
CA GLY A 22 11.61 9.26 -14.84
C GLY A 22 10.35 9.75 -15.57
N GLU A 23 9.73 10.83 -15.06
CA GLU A 23 8.43 11.39 -15.54
C GLU A 23 7.23 10.54 -15.02
N LEU A 24 6.16 11.22 -14.55
CA LEU A 24 5.01 10.57 -13.89
C LEU A 24 4.16 9.74 -14.93
N PRO A 25 4.03 8.38 -14.84
CA PRO A 25 3.33 7.56 -15.87
C PRO A 25 1.77 7.59 -15.73
N ASP A 26 1.09 6.49 -16.09
CA ASP A 26 -0.39 6.40 -16.12
C ASP A 26 -1.05 6.51 -14.70
N PHE A 27 -0.82 5.54 -13.79
CA PHE A 27 -1.56 5.41 -12.49
C PHE A 27 -3.11 5.40 -12.64
N GLN A 28 -3.59 4.33 -13.29
CA GLN A 28 -5.03 4.03 -13.48
C GLN A 28 -5.27 2.49 -13.36
N ASP A 29 -6.49 2.02 -13.66
CA ASP A 29 -6.92 0.62 -13.39
C ASP A 29 -6.11 -0.43 -14.22
N GLY A 30 -5.09 -1.01 -13.55
CA GLY A 30 -4.09 -1.89 -14.18
C GLY A 30 -2.64 -1.31 -14.23
N THR A 31 -2.13 -0.65 -13.16
CA THR A 31 -0.72 -0.18 -13.11
C THR A 31 -0.05 -0.98 -11.97
N LYS A 32 1.11 -1.57 -12.29
CA LYS A 32 1.96 -2.28 -11.29
C LYS A 32 3.00 -1.29 -10.69
N ALA A 33 2.64 -0.72 -9.53
CA ALA A 33 3.52 0.22 -8.78
C ALA A 33 4.29 -0.53 -7.64
N THR A 34 5.62 -0.55 -7.78
CA THR A 34 6.54 -1.28 -6.86
C THR A 34 7.32 -0.22 -6.03
N PHE A 35 7.23 -0.33 -4.70
CA PHE A 35 7.72 0.71 -3.76
C PHE A 35 7.96 0.14 -2.32
N HIS A 36 8.59 0.93 -1.45
CA HIS A 36 8.67 0.66 0.01
C HIS A 36 7.57 1.42 0.81
N TYR A 37 7.33 0.98 2.06
CA TYR A 37 6.27 1.55 2.94
C TYR A 37 6.73 1.48 4.43
N ARG A 38 6.40 2.52 5.23
CA ARG A 38 6.73 2.55 6.68
C ARG A 38 5.57 3.26 7.41
N THR A 39 4.67 2.44 7.96
CA THR A 39 3.48 2.93 8.70
C THR A 39 3.84 3.08 10.20
N LEU A 40 3.74 4.33 10.68
CA LEU A 40 3.93 4.65 12.11
C LEU A 40 2.82 5.63 12.58
N HIS A 41 2.48 5.60 13.89
CA HIS A 41 1.47 6.51 14.49
C HIS A 41 1.91 8.00 14.46
N SER A 42 0.94 8.90 14.14
CA SER A 42 1.19 10.35 14.00
C SER A 42 1.57 11.05 15.34
N ASP A 43 0.63 11.06 16.32
CA ASP A 43 0.85 11.63 17.67
C ASP A 43 0.20 10.80 18.84
N ASP A 44 -0.70 9.83 18.57
CA ASP A 44 -1.32 8.95 19.60
C ASP A 44 -0.31 8.11 20.44
N GLU A 45 0.52 7.31 19.78
CA GLU A 45 1.62 6.54 20.41
C GLU A 45 3.02 7.04 19.95
N GLY A 46 3.18 7.43 18.66
CA GLY A 46 4.49 7.52 18.01
C GLY A 46 5.20 6.19 17.60
N THR A 47 4.50 5.05 17.68
CA THR A 47 5.11 3.71 17.44
C THR A 47 5.06 3.31 15.94
N VAL A 48 6.11 2.65 15.48
CA VAL A 48 6.16 2.04 14.13
C VAL A 48 5.49 0.64 14.20
N LEU A 49 4.30 0.56 13.60
CA LEU A 49 3.56 -0.71 13.44
C LEU A 49 4.09 -1.62 12.30
N ASP A 50 4.61 -1.03 11.19
CA ASP A 50 5.13 -1.79 10.02
C ASP A 50 6.29 -0.99 9.35
N ASP A 51 7.32 -1.72 8.87
CA ASP A 51 8.55 -1.10 8.33
C ASP A 51 9.17 -2.06 7.27
N SER A 52 9.23 -1.57 6.02
CA SER A 52 9.69 -2.36 4.84
C SER A 52 11.11 -1.96 4.35
N ARG A 53 11.36 -0.66 4.11
CA ARG A 53 12.72 -0.10 3.88
C ARG A 53 13.73 -0.17 5.06
N ALA A 54 13.23 -0.29 6.31
CA ALA A 54 14.07 -0.71 7.46
C ALA A 54 14.72 -2.12 7.34
N ARG A 55 13.98 -3.11 6.80
CA ARG A 55 14.53 -4.43 6.37
C ARG A 55 15.27 -4.42 4.99
N GLY A 56 14.91 -3.51 4.05
CA GLY A 56 15.31 -3.59 2.63
C GLY A 56 14.51 -4.54 1.70
N LYS A 57 13.23 -4.81 2.00
CA LYS A 57 12.40 -5.81 1.29
C LYS A 57 11.12 -5.11 0.72
N PRO A 58 11.07 -4.60 -0.55
CA PRO A 58 9.95 -3.74 -1.03
C PRO A 58 8.63 -4.49 -1.32
N MET A 59 7.52 -3.77 -1.09
CA MET A 59 6.14 -4.26 -1.39
C MET A 59 5.73 -4.03 -2.88
N GLU A 60 4.54 -4.53 -3.21
CA GLU A 60 3.95 -4.44 -4.58
C GLU A 60 2.42 -4.18 -4.45
N LEU A 61 2.00 -3.04 -5.02
CA LEU A 61 0.58 -2.62 -5.08
C LEU A 61 0.16 -2.64 -6.56
N ILE A 62 -1.02 -3.22 -6.79
CA ILE A 62 -1.73 -3.19 -8.10
C ILE A 62 -2.81 -2.07 -7.96
N ILE A 63 -2.80 -1.14 -8.93
CA ILE A 63 -3.79 -0.03 -9.02
C ILE A 63 -5.14 -0.60 -9.55
N GLY A 64 -6.19 -0.65 -8.70
CA GLY A 64 -7.59 -0.86 -9.13
C GLY A 64 -7.92 -2.08 -10.04
N LYS A 65 -7.51 -3.28 -9.63
CA LYS A 65 -7.48 -4.47 -10.52
C LYS A 65 -7.39 -5.74 -9.61
N LYS A 66 -6.25 -5.98 -8.92
CA LYS A 66 -6.14 -7.01 -7.85
C LYS A 66 -6.40 -6.43 -6.41
N PHE A 67 -5.75 -5.31 -6.05
CA PHE A 67 -5.56 -4.92 -4.62
C PHE A 67 -6.84 -4.33 -3.96
N LYS A 68 -6.98 -4.65 -2.68
CA LYS A 68 -8.15 -4.27 -1.85
C LYS A 68 -8.15 -2.83 -1.27
N LEU A 69 -6.99 -2.26 -0.89
CA LEU A 69 -6.89 -0.99 -0.13
C LEU A 69 -6.66 0.21 -1.12
N PRO A 70 -7.66 1.11 -1.41
CA PRO A 70 -7.50 2.23 -2.36
C PRO A 70 -6.67 3.48 -1.92
N VAL A 71 -6.42 3.66 -0.60
CA VAL A 71 -5.57 4.78 -0.07
C VAL A 71 -4.06 4.65 -0.42
N TRP A 72 -3.45 3.43 -0.43
CA TRP A 72 -2.12 3.19 -1.07
C TRP A 72 -1.98 3.66 -2.53
N GLU A 73 -3.03 3.46 -3.35
CA GLU A 73 -3.11 3.95 -4.77
C GLU A 73 -3.18 5.50 -4.92
N THR A 74 -3.94 6.20 -4.06
CA THR A 74 -4.00 7.69 -4.00
C THR A 74 -2.71 8.35 -3.40
N ILE A 75 -2.08 7.75 -2.37
CA ILE A 75 -0.68 8.06 -1.92
C ILE A 75 0.33 8.05 -3.12
N VAL A 76 0.42 6.94 -3.88
CA VAL A 76 1.39 6.79 -5.00
C VAL A 76 0.99 7.36 -6.39
N CYS A 77 -0.26 7.79 -6.64
CA CYS A 77 -0.65 8.47 -7.91
C CYS A 77 0.14 9.78 -8.24
N THR A 78 0.55 10.54 -7.22
CA THR A 78 1.51 11.69 -7.34
C THR A 78 3.04 11.32 -7.45
N MET A 79 3.44 10.04 -7.29
CA MET A 79 4.86 9.64 -7.07
C MET A 79 5.46 8.92 -8.31
N ARG A 80 6.65 9.36 -8.76
CA ARG A 80 7.36 8.82 -9.95
C ARG A 80 8.59 7.95 -9.57
N GLU A 81 9.28 7.33 -10.56
CA GLU A 81 10.39 6.37 -10.34
C GLU A 81 11.61 7.02 -9.60
N GLY A 82 11.77 6.68 -8.31
CA GLY A 82 12.74 7.37 -7.43
C GLY A 82 12.25 8.54 -6.54
N GLU A 83 10.92 8.72 -6.35
CA GLU A 83 10.32 9.76 -5.48
C GLU A 83 10.16 9.22 -4.05
N ILE A 84 10.52 10.05 -3.05
CA ILE A 84 10.44 9.65 -1.63
C ILE A 84 9.56 10.73 -0.96
N ALA A 85 8.34 10.33 -0.54
CA ALA A 85 7.36 11.24 0.08
C ALA A 85 6.71 10.58 1.33
N GLN A 86 6.71 11.36 2.43
CA GLN A 86 6.27 10.89 3.77
C GLN A 86 5.15 11.81 4.27
N PHE A 87 3.98 11.20 4.60
CA PHE A 87 2.74 11.96 4.82
C PHE A 87 1.58 11.12 5.43
N LEU A 88 0.63 11.82 6.08
CA LEU A 88 -0.57 11.21 6.69
C LEU A 88 -1.78 11.04 5.72
N CYS A 89 -2.70 10.14 6.09
CA CYS A 89 -4.05 10.03 5.45
C CYS A 89 -5.14 9.94 6.55
N ASP A 90 -6.28 10.63 6.34
CA ASP A 90 -7.44 10.61 7.27
C ASP A 90 -8.07 9.20 7.41
N ILE A 91 -8.56 8.88 8.64
CA ILE A 91 -9.18 7.56 8.96
C ILE A 91 -10.41 7.10 8.10
N LYS A 92 -11.20 8.00 7.51
CA LYS A 92 -12.15 7.62 6.40
C LYS A 92 -11.55 6.84 5.18
N HIS A 93 -10.26 7.04 4.87
CA HIS A 93 -9.51 6.32 3.81
C HIS A 93 -8.74 5.10 4.38
N VAL A 94 -8.06 5.24 5.56
CA VAL A 94 -7.34 4.11 6.23
C VAL A 94 -8.21 3.26 7.24
N VAL A 95 -9.57 3.28 7.11
CA VAL A 95 -10.51 2.44 7.90
C VAL A 95 -10.36 0.91 7.63
N LEU A 96 -10.22 0.52 6.35
CA LEU A 96 -9.89 -0.87 5.93
C LEU A 96 -8.38 -1.16 5.65
N TYR A 97 -7.42 -0.30 6.05
CA TYR A 97 -6.00 -0.68 6.20
C TYR A 97 -5.72 -1.86 7.20
N PRO A 98 -6.20 -1.93 8.48
CA PRO A 98 -6.05 -3.13 9.33
C PRO A 98 -6.83 -4.42 8.92
N LEU A 99 -7.74 -4.36 7.93
CA LEU A 99 -8.38 -5.54 7.31
C LEU A 99 -7.53 -6.10 6.11
N VAL A 100 -7.02 -5.23 5.23
CA VAL A 100 -6.15 -5.58 4.07
C VAL A 100 -4.68 -5.92 4.44
N ALA A 101 -4.12 -5.37 5.53
CA ALA A 101 -2.92 -5.94 6.21
C ALA A 101 -2.94 -7.46 6.53
N LYS A 102 -4.14 -8.05 6.81
CA LYS A 102 -4.33 -9.52 6.85
C LYS A 102 -4.51 -10.23 5.46
N SER A 103 -4.11 -9.62 4.34
CA SER A 103 -4.11 -10.22 2.97
C SER A 103 -2.88 -9.79 2.11
N LEU A 104 -2.44 -8.51 2.14
CA LEU A 104 -1.11 -8.08 1.63
C LEU A 104 0.14 -8.82 2.23
N ARG A 105 0.05 -9.31 3.48
CA ARG A 105 0.92 -10.39 4.01
C ARG A 105 0.49 -11.79 3.46
N ASN A 106 -0.76 -12.24 3.71
CA ASN A 106 -1.11 -13.70 3.69
C ASN A 106 -1.42 -14.24 2.27
N ILE A 107 -2.39 -13.63 1.55
CA ILE A 107 -2.66 -13.89 0.10
C ILE A 107 -1.43 -13.62 -0.86
N ALA A 108 -0.54 -12.66 -0.53
CA ALA A 108 0.75 -12.43 -1.26
C ALA A 108 1.82 -13.56 -1.25
N VAL A 109 1.63 -14.68 -0.52
CA VAL A 109 2.39 -15.96 -0.76
C VAL A 109 2.39 -16.48 -2.23
N GLY A 110 1.22 -16.47 -2.89
CA GLY A 110 1.04 -17.10 -4.21
C GLY A 110 -0.02 -16.34 -5.03
N LYS A 111 -1.26 -16.83 -5.02
CA LYS A 111 -2.37 -16.27 -5.84
C LYS A 111 -3.66 -16.04 -4.99
N ASP A 112 -4.58 -15.23 -5.57
CA ASP A 112 -5.94 -15.00 -5.01
C ASP A 112 -6.83 -16.30 -5.07
N PRO A 113 -7.78 -16.57 -4.12
CA PRO A 113 -8.48 -17.87 -4.03
C PRO A 113 -9.46 -18.20 -5.19
N LEU A 114 -10.50 -17.37 -5.44
CA LEU A 114 -11.45 -17.59 -6.56
C LEU A 114 -10.85 -17.08 -7.90
N GLU A 115 -10.71 -15.74 -8.08
CA GLU A 115 -10.20 -15.09 -9.34
C GLU A 115 -10.78 -15.59 -10.71
N GLY A 116 -12.10 -15.81 -10.79
CA GLY A 116 -12.72 -16.61 -11.87
C GLY A 116 -12.37 -18.12 -11.74
N GLN A 117 -13.13 -18.84 -10.88
CA GLN A 117 -12.71 -20.19 -10.40
C GLN A 117 -13.01 -21.31 -11.45
N ARG A 118 -11.98 -21.62 -12.25
CA ARG A 118 -11.96 -22.75 -13.21
C ARG A 118 -10.50 -22.79 -13.76
N HIS A 119 -9.64 -23.62 -13.15
CA HIS A 119 -8.17 -23.60 -13.43
C HIS A 119 -7.74 -25.05 -13.76
N CYS A 120 -7.78 -25.39 -15.07
CA CYS A 120 -7.51 -26.77 -15.60
C CYS A 120 -8.52 -27.82 -15.05
N CYS A 121 -8.11 -28.64 -14.06
CA CYS A 121 -9.04 -29.38 -13.15
C CYS A 121 -8.88 -28.81 -11.71
N GLY A 122 -7.72 -29.02 -11.06
CA GLY A 122 -7.36 -28.31 -9.81
C GLY A 122 -5.83 -28.11 -9.75
N VAL A 123 -5.34 -27.03 -10.39
CA VAL A 123 -3.89 -26.76 -10.54
C VAL A 123 -3.41 -25.72 -9.48
N ALA A 124 -2.16 -25.89 -9.01
CA ALA A 124 -1.41 -24.91 -8.18
C ALA A 124 -1.89 -24.86 -6.70
N GLN A 125 -0.94 -25.07 -5.77
CA GLN A 125 -1.22 -25.04 -4.31
C GLN A 125 -1.36 -23.59 -3.76
N MET A 126 -2.41 -23.38 -2.95
CA MET A 126 -2.61 -22.13 -2.18
C MET A 126 -3.16 -22.53 -0.77
N ARG A 127 -2.25 -22.95 0.12
CA ARG A 127 -2.60 -23.46 1.47
C ARG A 127 -1.63 -22.77 2.48
N GLU A 128 -2.20 -21.95 3.39
CA GLU A 128 -1.40 -21.21 4.41
C GLU A 128 -2.22 -21.15 5.74
N HIS A 129 -1.54 -21.42 6.87
CA HIS A 129 -2.05 -21.05 8.22
C HIS A 129 -1.79 -19.53 8.43
N SER A 130 -2.89 -18.75 8.48
CA SER A 130 -2.83 -17.27 8.38
C SER A 130 -2.34 -16.59 9.69
N SER A 131 -1.47 -15.58 9.53
CA SER A 131 -1.01 -14.71 10.63
C SER A 131 -2.13 -13.66 10.97
N LEU A 132 -2.79 -13.87 12.13
CA LEU A 132 -3.99 -13.07 12.53
C LEU A 132 -3.89 -12.68 14.02
N GLY A 133 -4.32 -11.45 14.32
CA GLY A 133 -4.45 -10.94 15.69
C GLY A 133 -3.24 -10.06 16.04
N HIS A 134 -3.26 -8.79 15.59
CA HIS A 134 -2.08 -7.91 15.65
C HIS A 134 -2.52 -6.55 16.27
N ALA A 135 -2.24 -6.32 17.56
CA ALA A 135 -2.62 -5.05 18.26
C ALA A 135 -1.97 -3.72 17.79
N ASP A 136 -0.84 -3.75 17.06
CA ASP A 136 -0.19 -2.55 16.46
C ASP A 136 -1.00 -1.91 15.29
N LEU A 137 -1.40 -2.70 14.27
CA LEU A 137 -2.33 -2.25 13.21
C LEU A 137 -3.83 -2.19 13.64
N ASP A 138 -4.29 -3.12 14.50
CA ASP A 138 -5.64 -3.07 15.13
C ASP A 138 -5.82 -2.03 16.29
N ALA A 139 -4.86 -1.11 16.49
CA ALA A 139 -5.06 0.18 17.21
C ALA A 139 -6.19 1.11 16.66
N LEU A 140 -6.47 1.13 15.34
CA LEU A 140 -7.66 1.85 14.77
C LEU A 140 -9.04 1.19 15.05
N GLN A 141 -9.11 -0.15 14.99
CA GLN A 141 -10.29 -0.95 15.42
C GLN A 141 -10.87 -0.61 16.83
N GLN A 142 -9.98 -0.32 17.81
CA GLN A 142 -10.33 0.23 19.14
C GLN A 142 -10.40 1.79 19.20
N ASN A 143 -9.52 2.53 18.48
CA ASN A 143 -9.44 4.02 18.57
C ASN A 143 -8.94 4.58 17.21
N PRO A 144 -9.80 5.00 16.23
CA PRO A 144 -9.35 5.44 14.89
C PRO A 144 -8.71 6.86 14.85
N GLN A 145 -7.53 6.98 14.22
CA GLN A 145 -6.81 8.27 14.03
C GLN A 145 -5.89 8.18 12.76
N PRO A 146 -5.53 9.28 12.03
CA PRO A 146 -4.66 9.20 10.82
C PRO A 146 -3.21 8.72 11.15
N LEU A 147 -2.72 7.76 10.34
CA LEU A 147 -1.33 7.21 10.47
C LEU A 147 -0.39 7.88 9.43
N ILE A 148 0.93 7.83 9.70
CA ILE A 148 2.00 8.33 8.79
C ILE A 148 2.47 7.15 7.89
N PHE A 149 2.22 7.28 6.58
CA PHE A 149 2.64 6.30 5.55
C PHE A 149 3.84 6.92 4.79
N HIS A 150 5.06 6.46 5.14
CA HIS A 150 6.31 6.87 4.44
C HIS A 150 6.53 5.88 3.26
N MET A 151 6.13 6.30 2.05
CA MET A 151 6.42 5.57 0.80
C MET A 151 7.77 6.02 0.16
N GLU A 152 8.44 5.06 -0.50
CA GLU A 152 9.67 5.32 -1.30
C GLU A 152 9.44 4.59 -2.65
N MET A 153 9.11 5.34 -3.72
CA MET A 153 9.00 4.80 -5.10
C MET A 153 10.39 4.44 -5.69
N LEU A 154 10.44 3.26 -6.31
CA LEU A 154 11.62 2.75 -7.06
C LEU A 154 11.25 2.53 -8.56
N LYS A 155 10.20 1.75 -8.87
CA LYS A 155 9.77 1.42 -10.25
C LYS A 155 8.22 1.35 -10.33
N VAL A 156 7.69 1.55 -11.55
CA VAL A 156 6.22 1.50 -11.81
C VAL A 156 6.02 1.23 -13.34
N GLU A 157 5.15 0.24 -13.64
CA GLU A 157 4.92 -0.28 -15.00
C GLU A 157 3.41 -0.09 -15.34
N SER A 158 3.13 0.48 -16.52
CA SER A 158 1.77 0.89 -16.95
C SER A 158 0.97 -0.24 -17.69
N PRO A 159 -0.40 -0.16 -17.90
CA PRO A 159 -1.18 -1.20 -18.64
C PRO A 159 -0.81 -1.26 -20.15
N GLY A 160 -0.08 -2.33 -20.51
CA GLY A 160 0.66 -2.39 -21.78
C GLY A 160 2.03 -3.08 -21.63
N THR A 161 2.87 -2.56 -20.72
CA THR A 161 4.23 -3.10 -20.44
C THR A 161 4.31 -4.14 -19.27
N TYR A 162 3.44 -4.07 -18.24
CA TYR A 162 3.56 -4.94 -17.05
C TYR A 162 3.13 -6.42 -17.33
N GLN A 163 3.79 -7.36 -16.63
CA GLN A 163 3.43 -8.80 -16.68
C GLN A 163 3.60 -9.48 -15.28
N GLN A 164 2.82 -10.54 -15.04
CA GLN A 164 2.99 -11.42 -13.86
C GLN A 164 3.86 -12.65 -14.27
N ASP A 165 4.85 -12.97 -13.42
CA ASP A 165 5.79 -14.10 -13.67
C ASP A 165 5.15 -15.42 -13.20
N ALA A 1 -1.52 14.23 -14.30
CA ALA A 1 -1.25 15.68 -14.53
C ALA A 1 -1.20 16.48 -13.20
N ASP A 2 -2.28 17.18 -12.79
CA ASP A 2 -2.28 18.04 -11.56
C ASP A 2 -2.94 17.24 -10.41
N ILE A 3 -2.09 16.65 -9.56
CA ILE A 3 -2.50 15.67 -8.51
C ILE A 3 -2.28 16.22 -7.06
N ILE A 4 -1.19 16.96 -6.78
CA ILE A 4 -0.97 17.74 -5.53
C ILE A 4 -2.17 18.68 -5.15
N ALA A 5 -2.74 19.41 -6.12
CA ALA A 5 -3.98 20.21 -5.93
C ALA A 5 -5.27 19.40 -5.58
N ARG A 6 -5.51 18.23 -6.22
CA ARG A 6 -6.64 17.33 -5.84
C ARG A 6 -6.46 16.55 -4.48
N LEU A 7 -5.23 16.23 -4.03
CA LEU A 7 -4.98 15.57 -2.72
C LEU A 7 -5.31 16.43 -1.46
N ARG A 8 -4.96 17.75 -1.43
CA ARG A 8 -5.41 18.66 -0.34
C ARG A 8 -6.96 18.79 -0.15
N GLU A 9 -7.74 18.92 -1.24
CA GLU A 9 -9.22 18.76 -1.22
C GLU A 9 -9.80 17.31 -1.09
N ASP A 10 -8.99 16.23 -1.07
CA ASP A 10 -9.47 14.85 -0.79
C ASP A 10 -9.72 14.51 0.72
N GLY A 11 -9.34 15.37 1.69
CA GLY A 11 -9.23 14.97 3.11
C GLY A 11 -7.78 14.79 3.63
N ILE A 12 -6.92 14.19 2.79
CA ILE A 12 -5.47 13.97 3.06
C ILE A 12 -4.62 15.28 2.87
N GLN A 13 -3.37 15.23 3.35
CA GLN A 13 -2.40 16.35 3.23
C GLN A 13 -1.03 15.74 2.81
N LYS A 14 -0.45 16.18 1.67
CA LYS A 14 0.76 15.55 1.08
C LYS A 14 2.07 16.37 1.27
N ARG A 15 3.22 15.66 1.36
CA ARG A 15 4.55 16.29 1.51
C ARG A 15 5.63 15.35 0.92
N VAL A 16 6.41 15.87 -0.06
CA VAL A 16 7.58 15.16 -0.64
C VAL A 16 8.90 15.56 0.10
N ILE A 17 9.73 14.54 0.40
CA ILE A 17 11.10 14.74 0.95
C ILE A 17 12.07 15.03 -0.24
N GLN A 18 12.30 14.04 -1.15
CA GLN A 18 13.18 14.19 -2.34
C GLN A 18 12.32 13.94 -3.60
N GLU A 19 12.13 14.98 -4.42
CA GLU A 19 11.55 14.87 -5.79
C GLU A 19 12.49 14.01 -6.71
N GLY A 20 11.93 12.94 -7.29
CA GLY A 20 12.71 11.83 -7.87
C GLY A 20 13.43 12.09 -9.22
N ARG A 21 13.24 11.15 -10.17
CA ARG A 21 14.12 11.04 -11.37
C ARG A 21 13.29 11.15 -12.67
N GLY A 22 12.63 10.06 -13.10
CA GLY A 22 12.15 9.91 -14.49
C GLY A 22 10.74 10.45 -14.75
N GLU A 23 9.89 9.61 -15.35
CA GLU A 23 8.50 9.98 -15.76
C GLU A 23 7.49 9.71 -14.61
N LEU A 24 6.44 10.55 -14.57
CA LEU A 24 5.22 10.30 -13.78
C LEU A 24 4.18 9.61 -14.73
N PRO A 25 3.92 8.26 -14.69
CA PRO A 25 2.96 7.60 -15.62
C PRO A 25 1.45 7.91 -15.33
N ASP A 26 0.55 7.24 -16.07
CA ASP A 26 -0.92 7.43 -15.94
C ASP A 26 -1.55 7.21 -14.52
N PHE A 27 -1.18 6.13 -13.80
CA PHE A 27 -1.81 5.72 -12.51
C PHE A 27 -3.36 5.47 -12.59
N GLN A 28 -3.74 4.58 -13.53
CA GLN A 28 -5.16 4.19 -13.77
C GLN A 28 -5.29 2.63 -13.64
N ASP A 29 -6.42 2.04 -14.08
CA ASP A 29 -6.75 0.61 -13.85
C ASP A 29 -5.73 -0.40 -14.47
N GLY A 30 -4.83 -0.91 -13.62
CA GLY A 30 -3.74 -1.82 -14.03
C GLY A 30 -2.33 -1.20 -14.11
N THR A 31 -1.96 -0.23 -13.24
CA THR A 31 -0.58 0.30 -13.16
C THR A 31 0.09 -0.48 -12.00
N LYS A 32 1.22 -1.12 -12.32
CA LYS A 32 2.01 -1.87 -11.32
C LYS A 32 3.10 -0.95 -10.71
N ALA A 33 2.75 -0.36 -9.55
CA ALA A 33 3.66 0.53 -8.79
C ALA A 33 4.40 -0.27 -7.68
N THR A 34 5.72 -0.40 -7.87
CA THR A 34 6.63 -1.11 -6.92
C THR A 34 7.36 -0.04 -6.06
N PHE A 35 7.21 -0.17 -4.73
CA PHE A 35 7.72 0.86 -3.77
C PHE A 35 7.94 0.25 -2.36
N HIS A 36 8.56 1.04 -1.46
CA HIS A 36 8.65 0.72 -0.01
C HIS A 36 7.57 1.48 0.80
N TYR A 37 7.28 0.99 2.03
CA TYR A 37 6.26 1.58 2.92
C TYR A 37 6.74 1.50 4.40
N ARG A 38 6.41 2.53 5.20
CA ARG A 38 6.71 2.53 6.66
C ARG A 38 5.56 3.27 7.37
N THR A 39 4.62 2.49 7.92
CA THR A 39 3.45 3.01 8.66
C THR A 39 3.83 3.16 10.15
N LEU A 40 3.72 4.39 10.65
CA LEU A 40 3.96 4.71 12.07
C LEU A 40 2.89 5.70 12.59
N HIS A 41 2.63 5.65 13.90
CA HIS A 41 1.58 6.50 14.56
C HIS A 41 2.01 7.99 14.60
N SER A 42 1.06 8.87 14.23
CA SER A 42 1.34 10.32 13.97
C SER A 42 1.71 11.14 15.24
N ASP A 43 0.79 11.24 16.22
CA ASP A 43 1.03 11.90 17.53
C ASP A 43 0.42 11.13 18.76
N ASP A 44 -0.41 10.08 18.58
CA ASP A 44 -0.98 9.27 19.69
C ASP A 44 0.09 8.50 20.52
N GLU A 45 0.89 7.64 19.85
CA GLU A 45 2.02 6.91 20.48
C GLU A 45 3.40 7.38 19.94
N GLY A 46 3.50 7.71 18.63
CA GLY A 46 4.80 7.78 17.91
C GLY A 46 5.47 6.44 17.49
N THR A 47 4.78 5.30 17.61
CA THR A 47 5.36 3.95 17.41
C THR A 47 5.20 3.47 15.94
N VAL A 48 6.20 2.71 15.45
CA VAL A 48 6.13 2.06 14.12
C VAL A 48 5.34 0.72 14.27
N LEU A 49 4.19 0.69 13.59
CA LEU A 49 3.37 -0.54 13.46
C LEU A 49 3.86 -1.51 12.33
N ASP A 50 4.40 -0.97 11.20
CA ASP A 50 4.85 -1.78 10.05
C ASP A 50 6.01 -1.05 9.30
N ASP A 51 6.95 -1.83 8.74
CA ASP A 51 8.22 -1.31 8.18
C ASP A 51 8.77 -2.30 7.12
N SER A 52 8.92 -1.81 5.88
CA SER A 52 9.47 -2.60 4.74
C SER A 52 10.93 -2.22 4.38
N ARG A 53 11.22 -0.92 4.15
CA ARG A 53 12.61 -0.40 3.99
C ARG A 53 13.57 -0.51 5.20
N ALA A 54 13.05 -0.73 6.42
CA ALA A 54 13.87 -1.05 7.61
C ALA A 54 14.76 -2.32 7.50
N ARG A 55 14.21 -3.40 6.90
CA ARG A 55 15.01 -4.56 6.42
C ARG A 55 15.56 -4.44 4.94
N GLY A 56 14.93 -3.65 4.06
CA GLY A 56 15.26 -3.59 2.62
C GLY A 56 14.46 -4.49 1.64
N LYS A 57 13.19 -4.84 1.98
CA LYS A 57 12.34 -5.74 1.16
C LYS A 57 11.08 -4.94 0.67
N PRO A 58 10.96 -4.49 -0.62
CA PRO A 58 9.84 -3.63 -1.08
C PRO A 58 8.51 -4.38 -1.36
N MET A 59 7.41 -3.65 -1.14
CA MET A 59 6.04 -4.12 -1.46
C MET A 59 5.66 -3.87 -2.95
N GLU A 60 4.46 -4.35 -3.32
CA GLU A 60 3.88 -4.24 -4.67
C GLU A 60 2.36 -3.96 -4.59
N LEU A 61 1.97 -2.80 -5.15
CA LEU A 61 0.56 -2.34 -5.22
C LEU A 61 0.18 -2.29 -6.72
N ILE A 62 -0.99 -2.89 -7.01
CA ILE A 62 -1.67 -2.79 -8.32
C ILE A 62 -2.77 -1.70 -8.15
N ILE A 63 -2.81 -0.78 -9.13
CA ILE A 63 -3.82 0.33 -9.16
C ILE A 63 -5.18 -0.25 -9.64
N GLY A 64 -6.09 -0.57 -8.69
CA GLY A 64 -7.51 -0.88 -9.00
C GLY A 64 -7.80 -2.03 -9.98
N LYS A 65 -7.30 -3.23 -9.67
CA LYS A 65 -7.43 -4.43 -10.54
C LYS A 65 -7.26 -5.68 -9.63
N LYS A 66 -6.06 -5.93 -9.07
CA LYS A 66 -5.82 -6.99 -8.06
C LYS A 66 -6.00 -6.50 -6.58
N PHE A 67 -5.52 -5.28 -6.24
CA PHE A 67 -5.38 -4.81 -4.85
C PHE A 67 -6.71 -4.25 -4.25
N LYS A 68 -6.83 -4.43 -2.94
CA LYS A 68 -8.04 -4.06 -2.16
C LYS A 68 -8.06 -2.61 -1.56
N LEU A 69 -6.90 -2.06 -1.14
CA LEU A 69 -6.81 -0.79 -0.36
C LEU A 69 -6.58 0.42 -1.32
N PRO A 70 -7.58 1.32 -1.60
CA PRO A 70 -7.42 2.47 -2.54
C PRO A 70 -6.62 3.72 -2.05
N VAL A 71 -6.39 3.88 -0.73
CA VAL A 71 -5.53 4.97 -0.16
C VAL A 71 -4.02 4.82 -0.52
N TRP A 72 -3.44 3.60 -0.58
CA TRP A 72 -2.11 3.36 -1.24
C TRP A 72 -1.99 3.84 -2.71
N GLU A 73 -3.06 3.71 -3.51
CA GLU A 73 -3.13 4.21 -4.91
C GLU A 73 -3.22 5.78 -5.05
N THR A 74 -3.98 6.45 -4.17
CA THR A 74 -4.12 7.94 -4.10
C THR A 74 -2.84 8.67 -3.57
N ILE A 75 -2.15 8.11 -2.57
CA ILE A 75 -0.84 8.65 -2.08
C ILE A 75 0.35 8.43 -3.09
N VAL A 76 0.36 7.34 -3.89
CA VAL A 76 1.38 7.12 -4.97
C VAL A 76 1.06 7.67 -6.38
N CYS A 77 -0.18 8.12 -6.70
CA CYS A 77 -0.45 8.86 -7.96
C CYS A 77 0.37 10.19 -8.19
N THR A 78 0.84 10.82 -7.09
CA THR A 78 1.79 11.97 -7.11
C THR A 78 3.31 11.61 -7.29
N MET A 79 3.70 10.32 -7.33
CA MET A 79 5.10 9.87 -7.10
C MET A 79 5.66 9.17 -8.38
N ARG A 80 6.88 9.58 -8.78
CA ARG A 80 7.58 9.04 -9.98
C ARG A 80 8.73 8.07 -9.57
N GLU A 81 9.39 7.41 -10.57
CA GLU A 81 10.51 6.45 -10.33
C GLU A 81 11.69 7.12 -9.57
N GLY A 82 11.87 6.72 -8.29
CA GLY A 82 12.87 7.36 -7.40
C GLY A 82 12.42 8.52 -6.47
N GLU A 83 11.10 8.81 -6.33
CA GLU A 83 10.57 9.91 -5.48
C GLU A 83 10.22 9.36 -4.08
N ILE A 84 10.58 10.12 -3.04
CA ILE A 84 10.42 9.70 -1.63
C ILE A 84 9.49 10.77 -0.98
N ALA A 85 8.29 10.36 -0.54
CA ALA A 85 7.30 11.27 0.09
C ALA A 85 6.67 10.60 1.34
N GLN A 86 6.68 11.35 2.47
CA GLN A 86 6.08 10.88 3.75
C GLN A 86 4.97 11.84 4.20
N PHE A 87 3.80 11.29 4.56
CA PHE A 87 2.59 12.10 4.80
C PHE A 87 1.42 11.28 5.42
N LEU A 88 0.57 11.98 6.21
CA LEU A 88 -0.61 11.36 6.87
C LEU A 88 -1.83 11.18 5.92
N CYS A 89 -2.69 10.21 6.27
CA CYS A 89 -4.03 10.06 5.68
C CYS A 89 -5.10 10.05 6.80
N ASP A 90 -6.23 10.75 6.57
CA ASP A 90 -7.40 10.72 7.48
C ASP A 90 -8.05 9.30 7.55
N ILE A 91 -8.54 8.91 8.74
CA ILE A 91 -9.13 7.56 8.99
C ILE A 91 -10.37 7.15 8.13
N LYS A 92 -11.15 8.08 7.55
CA LYS A 92 -12.07 7.76 6.41
C LYS A 92 -11.48 6.96 5.19
N HIS A 93 -10.18 7.14 4.89
CA HIS A 93 -9.43 6.45 3.83
C HIS A 93 -8.71 5.18 4.38
N VAL A 94 -8.03 5.26 5.56
CA VAL A 94 -7.37 4.09 6.22
C VAL A 94 -8.30 3.30 7.22
N VAL A 95 -9.63 3.34 7.01
CA VAL A 95 -10.64 2.52 7.75
C VAL A 95 -10.56 0.99 7.41
N LEU A 96 -10.36 0.64 6.13
CA LEU A 96 -10.03 -0.73 5.68
C LEU A 96 -8.51 -1.05 5.46
N TYR A 97 -7.56 -0.21 5.94
CA TYR A 97 -6.14 -0.61 6.18
C TYR A 97 -5.94 -1.76 7.24
N PRO A 98 -6.55 -1.87 8.46
CA PRO A 98 -6.47 -3.10 9.30
C PRO A 98 -7.15 -4.40 8.73
N LEU A 99 -7.95 -4.30 7.65
CA LEU A 99 -8.51 -5.46 6.92
C LEU A 99 -7.57 -5.93 5.76
N VAL A 100 -7.00 -4.98 4.98
CA VAL A 100 -6.10 -5.27 3.82
C VAL A 100 -4.61 -5.48 4.23
N ALA A 101 -4.08 -4.80 5.26
CA ALA A 101 -2.84 -5.26 5.94
C ALA A 101 -2.87 -6.71 6.53
N LYS A 102 -4.06 -7.20 6.94
CA LYS A 102 -4.32 -8.64 7.14
C LYS A 102 -4.60 -9.47 5.82
N SER A 103 -4.08 -9.02 4.65
CA SER A 103 -4.20 -9.72 3.34
C SER A 103 -2.92 -9.52 2.47
N LEU A 104 -2.36 -8.30 2.31
CA LEU A 104 -0.99 -8.09 1.76
C LEU A 104 0.19 -8.84 2.50
N ARG A 105 0.04 -9.15 3.79
CA ARG A 105 0.82 -10.19 4.50
C ARG A 105 0.32 -11.65 4.19
N ASN A 106 -1.00 -11.91 4.34
CA ASN A 106 -1.56 -13.28 4.47
C ASN A 106 -1.81 -13.97 3.10
N ILE A 107 -2.64 -13.37 2.22
CA ILE A 107 -2.77 -13.71 0.76
C ILE A 107 -1.42 -13.73 -0.05
N ALA A 108 -0.38 -12.94 0.34
CA ALA A 108 1.00 -13.07 -0.21
C ALA A 108 1.78 -14.40 0.00
N VAL A 109 1.21 -15.41 0.70
CA VAL A 109 1.51 -16.87 0.50
C VAL A 109 1.66 -17.31 -1.01
N GLY A 110 0.65 -16.99 -1.83
CA GLY A 110 0.67 -17.27 -3.28
C GLY A 110 0.19 -16.01 -4.03
N LYS A 111 -0.89 -16.15 -4.81
CA LYS A 111 -1.50 -15.00 -5.54
C LYS A 111 -3.04 -15.20 -5.60
N ASP A 112 -3.73 -14.52 -4.66
CA ASP A 112 -5.22 -14.36 -4.62
C ASP A 112 -6.11 -15.65 -4.62
N PRO A 113 -7.36 -15.68 -4.04
CA PRO A 113 -8.22 -16.90 -4.02
C PRO A 113 -8.69 -17.42 -5.42
N LEU A 114 -9.22 -16.54 -6.31
CA LEU A 114 -9.46 -16.89 -7.74
C LEU A 114 -8.16 -16.68 -8.58
N GLU A 115 -7.80 -15.42 -8.89
CA GLU A 115 -6.65 -15.05 -9.76
C GLU A 115 -6.58 -15.75 -11.16
N GLY A 116 -7.71 -15.76 -11.91
CA GLY A 116 -7.85 -16.47 -13.20
C GLY A 116 -7.51 -17.98 -13.19
N GLN A 117 -8.33 -18.81 -12.52
CA GLN A 117 -8.04 -20.27 -12.34
C GLN A 117 -8.60 -21.17 -13.47
N ARG A 118 -8.03 -21.01 -14.69
CA ARG A 118 -8.19 -21.96 -15.80
C ARG A 118 -6.94 -21.70 -16.70
N HIS A 119 -5.99 -22.65 -16.70
CA HIS A 119 -4.69 -22.49 -17.39
C HIS A 119 -4.29 -23.85 -18.07
N CYS A 120 -3.72 -23.76 -19.28
CA CYS A 120 -3.25 -24.94 -20.05
C CYS A 120 -2.17 -25.83 -19.35
N CYS A 121 -1.06 -25.23 -18.86
CA CYS A 121 -0.08 -25.93 -17.98
C CYS A 121 -0.60 -26.02 -16.52
N GLY A 122 -0.62 -24.90 -15.76
CA GLY A 122 -1.20 -24.84 -14.41
C GLY A 122 -0.57 -23.70 -13.59
N VAL A 123 -0.99 -22.45 -13.84
CA VAL A 123 -0.37 -21.24 -13.21
C VAL A 123 -1.55 -20.31 -12.79
N ALA A 124 -1.95 -20.44 -11.52
CA ALA A 124 -2.96 -19.58 -10.86
C ALA A 124 -2.88 -19.76 -9.31
N GLN A 125 -3.18 -20.99 -8.82
CA GLN A 125 -2.95 -21.43 -7.42
C GLN A 125 -3.97 -20.81 -6.42
N MET A 126 -4.95 -21.61 -6.00
CA MET A 126 -5.80 -21.31 -4.80
C MET A 126 -5.18 -22.08 -3.60
N ARG A 127 -4.33 -21.37 -2.83
CA ARG A 127 -3.62 -21.94 -1.65
C ARG A 127 -3.57 -20.82 -0.58
N GLU A 128 -4.29 -21.03 0.54
CA GLU A 128 -4.51 -19.98 1.57
C GLU A 128 -4.35 -20.63 2.97
N HIS A 129 -3.22 -20.33 3.66
CA HIS A 129 -2.96 -20.82 5.03
C HIS A 129 -2.07 -19.77 5.78
N SER A 130 -2.71 -18.70 6.29
CA SER A 130 -2.02 -17.61 7.04
C SER A 130 -3.07 -16.89 7.93
N SER A 131 -2.77 -16.74 9.23
CA SER A 131 -3.62 -15.97 10.18
C SER A 131 -2.69 -15.19 11.15
N LEU A 132 -2.62 -13.86 10.98
CA LEU A 132 -1.78 -12.97 11.83
C LEU A 132 -2.69 -11.99 12.64
N GLY A 133 -2.19 -11.58 13.82
CA GLY A 133 -2.96 -10.77 14.81
C GLY A 133 -2.39 -9.34 14.97
N HIS A 134 -1.13 -9.23 15.45
CA HIS A 134 -0.34 -7.97 15.41
C HIS A 134 -0.46 -7.07 16.66
N ALA A 135 -1.67 -6.60 17.03
CA ALA A 135 -1.90 -5.63 18.14
C ALA A 135 -1.56 -4.12 17.85
N ASP A 136 -0.61 -3.81 16.95
CA ASP A 136 -0.29 -2.41 16.55
C ASP A 136 -1.23 -1.88 15.42
N LEU A 137 -1.37 -2.64 14.31
CA LEU A 137 -2.47 -2.45 13.32
C LEU A 137 -3.87 -2.96 13.81
N ASP A 138 -3.98 -3.94 14.72
CA ASP A 138 -5.26 -4.25 15.42
C ASP A 138 -5.69 -3.23 16.54
N ALA A 139 -4.82 -2.27 16.96
CA ALA A 139 -5.24 -1.06 17.72
C ALA A 139 -6.28 -0.11 17.04
N LEU A 140 -6.34 -0.05 15.70
CA LEU A 140 -7.40 0.67 14.94
C LEU A 140 -8.84 0.07 15.06
N GLN A 141 -8.95 -1.27 15.08
CA GLN A 141 -10.19 -2.01 15.40
C GLN A 141 -10.92 -1.63 16.73
N GLN A 142 -10.13 -1.34 17.80
CA GLN A 142 -10.63 -0.75 19.06
C GLN A 142 -10.65 0.82 19.07
N ASN A 143 -9.72 1.52 18.38
CA ASN A 143 -9.62 3.00 18.45
C ASN A 143 -9.00 3.54 17.12
N PRO A 144 -9.78 3.96 16.08
CA PRO A 144 -9.23 4.43 14.77
C PRO A 144 -8.51 5.83 14.85
N GLN A 145 -7.40 5.99 14.10
CA GLN A 145 -6.49 7.15 14.22
C GLN A 145 -5.68 7.38 12.89
N PRO A 146 -5.38 8.62 12.42
CA PRO A 146 -4.70 8.86 11.12
C PRO A 146 -3.16 8.62 11.19
N LEU A 147 -2.65 7.76 10.29
CA LEU A 147 -1.26 7.23 10.37
C LEU A 147 -0.31 7.90 9.34
N ILE A 148 1.01 7.89 9.62
CA ILE A 148 2.08 8.41 8.71
C ILE A 148 2.55 7.25 7.80
N PHE A 149 2.32 7.40 6.49
CA PHE A 149 2.73 6.42 5.45
C PHE A 149 3.96 7.03 4.73
N HIS A 150 5.16 6.54 5.10
CA HIS A 150 6.42 6.90 4.41
C HIS A 150 6.61 5.92 3.21
N MET A 151 6.14 6.39 2.05
CA MET A 151 6.30 5.70 0.75
C MET A 151 7.67 6.08 0.11
N GLU A 152 8.35 5.11 -0.52
CA GLU A 152 9.61 5.35 -1.26
C GLU A 152 9.43 4.68 -2.64
N MET A 153 9.15 5.46 -3.69
CA MET A 153 9.05 4.94 -5.08
C MET A 153 10.44 4.58 -5.66
N LEU A 154 10.48 3.40 -6.30
CA LEU A 154 11.65 2.88 -7.04
C LEU A 154 11.29 2.72 -8.56
N LYS A 155 10.23 1.95 -8.87
CA LYS A 155 9.85 1.57 -10.25
C LYS A 155 8.30 1.53 -10.36
N VAL A 156 7.80 1.77 -11.58
CA VAL A 156 6.35 1.74 -11.88
C VAL A 156 6.14 1.48 -13.41
N GLU A 157 5.20 0.55 -13.70
CA GLU A 157 4.83 0.10 -15.08
C GLU A 157 3.33 0.42 -15.33
N SER A 158 2.97 0.58 -16.61
CA SER A 158 1.59 0.98 -17.03
C SER A 158 0.74 -0.23 -17.57
N PRO A 159 -0.63 -0.15 -17.71
CA PRO A 159 -1.47 -1.23 -18.28
C PRO A 159 -1.22 -1.45 -19.80
N GLY A 160 -0.55 -2.56 -20.13
CA GLY A 160 0.08 -2.74 -21.44
C GLY A 160 1.44 -3.47 -21.33
N THR A 161 2.37 -2.88 -20.56
CA THR A 161 3.74 -3.44 -20.34
C THR A 161 3.90 -4.38 -19.10
N TYR A 162 3.06 -4.27 -18.06
CA TYR A 162 3.21 -5.07 -16.81
C TYR A 162 2.83 -6.57 -17.00
N GLN A 163 3.65 -7.48 -16.46
CA GLN A 163 3.49 -8.95 -16.68
C GLN A 163 3.55 -9.67 -15.30
N GLN A 164 2.40 -10.23 -14.86
CA GLN A 164 2.33 -11.19 -13.72
C GLN A 164 1.73 -12.52 -14.24
N ASP A 165 2.41 -13.63 -13.92
CA ASP A 165 2.03 -14.99 -14.38
C ASP A 165 0.90 -15.61 -13.54
N ALA A 1 -5.09 17.77 -15.62
CA ALA A 1 -5.67 17.87 -14.25
C ALA A 1 -4.58 17.57 -13.18
N ASP A 2 -4.32 18.55 -12.30
CA ASP A 2 -3.24 18.46 -11.28
C ASP A 2 -3.69 17.61 -10.06
N ILE A 3 -2.83 16.66 -9.68
CA ILE A 3 -3.10 15.72 -8.55
C ILE A 3 -2.74 16.33 -7.17
N ILE A 4 -1.59 17.03 -7.03
CA ILE A 4 -1.23 17.84 -5.83
C ILE A 4 -2.36 18.80 -5.31
N ALA A 5 -3.03 19.52 -6.24
CA ALA A 5 -4.23 20.33 -5.92
C ALA A 5 -5.46 19.52 -5.42
N ARG A 6 -5.85 18.42 -6.09
CA ARG A 6 -6.95 17.52 -5.62
C ARG A 6 -6.68 16.73 -4.30
N LEU A 7 -5.42 16.39 -3.94
CA LEU A 7 -5.08 15.75 -2.63
C LEU A 7 -5.40 16.64 -1.38
N ARG A 8 -5.06 17.96 -1.41
CA ARG A 8 -5.38 18.91 -0.30
C ARG A 8 -6.90 19.00 0.04
N GLU A 9 -7.73 19.25 -0.99
CA GLU A 9 -9.22 19.15 -0.91
C GLU A 9 -9.86 17.73 -0.78
N ASP A 10 -9.09 16.62 -0.81
CA ASP A 10 -9.64 15.25 -0.52
C ASP A 10 -9.77 14.87 0.99
N GLY A 11 -9.39 15.73 1.95
CA GLY A 11 -9.20 15.32 3.36
C GLY A 11 -7.73 15.08 3.80
N ILE A 12 -6.95 14.44 2.90
CA ILE A 12 -5.50 14.17 3.04
C ILE A 12 -4.63 15.43 2.76
N GLN A 13 -3.31 15.30 2.99
CA GLN A 13 -2.32 16.38 2.74
C GLN A 13 -0.98 15.72 2.32
N LYS A 14 -0.35 16.19 1.22
CA LYS A 14 0.94 15.62 0.72
C LYS A 14 2.21 16.27 1.36
N ARG A 15 3.35 15.54 1.31
CA ARG A 15 4.70 16.14 1.31
C ARG A 15 5.70 15.15 0.65
N VAL A 16 6.46 15.64 -0.36
CA VAL A 16 7.63 14.92 -0.94
C VAL A 16 8.95 15.33 -0.21
N ILE A 17 9.78 14.32 0.10
CA ILE A 17 11.15 14.52 0.66
C ILE A 17 12.14 14.78 -0.52
N GLN A 18 12.36 13.76 -1.40
CA GLN A 18 13.29 13.86 -2.57
C GLN A 18 12.47 13.57 -3.85
N GLU A 19 12.26 14.61 -4.68
CA GLU A 19 11.70 14.45 -6.05
C GLU A 19 12.65 13.62 -6.97
N GLY A 20 12.12 12.52 -7.53
CA GLY A 20 12.94 11.45 -8.14
C GLY A 20 13.52 11.71 -9.54
N ARG A 21 13.42 10.70 -10.43
CA ARG A 21 14.25 10.63 -11.65
C ARG A 21 13.48 11.18 -12.88
N GLY A 22 12.84 10.32 -13.68
CA GLY A 22 12.35 10.66 -15.03
C GLY A 22 10.90 11.18 -15.04
N GLU A 23 10.00 10.36 -15.62
CA GLU A 23 8.58 10.70 -15.80
C GLU A 23 7.68 9.97 -14.75
N LEU A 24 6.57 10.64 -14.41
CA LEU A 24 5.46 10.04 -13.63
C LEU A 24 4.51 9.28 -14.62
N PRO A 25 4.34 7.93 -14.59
CA PRO A 25 3.44 7.20 -15.54
C PRO A 25 1.91 7.40 -15.27
N ASP A 26 1.04 6.60 -15.92
CA ASP A 26 -0.44 6.79 -15.90
C ASP A 26 -1.11 6.84 -14.49
N PHE A 27 -0.86 5.84 -13.62
CA PHE A 27 -1.58 5.65 -12.32
C PHE A 27 -3.13 5.51 -12.45
N GLN A 28 -3.55 4.58 -13.33
CA GLN A 28 -4.99 4.27 -13.59
C GLN A 28 -5.22 2.73 -13.45
N ASP A 29 -6.36 2.19 -13.95
CA ASP A 29 -6.79 0.79 -13.68
C ASP A 29 -5.83 -0.31 -14.25
N GLY A 30 -4.94 -0.79 -13.36
CA GLY A 30 -3.89 -1.77 -13.70
C GLY A 30 -2.47 -1.18 -13.87
N THR A 31 -2.05 -0.21 -13.02
CA THR A 31 -0.65 0.26 -12.99
C THR A 31 0.03 -0.55 -11.86
N LYS A 32 1.09 -1.27 -12.22
CA LYS A 32 1.91 -2.02 -11.25
C LYS A 32 3.02 -1.10 -10.66
N ALA A 33 2.71 -0.56 -9.48
CA ALA A 33 3.64 0.30 -8.71
C ALA A 33 4.36 -0.53 -7.60
N THR A 34 5.67 -0.72 -7.79
CA THR A 34 6.56 -1.43 -6.84
C THR A 34 7.36 -0.37 -6.04
N PHE A 35 7.25 -0.44 -4.70
CA PHE A 35 7.78 0.60 -3.78
C PHE A 35 7.96 0.03 -2.34
N HIS A 36 8.65 0.78 -1.46
CA HIS A 36 8.68 0.50 0.01
C HIS A 36 7.60 1.30 0.79
N TYR A 37 7.32 0.88 2.03
CA TYR A 37 6.28 1.50 2.91
C TYR A 37 6.76 1.47 4.40
N ARG A 38 6.42 2.52 5.16
CA ARG A 38 6.67 2.56 6.62
C ARG A 38 5.48 3.32 7.28
N THR A 39 4.58 2.53 7.87
CA THR A 39 3.37 3.05 8.55
C THR A 39 3.66 3.24 10.04
N LEU A 40 3.48 4.48 10.52
CA LEU A 40 3.66 4.84 11.94
C LEU A 40 2.56 5.82 12.40
N HIS A 41 2.28 5.82 13.71
CA HIS A 41 1.20 6.66 14.32
C HIS A 41 1.62 8.16 14.33
N SER A 42 0.69 9.05 13.94
CA SER A 42 0.99 10.49 13.69
C SER A 42 1.38 11.26 14.98
N ASP A 43 0.44 11.42 15.94
CA ASP A 43 0.70 12.03 17.27
C ASP A 43 0.01 11.32 18.48
N ASP A 44 -0.81 10.25 18.29
CA ASP A 44 -1.50 9.53 19.39
C ASP A 44 -0.52 8.71 20.30
N GLU A 45 0.27 7.78 19.73
CA GLU A 45 1.38 7.10 20.42
C GLU A 45 2.79 7.53 19.87
N GLY A 46 2.91 7.81 18.55
CA GLY A 46 4.21 7.89 17.86
C GLY A 46 4.90 6.56 17.46
N THR A 47 4.22 5.40 17.59
CA THR A 47 4.84 4.06 17.36
C THR A 47 4.79 3.64 15.86
N VAL A 48 5.86 2.96 15.41
CA VAL A 48 5.88 2.31 14.06
C VAL A 48 5.18 0.93 14.18
N LEU A 49 4.03 0.84 13.50
CA LEU A 49 3.26 -0.41 13.39
C LEU A 49 3.77 -1.39 12.28
N ASP A 50 4.31 -0.86 11.15
CA ASP A 50 4.83 -1.66 10.02
C ASP A 50 6.01 -0.92 9.34
N ASP A 51 6.99 -1.69 8.85
CA ASP A 51 8.28 -1.15 8.32
C ASP A 51 8.87 -2.17 7.32
N SER A 52 9.07 -1.74 6.06
CA SER A 52 9.58 -2.63 4.96
C SER A 52 11.00 -2.29 4.45
N ARG A 53 11.30 -1.00 4.16
CA ARG A 53 12.67 -0.49 3.98
C ARG A 53 13.63 -0.63 5.20
N ALA A 54 13.07 -0.71 6.43
CA ALA A 54 13.82 -1.15 7.63
C ALA A 54 14.36 -2.61 7.58
N ARG A 55 13.56 -3.54 7.03
CA ARG A 55 13.98 -4.93 6.70
C ARG A 55 14.91 -5.05 5.45
N GLY A 56 14.71 -4.19 4.42
CA GLY A 56 15.32 -4.38 3.09
C GLY A 56 14.54 -5.28 2.10
N LYS A 57 13.20 -5.19 2.07
CA LYS A 57 12.36 -5.96 1.11
C LYS A 57 11.11 -5.10 0.68
N PRO A 58 10.89 -4.73 -0.62
CA PRO A 58 9.77 -3.83 -1.03
C PRO A 58 8.43 -4.59 -1.28
N MET A 59 7.34 -3.85 -1.06
CA MET A 59 5.96 -4.29 -1.37
C MET A 59 5.56 -4.04 -2.86
N GLU A 60 4.34 -4.50 -3.21
CA GLU A 60 3.77 -4.37 -4.57
C GLU A 60 2.25 -4.06 -4.46
N LEU A 61 1.88 -2.90 -5.04
CA LEU A 61 0.49 -2.41 -5.11
C LEU A 61 0.06 -2.38 -6.60
N ILE A 62 -1.15 -2.88 -6.82
CA ILE A 62 -1.86 -2.76 -8.12
C ILE A 62 -2.86 -1.57 -7.93
N ILE A 63 -2.87 -0.68 -8.93
CA ILE A 63 -3.82 0.48 -8.95
C ILE A 63 -5.22 -0.02 -9.43
N GLY A 64 -6.15 -0.29 -8.49
CA GLY A 64 -7.60 -0.45 -8.79
C GLY A 64 -8.01 -1.54 -9.79
N LYS A 65 -7.62 -2.80 -9.52
CA LYS A 65 -7.92 -3.97 -10.39
C LYS A 65 -7.81 -5.27 -9.54
N LYS A 66 -6.60 -5.61 -9.04
CA LYS A 66 -6.39 -6.71 -8.07
C LYS A 66 -6.47 -6.24 -6.59
N PHE A 67 -5.89 -5.09 -6.21
CA PHE A 67 -5.73 -4.66 -4.79
C PHE A 67 -7.03 -4.08 -4.17
N LYS A 68 -7.15 -4.27 -2.85
CA LYS A 68 -8.33 -3.91 -2.05
C LYS A 68 -8.32 -2.46 -1.46
N LEU A 69 -7.16 -1.94 -1.01
CA LEU A 69 -7.05 -0.68 -0.21
C LEU A 69 -6.78 0.52 -1.17
N PRO A 70 -7.73 1.46 -1.44
CA PRO A 70 -7.54 2.61 -2.37
C PRO A 70 -6.64 3.81 -1.90
N VAL A 71 -6.38 3.93 -0.59
CA VAL A 71 -5.53 5.04 -0.03
C VAL A 71 -4.00 4.89 -0.36
N TRP A 72 -3.41 3.68 -0.38
CA TRP A 72 -2.08 3.42 -1.01
C TRP A 72 -1.92 3.93 -2.47
N GLU A 73 -2.98 3.75 -3.29
CA GLU A 73 -3.03 4.23 -4.71
C GLU A 73 -3.05 5.78 -4.89
N THR A 74 -3.83 6.50 -4.06
CA THR A 74 -3.86 7.99 -3.99
C THR A 74 -2.57 8.62 -3.34
N ILE A 75 -1.92 7.96 -2.36
CA ILE A 75 -0.54 8.33 -1.88
C ILE A 75 0.51 8.26 -3.05
N VAL A 76 0.61 7.10 -3.75
CA VAL A 76 1.57 6.93 -4.88
C VAL A 76 1.19 7.56 -6.26
N CYS A 77 -0.04 8.05 -6.48
CA CYS A 77 -0.39 8.84 -7.68
C CYS A 77 0.42 10.17 -7.87
N THR A 78 0.99 10.76 -6.80
CA THR A 78 1.97 11.88 -6.88
C THR A 78 3.45 11.42 -6.64
N MET A 79 3.88 10.30 -7.25
CA MET A 79 5.22 9.69 -7.04
C MET A 79 5.68 9.02 -8.36
N ARG A 80 6.92 9.31 -8.78
CA ARG A 80 7.56 8.71 -9.98
C ARG A 80 8.66 7.67 -9.59
N GLU A 81 9.31 7.05 -10.60
CA GLU A 81 10.40 6.04 -10.39
C GLU A 81 11.64 6.68 -9.70
N GLY A 82 11.85 6.30 -8.42
CA GLY A 82 12.90 6.94 -7.58
C GLY A 82 12.49 8.13 -6.66
N GLU A 83 11.19 8.44 -6.50
CA GLU A 83 10.70 9.56 -5.65
C GLU A 83 10.32 9.03 -4.25
N ILE A 84 10.66 9.82 -3.21
CA ILE A 84 10.46 9.42 -1.79
C ILE A 84 9.53 10.50 -1.19
N ALA A 85 8.32 10.10 -0.75
CA ALA A 85 7.32 11.02 -0.17
C ALA A 85 6.66 10.39 1.08
N GLN A 86 6.64 11.15 2.19
CA GLN A 86 6.00 10.76 3.47
C GLN A 86 4.87 11.73 3.83
N PHE A 87 3.70 11.18 4.20
CA PHE A 87 2.50 12.01 4.46
C PHE A 87 1.32 11.24 5.11
N LEU A 88 0.48 12.00 5.83
CA LEU A 88 -0.69 11.46 6.56
C LEU A 88 -1.95 11.22 5.69
N CYS A 89 -2.83 10.32 6.17
CA CYS A 89 -4.19 10.14 5.61
C CYS A 89 -5.23 10.10 6.76
N ASP A 90 -6.39 10.76 6.54
CA ASP A 90 -7.54 10.74 7.49
C ASP A 90 -8.19 9.33 7.58
N ILE A 91 -8.75 9.00 8.76
CA ILE A 91 -9.47 7.72 9.04
C ILE A 91 -10.64 7.32 8.09
N LYS A 92 -11.38 8.27 7.48
CA LYS A 92 -12.28 7.96 6.32
C LYS A 92 -11.67 7.17 5.11
N HIS A 93 -10.35 7.32 4.86
CA HIS A 93 -9.59 6.59 3.81
C HIS A 93 -8.90 5.32 4.38
N VAL A 94 -8.26 5.39 5.57
CA VAL A 94 -7.65 4.22 6.27
C VAL A 94 -8.62 3.41 7.22
N VAL A 95 -9.95 3.49 6.99
CA VAL A 95 -10.98 2.69 7.72
C VAL A 95 -10.87 1.15 7.47
N LEU A 96 -10.66 0.76 6.20
CA LEU A 96 -10.31 -0.63 5.80
C LEU A 96 -8.78 -0.93 5.59
N TYR A 97 -7.86 -0.07 6.07
CA TYR A 97 -6.43 -0.44 6.25
C TYR A 97 -6.17 -1.58 7.29
N PRO A 98 -6.71 -1.69 8.54
CA PRO A 98 -6.58 -2.94 9.36
C PRO A 98 -7.34 -4.21 8.87
N LEU A 99 -8.17 -4.12 7.80
CA LEU A 99 -8.75 -5.30 7.10
C LEU A 99 -7.80 -5.81 5.96
N VAL A 100 -7.19 -4.88 5.18
CA VAL A 100 -6.26 -5.20 4.06
C VAL A 100 -4.78 -5.41 4.52
N ALA A 101 -4.27 -4.68 5.53
CA ALA A 101 -3.07 -5.11 6.31
C ALA A 101 -3.11 -6.55 6.90
N LYS A 102 -4.31 -7.03 7.30
CA LYS A 102 -4.55 -8.46 7.61
C LYS A 102 -4.76 -9.39 6.34
N SER A 103 -4.28 -9.00 5.15
CA SER A 103 -4.22 -9.84 3.92
C SER A 103 -2.91 -9.61 3.11
N LEU A 104 -2.43 -8.36 2.92
CA LEU A 104 -1.06 -8.08 2.37
C LEU A 104 0.16 -8.67 3.17
N ARG A 105 0.00 -8.93 4.49
CA ARG A 105 0.88 -9.85 5.25
C ARG A 105 0.53 -11.35 4.99
N ASN A 106 -0.72 -11.77 5.25
CA ASN A 106 -1.08 -13.21 5.45
C ASN A 106 -1.40 -13.95 4.12
N ILE A 107 -2.41 -13.48 3.35
CA ILE A 107 -2.71 -13.93 1.97
C ILE A 107 -1.52 -13.80 0.94
N ALA A 108 -0.64 -12.80 1.07
CA ALA A 108 0.63 -12.67 0.29
C ALA A 108 1.66 -13.84 0.31
N VAL A 109 1.54 -14.83 1.23
CA VAL A 109 2.23 -16.14 1.13
C VAL A 109 2.07 -16.91 -0.23
N GLY A 110 0.83 -16.98 -0.77
CA GLY A 110 0.52 -17.83 -1.94
C GLY A 110 -0.96 -17.69 -2.36
N LYS A 111 -1.84 -18.45 -1.69
CA LYS A 111 -3.25 -18.62 -2.12
C LYS A 111 -4.18 -17.43 -1.75
N ASP A 112 -4.99 -17.04 -2.74
CA ASP A 112 -6.07 -16.01 -2.57
C ASP A 112 -7.40 -16.65 -2.03
N PRO A 113 -8.29 -15.94 -1.26
CA PRO A 113 -9.44 -16.55 -0.56
C PRO A 113 -10.55 -17.23 -1.44
N LEU A 114 -11.02 -16.56 -2.52
CA LEU A 114 -11.96 -17.16 -3.50
C LEU A 114 -11.16 -18.03 -4.52
N GLU A 115 -10.48 -17.38 -5.50
CA GLU A 115 -9.56 -18.04 -6.47
C GLU A 115 -10.16 -19.24 -7.28
N GLY A 116 -11.07 -18.93 -8.23
CA GLY A 116 -11.62 -19.95 -9.16
C GLY A 116 -12.82 -20.75 -8.61
N GLN A 117 -12.53 -21.76 -7.75
CA GLN A 117 -13.53 -22.68 -7.14
C GLN A 117 -14.24 -23.58 -8.19
N ARG A 118 -13.52 -24.60 -8.71
CA ARG A 118 -14.02 -25.50 -9.78
C ARG A 118 -13.14 -26.78 -9.83
N HIS A 119 -11.94 -26.73 -10.47
CA HIS A 119 -11.01 -27.87 -10.64
C HIS A 119 -11.54 -29.07 -11.49
N CYS A 120 -10.70 -29.61 -12.38
CA CYS A 120 -11.06 -30.78 -13.23
C CYS A 120 -10.97 -32.12 -12.45
N CYS A 121 -9.75 -32.64 -12.18
CA CYS A 121 -9.53 -33.84 -11.33
C CYS A 121 -9.06 -33.41 -9.91
N GLY A 122 -7.83 -32.88 -9.78
CA GLY A 122 -7.34 -32.27 -8.53
C GLY A 122 -6.34 -31.15 -8.86
N VAL A 123 -6.86 -29.95 -9.15
CA VAL A 123 -6.06 -28.80 -9.65
C VAL A 123 -6.11 -27.71 -8.54
N ALA A 124 -4.93 -27.40 -7.95
CA ALA A 124 -4.76 -26.34 -6.92
C ALA A 124 -5.43 -26.69 -5.57
N GLN A 125 -4.61 -27.10 -4.57
CA GLN A 125 -5.10 -27.46 -3.22
C GLN A 125 -4.01 -27.12 -2.17
N MET A 126 -4.31 -26.13 -1.30
CA MET A 126 -3.46 -25.75 -0.15
C MET A 126 -4.45 -25.51 1.03
N ARG A 127 -4.53 -26.48 1.96
CA ARG A 127 -5.57 -26.50 3.02
C ARG A 127 -5.08 -25.72 4.27
N GLU A 128 -5.64 -24.51 4.48
CA GLU A 128 -5.41 -23.65 5.67
C GLU A 128 -3.95 -23.09 5.77
N HIS A 129 -3.82 -21.75 5.71
CA HIS A 129 -2.56 -21.06 6.11
C HIS A 129 -2.98 -19.76 6.85
N SER A 130 -2.66 -19.69 8.15
CA SER A 130 -2.92 -18.50 9.00
C SER A 130 -1.65 -18.21 9.84
N SER A 131 -0.82 -17.26 9.36
CA SER A 131 0.41 -16.82 10.09
C SER A 131 0.22 -15.35 10.60
N LEU A 132 -0.58 -15.19 11.67
CA LEU A 132 -0.95 -13.87 12.24
C LEU A 132 -0.10 -13.60 13.52
N GLY A 133 0.27 -12.33 13.70
CA GLY A 133 1.07 -11.89 14.87
C GLY A 133 1.14 -10.36 14.88
N HIS A 134 0.25 -9.72 15.66
CA HIS A 134 -0.01 -8.26 15.56
C HIS A 134 -0.71 -7.72 16.84
N ALA A 135 -0.25 -6.54 17.28
CA ALA A 135 -0.96 -5.70 18.28
C ALA A 135 -1.01 -4.16 17.95
N ASP A 136 -0.16 -3.66 17.03
CA ASP A 136 -0.14 -2.23 16.61
C ASP A 136 -1.11 -1.91 15.42
N LEU A 137 -1.11 -2.75 14.35
CA LEU A 137 -2.18 -2.77 13.34
C LEU A 137 -3.55 -3.36 13.83
N ASP A 138 -3.57 -4.22 14.88
CA ASP A 138 -4.81 -4.56 15.62
C ASP A 138 -5.25 -3.52 16.72
N ALA A 139 -4.41 -2.54 17.12
CA ALA A 139 -4.86 -1.33 17.87
C ALA A 139 -5.88 -0.39 17.16
N LEU A 140 -5.91 -0.34 15.81
CA LEU A 140 -6.98 0.33 15.03
C LEU A 140 -8.40 -0.32 15.12
N GLN A 141 -8.46 -1.66 15.20
CA GLN A 141 -9.71 -2.42 15.48
C GLN A 141 -10.48 -2.05 16.79
N GLN A 142 -9.75 -1.75 17.87
CA GLN A 142 -10.30 -1.13 19.09
C GLN A 142 -10.41 0.43 19.04
N ASN A 143 -9.49 1.15 18.36
CA ASN A 143 -9.47 2.64 18.36
C ASN A 143 -8.78 3.13 17.06
N PRO A 144 -9.49 3.44 15.94
CA PRO A 144 -8.85 3.84 14.65
C PRO A 144 -8.28 5.29 14.66
N GLN A 145 -7.11 5.47 14.00
CA GLN A 145 -6.25 6.68 14.15
C GLN A 145 -5.68 7.11 12.75
N PRO A 146 -5.54 8.42 12.39
CA PRO A 146 -4.94 8.84 11.09
C PRO A 146 -3.39 8.66 11.10
N LEU A 147 -2.86 7.91 10.10
CA LEU A 147 -1.47 7.37 10.13
C LEU A 147 -0.52 8.05 9.09
N ILE A 148 0.79 8.03 9.38
CA ILE A 148 1.88 8.50 8.47
C ILE A 148 2.35 7.29 7.63
N PHE A 149 2.28 7.44 6.30
CA PHE A 149 2.70 6.42 5.32
C PHE A 149 3.94 6.99 4.58
N HIS A 150 5.13 6.52 4.98
CA HIS A 150 6.40 6.86 4.30
C HIS A 150 6.65 5.82 3.18
N MET A 151 6.29 6.21 1.95
CA MET A 151 6.61 5.45 0.73
C MET A 151 7.98 5.87 0.12
N GLU A 152 8.65 4.89 -0.51
CA GLU A 152 9.92 5.10 -1.24
C GLU A 152 9.74 4.37 -2.59
N MET A 153 9.47 5.09 -3.69
CA MET A 153 9.34 4.47 -5.04
C MET A 153 10.69 4.10 -5.68
N LEU A 154 10.66 2.94 -6.37
CA LEU A 154 11.81 2.36 -7.11
C LEU A 154 11.44 2.15 -8.61
N LYS A 155 10.37 1.39 -8.92
CA LYS A 155 9.95 1.06 -10.31
C LYS A 155 8.40 1.01 -10.36
N VAL A 156 7.86 1.50 -11.48
CA VAL A 156 6.39 1.56 -11.72
C VAL A 156 6.13 1.46 -13.26
N GLU A 157 5.16 0.59 -13.64
CA GLU A 157 4.79 0.32 -15.06
C GLU A 157 3.25 0.44 -15.25
N SER A 158 2.83 0.89 -16.45
CA SER A 158 1.40 1.17 -16.78
C SER A 158 0.64 -0.05 -17.41
N PRO A 159 -0.73 -0.08 -17.52
CA PRO A 159 -1.49 -1.20 -18.16
C PRO A 159 -1.27 -1.29 -19.69
N GLY A 160 -0.51 -2.32 -20.11
CA GLY A 160 0.07 -2.38 -21.48
C GLY A 160 1.51 -2.93 -21.47
N THR A 161 2.39 -2.26 -20.71
CA THR A 161 3.83 -2.64 -20.59
C THR A 161 4.18 -3.62 -19.43
N TYR A 162 3.40 -3.67 -18.33
CA TYR A 162 3.74 -4.53 -17.15
C TYR A 162 3.47 -6.04 -17.42
N GLN A 163 4.36 -6.91 -16.90
CA GLN A 163 4.14 -8.39 -16.82
C GLN A 163 4.11 -9.08 -18.22
N GLN A 164 5.22 -9.74 -18.62
CA GLN A 164 5.34 -10.40 -19.95
C GLN A 164 4.64 -11.78 -19.93
N ASP A 165 3.72 -11.98 -20.88
CA ASP A 165 2.86 -13.18 -20.96
C ASP A 165 3.38 -14.07 -22.10
N ALA A 1 -2.06 15.48 -15.00
CA ALA A 1 -1.44 16.79 -14.74
C ALA A 1 -1.48 17.23 -13.25
N ASP A 2 -2.67 17.49 -12.67
CA ASP A 2 -2.81 18.02 -11.28
C ASP A 2 -3.29 16.88 -10.35
N ILE A 3 -2.41 16.45 -9.44
CA ILE A 3 -2.71 15.45 -8.38
C ILE A 3 -2.46 16.06 -6.96
N ILE A 4 -1.34 16.78 -6.73
CA ILE A 4 -1.07 17.62 -5.52
C ILE A 4 -2.24 18.57 -5.12
N ALA A 5 -2.86 19.26 -6.09
CA ALA A 5 -4.07 20.08 -5.87
C ALA A 5 -5.37 19.30 -5.52
N ARG A 6 -5.65 18.14 -6.17
CA ARG A 6 -6.79 17.25 -5.78
C ARG A 6 -6.65 16.51 -4.41
N LEU A 7 -5.43 16.19 -3.91
CA LEU A 7 -5.23 15.47 -2.62
C LEU A 7 -5.47 16.34 -1.34
N ARG A 8 -5.01 17.61 -1.28
CA ARG A 8 -5.35 18.52 -0.15
C ARG A 8 -6.88 18.76 0.09
N GLU A 9 -7.67 18.96 -0.98
CA GLU A 9 -9.16 18.90 -0.92
C GLU A 9 -9.86 17.51 -0.74
N ASP A 10 -9.13 16.38 -0.79
CA ASP A 10 -9.69 15.03 -0.45
C ASP A 10 -9.72 14.68 1.08
N GLY A 11 -9.33 15.58 2.00
CA GLY A 11 -9.11 15.22 3.43
C GLY A 11 -7.64 14.94 3.83
N ILE A 12 -6.90 14.29 2.92
CA ILE A 12 -5.49 13.84 3.09
C ILE A 12 -4.48 15.00 2.83
N GLN A 13 -3.26 14.81 3.34
CA GLN A 13 -2.10 15.73 3.14
C GLN A 13 -1.00 15.03 2.28
N LYS A 14 -0.14 15.82 1.62
CA LYS A 14 0.96 15.30 0.76
C LYS A 14 2.24 16.17 0.92
N ARG A 15 3.40 15.51 1.10
CA ARG A 15 4.71 16.18 1.35
C ARG A 15 5.85 15.27 0.82
N VAL A 16 6.63 15.77 -0.15
CA VAL A 16 7.79 15.05 -0.73
C VAL A 16 9.11 15.44 0.00
N ILE A 17 9.94 14.42 0.30
CA ILE A 17 11.31 14.60 0.82
C ILE A 17 12.29 14.84 -0.38
N GLN A 18 12.45 13.85 -1.29
CA GLN A 18 13.33 13.95 -2.47
C GLN A 18 12.48 13.68 -3.74
N GLU A 19 12.28 14.71 -4.57
CA GLU A 19 11.68 14.57 -5.94
C GLU A 19 12.61 13.72 -6.87
N GLY A 20 12.04 12.65 -7.43
CA GLY A 20 12.82 11.57 -8.08
C GLY A 20 13.39 11.85 -9.49
N ARG A 21 13.14 10.94 -10.43
CA ARG A 21 13.88 10.88 -11.72
C ARG A 21 13.07 11.62 -12.84
N GLY A 22 12.53 10.90 -13.84
CA GLY A 22 11.75 11.50 -14.95
C GLY A 22 10.25 11.71 -14.64
N GLU A 23 9.55 12.38 -15.57
CA GLU A 23 8.15 12.83 -15.38
C GLU A 23 7.12 11.69 -15.08
N LEU A 24 6.03 12.10 -14.41
CA LEU A 24 5.07 11.18 -13.75
C LEU A 24 4.33 10.23 -14.75
N PRO A 25 4.30 8.87 -14.57
CA PRO A 25 3.67 7.93 -15.54
C PRO A 25 2.10 7.87 -15.42
N ASP A 26 1.50 6.74 -15.84
CA ASP A 26 0.03 6.60 -16.02
C ASP A 26 -0.78 6.68 -14.69
N PHE A 27 -0.63 5.70 -13.77
CA PHE A 27 -1.47 5.56 -12.55
C PHE A 27 -3.00 5.47 -12.84
N GLN A 28 -3.39 4.34 -13.44
CA GLN A 28 -4.80 4.02 -13.78
C GLN A 28 -5.05 2.48 -13.66
N ASP A 29 -6.18 1.97 -14.19
CA ASP A 29 -6.61 0.55 -14.02
C ASP A 29 -5.60 -0.51 -14.59
N GLY A 30 -4.74 -1.02 -13.69
CA GLY A 30 -3.66 -1.97 -14.05
C GLY A 30 -2.23 -1.37 -14.08
N THR A 31 -1.87 -0.41 -13.20
CA THR A 31 -0.49 0.10 -13.09
C THR A 31 0.15 -0.70 -11.93
N LYS A 32 1.30 -1.29 -12.21
CA LYS A 32 2.09 -2.05 -11.22
C LYS A 32 3.15 -1.12 -10.58
N ALA A 33 2.77 -0.52 -9.45
CA ALA A 33 3.65 0.36 -8.65
C ALA A 33 4.38 -0.45 -7.55
N THR A 34 5.71 -0.54 -7.70
CA THR A 34 6.61 -1.31 -6.80
C THR A 34 7.43 -0.27 -5.98
N PHE A 35 7.32 -0.37 -4.64
CA PHE A 35 7.84 0.67 -3.71
C PHE A 35 8.01 0.08 -2.27
N HIS A 36 8.66 0.84 -1.37
CA HIS A 36 8.69 0.55 0.08
C HIS A 36 7.61 1.34 0.88
N TYR A 37 7.30 0.88 2.10
CA TYR A 37 6.25 1.49 2.96
C TYR A 37 6.69 1.42 4.46
N ARG A 38 6.38 2.47 5.23
CA ARG A 38 6.68 2.52 6.69
C ARG A 38 5.52 3.27 7.38
N THR A 39 4.57 2.50 7.93
CA THR A 39 3.39 3.04 8.63
C THR A 39 3.73 3.25 10.13
N LEU A 40 3.62 4.50 10.58
CA LEU A 40 3.85 4.86 12.01
C LEU A 40 2.77 5.87 12.47
N HIS A 41 2.44 5.85 13.77
CA HIS A 41 1.44 6.77 14.38
C HIS A 41 1.92 8.25 14.36
N SER A 42 1.03 9.16 13.95
CA SER A 42 1.39 10.58 13.66
C SER A 42 1.76 11.40 14.94
N ASP A 43 0.78 11.64 15.83
CA ASP A 43 1.00 12.24 17.18
C ASP A 43 0.31 11.46 18.34
N ASP A 44 -0.65 10.55 18.07
CA ASP A 44 -1.32 9.69 19.08
C ASP A 44 -0.37 8.88 20.02
N GLU A 45 0.60 8.14 19.45
CA GLU A 45 1.70 7.49 20.22
C GLU A 45 3.12 7.87 19.68
N GLY A 46 3.29 8.07 18.36
CA GLY A 46 4.61 8.08 17.71
C GLY A 46 5.24 6.71 17.32
N THR A 47 4.53 5.57 17.56
CA THR A 47 5.10 4.21 17.39
C THR A 47 4.99 3.71 15.93
N VAL A 48 6.02 2.97 15.47
CA VAL A 48 6.00 2.28 14.16
C VAL A 48 5.26 0.93 14.33
N LEU A 49 4.11 0.84 13.65
CA LEU A 49 3.33 -0.40 13.54
C LEU A 49 3.81 -1.38 12.42
N ASP A 50 4.30 -0.86 11.26
CA ASP A 50 4.76 -1.67 10.13
C ASP A 50 5.95 -0.96 9.42
N ASP A 51 6.89 -1.76 8.88
CA ASP A 51 8.19 -1.26 8.35
C ASP A 51 8.75 -2.29 7.34
N SER A 52 8.96 -1.83 6.10
CA SER A 52 9.47 -2.69 4.98
C SER A 52 10.92 -2.35 4.54
N ARG A 53 11.21 -1.07 4.25
CA ARG A 53 12.58 -0.52 4.08
C ARG A 53 13.53 -0.59 5.31
N ALA A 54 12.99 -0.80 6.53
CA ALA A 54 13.78 -1.23 7.70
C ALA A 54 14.57 -2.58 7.51
N ARG A 55 13.91 -3.56 6.87
CA ARG A 55 14.52 -4.83 6.39
C ARG A 55 15.34 -4.71 5.06
N GLY A 56 14.95 -3.80 4.14
CA GLY A 56 15.33 -3.90 2.71
C GLY A 56 14.41 -4.77 1.79
N LYS A 57 13.15 -5.05 2.19
CA LYS A 57 12.23 -5.92 1.40
C LYS A 57 11.04 -5.06 0.87
N PRO A 58 10.94 -4.69 -0.45
CA PRO A 58 9.85 -3.81 -0.96
C PRO A 58 8.53 -4.56 -1.24
N MET A 59 7.43 -3.81 -1.03
CA MET A 59 6.06 -4.27 -1.36
C MET A 59 5.69 -4.03 -2.86
N GLU A 60 4.50 -4.53 -3.23
CA GLU A 60 3.93 -4.41 -4.59
C GLU A 60 2.40 -4.14 -4.49
N LEU A 61 1.99 -3.02 -5.11
CA LEU A 61 0.59 -2.56 -5.18
C LEU A 61 0.17 -2.54 -6.67
N ILE A 62 -1.05 -3.06 -6.90
CA ILE A 62 -1.73 -2.98 -8.21
C ILE A 62 -2.79 -1.84 -8.07
N ILE A 63 -2.77 -0.93 -9.07
CA ILE A 63 -3.75 0.20 -9.16
C ILE A 63 -5.09 -0.36 -9.74
N GLY A 64 -6.06 -0.71 -8.88
CA GLY A 64 -7.43 -1.07 -9.32
C GLY A 64 -7.59 -2.27 -10.27
N LYS A 65 -7.18 -3.47 -9.82
CA LYS A 65 -7.30 -4.73 -10.60
C LYS A 65 -7.25 -5.96 -9.63
N LYS A 66 -6.14 -6.13 -8.86
CA LYS A 66 -6.06 -7.14 -7.77
C LYS A 66 -5.51 -6.49 -6.45
N PHE A 67 -6.24 -5.50 -5.89
CA PHE A 67 -5.92 -4.90 -4.57
C PHE A 67 -7.19 -4.28 -3.94
N LYS A 68 -7.35 -4.51 -2.63
CA LYS A 68 -8.52 -4.04 -1.85
C LYS A 68 -8.45 -2.59 -1.27
N LEU A 69 -7.25 -2.08 -0.94
CA LEU A 69 -7.09 -0.81 -0.18
C LEU A 69 -6.86 0.39 -1.16
N PRO A 70 -7.85 1.31 -1.43
CA PRO A 70 -7.67 2.45 -2.37
C PRO A 70 -6.81 3.67 -1.92
N VAL A 71 -6.56 3.84 -0.60
CA VAL A 71 -5.66 4.92 -0.07
C VAL A 71 -4.16 4.74 -0.47
N TRP A 72 -3.60 3.50 -0.50
CA TRP A 72 -2.31 3.19 -1.19
C TRP A 72 -2.24 3.62 -2.68
N GLU A 73 -3.34 3.47 -3.44
CA GLU A 73 -3.44 3.90 -4.87
C GLU A 73 -3.53 5.45 -5.12
N THR A 74 -4.06 6.24 -4.16
CA THR A 74 -4.16 7.72 -4.21
C THR A 74 -2.84 8.42 -3.76
N ILE A 75 -2.24 8.02 -2.62
CA ILE A 75 -0.93 8.54 -2.13
C ILE A 75 0.29 8.32 -3.10
N VAL A 76 0.35 7.14 -3.76
CA VAL A 76 1.34 6.83 -4.85
C VAL A 76 1.12 7.56 -6.20
N CYS A 77 -0.13 7.96 -6.54
CA CYS A 77 -0.45 8.69 -7.78
C CYS A 77 0.38 9.98 -8.06
N THR A 78 0.83 10.70 -7.01
CA THR A 78 1.73 11.86 -7.09
C THR A 78 3.27 11.56 -7.29
N MET A 79 3.72 10.30 -7.08
CA MET A 79 5.15 9.92 -7.03
C MET A 79 5.60 9.17 -8.30
N ARG A 80 6.83 9.45 -8.75
CA ARG A 80 7.46 8.82 -9.95
C ARG A 80 8.59 7.83 -9.54
N GLU A 81 9.27 7.20 -10.53
CA GLU A 81 10.38 6.23 -10.29
C GLU A 81 11.57 6.90 -9.56
N GLY A 82 11.80 6.49 -8.31
CA GLY A 82 12.81 7.13 -7.44
C GLY A 82 12.37 8.31 -6.52
N GLU A 83 11.06 8.58 -6.35
CA GLU A 83 10.57 9.71 -5.52
C GLU A 83 10.18 9.19 -4.11
N ILE A 84 10.67 9.92 -3.09
CA ILE A 84 10.50 9.53 -1.66
C ILE A 84 9.61 10.62 -1.04
N ALA A 85 8.42 10.23 -0.56
CA ALA A 85 7.44 11.15 0.05
C ALA A 85 6.78 10.51 1.29
N GLN A 86 6.77 11.26 2.41
CA GLN A 86 6.14 10.82 3.68
C GLN A 86 5.01 11.78 4.10
N PHE A 87 3.83 11.23 4.44
CA PHE A 87 2.59 12.03 4.59
C PHE A 87 1.41 11.23 5.20
N LEU A 88 0.55 11.95 5.95
CA LEU A 88 -0.62 11.36 6.65
C LEU A 88 -1.88 11.21 5.77
N CYS A 89 -2.77 10.28 6.19
CA CYS A 89 -4.13 10.16 5.63
C CYS A 89 -5.17 10.13 6.79
N ASP A 90 -6.33 10.77 6.59
CA ASP A 90 -7.46 10.72 7.54
C ASP A 90 -8.08 9.29 7.64
N ILE A 91 -8.53 8.90 8.84
CA ILE A 91 -9.05 7.53 9.12
C ILE A 91 -10.27 7.03 8.29
N LYS A 92 -11.13 7.91 7.75
CA LYS A 92 -12.10 7.54 6.66
C LYS A 92 -11.53 6.80 5.40
N HIS A 93 -10.24 7.05 5.06
CA HIS A 93 -9.51 6.37 3.96
C HIS A 93 -8.74 5.12 4.49
N VAL A 94 -8.03 5.22 5.65
CA VAL A 94 -7.30 4.07 6.28
C VAL A 94 -8.14 3.22 7.31
N VAL A 95 -9.48 3.22 7.20
CA VAL A 95 -10.40 2.38 8.04
C VAL A 95 -10.29 0.85 7.77
N LEU A 96 -10.20 0.46 6.48
CA LEU A 96 -9.87 -0.92 6.05
C LEU A 96 -8.37 -1.21 5.72
N TYR A 97 -7.42 -0.35 6.11
CA TYR A 97 -5.98 -0.72 6.25
C TYR A 97 -5.69 -1.92 7.21
N PRO A 98 -6.16 -2.05 8.49
CA PRO A 98 -5.97 -3.30 9.28
C PRO A 98 -6.63 -4.61 8.76
N LEU A 99 -7.64 -4.51 7.86
CA LEU A 99 -8.25 -5.69 7.18
C LEU A 99 -7.39 -6.18 5.97
N VAL A 100 -6.89 -5.24 5.14
CA VAL A 100 -6.03 -5.52 3.96
C VAL A 100 -4.53 -5.80 4.30
N ALA A 101 -3.98 -5.25 5.39
CA ALA A 101 -2.73 -5.78 6.02
C ALA A 101 -2.70 -7.29 6.38
N LYS A 102 -3.87 -7.88 6.75
CA LYS A 102 -4.02 -9.36 6.79
C LYS A 102 -4.30 -10.07 5.41
N SER A 103 -3.93 -9.45 4.27
CA SER A 103 -4.02 -10.04 2.92
C SER A 103 -2.78 -9.67 2.04
N LEU A 104 -2.29 -8.41 2.02
CA LEU A 104 -0.97 -8.04 1.46
C LEU A 104 0.29 -8.78 2.03
N ARG A 105 0.23 -9.29 3.27
CA ARG A 105 1.14 -10.34 3.78
C ARG A 105 0.76 -11.76 3.29
N ASN A 106 -0.50 -12.20 3.53
CA ASN A 106 -0.88 -13.65 3.53
C ASN A 106 -1.36 -14.13 2.13
N ILE A 107 -2.47 -13.55 1.61
CA ILE A 107 -2.96 -13.73 0.21
C ILE A 107 -1.93 -13.37 -0.93
N ALA A 108 -0.97 -12.46 -0.68
CA ALA A 108 0.19 -12.19 -1.58
C ALA A 108 1.15 -13.36 -1.96
N VAL A 109 1.08 -14.53 -1.28
CA VAL A 109 1.65 -15.82 -1.77
C VAL A 109 1.36 -16.20 -3.27
N GLY A 110 0.12 -16.00 -3.74
CA GLY A 110 -0.30 -16.45 -5.08
C GLY A 110 -1.42 -15.57 -5.64
N LYS A 111 -2.68 -15.99 -5.43
CA LYS A 111 -3.88 -15.31 -5.99
C LYS A 111 -4.85 -14.83 -4.87
N ASP A 112 -5.84 -14.02 -5.26
CA ASP A 112 -7.01 -13.64 -4.40
C ASP A 112 -8.16 -14.72 -4.47
N PRO A 113 -9.02 -14.92 -3.43
CA PRO A 113 -10.01 -16.04 -3.39
C PRO A 113 -11.13 -16.01 -4.48
N LEU A 114 -11.94 -14.94 -4.53
CA LEU A 114 -13.00 -14.76 -5.55
C LEU A 114 -12.40 -14.23 -6.89
N GLU A 115 -11.93 -12.97 -6.91
CA GLU A 115 -11.32 -12.30 -8.11
C GLU A 115 -12.16 -12.41 -9.44
N GLY A 116 -13.44 -12.00 -9.37
CA GLY A 116 -14.44 -12.33 -10.42
C GLY A 116 -14.78 -13.84 -10.51
N GLN A 117 -15.63 -14.33 -9.58
CA GLN A 117 -15.91 -15.80 -9.44
C GLN A 117 -17.02 -16.24 -10.44
N ARG A 118 -16.59 -16.69 -11.63
CA ARG A 118 -17.48 -17.11 -12.74
C ARG A 118 -16.56 -17.92 -13.72
N HIS A 119 -16.52 -19.25 -13.54
CA HIS A 119 -15.36 -20.07 -14.00
C HIS A 119 -15.61 -20.71 -15.41
N CYS A 120 -16.60 -21.62 -15.53
CA CYS A 120 -16.93 -22.34 -16.81
C CYS A 120 -15.88 -23.40 -17.19
N CYS A 121 -16.27 -24.70 -17.18
CA CYS A 121 -15.37 -25.86 -17.46
C CYS A 121 -14.43 -26.19 -16.27
N GLY A 122 -13.29 -25.46 -16.13
CA GLY A 122 -12.45 -25.54 -14.92
C GLY A 122 -12.97 -24.71 -13.72
N VAL A 123 -12.21 -24.74 -12.62
CA VAL A 123 -12.58 -24.09 -11.33
C VAL A 123 -11.28 -23.51 -10.71
N ALA A 124 -11.27 -22.18 -10.48
CA ALA A 124 -10.13 -21.48 -9.81
C ALA A 124 -10.29 -21.51 -8.26
N GLN A 125 -9.14 -21.64 -7.58
CA GLN A 125 -9.07 -21.96 -6.13
C GLN A 125 -9.52 -20.81 -5.16
N MET A 126 -10.15 -21.21 -4.05
CA MET A 126 -10.39 -20.31 -2.89
C MET A 126 -9.09 -20.25 -2.03
N ARG A 127 -8.60 -19.03 -1.81
CA ARG A 127 -7.29 -18.78 -1.16
C ARG A 127 -7.50 -18.37 0.32
N GLU A 128 -6.80 -19.09 1.22
CA GLU A 128 -7.01 -19.00 2.69
C GLU A 128 -6.18 -17.85 3.32
N HIS A 129 -6.79 -17.20 4.33
CA HIS A 129 -6.16 -16.07 5.07
C HIS A 129 -5.49 -16.64 6.35
N SER A 130 -4.14 -16.67 6.37
CA SER A 130 -3.37 -17.21 7.52
C SER A 130 -2.84 -16.06 8.42
N SER A 131 -3.75 -15.42 9.19
CA SER A 131 -3.45 -14.20 9.96
C SER A 131 -2.59 -14.46 11.23
N LEU A 132 -1.60 -13.59 11.46
CA LEU A 132 -0.63 -13.72 12.58
C LEU A 132 -1.25 -13.22 13.93
N GLY A 133 -1.53 -11.91 14.05
CA GLY A 133 -2.08 -11.30 15.28
C GLY A 133 -1.21 -10.11 15.70
N HIS A 134 -1.47 -8.93 15.09
CA HIS A 134 -0.62 -7.72 15.28
C HIS A 134 -1.43 -6.73 16.15
N ALA A 135 -0.95 -6.46 17.39
CA ALA A 135 -1.61 -5.48 18.31
C ALA A 135 -1.53 -3.97 17.96
N ASP A 136 -0.61 -3.54 17.07
CA ASP A 136 -0.42 -2.11 16.70
C ASP A 136 -1.40 -1.62 15.57
N LEU A 137 -1.61 -2.39 14.48
CA LEU A 137 -2.78 -2.18 13.58
C LEU A 137 -4.16 -2.64 14.17
N ASP A 138 -4.21 -3.59 15.13
CA ASP A 138 -5.45 -3.88 15.90
C ASP A 138 -5.86 -2.79 16.96
N ALA A 139 -4.95 -1.91 17.41
CA ALA A 139 -5.30 -0.62 18.07
C ALA A 139 -6.27 0.33 17.30
N LEU A 140 -6.27 0.31 15.95
CA LEU A 140 -7.28 1.02 15.11
C LEU A 140 -8.73 0.44 15.16
N GLN A 141 -8.86 -0.89 15.21
CA GLN A 141 -10.15 -1.61 15.44
C GLN A 141 -10.94 -1.20 16.73
N GLN A 142 -10.21 -0.96 17.83
CA GLN A 142 -10.77 -0.36 19.07
C GLN A 142 -10.79 1.21 19.06
N ASN A 143 -9.82 1.90 18.43
CA ASN A 143 -9.74 3.39 18.47
C ASN A 143 -9.06 3.87 17.15
N PRO A 144 -9.79 4.27 16.06
CA PRO A 144 -9.18 4.63 14.75
C PRO A 144 -8.32 5.92 14.78
N GLN A 145 -7.15 5.90 14.08
CA GLN A 145 -6.09 6.95 14.21
C GLN A 145 -5.46 7.27 12.82
N PRO A 146 -5.22 8.55 12.40
CA PRO A 146 -4.64 8.87 11.07
C PRO A 146 -3.09 8.70 11.05
N LEU A 147 -2.61 7.82 10.15
CA LEU A 147 -1.20 7.30 10.21
C LEU A 147 -0.29 7.96 9.14
N ILE A 148 1.02 8.00 9.43
CA ILE A 148 2.08 8.48 8.50
C ILE A 148 2.54 7.28 7.64
N PHE A 149 2.31 7.39 6.32
CA PHE A 149 2.74 6.37 5.33
C PHE A 149 3.98 6.96 4.62
N HIS A 150 5.18 6.50 5.04
CA HIS A 150 6.46 6.85 4.36
C HIS A 150 6.65 5.84 3.20
N MET A 151 6.24 6.27 2.00
CA MET A 151 6.44 5.51 0.75
C MET A 151 7.76 5.95 0.06
N GLU A 152 8.54 4.96 -0.43
CA GLU A 152 9.82 5.21 -1.12
C GLU A 152 9.69 4.50 -2.50
N MET A 153 9.44 5.25 -3.59
CA MET A 153 9.32 4.66 -4.94
C MET A 153 10.68 4.25 -5.55
N LEU A 154 10.65 3.11 -6.24
CA LEU A 154 11.82 2.54 -6.97
C LEU A 154 11.48 2.29 -8.47
N LYS A 155 10.39 1.56 -8.77
CA LYS A 155 9.95 1.27 -10.18
C LYS A 155 8.40 1.25 -10.25
N VAL A 156 7.86 1.58 -11.44
CA VAL A 156 6.40 1.61 -11.70
C VAL A 156 6.18 1.39 -13.23
N GLU A 157 5.28 0.43 -13.53
CA GLU A 157 5.00 -0.05 -14.92
C GLU A 157 3.51 0.20 -15.26
N SER A 158 3.21 0.48 -16.54
CA SER A 158 1.86 0.85 -17.01
C SER A 158 0.99 -0.35 -17.53
N PRO A 159 -0.38 -0.27 -17.67
CA PRO A 159 -1.20 -1.36 -18.24
C PRO A 159 -0.95 -1.61 -19.76
N GLY A 160 -0.29 -2.74 -20.05
CA GLY A 160 0.35 -2.96 -21.37
C GLY A 160 1.70 -3.69 -21.23
N THR A 161 2.63 -3.07 -20.48
CA THR A 161 4.00 -3.61 -20.25
C THR A 161 4.18 -4.49 -18.96
N TYR A 162 3.33 -4.36 -17.92
CA TYR A 162 3.56 -4.98 -16.59
C TYR A 162 3.38 -6.53 -16.53
N GLN A 163 4.00 -7.16 -15.51
CA GLN A 163 3.64 -8.54 -15.07
C GLN A 163 2.55 -8.45 -13.97
N GLN A 164 1.43 -9.19 -14.16
CA GLN A 164 0.32 -9.27 -13.17
C GLN A 164 0.54 -10.44 -12.17
N ASP A 165 0.15 -10.21 -10.90
CA ASP A 165 0.29 -11.21 -9.82
C ASP A 165 -0.95 -12.14 -9.80
N ALA A 1 -5.05 19.37 -15.02
CA ALA A 1 -5.53 19.38 -13.62
C ALA A 1 -4.47 18.78 -12.65
N ASP A 2 -4.02 19.60 -11.69
CA ASP A 2 -2.89 19.26 -10.79
C ASP A 2 -3.32 18.26 -9.66
N ILE A 3 -2.49 17.23 -9.44
CA ILE A 3 -2.77 16.13 -8.49
C ILE A 3 -2.45 16.54 -7.02
N ILE A 4 -1.28 17.14 -6.75
CA ILE A 4 -0.94 17.82 -5.45
C ILE A 4 -2.05 18.78 -4.91
N ALA A 5 -2.64 19.60 -5.79
CA ALA A 5 -3.79 20.48 -5.44
C ALA A 5 -5.14 19.76 -5.17
N ARG A 6 -5.48 18.65 -5.86
CA ARG A 6 -6.68 17.83 -5.54
C ARG A 6 -6.54 16.87 -4.30
N LEU A 7 -5.32 16.39 -3.94
CA LEU A 7 -5.10 15.54 -2.73
C LEU A 7 -5.15 16.30 -1.38
N ARG A 8 -4.57 17.52 -1.27
CA ARG A 8 -4.74 18.40 -0.07
C ARG A 8 -6.22 18.72 0.34
N GLU A 9 -7.11 18.98 -0.65
CA GLU A 9 -8.59 19.03 -0.44
C GLU A 9 -9.37 17.67 -0.38
N ASP A 10 -8.72 16.49 -0.56
CA ASP A 10 -9.38 15.16 -0.36
C ASP A 10 -9.56 14.69 1.11
N GLY A 11 -9.09 15.44 2.13
CA GLY A 11 -8.95 14.91 3.51
C GLY A 11 -7.51 14.50 3.89
N ILE A 12 -6.84 13.79 2.97
CA ILE A 12 -5.37 13.48 3.02
C ILE A 12 -4.50 14.77 2.81
N GLN A 13 -3.21 14.65 3.11
CA GLN A 13 -2.18 15.62 2.65
C GLN A 13 -1.21 14.94 1.64
N LYS A 14 -0.23 15.71 1.12
CA LYS A 14 0.88 15.15 0.31
C LYS A 14 2.13 16.04 0.56
N ARG A 15 3.22 15.43 1.04
CA ARG A 15 4.48 16.15 1.36
C ARG A 15 5.69 15.28 0.89
N VAL A 16 6.52 15.86 0.00
CA VAL A 16 7.69 15.17 -0.61
C VAL A 16 9.01 15.50 0.14
N ILE A 17 9.83 14.47 0.35
CA ILE A 17 11.21 14.61 0.88
C ILE A 17 12.18 14.89 -0.33
N GLN A 18 12.37 13.90 -1.23
CA GLN A 18 13.25 14.02 -2.42
C GLN A 18 12.37 13.86 -3.68
N GLU A 19 12.16 14.96 -4.42
CA GLU A 19 11.52 14.94 -5.76
C GLU A 19 12.36 14.13 -6.79
N GLY A 20 11.79 13.06 -7.34
CA GLY A 20 12.56 12.01 -8.03
C GLY A 20 13.00 12.28 -9.47
N ARG A 21 13.03 11.19 -10.27
CA ARG A 21 13.75 11.17 -11.57
C ARG A 21 12.74 10.98 -12.72
N GLY A 22 12.89 11.83 -13.75
CA GLY A 22 12.20 11.67 -15.04
C GLY A 22 10.72 12.08 -15.05
N GLU A 23 9.89 11.22 -15.68
CA GLU A 23 8.46 11.50 -15.94
C GLU A 23 7.56 10.78 -14.90
N LEU A 24 6.43 11.42 -14.58
CA LEU A 24 5.32 10.82 -13.80
C LEU A 24 4.42 9.99 -14.78
N PRO A 25 4.29 8.62 -14.69
CA PRO A 25 3.52 7.81 -15.68
C PRO A 25 1.97 7.86 -15.47
N ASP A 26 1.25 6.83 -15.93
CA ASP A 26 -0.24 6.79 -15.93
C ASP A 26 -0.90 6.77 -14.53
N PHE A 27 -0.62 5.73 -13.70
CA PHE A 27 -1.37 5.44 -12.43
C PHE A 27 -2.90 5.25 -12.63
N GLN A 28 -3.26 4.33 -13.55
CA GLN A 28 -4.66 3.98 -13.89
C GLN A 28 -4.86 2.43 -13.76
N ASP A 29 -6.06 1.93 -14.08
CA ASP A 29 -6.49 0.53 -13.79
C ASP A 29 -5.60 -0.53 -14.53
N GLY A 30 -4.70 -1.14 -13.75
CA GLY A 30 -3.65 -2.06 -14.25
C GLY A 30 -2.21 -1.50 -14.22
N THR A 31 -1.81 -0.68 -13.22
CA THR A 31 -0.43 -0.15 -13.10
C THR A 31 0.20 -0.92 -11.91
N LYS A 32 1.34 -1.57 -12.18
CA LYS A 32 2.16 -2.23 -11.15
C LYS A 32 3.19 -1.22 -10.57
N ALA A 33 2.80 -0.60 -9.44
CA ALA A 33 3.69 0.32 -8.71
C ALA A 33 4.47 -0.45 -7.61
N THR A 34 5.79 -0.56 -7.83
CA THR A 34 6.73 -1.21 -6.88
C THR A 34 7.44 -0.10 -6.05
N PHE A 35 7.33 -0.23 -4.72
CA PHE A 35 7.82 0.81 -3.76
C PHE A 35 8.06 0.20 -2.35
N HIS A 36 8.71 0.96 -1.48
CA HIS A 36 8.75 0.69 -0.01
C HIS A 36 7.64 1.46 0.76
N TYR A 37 7.34 1.00 1.99
CA TYR A 37 6.27 1.57 2.85
C TYR A 37 6.72 1.49 4.34
N ARG A 38 6.25 2.46 5.15
CA ARG A 38 6.52 2.47 6.61
C ARG A 38 5.34 3.20 7.30
N THR A 39 4.38 2.41 7.79
CA THR A 39 3.18 2.94 8.48
C THR A 39 3.53 3.14 9.98
N LEU A 40 3.43 4.39 10.45
CA LEU A 40 3.66 4.74 11.87
C LEU A 40 2.54 5.71 12.35
N HIS A 41 2.30 5.72 13.66
CA HIS A 41 1.29 6.60 14.31
C HIS A 41 1.73 8.08 14.27
N SER A 42 0.79 8.97 13.90
CA SER A 42 1.07 10.42 13.67
C SER A 42 1.34 11.22 14.98
N ASP A 43 0.37 11.22 15.92
CA ASP A 43 0.50 11.91 17.24
C ASP A 43 -0.08 11.13 18.48
N ASP A 44 -0.77 9.97 18.30
CA ASP A 44 -1.17 9.07 19.42
C ASP A 44 0.01 8.54 20.28
N GLU A 45 1.05 7.98 19.63
CA GLU A 45 2.33 7.60 20.29
C GLU A 45 3.57 8.12 19.48
N GLY A 46 3.54 8.07 18.14
CA GLY A 46 4.77 7.99 17.32
C GLY A 46 5.35 6.57 17.04
N THR A 47 4.62 5.49 17.37
CA THR A 47 5.10 4.08 17.22
C THR A 47 4.94 3.57 15.76
N VAL A 48 5.95 2.84 15.27
CA VAL A 48 5.90 2.17 13.94
C VAL A 48 5.17 0.81 14.11
N LEU A 49 3.99 0.74 13.49
CA LEU A 49 3.19 -0.51 13.39
C LEU A 49 3.63 -1.48 12.25
N ASP A 50 4.15 -0.96 11.11
CA ASP A 50 4.56 -1.77 9.95
C ASP A 50 5.75 -1.08 9.22
N ASP A 51 6.71 -1.86 8.69
CA ASP A 51 8.00 -1.35 8.17
C ASP A 51 8.59 -2.34 7.13
N SER A 52 8.85 -1.82 5.92
CA SER A 52 9.46 -2.58 4.79
C SER A 52 10.91 -2.15 4.47
N ARG A 53 11.17 -0.84 4.26
CA ARG A 53 12.55 -0.29 4.13
C ARG A 53 13.47 -0.38 5.39
N ALA A 54 12.90 -0.53 6.60
CA ALA A 54 13.66 -0.96 7.80
C ALA A 54 14.38 -2.35 7.67
N ARG A 55 13.71 -3.34 7.05
CA ARG A 55 14.33 -4.62 6.62
C ARG A 55 15.13 -4.56 5.27
N GLY A 56 14.81 -3.62 4.36
CA GLY A 56 15.27 -3.67 2.94
C GLY A 56 14.48 -4.57 1.96
N LYS A 57 13.18 -4.83 2.23
CA LYS A 57 12.35 -5.76 1.43
C LYS A 57 11.14 -4.97 0.84
N PRO A 58 11.10 -4.55 -0.46
CA PRO A 58 10.01 -3.69 -1.01
C PRO A 58 8.70 -4.46 -1.35
N MET A 59 7.58 -3.73 -1.18
CA MET A 59 6.22 -4.23 -1.50
C MET A 59 5.84 -4.03 -3.01
N GLU A 60 4.63 -4.49 -3.37
CA GLU A 60 4.05 -4.33 -4.73
C GLU A 60 2.52 -4.11 -4.62
N LEU A 61 2.09 -2.91 -5.06
CA LEU A 61 0.66 -2.50 -5.12
C LEU A 61 0.24 -2.54 -6.61
N ILE A 62 -0.98 -3.06 -6.80
CA ILE A 62 -1.68 -3.04 -8.11
C ILE A 62 -2.71 -1.88 -8.02
N ILE A 63 -2.67 -1.00 -9.02
CA ILE A 63 -3.69 0.08 -9.21
C ILE A 63 -4.97 -0.59 -9.80
N GLY A 64 -6.08 -0.58 -9.04
CA GLY A 64 -7.44 -0.86 -9.60
C GLY A 64 -7.68 -2.11 -10.48
N LYS A 65 -7.36 -3.30 -9.94
CA LYS A 65 -7.33 -4.57 -10.71
C LYS A 65 -7.34 -5.75 -9.68
N LYS A 66 -6.26 -5.91 -8.89
CA LYS A 66 -6.13 -6.95 -7.84
C LYS A 66 -6.33 -6.40 -6.40
N PHE A 67 -5.70 -5.26 -6.05
CA PHE A 67 -5.52 -4.82 -4.65
C PHE A 67 -6.80 -4.24 -4.00
N LYS A 68 -6.96 -4.54 -2.72
CA LYS A 68 -8.16 -4.20 -1.91
C LYS A 68 -8.16 -2.81 -1.21
N LEU A 69 -6.98 -2.22 -0.87
CA LEU A 69 -6.85 -0.95 -0.12
C LEU A 69 -6.56 0.22 -1.10
N PRO A 70 -7.53 1.11 -1.48
CA PRO A 70 -7.32 2.20 -2.47
C PRO A 70 -6.56 3.49 -2.02
N VAL A 71 -6.34 3.69 -0.70
CA VAL A 71 -5.51 4.83 -0.17
C VAL A 71 -4.00 4.71 -0.53
N TRP A 72 -3.38 3.52 -0.51
CA TRP A 72 -2.05 3.26 -1.16
C TRP A 72 -1.93 3.74 -2.64
N GLU A 73 -2.98 3.54 -3.46
CA GLU A 73 -3.05 4.01 -4.87
C GLU A 73 -3.10 5.57 -5.06
N THR A 74 -3.90 6.28 -4.25
CA THR A 74 -3.97 7.77 -4.22
C THR A 74 -2.69 8.46 -3.61
N ILE A 75 -2.09 7.91 -2.54
CA ILE A 75 -0.70 8.24 -2.06
C ILE A 75 0.35 8.21 -3.22
N VAL A 76 0.43 7.08 -3.96
CA VAL A 76 1.41 6.93 -5.08
C VAL A 76 1.01 7.53 -6.47
N CYS A 77 -0.23 8.01 -6.69
CA CYS A 77 -0.62 8.65 -7.98
C CYS A 77 0.20 9.92 -8.38
N THR A 78 0.62 10.75 -7.40
CA THR A 78 1.67 11.79 -7.58
C THR A 78 3.01 11.29 -6.92
N MET A 79 3.58 10.18 -7.41
CA MET A 79 4.92 9.66 -6.99
C MET A 79 5.56 8.98 -8.23
N ARG A 80 6.71 9.50 -8.70
CA ARG A 80 7.39 9.00 -9.93
C ARG A 80 8.60 8.08 -9.58
N GLU A 81 9.17 7.40 -10.60
CA GLU A 81 10.29 6.43 -10.41
C GLU A 81 11.55 7.10 -9.78
N GLY A 82 11.81 6.75 -8.51
CA GLY A 82 12.87 7.41 -7.69
C GLY A 82 12.46 8.57 -6.75
N GLU A 83 11.16 8.82 -6.52
CA GLU A 83 10.65 9.90 -5.62
C GLU A 83 10.30 9.32 -4.24
N ILE A 84 10.60 10.08 -3.17
CA ILE A 84 10.38 9.64 -1.77
C ILE A 84 9.49 10.73 -1.13
N ALA A 85 8.29 10.33 -0.65
CA ALA A 85 7.35 11.25 0.02
C ALA A 85 6.69 10.57 1.25
N GLN A 86 6.69 11.30 2.39
CA GLN A 86 6.04 10.85 3.66
C GLN A 86 4.92 11.81 4.07
N PHE A 87 3.77 11.26 4.48
CA PHE A 87 2.55 12.07 4.69
C PHE A 87 1.38 11.27 5.32
N LEU A 88 0.48 12.04 5.96
CA LEU A 88 -0.72 11.49 6.66
C LEU A 88 -1.93 11.26 5.71
N CYS A 89 -2.82 10.34 6.13
CA CYS A 89 -4.13 10.12 5.48
C CYS A 89 -5.25 10.10 6.55
N ASP A 90 -6.38 10.75 6.25
CA ASP A 90 -7.58 10.76 7.14
C ASP A 90 -8.20 9.33 7.28
N ILE A 91 -8.71 9.03 8.48
CA ILE A 91 -9.33 7.72 8.82
C ILE A 91 -10.51 7.21 7.95
N LYS A 92 -11.31 8.07 7.30
CA LYS A 92 -12.19 7.66 6.16
C LYS A 92 -11.53 6.83 4.99
N HIS A 93 -10.22 7.00 4.76
CA HIS A 93 -9.44 6.31 3.70
C HIS A 93 -8.63 5.10 4.30
N VAL A 94 -7.94 5.25 5.46
CA VAL A 94 -7.29 4.12 6.20
C VAL A 94 -8.24 3.32 7.18
N VAL A 95 -9.57 3.35 6.99
CA VAL A 95 -10.56 2.57 7.79
C VAL A 95 -10.44 1.02 7.59
N LEU A 96 -10.28 0.58 6.33
CA LEU A 96 -9.97 -0.82 5.95
C LEU A 96 -8.48 -1.18 5.72
N TYR A 97 -7.51 -0.35 6.17
CA TYR A 97 -6.10 -0.78 6.37
C TYR A 97 -5.89 -1.96 7.38
N PRO A 98 -6.43 -2.04 8.64
CA PRO A 98 -6.32 -3.28 9.47
C PRO A 98 -7.05 -4.57 8.94
N LEU A 99 -7.93 -4.44 7.93
CA LEU A 99 -8.53 -5.59 7.21
C LEU A 99 -7.59 -6.12 6.06
N VAL A 100 -7.00 -5.19 5.27
CA VAL A 100 -6.13 -5.51 4.10
C VAL A 100 -4.64 -5.78 4.46
N ALA A 101 -4.07 -5.15 5.49
CA ALA A 101 -2.82 -5.65 6.14
C ALA A 101 -2.84 -7.12 6.65
N LYS A 102 -4.02 -7.63 7.09
CA LYS A 102 -4.26 -9.09 7.24
C LYS A 102 -4.59 -9.87 5.90
N SER A 103 -4.14 -9.38 4.74
CA SER A 103 -4.30 -10.04 3.42
C SER A 103 -3.08 -9.80 2.49
N LEU A 104 -2.52 -8.57 2.37
CA LEU A 104 -1.20 -8.32 1.72
C LEU A 104 0.02 -9.12 2.28
N ARG A 105 -0.01 -9.53 3.56
CA ARG A 105 0.83 -10.64 4.11
C ARG A 105 0.26 -12.06 3.79
N ASN A 106 -1.01 -12.34 4.12
CA ASN A 106 -1.56 -13.73 4.23
C ASN A 106 -1.94 -14.36 2.86
N ILE A 107 -2.80 -13.69 2.05
CA ILE A 107 -3.05 -14.01 0.62
C ILE A 107 -1.76 -14.09 -0.28
N ALA A 108 -0.77 -13.22 -0.03
CA ALA A 108 0.58 -13.26 -0.68
C ALA A 108 1.52 -14.48 -0.39
N VAL A 109 1.09 -15.49 0.39
CA VAL A 109 1.70 -16.86 0.40
C VAL A 109 1.86 -17.52 -1.02
N GLY A 110 0.81 -17.46 -1.85
CA GLY A 110 0.86 -17.99 -3.22
C GLY A 110 -0.51 -17.94 -3.93
N LYS A 111 -1.13 -16.73 -4.02
CA LYS A 111 -2.54 -16.52 -4.48
C LYS A 111 -3.59 -17.20 -3.55
N ASP A 112 -4.70 -16.50 -3.23
CA ASP A 112 -5.82 -17.00 -2.37
C ASP A 112 -5.43 -17.48 -0.91
N PRO A 113 -6.36 -17.69 0.07
CA PRO A 113 -6.00 -18.09 1.47
C PRO A 113 -5.53 -19.58 1.62
N LEU A 114 -6.40 -20.55 1.27
CA LEU A 114 -6.02 -21.99 1.18
C LEU A 114 -5.06 -22.35 -0.01
N GLU A 115 -5.23 -21.70 -1.19
CA GLU A 115 -4.43 -21.96 -2.41
C GLU A 115 -2.91 -21.71 -2.20
N GLY A 116 -2.12 -22.79 -2.33
CA GLY A 116 -0.66 -22.76 -2.06
C GLY A 116 -0.23 -22.40 -0.62
N GLN A 117 -0.69 -23.18 0.38
CA GLN A 117 -0.35 -22.95 1.82
C GLN A 117 0.92 -23.77 2.21
N ARG A 118 1.92 -23.07 2.77
CA ARG A 118 3.26 -23.65 3.08
C ARG A 118 3.63 -23.36 4.55
N HIS A 119 3.89 -24.42 5.34
CA HIS A 119 4.13 -24.31 6.80
C HIS A 119 5.65 -24.28 7.10
N CYS A 120 6.05 -23.40 8.03
CA CYS A 120 7.48 -23.19 8.43
C CYS A 120 8.04 -24.35 9.33
N CYS A 121 9.38 -24.38 9.51
CA CYS A 121 10.07 -25.41 10.32
C CYS A 121 9.77 -25.25 11.84
N GLY A 122 9.18 -26.32 12.43
CA GLY A 122 8.64 -26.29 13.81
C GLY A 122 7.22 -25.69 13.93
N VAL A 123 6.24 -26.30 13.24
CA VAL A 123 4.83 -25.84 13.21
C VAL A 123 3.97 -27.15 13.19
N ALA A 124 3.07 -27.30 14.19
CA ALA A 124 2.12 -28.45 14.29
C ALA A 124 2.78 -29.78 14.76
N GLN A 125 1.97 -30.62 15.46
CA GLN A 125 2.43 -31.91 16.08
C GLN A 125 3.47 -31.74 17.24
N MET A 126 3.17 -30.82 18.18
CA MET A 126 4.05 -30.44 19.32
C MET A 126 3.20 -29.42 20.15
N ARG A 127 3.10 -28.16 19.68
CA ARG A 127 2.17 -27.14 20.19
C ARG A 127 1.50 -26.46 18.96
N GLU A 128 0.18 -26.18 19.07
CA GLU A 128 -0.63 -25.61 17.95
C GLU A 128 -0.12 -24.23 17.39
N HIS A 129 0.03 -23.20 18.26
CA HIS A 129 0.66 -21.89 17.90
C HIS A 129 -0.26 -20.97 17.06
N SER A 130 -0.38 -19.70 17.47
CA SER A 130 -0.99 -18.63 16.64
C SER A 130 0.09 -17.98 15.73
N SER A 131 -0.11 -18.06 14.40
CA SER A 131 0.88 -17.59 13.39
C SER A 131 0.88 -16.04 13.26
N LEU A 132 -0.20 -15.41 12.75
CA LEU A 132 -0.35 -13.94 12.69
C LEU A 132 -1.36 -13.49 13.77
N GLY A 133 -1.02 -12.37 14.45
CA GLY A 133 -1.84 -11.83 15.54
C GLY A 133 -1.15 -10.59 16.14
N HIS A 134 -1.42 -9.43 15.51
CA HIS A 134 -0.73 -8.15 15.86
C HIS A 134 -1.55 -7.35 16.89
N ALA A 135 -0.85 -6.56 17.72
CA ALA A 135 -1.48 -5.55 18.62
C ALA A 135 -1.33 -4.05 18.20
N ASP A 136 -0.48 -3.71 17.21
CA ASP A 136 -0.28 -2.31 16.75
C ASP A 136 -1.29 -1.87 15.65
N LEU A 137 -1.50 -2.68 14.60
CA LEU A 137 -2.63 -2.53 13.65
C LEU A 137 -4.01 -3.03 14.23
N ASP A 138 -4.06 -3.95 15.23
CA ASP A 138 -5.30 -4.20 16.02
C ASP A 138 -5.67 -3.12 17.08
N ALA A 139 -4.75 -2.21 17.48
CA ALA A 139 -5.11 -0.92 18.14
C ALA A 139 -6.07 0.02 17.36
N LEU A 140 -6.09 -0.01 16.01
CA LEU A 140 -7.12 0.68 15.17
C LEU A 140 -8.57 0.12 15.28
N GLN A 141 -8.71 -1.20 15.39
CA GLN A 141 -10.01 -1.88 15.70
C GLN A 141 -10.75 -1.41 16.99
N GLN A 142 -10.00 -1.11 18.06
CA GLN A 142 -10.51 -0.41 19.28
C GLN A 142 -10.47 1.14 19.20
N ASN A 143 -9.50 1.77 18.50
CA ASN A 143 -9.35 3.25 18.47
C ASN A 143 -8.66 3.64 17.12
N PRO A 144 -9.38 4.00 16.03
CA PRO A 144 -8.74 4.42 14.75
C PRO A 144 -8.32 5.92 14.78
N GLN A 145 -7.11 6.21 14.27
CA GLN A 145 -6.56 7.59 14.19
C GLN A 145 -5.65 7.76 12.92
N PRO A 146 -5.55 8.95 12.25
CA PRO A 146 -4.90 9.09 10.92
C PRO A 146 -3.36 8.88 10.94
N LEU A 147 -2.89 7.97 10.07
CA LEU A 147 -1.50 7.41 10.15
C LEU A 147 -0.55 8.03 9.09
N ILE A 148 0.76 8.00 9.42
CA ILE A 148 1.86 8.49 8.53
C ILE A 148 2.36 7.28 7.71
N PHE A 149 2.16 7.35 6.38
CA PHE A 149 2.57 6.30 5.43
C PHE A 149 3.78 6.86 4.64
N HIS A 150 5.00 6.47 5.07
CA HIS A 150 6.27 6.89 4.45
C HIS A 150 6.61 5.91 3.31
N MET A 151 6.46 6.40 2.07
CA MET A 151 6.68 5.58 0.85
C MET A 151 7.90 6.07 0.04
N GLU A 152 8.56 5.10 -0.62
CA GLU A 152 9.80 5.35 -1.39
C GLU A 152 9.58 4.65 -2.76
N MET A 153 9.25 5.41 -3.82
CA MET A 153 9.14 4.88 -5.20
C MET A 153 10.53 4.54 -5.80
N LEU A 154 10.58 3.32 -6.34
CA LEU A 154 11.74 2.78 -7.09
C LEU A 154 11.38 2.56 -8.59
N LYS A 155 10.35 1.75 -8.90
CA LYS A 155 9.95 1.40 -10.29
C LYS A 155 8.40 1.32 -10.36
N VAL A 156 7.86 1.66 -11.52
CA VAL A 156 6.41 1.58 -11.81
C VAL A 156 6.21 1.28 -13.33
N GLU A 157 5.35 0.28 -13.62
CA GLU A 157 5.01 -0.15 -15.00
C GLU A 157 3.49 0.04 -15.24
N SER A 158 3.12 0.52 -16.43
CA SER A 158 1.72 0.90 -16.78
C SER A 158 0.93 -0.23 -17.54
N PRO A 159 -0.43 -0.16 -17.76
CA PRO A 159 -1.20 -1.25 -18.43
C PRO A 159 -0.83 -1.46 -19.93
N GLY A 160 -0.19 -2.61 -20.21
CA GLY A 160 0.52 -2.84 -21.47
C GLY A 160 1.88 -3.53 -21.24
N THR A 161 2.76 -2.86 -20.48
CA THR A 161 4.13 -3.34 -20.16
C THR A 161 4.29 -4.16 -18.83
N TYR A 162 3.33 -4.12 -17.89
CA TYR A 162 3.48 -4.72 -16.54
C TYR A 162 3.44 -6.28 -16.49
N GLN A 163 3.71 -6.86 -15.30
CA GLN A 163 3.50 -8.31 -15.03
C GLN A 163 2.04 -8.54 -14.52
N GLN A 164 1.29 -9.40 -15.23
CA GLN A 164 -0.17 -9.57 -15.02
C GLN A 164 -0.48 -10.44 -13.77
N ASP A 165 -1.40 -9.94 -12.92
CA ASP A 165 -1.71 -10.54 -11.61
C ASP A 165 -3.05 -11.29 -11.75
N ALA A 1 -4.68 18.23 -15.08
CA ALA A 1 -4.99 18.75 -13.73
C ALA A 1 -3.71 18.81 -12.85
N ASP A 2 -3.70 19.78 -11.91
CA ASP A 2 -2.68 19.83 -10.81
C ASP A 2 -3.14 18.86 -9.68
N ILE A 3 -2.36 17.79 -9.47
CA ILE A 3 -2.82 16.60 -8.68
C ILE A 3 -2.57 16.81 -7.15
N ILE A 4 -1.40 17.29 -6.70
CA ILE A 4 -1.20 17.78 -5.29
C ILE A 4 -2.27 18.82 -4.81
N ALA A 5 -2.68 19.78 -5.68
CA ALA A 5 -3.80 20.71 -5.40
C ALA A 5 -5.21 20.07 -5.20
N ARG A 6 -5.56 18.98 -5.93
CA ARG A 6 -6.80 18.19 -5.65
C ARG A 6 -6.70 17.17 -4.46
N LEU A 7 -5.52 16.57 -4.18
CA LEU A 7 -5.31 15.61 -3.07
C LEU A 7 -5.17 16.25 -1.66
N ARG A 8 -4.60 17.46 -1.50
CA ARG A 8 -4.73 18.26 -0.24
C ARG A 8 -6.20 18.54 0.23
N GLU A 9 -7.11 18.88 -0.70
CA GLU A 9 -8.58 18.90 -0.47
C GLU A 9 -9.36 17.54 -0.57
N ASP A 10 -8.69 16.37 -0.75
CA ASP A 10 -9.34 15.04 -0.65
C ASP A 10 -9.65 14.53 0.80
N GLY A 11 -9.20 15.22 1.87
CA GLY A 11 -9.13 14.65 3.22
C GLY A 11 -7.68 14.34 3.68
N ILE A 12 -6.91 13.67 2.81
CA ILE A 12 -5.44 13.48 2.95
C ILE A 12 -4.66 14.83 2.80
N GLN A 13 -3.40 14.86 3.27
CA GLN A 13 -2.50 16.03 3.11
C GLN A 13 -1.11 15.47 2.73
N LYS A 14 -0.61 15.81 1.52
CA LYS A 14 0.59 15.17 0.94
C LYS A 14 1.84 16.09 0.98
N ARG A 15 3.02 15.52 1.34
CA ARG A 15 4.29 16.29 1.40
C ARG A 15 5.46 15.38 0.89
N VAL A 16 6.17 15.85 -0.15
CA VAL A 16 7.35 15.16 -0.72
C VAL A 16 8.68 15.61 -0.01
N ILE A 17 9.53 14.61 0.26
CA ILE A 17 10.92 14.84 0.78
C ILE A 17 11.86 15.13 -0.43
N GLN A 18 12.06 14.16 -1.34
CA GLN A 18 12.92 14.30 -2.54
C GLN A 18 12.07 14.04 -3.79
N GLU A 19 11.84 15.08 -4.61
CA GLU A 19 11.25 14.95 -5.97
C GLU A 19 12.19 14.16 -6.93
N GLY A 20 11.70 13.02 -7.43
CA GLY A 20 12.56 11.98 -8.03
C GLY A 20 12.96 12.17 -9.51
N ARG A 21 12.92 11.06 -10.25
CA ARG A 21 13.34 11.00 -11.68
C ARG A 21 12.41 10.03 -12.48
N GLY A 22 12.75 9.71 -13.73
CA GLY A 22 11.99 8.73 -14.55
C GLY A 22 10.77 9.16 -15.39
N GLU A 23 10.13 10.27 -14.99
CA GLU A 23 8.88 10.80 -15.59
C GLU A 23 7.63 10.00 -15.09
N LEU A 24 6.54 10.73 -14.80
CA LEU A 24 5.32 10.18 -14.15
C LEU A 24 4.46 9.34 -15.17
N PRO A 25 4.22 8.00 -14.99
CA PRO A 25 3.42 7.20 -15.96
C PRO A 25 1.88 7.42 -15.84
N ASP A 26 1.07 6.42 -16.24
CA ASP A 26 -0.42 6.51 -16.28
C ASP A 26 -1.09 6.58 -14.87
N PHE A 27 -0.87 5.57 -13.99
CA PHE A 27 -1.64 5.37 -12.73
C PHE A 27 -3.19 5.25 -12.94
N GLN A 28 -3.57 4.18 -13.64
CA GLN A 28 -4.98 3.77 -13.85
C GLN A 28 -5.11 2.22 -13.72
N ASP A 29 -6.24 1.64 -14.19
CA ASP A 29 -6.57 0.20 -14.01
C ASP A 29 -5.52 -0.79 -14.64
N GLY A 30 -4.61 -1.27 -13.77
CA GLY A 30 -3.48 -2.14 -14.17
C GLY A 30 -2.11 -1.46 -14.22
N THR A 31 -1.76 -0.57 -13.27
CA THR A 31 -0.39 -0.03 -13.14
C THR A 31 0.26 -0.82 -11.97
N LYS A 32 1.41 -1.42 -12.27
CA LYS A 32 2.23 -2.14 -11.27
C LYS A 32 3.26 -1.15 -10.64
N ALA A 33 2.87 -0.59 -9.49
CA ALA A 33 3.73 0.34 -8.71
C ALA A 33 4.47 -0.42 -7.59
N THR A 34 5.80 -0.51 -7.75
CA THR A 34 6.71 -1.18 -6.79
C THR A 34 7.43 -0.09 -5.96
N PHE A 35 7.27 -0.17 -4.63
CA PHE A 35 7.73 0.87 -3.68
C PHE A 35 7.95 0.28 -2.26
N HIS A 36 8.62 1.04 -1.37
CA HIS A 36 8.65 0.74 0.09
C HIS A 36 7.52 1.50 0.86
N TYR A 37 7.23 1.03 2.08
CA TYR A 37 6.18 1.61 2.96
C TYR A 37 6.66 1.56 4.44
N ARG A 38 6.31 2.60 5.23
CA ARG A 38 6.61 2.63 6.68
C ARG A 38 5.46 3.36 7.40
N THR A 39 4.54 2.56 7.96
CA THR A 39 3.36 3.08 8.70
C THR A 39 3.73 3.23 10.19
N LEU A 40 3.63 4.46 10.70
CA LEU A 40 3.87 4.78 12.12
C LEU A 40 2.80 5.78 12.64
N HIS A 41 2.52 5.73 13.94
CA HIS A 41 1.52 6.63 14.59
C HIS A 41 2.02 8.10 14.64
N SER A 42 1.12 9.04 14.30
CA SER A 42 1.47 10.47 14.06
C SER A 42 1.93 11.21 15.35
N ASP A 43 1.00 11.48 16.28
CA ASP A 43 1.32 12.02 17.65
C ASP A 43 0.57 11.28 18.81
N ASP A 44 -0.33 10.30 18.54
CA ASP A 44 -1.07 9.53 19.58
C ASP A 44 -0.16 8.60 20.44
N GLU A 45 0.62 7.70 19.80
CA GLU A 45 1.67 6.90 20.47
C GLU A 45 3.10 7.34 20.03
N GLY A 46 3.31 7.68 18.74
CA GLY A 46 4.64 7.75 18.12
C GLY A 46 5.32 6.40 17.71
N THR A 47 4.59 5.27 17.76
CA THR A 47 5.16 3.91 17.53
C THR A 47 5.06 3.50 16.04
N VAL A 48 6.07 2.77 15.56
CA VAL A 48 6.03 2.15 14.20
C VAL A 48 5.28 0.78 14.33
N LEU A 49 4.14 0.73 13.64
CA LEU A 49 3.32 -0.50 13.51
C LEU A 49 3.77 -1.46 12.37
N ASP A 50 4.28 -0.91 11.23
CA ASP A 50 4.71 -1.71 10.06
C ASP A 50 5.87 -0.96 9.34
N ASP A 51 6.84 -1.72 8.79
CA ASP A 51 8.12 -1.17 8.28
C ASP A 51 8.73 -2.17 7.25
N SER A 52 9.02 -1.65 6.04
CA SER A 52 9.58 -2.46 4.91
C SER A 52 11.00 -2.06 4.45
N ARG A 53 11.24 -0.75 4.22
CA ARG A 53 12.61 -0.18 4.09
C ARG A 53 13.53 -0.29 5.34
N ALA A 54 12.95 -0.43 6.54
CA ALA A 54 13.68 -0.88 7.75
C ALA A 54 14.26 -2.32 7.69
N ARG A 55 13.50 -3.26 7.10
CA ARG A 55 13.98 -4.62 6.74
C ARG A 55 14.96 -4.67 5.52
N GLY A 56 14.79 -3.78 4.53
CA GLY A 56 15.45 -3.90 3.20
C GLY A 56 14.75 -4.81 2.16
N LYS A 57 13.40 -4.80 2.11
CA LYS A 57 12.62 -5.58 1.10
C LYS A 57 11.33 -4.79 0.71
N PRO A 58 11.06 -4.39 -0.58
CA PRO A 58 9.90 -3.54 -0.95
C PRO A 58 8.59 -4.34 -1.21
N MET A 59 7.48 -3.64 -0.99
CA MET A 59 6.11 -4.13 -1.33
C MET A 59 5.74 -3.88 -2.82
N GLU A 60 4.56 -4.41 -3.19
CA GLU A 60 4.01 -4.32 -4.56
C GLU A 60 2.48 -4.08 -4.49
N LEU A 61 2.07 -2.95 -5.08
CA LEU A 61 0.65 -2.53 -5.17
C LEU A 61 0.24 -2.57 -6.66
N ILE A 62 -0.95 -3.15 -6.89
CA ILE A 62 -1.63 -3.16 -8.21
C ILE A 62 -2.73 -2.04 -8.13
N ILE A 63 -2.70 -1.13 -9.12
CA ILE A 63 -3.69 -0.02 -9.23
C ILE A 63 -5.03 -0.58 -9.81
N GLY A 64 -6.11 -0.55 -9.01
CA GLY A 64 -7.51 -0.73 -9.50
C GLY A 64 -7.82 -1.96 -10.41
N LYS A 65 -7.47 -3.16 -9.93
CA LYS A 65 -7.37 -4.38 -10.77
C LYS A 65 -7.37 -5.58 -9.78
N LYS A 66 -6.26 -5.82 -9.05
CA LYS A 66 -6.15 -6.86 -8.00
C LYS A 66 -6.41 -6.29 -6.56
N PHE A 67 -5.74 -5.18 -6.17
CA PHE A 67 -5.55 -4.81 -4.75
C PHE A 67 -6.82 -4.21 -4.08
N LYS A 68 -6.94 -4.51 -2.78
CA LYS A 68 -8.14 -4.17 -1.97
C LYS A 68 -8.14 -2.78 -1.26
N LEU A 69 -6.97 -2.17 -0.94
CA LEU A 69 -6.86 -0.90 -0.19
C LEU A 69 -6.64 0.28 -1.20
N PRO A 70 -7.65 1.14 -1.54
CA PRO A 70 -7.50 2.25 -2.52
C PRO A 70 -6.72 3.53 -2.08
N VAL A 71 -6.48 3.72 -0.77
CA VAL A 71 -5.63 4.84 -0.25
C VAL A 71 -4.12 4.70 -0.64
N TRP A 72 -3.52 3.50 -0.62
CA TRP A 72 -2.19 3.24 -1.25
C TRP A 72 -2.04 3.68 -2.73
N GLU A 73 -3.11 3.55 -3.53
CA GLU A 73 -3.14 3.98 -4.97
C GLU A 73 -3.23 5.52 -5.21
N THR A 74 -4.06 6.24 -4.42
CA THR A 74 -4.17 7.73 -4.43
C THR A 74 -2.89 8.46 -3.92
N ILE A 75 -2.32 8.02 -2.79
CA ILE A 75 -1.06 8.57 -2.24
C ILE A 75 0.21 8.34 -3.15
N VAL A 76 0.26 7.25 -3.94
CA VAL A 76 1.31 7.04 -4.98
C VAL A 76 0.99 7.54 -6.43
N CYS A 77 -0.26 7.97 -6.76
CA CYS A 77 -0.57 8.51 -8.11
C CYS A 77 0.27 9.76 -8.57
N THR A 78 0.65 10.64 -7.63
CA THR A 78 1.62 11.75 -7.90
C THR A 78 3.15 11.36 -7.86
N MET A 79 3.51 10.09 -7.55
CA MET A 79 4.91 9.68 -7.26
C MET A 79 5.54 8.93 -8.46
N ARG A 80 6.74 9.37 -8.87
CA ARG A 80 7.50 8.81 -10.04
C ARG A 80 8.71 7.94 -9.59
N GLU A 81 9.40 7.30 -10.56
CA GLU A 81 10.50 6.32 -10.29
C GLU A 81 11.71 6.98 -9.55
N GLY A 82 11.82 6.70 -8.24
CA GLY A 82 12.79 7.39 -7.36
C GLY A 82 12.30 8.60 -6.52
N GLU A 83 10.98 8.85 -6.40
CA GLU A 83 10.41 9.96 -5.58
C GLU A 83 10.04 9.44 -4.18
N ILE A 84 10.39 10.20 -3.13
CA ILE A 84 10.25 9.77 -1.72
C ILE A 84 9.35 10.84 -1.03
N ALA A 85 8.18 10.42 -0.52
CA ALA A 85 7.23 11.32 0.16
C ALA A 85 6.66 10.66 1.45
N GLN A 86 6.67 11.43 2.57
CA GLN A 86 6.14 10.97 3.89
C GLN A 86 5.10 11.96 4.44
N PHE A 87 3.96 11.43 4.92
CA PHE A 87 2.76 12.27 5.21
C PHE A 87 1.59 11.43 5.79
N LEU A 88 0.64 12.13 6.46
CA LEU A 88 -0.57 11.49 7.05
C LEU A 88 -1.75 11.34 6.06
N CYS A 89 -2.56 10.28 6.26
CA CYS A 89 -3.85 10.10 5.56
C CYS A 89 -4.99 10.08 6.62
N ASP A 90 -6.12 10.73 6.30
CA ASP A 90 -7.32 10.76 7.18
C ASP A 90 -7.96 9.34 7.32
N ILE A 91 -8.47 9.04 8.53
CA ILE A 91 -9.14 7.76 8.87
C ILE A 91 -10.36 7.33 8.00
N LYS A 92 -11.13 8.24 7.39
CA LYS A 92 -12.07 7.88 6.27
C LYS A 92 -11.49 7.05 5.06
N HIS A 93 -10.17 7.19 4.80
CA HIS A 93 -9.45 6.44 3.74
C HIS A 93 -8.71 5.20 4.33
N VAL A 94 -8.03 5.32 5.50
CA VAL A 94 -7.34 4.18 6.18
C VAL A 94 -8.23 3.40 7.22
N VAL A 95 -9.58 3.43 7.06
CA VAL A 95 -10.55 2.63 7.87
C VAL A 95 -10.40 1.08 7.64
N LEU A 96 -10.25 0.66 6.37
CA LEU A 96 -9.95 -0.74 5.98
C LEU A 96 -8.44 -1.08 5.71
N TYR A 97 -7.48 -0.22 6.09
CA TYR A 97 -6.05 -0.61 6.26
C TYR A 97 -5.79 -1.77 7.29
N PRO A 98 -6.28 -1.85 8.56
CA PRO A 98 -6.14 -3.08 9.40
C PRO A 98 -6.83 -4.38 8.91
N LEU A 99 -7.77 -4.30 7.94
CA LEU A 99 -8.38 -5.47 7.27
C LEU A 99 -7.48 -5.99 6.09
N VAL A 100 -6.94 -5.06 5.26
CA VAL A 100 -6.10 -5.40 4.08
C VAL A 100 -4.60 -5.68 4.42
N ALA A 101 -4.00 -5.02 5.42
CA ALA A 101 -2.72 -5.48 6.02
C ALA A 101 -2.69 -6.95 6.53
N LYS A 102 -3.82 -7.49 7.03
CA LYS A 102 -4.00 -8.95 7.24
C LYS A 102 -4.31 -9.82 5.97
N SER A 103 -4.01 -9.33 4.74
CA SER A 103 -4.24 -10.06 3.47
C SER A 103 -3.14 -9.79 2.40
N LEU A 104 -2.69 -8.53 2.19
CA LEU A 104 -1.46 -8.19 1.40
C LEU A 104 -0.15 -8.95 1.82
N ARG A 105 0.00 -9.25 3.12
CA ARG A 105 1.00 -10.22 3.64
C ARG A 105 0.53 -11.70 3.55
N ASN A 106 -0.67 -12.04 4.07
CA ASN A 106 -1.02 -13.44 4.47
C ASN A 106 -1.62 -14.26 3.29
N ILE A 107 -2.74 -13.79 2.70
CA ILE A 107 -3.32 -14.32 1.42
C ILE A 107 -2.34 -14.30 0.19
N ALA A 108 -1.41 -13.32 0.10
CA ALA A 108 -0.33 -13.29 -0.93
C ALA A 108 0.69 -14.48 -1.00
N VAL A 109 0.66 -15.44 -0.05
CA VAL A 109 1.26 -16.80 -0.23
C VAL A 109 0.81 -17.55 -1.53
N GLY A 110 -0.50 -17.59 -1.81
CA GLY A 110 -1.04 -18.29 -2.98
C GLY A 110 -2.55 -17.98 -3.12
N LYS A 111 -3.40 -19.01 -2.92
CA LYS A 111 -4.87 -18.88 -3.02
C LYS A 111 -5.53 -18.33 -1.71
N ASP A 112 -6.78 -17.89 -1.88
CA ASP A 112 -7.71 -17.60 -0.74
C ASP A 112 -8.20 -18.90 0.01
N PRO A 113 -8.71 -18.84 1.28
CA PRO A 113 -9.05 -20.04 2.09
C PRO A 113 -10.18 -20.94 1.52
N LEU A 114 -11.37 -20.37 1.22
CA LEU A 114 -12.39 -21.06 0.39
C LEU A 114 -12.24 -20.81 -1.14
N GLU A 115 -11.89 -19.59 -1.62
CA GLU A 115 -11.89 -19.25 -3.06
C GLU A 115 -10.66 -19.91 -3.76
N GLY A 116 -10.94 -20.84 -4.68
CA GLY A 116 -9.96 -21.88 -5.07
C GLY A 116 -10.54 -23.32 -5.07
N GLN A 117 -11.30 -23.71 -4.02
CA GLN A 117 -11.83 -25.09 -3.84
C GLN A 117 -12.86 -25.51 -4.93
N ARG A 118 -14.08 -24.92 -4.93
CA ARG A 118 -15.20 -25.26 -5.86
C ARG A 118 -15.72 -26.71 -5.62
N HIS A 119 -16.83 -26.85 -4.87
CA HIS A 119 -17.51 -28.15 -4.67
C HIS A 119 -18.91 -28.05 -5.36
N CYS A 120 -20.00 -27.80 -4.60
CA CYS A 120 -21.38 -27.69 -5.14
C CYS A 120 -22.27 -27.01 -4.06
N CYS A 121 -22.61 -27.73 -2.96
CA CYS A 121 -23.36 -27.17 -1.80
C CYS A 121 -22.79 -27.81 -0.51
N GLY A 122 -21.99 -27.04 0.23
CA GLY A 122 -21.25 -27.56 1.42
C GLY A 122 -19.95 -28.32 1.09
N VAL A 123 -19.37 -28.93 2.13
CA VAL A 123 -18.13 -29.78 2.06
C VAL A 123 -16.89 -28.90 1.70
N ALA A 124 -16.08 -28.57 2.72
CA ALA A 124 -14.96 -27.61 2.56
C ALA A 124 -13.78 -28.05 3.45
N GLN A 125 -12.64 -28.31 2.80
CA GLN A 125 -11.41 -28.84 3.43
C GLN A 125 -10.17 -28.06 2.90
N MET A 126 -9.25 -27.71 3.83
CA MET A 126 -7.97 -26.99 3.54
C MET A 126 -8.21 -25.46 3.33
N ARG A 127 -7.68 -24.65 4.26
CA ARG A 127 -7.68 -23.17 4.16
C ARG A 127 -6.22 -22.71 3.91
N GLU A 128 -5.96 -22.10 2.74
CA GLU A 128 -4.65 -21.46 2.43
C GLU A 128 -4.71 -19.97 2.87
N HIS A 129 -4.22 -19.72 4.09
CA HIS A 129 -4.23 -18.38 4.74
C HIS A 129 -3.26 -18.49 5.95
N SER A 130 -2.23 -17.62 5.97
CA SER A 130 -1.25 -17.58 7.11
C SER A 130 -1.88 -17.13 8.46
N SER A 131 -2.54 -15.95 8.53
CA SER A 131 -3.31 -15.47 9.71
C SER A 131 -2.42 -15.28 10.99
N LEU A 132 -1.83 -14.09 11.15
CA LEU A 132 -0.79 -13.84 12.17
C LEU A 132 -1.43 -13.28 13.48
N GLY A 133 -1.37 -11.96 13.75
CA GLY A 133 -1.83 -11.39 15.03
C GLY A 133 -0.85 -10.31 15.50
N HIS A 134 -1.25 -9.04 15.36
CA HIS A 134 -0.36 -7.86 15.60
C HIS A 134 -1.18 -6.82 16.40
N ALA A 135 -0.78 -6.55 17.66
CA ALA A 135 -1.46 -5.55 18.52
C ALA A 135 -1.31 -4.03 18.19
N ASP A 136 -0.47 -3.64 17.21
CA ASP A 136 -0.28 -2.23 16.79
C ASP A 136 -1.29 -1.78 15.67
N LEU A 137 -1.44 -2.57 14.59
CA LEU A 137 -2.57 -2.43 13.62
C LEU A 137 -3.95 -2.94 14.16
N ASP A 138 -4.00 -3.89 15.13
CA ASP A 138 -5.26 -4.21 15.88
C ASP A 138 -5.65 -3.17 16.99
N ALA A 139 -4.75 -2.27 17.45
CA ALA A 139 -5.13 -1.02 18.15
C ALA A 139 -6.09 -0.04 17.39
N LEU A 140 -6.08 -0.03 16.05
CA LEU A 140 -7.09 0.69 15.21
C LEU A 140 -8.55 0.12 15.26
N GLN A 141 -8.69 -1.21 15.34
CA GLN A 141 -9.99 -1.91 15.57
C GLN A 141 -10.78 -1.47 16.85
N GLN A 142 -10.06 -1.21 17.96
CA GLN A 142 -10.60 -0.56 19.18
C GLN A 142 -10.58 1.00 19.14
N ASN A 143 -9.59 1.65 18.50
CA ASN A 143 -9.44 3.12 18.51
C ASN A 143 -8.71 3.59 17.21
N PRO A 144 -9.39 3.96 16.09
CA PRO A 144 -8.70 4.37 14.83
C PRO A 144 -8.19 5.84 14.87
N GLN A 145 -6.97 6.08 14.35
CA GLN A 145 -6.34 7.42 14.32
C GLN A 145 -5.50 7.60 13.00
N PRO A 146 -5.41 8.81 12.36
CA PRO A 146 -4.73 8.98 11.04
C PRO A 146 -3.18 8.82 11.11
N LEU A 147 -2.65 7.90 10.28
CA LEU A 147 -1.26 7.39 10.41
C LEU A 147 -0.30 8.03 9.37
N ILE A 148 1.01 8.04 9.68
CA ILE A 148 2.09 8.52 8.76
C ILE A 148 2.49 7.33 7.84
N PHE A 149 2.20 7.45 6.54
CA PHE A 149 2.60 6.48 5.50
C PHE A 149 3.83 7.09 4.76
N HIS A 150 5.03 6.60 5.09
CA HIS A 150 6.28 6.94 4.37
C HIS A 150 6.45 5.95 3.19
N MET A 151 6.01 6.39 2.01
CA MET A 151 6.23 5.67 0.74
C MET A 151 7.55 6.13 0.07
N GLU A 152 8.31 5.17 -0.47
CA GLU A 152 9.58 5.43 -1.19
C GLU A 152 9.43 4.72 -2.57
N MET A 153 9.14 5.48 -3.64
CA MET A 153 9.05 4.93 -5.02
C MET A 153 10.44 4.57 -5.59
N LEU A 154 10.49 3.39 -6.23
CA LEU A 154 11.70 2.88 -6.94
C LEU A 154 11.38 2.61 -8.44
N LYS A 155 10.40 1.75 -8.76
CA LYS A 155 9.98 1.45 -10.16
C LYS A 155 8.43 1.42 -10.25
N VAL A 156 7.91 1.69 -11.46
CA VAL A 156 6.45 1.67 -11.74
C VAL A 156 6.26 1.46 -13.27
N GLU A 157 5.39 0.48 -13.61
CA GLU A 157 5.07 0.08 -15.01
C GLU A 157 3.55 0.26 -15.27
N SER A 158 3.20 0.65 -16.50
CA SER A 158 1.81 0.98 -16.91
C SER A 158 1.03 -0.22 -17.58
N PRO A 159 -0.33 -0.21 -17.78
CA PRO A 159 -1.08 -1.34 -18.40
C PRO A 159 -0.76 -1.53 -19.91
N GLY A 160 -0.02 -2.62 -20.21
CA GLY A 160 0.67 -2.77 -21.51
C GLY A 160 2.08 -3.38 -21.35
N THR A 161 2.94 -2.68 -20.60
CA THR A 161 4.35 -3.10 -20.35
C THR A 161 4.59 -4.02 -19.11
N TYR A 162 3.70 -4.05 -18.08
CA TYR A 162 3.94 -4.81 -16.84
C TYR A 162 3.82 -6.36 -17.01
N GLN A 163 4.16 -7.11 -15.93
CA GLN A 163 3.97 -8.59 -15.86
C GLN A 163 2.46 -8.95 -15.81
N GLN A 164 1.96 -9.48 -16.94
CA GLN A 164 0.52 -9.80 -17.13
C GLN A 164 0.43 -11.34 -17.31
N ASP A 165 -0.02 -12.01 -16.24
CA ASP A 165 0.02 -13.48 -16.12
C ASP A 165 -1.37 -14.06 -16.45
N ALA A 1 -3.08 24.34 -12.10
CA ALA A 1 -3.42 22.93 -12.43
C ALA A 1 -2.34 21.97 -11.82
N ASP A 2 -2.73 21.28 -10.74
CA ASP A 2 -1.81 20.47 -9.91
C ASP A 2 -2.62 19.35 -9.20
N ILE A 3 -2.03 18.13 -9.16
CA ILE A 3 -2.66 16.95 -8.49
C ILE A 3 -2.51 17.01 -6.94
N ILE A 4 -1.36 17.42 -6.36
CA ILE A 4 -1.24 17.77 -4.91
C ILE A 4 -2.27 18.86 -4.43
N ALA A 5 -2.58 19.87 -5.26
CA ALA A 5 -3.68 20.84 -4.99
C ALA A 5 -5.13 20.28 -4.96
N ARG A 6 -5.50 19.25 -5.76
CA ARG A 6 -6.75 18.48 -5.56
C ARG A 6 -6.76 17.50 -4.32
N LEU A 7 -5.61 16.91 -3.95
CA LEU A 7 -5.49 15.94 -2.83
C LEU A 7 -5.41 16.56 -1.40
N ARG A 8 -4.80 17.75 -1.20
CA ARG A 8 -4.94 18.56 0.05
C ARG A 8 -6.42 18.87 0.49
N GLU A 9 -7.28 19.27 -0.46
CA GLU A 9 -8.76 19.36 -0.28
C GLU A 9 -9.59 18.03 -0.33
N ASP A 10 -8.97 16.84 -0.55
CA ASP A 10 -9.66 15.52 -0.40
C ASP A 10 -9.71 14.96 1.07
N GLY A 11 -9.42 15.76 2.11
CA GLY A 11 -9.26 15.24 3.50
C GLY A 11 -7.82 14.86 3.91
N ILE A 12 -7.11 14.21 2.99
CA ILE A 12 -5.67 13.85 3.10
C ILE A 12 -4.74 15.09 2.89
N GLN A 13 -3.43 14.93 3.20
CA GLN A 13 -2.42 15.99 2.99
C GLN A 13 -1.12 15.30 2.51
N LYS A 14 -0.66 15.65 1.30
CA LYS A 14 0.53 15.04 0.65
C LYS A 14 1.79 15.92 0.82
N ARG A 15 2.95 15.29 1.15
CA ARG A 15 4.23 16.01 1.39
C ARG A 15 5.41 15.14 0.88
N VAL A 16 6.19 15.68 -0.08
CA VAL A 16 7.36 14.98 -0.68
C VAL A 16 8.68 15.39 0.03
N ILE A 17 9.53 14.38 0.29
CA ILE A 17 10.92 14.60 0.79
C ILE A 17 11.85 14.89 -0.43
N GLN A 18 12.05 13.92 -1.34
CA GLN A 18 12.88 14.07 -2.56
C GLN A 18 11.97 13.80 -3.78
N GLU A 19 11.75 14.85 -4.60
CA GLU A 19 11.14 14.71 -5.96
C GLU A 19 12.07 13.89 -6.90
N GLY A 20 11.53 12.79 -7.44
CA GLY A 20 12.35 11.72 -8.04
C GLY A 20 12.97 11.97 -9.43
N ARG A 21 13.09 10.87 -10.19
CA ARG A 21 13.84 10.84 -11.48
C ARG A 21 12.85 10.55 -12.65
N GLY A 22 12.97 11.34 -13.72
CA GLY A 22 12.29 11.08 -15.00
C GLY A 22 10.94 11.81 -15.13
N GLU A 23 9.86 11.03 -15.28
CA GLU A 23 8.49 11.55 -15.51
C GLU A 23 7.43 10.59 -14.89
N LEU A 24 6.27 11.15 -14.51
CA LEU A 24 5.15 10.38 -13.92
C LEU A 24 4.36 9.61 -15.05
N PRO A 25 4.12 8.26 -14.97
CA PRO A 25 3.38 7.51 -16.02
C PRO A 25 1.83 7.62 -15.85
N ASP A 26 1.08 6.59 -16.28
CA ASP A 26 -0.41 6.55 -16.24
C ASP A 26 -1.00 6.57 -14.79
N PHE A 27 -0.68 5.57 -13.94
CA PHE A 27 -1.41 5.31 -12.65
C PHE A 27 -2.94 5.07 -12.81
N GLN A 28 -3.29 4.13 -13.70
CA GLN A 28 -4.68 3.75 -14.04
C GLN A 28 -4.87 2.21 -13.92
N ASP A 29 -6.09 1.71 -14.22
CA ASP A 29 -6.50 0.29 -14.03
C ASP A 29 -5.57 -0.76 -14.71
N GLY A 30 -4.73 -1.40 -13.89
CA GLY A 30 -3.67 -2.32 -14.34
C GLY A 30 -2.26 -1.72 -14.39
N THR A 31 -1.83 -0.93 -13.38
CA THR A 31 -0.45 -0.41 -13.29
C THR A 31 0.19 -1.16 -12.08
N LYS A 32 1.35 -1.77 -12.34
CA LYS A 32 2.21 -2.36 -11.29
C LYS A 32 3.12 -1.25 -10.70
N ALA A 33 2.71 -0.70 -9.55
CA ALA A 33 3.54 0.26 -8.77
C ALA A 33 4.31 -0.49 -7.66
N THR A 34 5.64 -0.48 -7.79
CA THR A 34 6.58 -1.25 -6.94
C THR A 34 7.36 -0.23 -6.08
N PHE A 35 7.22 -0.36 -4.75
CA PHE A 35 7.69 0.68 -3.79
C PHE A 35 7.87 0.08 -2.36
N HIS A 36 8.54 0.83 -1.47
CA HIS A 36 8.55 0.53 -0.01
C HIS A 36 7.44 1.31 0.76
N TYR A 37 7.14 0.87 1.99
CA TYR A 37 6.06 1.44 2.85
C TYR A 37 6.51 1.36 4.35
N ARG A 38 6.12 2.37 5.15
CA ARG A 38 6.46 2.41 6.60
C ARG A 38 5.33 3.18 7.33
N THR A 39 4.41 2.41 7.92
CA THR A 39 3.25 2.95 8.66
C THR A 39 3.65 3.18 10.14
N LEU A 40 3.54 4.43 10.59
CA LEU A 40 3.83 4.80 11.99
C LEU A 40 2.77 5.84 12.48
N HIS A 41 2.49 5.83 13.80
CA HIS A 41 1.50 6.74 14.43
C HIS A 41 2.01 8.21 14.42
N SER A 42 1.11 9.13 14.06
CA SER A 42 1.48 10.54 13.75
C SER A 42 1.85 11.37 15.02
N ASP A 43 0.89 11.58 15.94
CA ASP A 43 1.13 12.27 17.24
C ASP A 43 0.54 11.55 18.49
N ASP A 44 -0.39 10.57 18.35
CA ASP A 44 -1.02 9.84 19.49
C ASP A 44 -0.01 9.06 20.38
N GLU A 45 0.82 8.18 19.79
CA GLU A 45 1.93 7.49 20.48
C GLU A 45 3.32 7.81 19.85
N GLY A 46 3.41 8.06 18.53
CA GLY A 46 4.69 8.05 17.79
C GLY A 46 5.29 6.67 17.39
N THR A 47 4.58 5.55 17.61
CA THR A 47 5.13 4.18 17.42
C THR A 47 5.02 3.70 15.96
N VAL A 48 6.04 2.96 15.49
CA VAL A 48 5.99 2.25 14.18
C VAL A 48 5.26 0.90 14.37
N LEU A 49 4.13 0.79 13.68
CA LEU A 49 3.32 -0.44 13.60
C LEU A 49 3.76 -1.42 12.47
N ASP A 50 4.22 -0.92 11.30
CA ASP A 50 4.61 -1.75 10.14
C ASP A 50 5.78 -1.05 9.38
N ASP A 51 6.69 -1.85 8.80
CA ASP A 51 7.98 -1.36 8.23
C ASP A 51 8.53 -2.38 7.20
N SER A 52 8.78 -1.90 5.98
CA SER A 52 9.33 -2.72 4.86
C SER A 52 10.77 -2.35 4.43
N ARG A 53 11.05 -1.05 4.18
CA ARG A 53 12.41 -0.48 4.03
C ARG A 53 13.34 -0.54 5.27
N ALA A 54 12.80 -0.78 6.47
CA ALA A 54 13.60 -1.23 7.64
C ALA A 54 14.41 -2.55 7.43
N ARG A 55 13.78 -3.53 6.77
CA ARG A 55 14.41 -4.78 6.28
C ARG A 55 15.23 -4.61 4.95
N GLY A 56 14.82 -3.70 4.04
CA GLY A 56 15.20 -3.76 2.62
C GLY A 56 14.34 -4.67 1.69
N LYS A 57 13.10 -5.01 2.06
CA LYS A 57 12.22 -5.92 1.27
C LYS A 57 10.98 -5.12 0.73
N PRO A 58 10.89 -4.70 -0.56
CA PRO A 58 9.78 -3.83 -1.06
C PRO A 58 8.46 -4.59 -1.37
N MET A 59 7.35 -3.86 -1.18
CA MET A 59 5.99 -4.34 -1.55
C MET A 59 5.64 -4.05 -3.04
N GLU A 60 4.47 -4.54 -3.46
CA GLU A 60 3.95 -4.36 -4.85
C GLU A 60 2.41 -4.16 -4.78
N LEU A 61 1.97 -2.99 -5.26
CA LEU A 61 0.54 -2.59 -5.30
C LEU A 61 0.08 -2.66 -6.78
N ILE A 62 -1.09 -3.27 -6.94
CA ILE A 62 -1.84 -3.32 -8.22
C ILE A 62 -2.82 -2.11 -8.17
N ILE A 63 -2.76 -1.25 -9.19
CA ILE A 63 -3.74 -0.15 -9.38
C ILE A 63 -5.07 -0.74 -9.94
N GLY A 64 -6.16 -0.65 -9.17
CA GLY A 64 -7.56 -0.86 -9.66
C GLY A 64 -7.89 -2.10 -10.52
N LYS A 65 -7.49 -3.30 -10.04
CA LYS A 65 -7.54 -4.55 -10.84
C LYS A 65 -7.56 -5.77 -9.87
N LYS A 66 -6.56 -5.93 -8.97
CA LYS A 66 -6.59 -6.94 -7.89
C LYS A 66 -5.89 -6.40 -6.61
N PHE A 67 -6.51 -5.41 -5.94
CA PHE A 67 -6.10 -4.92 -4.61
C PHE A 67 -7.33 -4.36 -3.86
N LYS A 68 -7.43 -4.70 -2.56
CA LYS A 68 -8.53 -4.24 -1.69
C LYS A 68 -8.45 -2.74 -1.23
N LEU A 69 -7.25 -2.22 -0.91
CA LEU A 69 -7.05 -0.90 -0.25
C LEU A 69 -7.00 0.24 -1.32
N PRO A 70 -7.96 1.22 -1.34
CA PRO A 70 -7.95 2.35 -2.31
C PRO A 70 -7.04 3.59 -1.98
N VAL A 71 -6.71 3.85 -0.69
CA VAL A 71 -5.80 4.97 -0.31
C VAL A 71 -4.31 4.74 -0.69
N TRP A 72 -3.79 3.49 -0.68
CA TRP A 72 -2.46 3.16 -1.28
C TRP A 72 -2.27 3.63 -2.74
N GLU A 73 -3.29 3.45 -3.60
CA GLU A 73 -3.29 3.94 -5.00
C GLU A 73 -3.36 5.49 -5.16
N THR A 74 -4.13 6.19 -4.31
CA THR A 74 -4.19 7.69 -4.23
C THR A 74 -2.89 8.34 -3.62
N ILE A 75 -2.30 7.74 -2.56
CA ILE A 75 -0.92 8.03 -2.05
C ILE A 75 0.16 8.03 -3.20
N VAL A 76 0.25 6.93 -3.96
CA VAL A 76 1.26 6.79 -5.05
C VAL A 76 0.88 7.36 -6.46
N CYS A 77 -0.36 7.80 -6.70
CA CYS A 77 -0.76 8.44 -7.99
C CYS A 77 0.08 9.68 -8.41
N THR A 78 0.49 10.55 -7.45
CA THR A 78 1.45 11.67 -7.71
C THR A 78 2.97 11.29 -7.74
N MET A 79 3.35 10.05 -7.36
CA MET A 79 4.77 9.65 -7.11
C MET A 79 5.34 8.88 -8.33
N ARG A 80 6.52 9.32 -8.80
CA ARG A 80 7.20 8.74 -10.00
C ARG A 80 8.35 7.76 -9.61
N GLU A 81 9.06 7.19 -10.62
CA GLU A 81 10.20 6.25 -10.40
C GLU A 81 11.38 6.95 -9.67
N GLY A 82 11.57 6.60 -8.38
CA GLY A 82 12.56 7.29 -7.52
C GLY A 82 12.06 8.44 -6.60
N GLU A 83 10.73 8.67 -6.45
CA GLU A 83 10.19 9.77 -5.61
C GLU A 83 9.86 9.22 -4.20
N ILE A 84 10.31 9.96 -3.17
CA ILE A 84 10.19 9.53 -1.75
C ILE A 84 9.30 10.60 -1.07
N ALA A 85 8.11 10.18 -0.57
CA ALA A 85 7.13 11.09 0.07
C ALA A 85 6.56 10.45 1.36
N GLN A 86 6.57 11.22 2.47
CA GLN A 86 6.06 10.78 3.79
C GLN A 86 5.01 11.77 4.32
N PHE A 87 3.85 11.26 4.76
CA PHE A 87 2.67 12.13 5.02
C PHE A 87 1.48 11.36 5.65
N LEU A 88 0.57 12.13 6.28
CA LEU A 88 -0.67 11.60 6.92
C LEU A 88 -1.88 11.50 5.95
N CYS A 89 -2.75 10.50 6.22
CA CYS A 89 -4.09 10.41 5.58
C CYS A 89 -5.16 10.29 6.69
N ASP A 90 -6.33 10.92 6.47
CA ASP A 90 -7.48 10.87 7.41
C ASP A 90 -8.08 9.43 7.51
N ILE A 91 -8.53 9.07 8.71
CA ILE A 91 -9.13 7.74 9.03
C ILE A 91 -10.30 7.22 8.15
N LYS A 92 -11.15 8.08 7.55
CA LYS A 92 -12.10 7.63 6.47
C LYS A 92 -11.50 6.89 5.22
N HIS A 93 -10.22 7.16 4.88
CA HIS A 93 -9.48 6.52 3.77
C HIS A 93 -8.62 5.33 4.30
N VAL A 94 -7.89 5.47 5.44
CA VAL A 94 -7.12 4.36 6.09
C VAL A 94 -7.91 3.47 7.12
N VAL A 95 -9.26 3.46 7.06
CA VAL A 95 -10.15 2.61 7.91
C VAL A 95 -9.98 1.08 7.70
N LEU A 96 -9.82 0.66 6.43
CA LEU A 96 -9.53 -0.73 6.03
C LEU A 96 -8.04 -1.08 5.76
N TYR A 97 -7.05 -0.26 6.19
CA TYR A 97 -5.66 -0.73 6.40
C TYR A 97 -5.51 -1.93 7.41
N PRO A 98 -6.01 -1.98 8.68
CA PRO A 98 -5.94 -3.21 9.52
C PRO A 98 -6.68 -4.49 9.01
N LEU A 99 -7.56 -4.36 7.99
CA LEU A 99 -8.17 -5.51 7.27
C LEU A 99 -7.25 -6.03 6.11
N VAL A 100 -6.69 -5.10 5.30
CA VAL A 100 -5.84 -5.42 4.11
C VAL A 100 -4.35 -5.69 4.43
N ALA A 101 -3.76 -5.10 5.49
CA ALA A 101 -2.51 -5.64 6.12
C ALA A 101 -2.54 -7.15 6.53
N LYS A 102 -3.73 -7.68 6.93
CA LYS A 102 -3.96 -9.13 7.02
C LYS A 102 -4.30 -9.85 5.66
N SER A 103 -3.84 -9.32 4.50
CA SER A 103 -4.03 -9.92 3.15
C SER A 103 -2.86 -9.60 2.18
N LEU A 104 -2.31 -8.37 2.14
CA LEU A 104 -0.99 -8.06 1.51
C LEU A 104 0.23 -8.88 2.05
N ARG A 105 0.20 -9.30 3.33
CA ARG A 105 1.01 -10.43 3.84
C ARG A 105 0.44 -11.84 3.45
N ASN A 106 -0.85 -12.11 3.71
CA ASN A 106 -1.39 -13.50 3.80
C ASN A 106 -1.82 -14.10 2.43
N ILE A 107 -2.79 -13.47 1.74
CA ILE A 107 -3.17 -13.77 0.33
C ILE A 107 -2.00 -13.68 -0.72
N ALA A 108 -1.02 -12.80 -0.51
CA ALA A 108 0.24 -12.74 -1.31
C ALA A 108 1.20 -13.97 -1.29
N VAL A 109 1.02 -14.97 -0.39
CA VAL A 109 1.76 -16.27 -0.45
C VAL A 109 1.53 -17.10 -1.75
N GLY A 110 0.28 -17.20 -2.24
CA GLY A 110 -0.11 -18.20 -3.25
C GLY A 110 -1.62 -18.19 -3.51
N LYS A 111 -2.42 -18.65 -2.52
CA LYS A 111 -3.88 -18.81 -2.66
C LYS A 111 -4.68 -17.48 -2.47
N ASP A 112 -5.70 -17.33 -3.33
CA ASP A 112 -6.55 -16.11 -3.42
C ASP A 112 -8.06 -16.49 -3.29
N PRO A 113 -8.97 -15.61 -2.77
CA PRO A 113 -10.41 -15.96 -2.55
C PRO A 113 -11.28 -16.25 -3.82
N LEU A 114 -11.08 -15.51 -4.93
CA LEU A 114 -11.65 -15.86 -6.25
C LEU A 114 -10.63 -16.75 -7.01
N GLU A 115 -9.56 -16.18 -7.61
CA GLU A 115 -8.52 -16.93 -8.39
C GLU A 115 -8.94 -17.64 -9.72
N GLY A 116 -10.22 -17.60 -10.14
CA GLY A 116 -10.79 -18.55 -11.12
C GLY A 116 -11.08 -19.94 -10.50
N GLN A 117 -12.08 -20.00 -9.60
CA GLN A 117 -12.34 -21.19 -8.75
C GLN A 117 -13.34 -22.15 -9.46
N ARG A 118 -12.84 -23.35 -9.83
CA ARG A 118 -13.65 -24.38 -10.52
C ARG A 118 -14.30 -25.31 -9.45
N HIS A 119 -15.65 -25.28 -9.38
CA HIS A 119 -16.46 -26.10 -8.43
C HIS A 119 -16.43 -25.52 -6.99
N CYS A 120 -17.60 -25.13 -6.46
CA CYS A 120 -17.76 -24.79 -5.02
C CYS A 120 -17.80 -26.04 -4.08
N CYS A 121 -18.66 -27.04 -4.37
CA CYS A 121 -18.61 -28.37 -3.70
C CYS A 121 -18.24 -29.43 -4.76
N GLY A 122 -16.98 -29.91 -4.69
CA GLY A 122 -16.45 -30.90 -5.65
C GLY A 122 -14.92 -30.85 -5.66
N VAL A 123 -14.36 -30.05 -6.59
CA VAL A 123 -12.90 -29.70 -6.60
C VAL A 123 -12.80 -28.39 -5.74
N ALA A 124 -12.41 -28.56 -4.46
CA ALA A 124 -12.50 -27.46 -3.47
C ALA A 124 -11.39 -27.66 -2.39
N GLN A 125 -10.41 -26.74 -2.39
CA GLN A 125 -9.24 -26.79 -1.49
C GLN A 125 -9.52 -26.01 -0.17
N MET A 126 -8.92 -26.48 0.93
CA MET A 126 -8.94 -25.78 2.25
C MET A 126 -7.74 -24.80 2.28
N ARG A 127 -8.03 -23.49 2.15
CA ARG A 127 -7.03 -22.46 1.77
C ARG A 127 -6.43 -21.80 3.04
N GLU A 128 -5.17 -22.15 3.34
CA GLU A 128 -4.50 -21.80 4.63
C GLU A 128 -3.68 -20.48 4.56
N HIS A 129 -3.39 -19.89 5.75
CA HIS A 129 -2.67 -18.59 5.91
C HIS A 129 -3.62 -17.41 5.54
N SER A 130 -4.27 -16.82 6.57
CA SER A 130 -5.40 -15.85 6.37
C SER A 130 -5.26 -14.58 7.26
N SER A 131 -5.02 -14.68 8.58
CA SER A 131 -4.89 -13.50 9.49
C SER A 131 -4.03 -13.87 10.73
N LEU A 132 -3.13 -12.96 11.16
CA LEU A 132 -2.25 -13.16 12.34
C LEU A 132 -2.92 -12.54 13.60
N GLY A 133 -2.73 -11.22 13.85
CA GLY A 133 -3.21 -10.56 15.08
C GLY A 133 -2.64 -9.14 15.16
N HIS A 134 -1.43 -9.02 15.74
CA HIS A 134 -0.62 -7.76 15.77
C HIS A 134 -1.31 -6.64 16.60
N ALA A 135 -0.87 -6.41 17.85
CA ALA A 135 -1.48 -5.37 18.74
C ALA A 135 -1.32 -3.86 18.37
N ASP A 136 -0.48 -3.51 17.37
CA ASP A 136 -0.27 -2.11 16.92
C ASP A 136 -1.28 -1.66 15.82
N LEU A 137 -1.50 -2.47 14.75
CA LEU A 137 -2.64 -2.31 13.81
C LEU A 137 -4.02 -2.79 14.39
N ASP A 138 -4.07 -3.74 15.36
CA ASP A 138 -5.30 -4.05 16.13
C ASP A 138 -5.70 -2.99 17.23
N ALA A 139 -4.78 -2.09 17.67
CA ALA A 139 -5.16 -0.80 18.32
C ALA A 139 -6.10 0.15 17.52
N LEU A 140 -6.06 0.12 16.17
CA LEU A 140 -7.04 0.84 15.30
C LEU A 140 -8.48 0.26 15.32
N GLN A 141 -8.63 -1.08 15.39
CA GLN A 141 -9.93 -1.77 15.60
C GLN A 141 -10.75 -1.36 16.86
N GLN A 142 -10.06 -1.08 17.98
CA GLN A 142 -10.64 -0.43 19.18
C GLN A 142 -10.67 1.13 19.12
N ASN A 143 -9.67 1.81 18.49
CA ASN A 143 -9.58 3.29 18.50
C ASN A 143 -8.80 3.73 17.21
N PRO A 144 -9.45 4.07 16.06
CA PRO A 144 -8.73 4.39 14.80
C PRO A 144 -8.05 5.79 14.80
N GLN A 145 -6.84 5.86 14.20
CA GLN A 145 -5.96 7.06 14.28
C GLN A 145 -5.38 7.40 12.87
N PRO A 146 -5.26 8.68 12.39
CA PRO A 146 -4.72 9.00 11.04
C PRO A 146 -3.18 8.88 10.98
N LEU A 147 -2.68 7.93 10.17
CA LEU A 147 -1.28 7.41 10.27
C LEU A 147 -0.35 8.03 9.19
N ILE A 148 0.96 8.00 9.49
CA ILE A 148 2.04 8.44 8.55
C ILE A 148 2.43 7.21 7.68
N PHE A 149 2.10 7.29 6.39
CA PHE A 149 2.48 6.29 5.36
C PHE A 149 3.71 6.87 4.62
N HIS A 150 4.92 6.43 5.06
CA HIS A 150 6.19 6.80 4.40
C HIS A 150 6.45 5.78 3.27
N MET A 151 6.18 6.22 2.05
CA MET A 151 6.40 5.41 0.84
C MET A 151 7.62 5.91 0.05
N GLU A 152 8.36 4.95 -0.50
CA GLU A 152 9.66 5.20 -1.18
C GLU A 152 9.52 4.50 -2.55
N MET A 153 9.25 5.25 -3.64
CA MET A 153 9.15 4.66 -4.99
C MET A 153 10.54 4.35 -5.59
N LEU A 154 10.59 3.15 -6.18
CA LEU A 154 11.74 2.62 -6.95
C LEU A 154 11.36 2.44 -8.45
N LYS A 155 10.27 1.72 -8.77
CA LYS A 155 9.82 1.50 -10.17
C LYS A 155 8.27 1.46 -10.25
N VAL A 156 7.74 1.69 -11.47
CA VAL A 156 6.29 1.63 -11.76
C VAL A 156 6.15 1.36 -13.29
N GLU A 157 5.37 0.30 -13.61
CA GLU A 157 5.16 -0.19 -15.00
C GLU A 157 3.65 -0.11 -15.34
N SER A 158 3.33 0.47 -16.50
CA SER A 158 1.93 0.71 -16.96
C SER A 158 1.30 -0.49 -17.75
N PRO A 159 -0.04 -0.57 -18.02
CA PRO A 159 -0.66 -1.71 -18.77
C PRO A 159 -0.22 -1.77 -20.26
N GLY A 160 0.59 -2.79 -20.58
CA GLY A 160 1.38 -2.82 -21.83
C GLY A 160 2.80 -3.38 -21.62
N THR A 161 3.54 -2.78 -20.67
CA THR A 161 4.95 -3.16 -20.33
C THR A 161 5.10 -4.17 -19.16
N TYR A 162 4.19 -4.19 -18.15
CA TYR A 162 4.32 -5.09 -16.97
C TYR A 162 3.94 -6.58 -17.30
N GLN A 163 4.47 -7.50 -16.48
CA GLN A 163 4.06 -8.92 -16.49
C GLN A 163 3.71 -9.33 -15.04
N GLN A 164 2.43 -9.66 -14.81
CA GLN A 164 1.95 -10.31 -13.55
C GLN A 164 1.40 -11.72 -13.93
N ASP A 165 1.80 -12.73 -13.14
CA ASP A 165 1.44 -14.15 -13.38
C ASP A 165 0.04 -14.42 -12.81
N ALA A 1 -4.05 16.38 -15.62
CA ALA A 1 -4.10 17.60 -14.76
C ALA A 1 -3.32 17.47 -13.41
N ASP A 2 -3.36 18.51 -12.54
CA ASP A 2 -2.53 18.56 -11.31
C ASP A 2 -3.12 17.65 -10.18
N ILE A 3 -2.28 16.72 -9.73
CA ILE A 3 -2.67 15.67 -8.73
C ILE A 3 -2.41 16.13 -7.25
N ILE A 4 -1.34 16.88 -6.96
CA ILE A 4 -1.14 17.61 -5.65
C ILE A 4 -2.36 18.50 -5.21
N ALA A 5 -2.94 19.26 -6.16
CA ALA A 5 -4.17 20.05 -5.92
C ALA A 5 -5.47 19.24 -5.63
N ARG A 6 -5.67 18.03 -6.22
CA ARG A 6 -6.77 17.12 -5.81
C ARG A 6 -6.55 16.33 -4.47
N LEU A 7 -5.30 15.99 -4.07
CA LEU A 7 -5.03 15.28 -2.78
C LEU A 7 -5.22 16.15 -1.51
N ARG A 8 -4.77 17.42 -1.48
CA ARG A 8 -5.08 18.37 -0.37
C ARG A 8 -6.58 18.58 -0.03
N GLU A 9 -7.45 18.72 -1.05
CA GLU A 9 -8.94 18.65 -0.91
C GLU A 9 -9.61 17.24 -0.75
N ASP A 10 -8.86 16.11 -0.83
CA ASP A 10 -9.42 14.76 -0.57
C ASP A 10 -9.64 14.36 0.92
N GLY A 11 -9.17 15.15 1.90
CA GLY A 11 -9.04 14.69 3.30
C GLY A 11 -7.58 14.41 3.74
N ILE A 12 -6.82 13.73 2.87
CA ILE A 12 -5.35 13.51 3.00
C ILE A 12 -4.54 14.84 2.76
N GLN A 13 -3.25 14.83 3.13
CA GLN A 13 -2.33 15.97 2.85
C GLN A 13 -0.96 15.38 2.44
N LYS A 14 -0.54 15.63 1.18
CA LYS A 14 0.72 15.09 0.60
C LYS A 14 1.93 16.05 0.84
N ARG A 15 3.07 15.46 1.25
CA ARG A 15 4.36 16.18 1.38
C ARG A 15 5.52 15.25 0.92
N VAL A 16 6.35 15.75 -0.01
CA VAL A 16 7.54 15.04 -0.55
C VAL A 16 8.84 15.45 0.20
N ILE A 17 9.71 14.46 0.45
CA ILE A 17 11.08 14.67 0.97
C ILE A 17 12.03 15.00 -0.23
N GLN A 18 12.26 14.04 -1.14
CA GLN A 18 13.12 14.22 -2.34
C GLN A 18 12.23 14.01 -3.60
N GLU A 19 12.04 15.08 -4.39
CA GLU A 19 11.43 15.00 -5.75
C GLU A 19 12.34 14.19 -6.72
N GLY A 20 11.79 13.10 -7.27
CA GLY A 20 12.60 12.06 -7.97
C GLY A 20 13.09 12.41 -9.38
N ARG A 21 13.01 11.41 -10.29
CA ARG A 21 13.64 11.48 -11.63
C ARG A 21 12.58 11.20 -12.74
N GLY A 22 12.62 12.04 -13.79
CA GLY A 22 11.89 11.79 -15.05
C GLY A 22 10.42 12.27 -15.05
N GLU A 23 9.57 11.50 -15.75
CA GLU A 23 8.15 11.82 -15.96
C GLU A 23 7.27 10.95 -15.02
N LEU A 24 6.12 11.52 -14.60
CA LEU A 24 5.06 10.77 -13.88
C LEU A 24 4.20 9.95 -14.90
N PRO A 25 4.05 8.60 -14.78
CA PRO A 25 3.17 7.80 -15.69
C PRO A 25 1.65 7.93 -15.35
N ASP A 26 0.82 7.11 -16.01
CA ASP A 26 -0.67 7.14 -15.88
C ASP A 26 -1.24 7.03 -14.43
N PHE A 27 -0.86 5.98 -13.66
CA PHE A 27 -1.50 5.60 -12.36
C PHE A 27 -3.04 5.35 -12.44
N GLN A 28 -3.46 4.51 -13.40
CA GLN A 28 -4.87 4.14 -13.63
C GLN A 28 -5.04 2.59 -13.58
N ASP A 29 -6.26 2.08 -13.87
CA ASP A 29 -6.64 0.67 -13.65
C ASP A 29 -5.78 -0.35 -14.48
N GLY A 30 -4.82 -0.96 -13.79
CA GLY A 30 -3.80 -1.85 -14.38
C GLY A 30 -2.36 -1.29 -14.39
N THR A 31 -1.88 -0.58 -13.34
CA THR A 31 -0.49 -0.09 -13.26
C THR A 31 0.18 -0.87 -12.09
N LYS A 32 1.35 -1.46 -12.39
CA LYS A 32 2.20 -2.14 -11.38
C LYS A 32 3.18 -1.13 -10.75
N ALA A 33 2.79 -0.52 -9.62
CA ALA A 33 3.65 0.42 -8.87
C ALA A 33 4.43 -0.32 -7.75
N THR A 34 5.76 -0.33 -7.89
CA THR A 34 6.70 -1.07 -6.99
C THR A 34 7.46 -0.01 -6.14
N PHE A 35 7.34 -0.16 -4.81
CA PHE A 35 7.82 0.86 -3.84
C PHE A 35 8.04 0.21 -2.44
N HIS A 36 8.68 0.96 -1.52
CA HIS A 36 8.73 0.64 -0.07
C HIS A 36 7.62 1.37 0.72
N TYR A 37 7.29 0.87 1.92
CA TYR A 37 6.21 1.42 2.78
C TYR A 37 6.67 1.36 4.28
N ARG A 38 6.29 2.38 5.07
CA ARG A 38 6.57 2.40 6.53
C ARG A 38 5.42 3.13 7.23
N THR A 39 4.48 2.35 7.79
CA THR A 39 3.31 2.89 8.54
C THR A 39 3.73 3.08 10.02
N LEU A 40 3.65 4.33 10.51
CA LEU A 40 3.89 4.66 11.93
C LEU A 40 2.79 5.65 12.43
N HIS A 41 2.52 5.61 13.74
CA HIS A 41 1.55 6.53 14.40
C HIS A 41 2.08 7.99 14.43
N SER A 42 1.19 8.95 14.11
CA SER A 42 1.56 10.37 13.91
C SER A 42 1.99 11.11 15.21
N ASP A 43 1.08 11.20 16.21
CA ASP A 43 1.37 11.76 17.56
C ASP A 43 0.73 10.96 18.74
N ASP A 44 -0.27 10.08 18.52
CA ASP A 44 -1.01 9.35 19.59
C ASP A 44 -0.12 8.38 20.43
N GLU A 45 0.59 7.43 19.77
CA GLU A 45 1.72 6.69 20.39
C GLU A 45 3.09 7.29 19.93
N GLY A 46 3.24 7.62 18.63
CA GLY A 46 4.56 7.77 17.98
C GLY A 46 5.32 6.47 17.58
N THR A 47 4.65 5.30 17.58
CA THR A 47 5.29 3.97 17.35
C THR A 47 5.18 3.55 15.86
N VAL A 48 6.19 2.79 15.39
CA VAL A 48 6.11 2.10 14.07
C VAL A 48 5.34 0.77 14.26
N LEU A 49 4.19 0.70 13.57
CA LEU A 49 3.39 -0.54 13.47
C LEU A 49 3.84 -1.50 12.33
N ASP A 50 4.32 -0.98 11.17
CA ASP A 50 4.72 -1.79 10.00
C ASP A 50 5.90 -1.08 9.26
N ASP A 51 6.84 -1.87 8.70
CA ASP A 51 8.12 -1.36 8.13
C ASP A 51 8.66 -2.36 7.08
N SER A 52 8.92 -1.85 5.86
CA SER A 52 9.50 -2.64 4.73
C SER A 52 10.93 -2.21 4.35
N ARG A 53 11.19 -0.90 4.14
CA ARG A 53 12.57 -0.34 4.00
C ARG A 53 13.52 -0.47 5.22
N ALA A 54 12.99 -0.62 6.44
CA ALA A 54 13.76 -1.09 7.62
C ALA A 54 14.43 -2.49 7.47
N ARG A 55 13.72 -3.45 6.85
CA ARG A 55 14.27 -4.76 6.41
C ARG A 55 15.08 -4.72 5.06
N GLY A 56 14.81 -3.76 4.15
CA GLY A 56 15.27 -3.81 2.74
C GLY A 56 14.45 -4.67 1.75
N LYS A 57 13.14 -4.91 2.01
CA LYS A 57 12.28 -5.82 1.22
C LYS A 57 11.10 -5.00 0.62
N PRO A 58 11.10 -4.56 -0.68
CA PRO A 58 10.04 -3.67 -1.24
C PRO A 58 8.74 -4.43 -1.61
N MET A 59 7.60 -3.75 -1.36
CA MET A 59 6.26 -4.25 -1.72
C MET A 59 5.87 -3.95 -3.21
N GLU A 60 4.72 -4.50 -3.62
CA GLU A 60 4.13 -4.28 -4.96
C GLU A 60 2.60 -4.07 -4.80
N LEU A 61 2.15 -2.91 -5.29
CA LEU A 61 0.73 -2.51 -5.33
C LEU A 61 0.28 -2.55 -6.82
N ILE A 62 -0.89 -3.16 -7.01
CA ILE A 62 -1.62 -3.13 -8.30
C ILE A 62 -2.65 -1.97 -8.15
N ILE A 63 -2.62 -1.05 -9.12
CA ILE A 63 -3.62 0.05 -9.23
C ILE A 63 -4.94 -0.55 -9.81
N GLY A 64 -6.01 -0.60 -9.00
CA GLY A 64 -7.39 -0.86 -9.50
C GLY A 64 -7.66 -2.07 -10.43
N LYS A 65 -7.21 -3.27 -10.02
CA LYS A 65 -7.30 -4.49 -10.87
C LYS A 65 -7.26 -5.74 -9.93
N LYS A 66 -6.17 -5.95 -9.17
CA LYS A 66 -6.12 -6.96 -8.08
C LYS A 66 -5.47 -6.36 -6.80
N PHE A 67 -6.22 -5.48 -6.11
CA PHE A 67 -5.85 -4.97 -4.77
C PHE A 67 -7.12 -4.48 -4.02
N LYS A 68 -7.13 -4.71 -2.70
CA LYS A 68 -8.24 -4.31 -1.80
C LYS A 68 -8.20 -2.82 -1.34
N LEU A 69 -7.02 -2.26 -0.99
CA LEU A 69 -6.88 -0.87 -0.48
C LEU A 69 -6.90 0.18 -1.63
N PRO A 70 -7.80 1.19 -1.64
CA PRO A 70 -7.68 2.40 -2.50
C PRO A 70 -6.76 3.56 -1.96
N VAL A 71 -6.48 3.66 -0.64
CA VAL A 71 -5.57 4.72 -0.08
C VAL A 71 -4.08 4.55 -0.50
N TRP A 72 -3.52 3.32 -0.50
CA TRP A 72 -2.21 3.00 -1.15
C TRP A 72 -2.04 3.49 -2.62
N GLU A 73 -3.12 3.46 -3.43
CA GLU A 73 -3.13 3.92 -4.85
C GLU A 73 -3.22 5.47 -5.06
N THR A 74 -4.03 6.17 -4.26
CA THR A 74 -4.17 7.66 -4.27
C THR A 74 -2.89 8.42 -3.79
N ILE A 75 -2.29 7.98 -2.67
CA ILE A 75 -1.01 8.53 -2.13
C ILE A 75 0.22 8.38 -3.09
N VAL A 76 0.37 7.22 -3.76
CA VAL A 76 1.38 7.01 -4.84
C VAL A 76 1.00 7.52 -6.27
N CYS A 77 -0.27 7.92 -6.55
CA CYS A 77 -0.64 8.59 -7.83
C CYS A 77 0.20 9.84 -8.23
N THR A 78 0.66 10.61 -7.23
CA THR A 78 1.59 11.77 -7.39
C THR A 78 3.12 11.45 -7.51
N MET A 79 3.55 10.19 -7.28
CA MET A 79 4.97 9.82 -7.05
C MET A 79 5.57 9.11 -8.29
N ARG A 80 6.73 9.61 -8.76
CA ARG A 80 7.43 9.10 -9.97
C ARG A 80 8.63 8.18 -9.60
N GLU A 81 9.32 7.59 -10.60
CA GLU A 81 10.42 6.61 -10.40
C GLU A 81 11.63 7.25 -9.68
N GLY A 82 11.81 6.87 -8.41
CA GLY A 82 12.83 7.50 -7.52
C GLY A 82 12.37 8.67 -6.60
N GLU A 83 11.06 8.91 -6.41
CA GLU A 83 10.53 9.98 -5.53
C GLU A 83 10.20 9.40 -4.13
N ILE A 84 10.62 10.12 -3.08
CA ILE A 84 10.50 9.66 -1.67
C ILE A 84 9.59 10.71 -0.98
N ALA A 85 8.40 10.28 -0.52
CA ALA A 85 7.42 11.15 0.15
C ALA A 85 6.87 10.49 1.43
N GLN A 86 6.78 11.27 2.53
CA GLN A 86 6.23 10.79 3.82
C GLN A 86 5.17 11.77 4.34
N PHE A 87 3.99 11.24 4.72
CA PHE A 87 2.80 12.08 4.94
C PHE A 87 1.61 11.32 5.58
N LEU A 88 0.73 12.09 6.24
CA LEU A 88 -0.46 11.57 6.95
C LEU A 88 -1.69 11.40 6.01
N CYS A 89 -2.54 10.42 6.39
CA CYS A 89 -3.86 10.21 5.75
C CYS A 89 -4.96 10.29 6.85
N ASP A 90 -6.11 10.91 6.53
CA ASP A 90 -7.28 10.95 7.45
C ASP A 90 -7.90 9.53 7.63
N ILE A 91 -8.37 9.22 8.85
CA ILE A 91 -8.85 7.85 9.21
C ILE A 91 -10.06 7.30 8.38
N LYS A 92 -10.91 8.12 7.75
CA LYS A 92 -11.85 7.67 6.68
C LYS A 92 -11.25 6.82 5.49
N HIS A 93 -9.97 7.06 5.14
CA HIS A 93 -9.23 6.34 4.08
C HIS A 93 -8.44 5.12 4.68
N VAL A 94 -7.70 5.30 5.80
CA VAL A 94 -6.99 4.19 6.51
C VAL A 94 -7.85 3.39 7.56
N VAL A 95 -9.19 3.47 7.52
CA VAL A 95 -10.14 2.64 8.31
C VAL A 95 -10.08 1.10 7.97
N LEU A 96 -9.93 0.78 6.67
CA LEU A 96 -9.70 -0.61 6.18
C LEU A 96 -8.21 -0.99 5.88
N TYR A 97 -7.20 -0.22 6.35
CA TYR A 97 -5.82 -0.73 6.55
C TYR A 97 -5.70 -1.99 7.47
N PRO A 98 -6.24 -2.10 8.73
CA PRO A 98 -6.23 -3.38 9.51
C PRO A 98 -7.07 -4.57 8.97
N LEU A 99 -7.90 -4.36 7.93
CA LEU A 99 -8.58 -5.46 7.18
C LEU A 99 -7.69 -5.96 5.99
N VAL A 100 -7.05 -5.04 5.23
CA VAL A 100 -6.23 -5.35 4.03
C VAL A 100 -4.78 -5.80 4.36
N ALA A 101 -4.09 -5.20 5.36
CA ALA A 101 -2.85 -5.78 5.96
C ALA A 101 -2.94 -7.23 6.50
N LYS A 102 -4.13 -7.66 6.98
CA LYS A 102 -4.43 -9.09 7.27
C LYS A 102 -4.73 -10.01 6.03
N SER A 103 -4.52 -9.56 4.78
CA SER A 103 -4.58 -10.41 3.56
C SER A 103 -3.45 -10.13 2.52
N LEU A 104 -2.95 -8.89 2.33
CA LEU A 104 -1.67 -8.60 1.59
C LEU A 104 -0.39 -9.32 2.13
N ARG A 105 -0.33 -9.65 3.43
CA ARG A 105 0.61 -10.64 4.00
C ARG A 105 0.10 -12.11 3.85
N ASN A 106 -1.11 -12.42 4.36
CA ASN A 106 -1.54 -13.82 4.67
C ASN A 106 -2.04 -14.59 3.42
N ILE A 107 -3.07 -14.06 2.74
CA ILE A 107 -3.59 -14.60 1.44
C ILE A 107 -2.58 -14.50 0.24
N ALA A 108 -1.70 -13.48 0.20
CA ALA A 108 -0.61 -13.35 -0.80
C ALA A 108 0.49 -14.46 -0.87
N VAL A 109 0.57 -15.40 0.10
CA VAL A 109 1.38 -16.65 -0.05
C VAL A 109 1.02 -17.54 -1.30
N GLY A 110 -0.28 -17.75 -1.55
CA GLY A 110 -0.74 -18.67 -2.61
C GLY A 110 -2.13 -18.26 -3.11
N LYS A 111 -3.14 -19.12 -2.90
CA LYS A 111 -4.49 -18.94 -3.49
C LYS A 111 -5.47 -18.12 -2.59
N ASP A 112 -6.57 -17.66 -3.21
CA ASP A 112 -7.66 -16.89 -2.55
C ASP A 112 -8.82 -17.84 -2.07
N PRO A 113 -9.60 -17.51 -0.98
CA PRO A 113 -10.64 -18.41 -0.41
C PRO A 113 -11.83 -18.80 -1.33
N LEU A 114 -12.42 -17.83 -2.07
CA LEU A 114 -13.31 -18.13 -3.22
C LEU A 114 -12.54 -18.35 -4.55
N GLU A 115 -11.60 -17.45 -4.94
CA GLU A 115 -10.95 -17.47 -6.26
C GLU A 115 -9.82 -18.55 -6.30
N GLY A 116 -10.10 -19.68 -6.97
CA GLY A 116 -9.19 -20.85 -6.99
C GLY A 116 -9.26 -21.70 -5.70
N GLN A 117 -10.31 -22.54 -5.57
CA GLN A 117 -10.54 -23.36 -4.34
C GLN A 117 -9.68 -24.65 -4.28
N ARG A 118 -9.69 -25.50 -5.34
CA ARG A 118 -8.80 -26.69 -5.47
C ARG A 118 -9.26 -27.90 -4.60
N HIS A 119 -9.27 -29.11 -5.21
CA HIS A 119 -9.48 -30.41 -4.53
C HIS A 119 -10.97 -30.66 -4.20
N CYS A 120 -11.60 -31.60 -4.95
CA CYS A 120 -12.97 -32.11 -4.63
C CYS A 120 -12.96 -33.10 -3.43
N CYS A 121 -12.22 -34.23 -3.52
CA CYS A 121 -11.79 -35.00 -2.34
C CYS A 121 -10.55 -34.30 -1.71
N GLY A 122 -10.75 -33.70 -0.52
CA GLY A 122 -9.86 -32.65 0.01
C GLY A 122 -8.47 -33.13 0.49
N VAL A 123 -7.42 -32.71 -0.24
CA VAL A 123 -5.99 -32.88 0.19
C VAL A 123 -5.46 -31.42 0.36
N ALA A 124 -5.78 -30.82 1.51
CA ALA A 124 -5.63 -29.36 1.75
C ALA A 124 -5.84 -29.01 3.25
N GLN A 125 -5.45 -27.79 3.66
CA GLN A 125 -5.89 -27.17 4.93
C GLN A 125 -7.44 -26.93 4.95
N MET A 126 -8.08 -27.15 6.11
CA MET A 126 -9.57 -27.26 6.22
C MET A 126 -10.34 -25.96 5.82
N ARG A 127 -10.24 -24.87 6.60
CA ARG A 127 -10.95 -23.59 6.30
C ARG A 127 -9.99 -22.41 6.58
N GLU A 128 -9.15 -22.04 5.58
CA GLU A 128 -8.28 -20.83 5.58
C GLU A 128 -7.32 -20.74 6.83
N HIS A 129 -6.12 -21.32 6.73
CA HIS A 129 -5.15 -21.34 7.86
C HIS A 129 -3.96 -20.37 7.56
N SER A 130 -4.25 -19.06 7.67
CA SER A 130 -3.24 -17.97 7.55
C SER A 130 -3.94 -16.68 8.10
N SER A 131 -3.64 -16.33 9.38
CA SER A 131 -4.30 -15.20 10.08
C SER A 131 -3.32 -14.55 11.11
N LEU A 132 -3.33 -13.20 11.16
CA LEU A 132 -2.50 -12.42 12.11
C LEU A 132 -3.38 -11.42 12.94
N GLY A 133 -2.82 -10.95 14.07
CA GLY A 133 -3.52 -10.07 15.05
C GLY A 133 -2.81 -8.72 15.22
N HIS A 134 -1.59 -8.74 15.79
CA HIS A 134 -0.67 -7.57 15.86
C HIS A 134 -0.81 -6.67 17.11
N ALA A 135 -2.01 -6.16 17.42
CA ALA A 135 -2.22 -5.11 18.48
C ALA A 135 -1.75 -3.65 18.16
N ASP A 136 -0.89 -3.44 17.15
CA ASP A 136 -0.47 -2.07 16.70
C ASP A 136 -1.40 -1.53 15.56
N LEU A 137 -1.62 -2.29 14.48
CA LEU A 137 -2.76 -2.08 13.53
C LEU A 137 -4.15 -2.50 14.10
N ASP A 138 -4.26 -3.53 14.98
CA ASP A 138 -5.52 -3.81 15.72
C ASP A 138 -5.89 -2.79 16.87
N ALA A 139 -4.97 -1.90 17.29
CA ALA A 139 -5.33 -0.64 18.01
C ALA A 139 -6.34 0.33 17.31
N LEU A 140 -6.36 0.37 15.97
CA LEU A 140 -7.36 1.16 15.17
C LEU A 140 -8.82 0.65 15.25
N GLN A 141 -9.00 -0.69 15.23
CA GLN A 141 -10.29 -1.38 15.51
C GLN A 141 -11.03 -0.97 16.82
N GLN A 142 -10.27 -0.74 17.91
CA GLN A 142 -10.78 -0.14 19.17
C GLN A 142 -10.72 1.42 19.21
N ASN A 143 -9.74 2.09 18.56
CA ASN A 143 -9.57 3.56 18.66
C ASN A 143 -8.90 4.07 17.33
N PRO A 144 -9.64 4.54 16.28
CA PRO A 144 -9.06 4.94 14.97
C PRO A 144 -8.15 6.21 15.00
N GLN A 145 -7.03 6.16 14.25
CA GLN A 145 -5.93 7.16 14.36
C GLN A 145 -5.34 7.49 12.95
N PRO A 146 -5.08 8.77 12.53
CA PRO A 146 -4.56 9.10 11.17
C PRO A 146 -3.03 8.88 11.07
N LEU A 147 -2.61 7.94 10.20
CA LEU A 147 -1.23 7.37 10.25
C LEU A 147 -0.29 7.96 9.16
N ILE A 148 1.02 7.94 9.47
CA ILE A 148 2.11 8.39 8.57
C ILE A 148 2.54 7.17 7.70
N PHE A 149 2.19 7.24 6.41
CA PHE A 149 2.54 6.19 5.42
C PHE A 149 3.74 6.74 4.59
N HIS A 150 4.97 6.34 4.96
CA HIS A 150 6.21 6.75 4.26
C HIS A 150 6.42 5.78 3.07
N MET A 151 6.01 6.23 1.88
CA MET A 151 6.24 5.52 0.61
C MET A 151 7.57 5.99 -0.04
N GLU A 152 8.34 5.05 -0.60
CA GLU A 152 9.61 5.33 -1.29
C GLU A 152 9.49 4.67 -2.69
N MET A 153 9.21 5.46 -3.74
CA MET A 153 9.11 4.95 -5.13
C MET A 153 10.50 4.63 -5.73
N LEU A 154 10.56 3.44 -6.34
CA LEU A 154 11.75 2.94 -7.09
C LEU A 154 11.39 2.73 -8.59
N LYS A 155 10.33 1.97 -8.91
CA LYS A 155 9.92 1.66 -10.31
C LYS A 155 8.36 1.57 -10.41
N VAL A 156 7.83 1.75 -11.62
CA VAL A 156 6.37 1.70 -11.88
C VAL A 156 6.19 1.42 -13.42
N GLU A 157 5.38 0.38 -13.71
CA GLU A 157 5.14 -0.10 -15.10
C GLU A 157 3.63 0.08 -15.45
N SER A 158 3.37 0.60 -16.66
CA SER A 158 2.01 0.95 -17.14
C SER A 158 1.25 -0.23 -17.85
N PRO A 159 -0.11 -0.19 -18.08
CA PRO A 159 -0.84 -1.27 -18.80
C PRO A 159 -0.46 -1.38 -20.29
N GLY A 160 0.30 -2.45 -20.61
CA GLY A 160 1.09 -2.51 -21.86
C GLY A 160 2.44 -3.21 -21.64
N THR A 161 3.27 -2.65 -20.75
CA THR A 161 4.62 -3.16 -20.42
C THR A 161 4.71 -4.13 -19.20
N TYR A 162 3.79 -4.07 -18.21
CA TYR A 162 3.93 -4.84 -16.95
C TYR A 162 3.63 -6.36 -17.11
N GLN A 163 4.43 -7.19 -16.41
CA GLN A 163 4.06 -8.60 -16.12
C GLN A 163 3.40 -8.70 -14.71
N GLN A 164 2.51 -9.70 -14.52
CA GLN A 164 1.99 -10.08 -13.18
C GLN A 164 2.01 -11.63 -13.08
N ASP A 165 2.65 -12.13 -12.01
CA ASP A 165 2.86 -13.59 -11.80
C ASP A 165 1.72 -14.12 -10.92
N ALA A 1 -5.31 18.03 -14.10
CA ALA A 1 -4.64 19.36 -14.16
C ALA A 1 -4.21 19.80 -12.74
N ASP A 2 -2.92 19.51 -12.41
CA ASP A 2 -2.35 19.62 -11.04
C ASP A 2 -3.01 18.62 -10.05
N ILE A 3 -2.30 17.53 -9.75
CA ILE A 3 -2.79 16.44 -8.86
C ILE A 3 -2.53 16.74 -7.34
N ILE A 4 -1.40 17.37 -6.97
CA ILE A 4 -1.17 17.97 -5.61
C ILE A 4 -2.32 18.92 -5.13
N ALA A 5 -2.84 19.79 -6.02
CA ALA A 5 -4.04 20.62 -5.75
C ALA A 5 -5.39 19.86 -5.55
N ARG A 6 -5.64 18.71 -6.22
CA ARG A 6 -6.80 17.83 -5.90
C ARG A 6 -6.65 16.94 -4.62
N LEU A 7 -5.43 16.51 -4.22
CA LEU A 7 -5.21 15.71 -2.98
C LEU A 7 -5.31 16.51 -1.65
N ARG A 8 -4.82 17.76 -1.56
CA ARG A 8 -5.06 18.66 -0.39
C ARG A 8 -6.57 18.91 -0.04
N GLU A 9 -7.44 19.12 -1.04
CA GLU A 9 -8.93 19.08 -0.90
C GLU A 9 -9.63 17.69 -0.81
N ASP A 10 -8.91 16.55 -0.92
CA ASP A 10 -9.49 15.19 -0.69
C ASP A 10 -9.67 14.76 0.79
N GLY A 11 -9.25 15.56 1.80
CA GLY A 11 -9.13 15.08 3.20
C GLY A 11 -7.70 14.72 3.64
N ILE A 12 -6.94 14.07 2.75
CA ILE A 12 -5.48 13.79 2.91
C ILE A 12 -4.62 15.09 2.71
N GLN A 13 -3.34 15.01 3.13
CA GLN A 13 -2.34 16.09 2.88
C GLN A 13 -1.03 15.40 2.40
N LYS A 14 -0.57 15.72 1.18
CA LYS A 14 0.62 15.13 0.55
C LYS A 14 1.88 16.03 0.77
N ARG A 15 3.04 15.38 1.05
CA ARG A 15 4.35 16.06 1.16
C ARG A 15 5.45 15.10 0.63
N VAL A 16 6.25 15.58 -0.35
CA VAL A 16 7.42 14.85 -0.90
C VAL A 16 8.74 15.34 -0.22
N ILE A 17 9.64 14.38 0.04
CA ILE A 17 11.01 14.64 0.53
C ILE A 17 11.94 14.90 -0.71
N GLN A 18 12.14 13.88 -1.58
CA GLN A 18 12.98 13.99 -2.79
C GLN A 18 12.11 13.60 -4.02
N GLU A 19 11.82 14.59 -4.89
CA GLU A 19 11.19 14.35 -6.23
C GLU A 19 12.12 13.51 -7.14
N GLY A 20 11.56 12.44 -7.75
CA GLY A 20 12.34 11.41 -8.48
C GLY A 20 12.96 11.82 -9.82
N ARG A 21 13.19 10.82 -10.68
CA ARG A 21 14.11 10.97 -11.85
C ARG A 21 13.67 11.93 -12.99
N GLY A 22 12.44 11.77 -13.49
CA GLY A 22 11.90 12.57 -14.62
C GLY A 22 10.44 13.03 -14.37
N GLU A 23 9.52 12.63 -15.27
CA GLU A 23 8.12 13.15 -15.30
C GLU A 23 7.08 12.04 -14.97
N LEU A 24 5.98 12.46 -14.31
CA LEU A 24 4.96 11.55 -13.70
C LEU A 24 4.22 10.64 -14.75
N PRO A 25 4.24 9.27 -14.68
CA PRO A 25 3.58 8.39 -15.69
C PRO A 25 2.03 8.27 -15.51
N ASP A 26 1.44 7.13 -15.90
CA ASP A 26 -0.05 6.94 -15.93
C ASP A 26 -0.69 6.86 -14.52
N PHE A 27 -0.42 5.79 -13.73
CA PHE A 27 -1.15 5.48 -12.46
C PHE A 27 -2.69 5.32 -12.62
N GLN A 28 -3.09 4.40 -13.51
CA GLN A 28 -4.50 4.10 -13.85
C GLN A 28 -4.79 2.58 -13.68
N ASP A 29 -6.01 2.13 -14.04
CA ASP A 29 -6.48 0.73 -13.80
C ASP A 29 -5.59 -0.37 -14.47
N GLY A 30 -4.75 -1.01 -13.63
CA GLY A 30 -3.71 -1.96 -14.08
C GLY A 30 -2.28 -1.38 -14.12
N THR A 31 -1.84 -0.56 -13.15
CA THR A 31 -0.45 -0.09 -13.05
C THR A 31 0.17 -0.90 -11.88
N LYS A 32 1.26 -1.62 -12.18
CA LYS A 32 2.05 -2.34 -11.17
C LYS A 32 3.14 -1.41 -10.58
N ALA A 33 2.81 -0.80 -9.43
CA ALA A 33 3.73 0.09 -8.68
C ALA A 33 4.44 -0.69 -7.53
N THR A 34 5.76 -0.85 -7.68
CA THR A 34 6.64 -1.51 -6.67
C THR A 34 7.38 -0.39 -5.88
N PHE A 35 7.24 -0.44 -4.55
CA PHE A 35 7.75 0.61 -3.64
C PHE A 35 7.93 0.05 -2.19
N HIS A 36 8.60 0.81 -1.32
CA HIS A 36 8.65 0.53 0.14
C HIS A 36 7.54 1.29 0.93
N TYR A 37 7.28 0.85 2.18
CA TYR A 37 6.27 1.48 3.07
C TYR A 37 6.75 1.44 4.55
N ARG A 38 6.44 2.51 5.31
CA ARG A 38 6.75 2.56 6.76
C ARG A 38 5.60 3.32 7.45
N THR A 39 4.65 2.54 8.00
CA THR A 39 3.46 3.09 8.67
C THR A 39 3.76 3.23 10.18
N LEU A 40 3.68 4.49 10.66
CA LEU A 40 3.89 4.82 12.08
C LEU A 40 2.79 5.80 12.56
N HIS A 41 2.56 5.82 13.88
CA HIS A 41 1.51 6.65 14.52
C HIS A 41 1.91 8.15 14.52
N SER A 42 0.95 9.03 14.15
CA SER A 42 1.23 10.45 13.83
C SER A 42 1.60 11.32 15.07
N ASP A 43 0.72 11.40 16.09
CA ASP A 43 0.98 12.13 17.36
C ASP A 43 0.40 11.44 18.65
N ASP A 44 -0.36 10.33 18.56
CA ASP A 44 -0.86 9.57 19.74
C ASP A 44 0.29 8.95 20.61
N GLU A 45 1.16 8.13 20.01
CA GLU A 45 2.40 7.63 20.65
C GLU A 45 3.68 8.05 19.88
N GLY A 46 3.66 8.05 18.53
CA GLY A 46 4.89 7.96 17.71
C GLY A 46 5.46 6.54 17.43
N THR A 47 4.71 5.45 17.72
CA THR A 47 5.17 4.05 17.54
C THR A 47 5.04 3.59 16.06
N VAL A 48 6.04 2.81 15.59
CA VAL A 48 5.99 2.17 14.25
C VAL A 48 5.21 0.84 14.38
N LEU A 49 4.09 0.79 13.64
CA LEU A 49 3.29 -0.44 13.47
C LEU A 49 3.80 -1.40 12.34
N ASP A 50 4.37 -0.86 11.24
CA ASP A 50 4.88 -1.66 10.10
C ASP A 50 6.09 -0.93 9.45
N ASP A 51 7.10 -1.70 9.00
CA ASP A 51 8.36 -1.17 8.43
C ASP A 51 8.92 -2.19 7.40
N SER A 52 9.06 -1.73 6.14
CA SER A 52 9.58 -2.56 5.01
C SER A 52 11.01 -2.16 4.57
N ARG A 53 11.27 -0.86 4.31
CA ARG A 53 12.65 -0.32 4.10
C ARG A 53 13.64 -0.42 5.29
N ALA A 54 13.14 -0.52 6.54
CA ALA A 54 13.96 -0.92 7.71
C ALA A 54 14.64 -2.32 7.61
N ARG A 55 13.92 -3.31 7.06
CA ARG A 55 14.48 -4.63 6.65
C ARG A 55 15.21 -4.64 5.27
N GLY A 56 14.83 -3.76 4.31
CA GLY A 56 15.22 -3.85 2.89
C GLY A 56 14.33 -4.76 1.98
N LYS A 57 13.05 -4.96 2.32
CA LYS A 57 12.15 -5.91 1.62
C LYS A 57 10.92 -5.11 1.06
N PRO A 58 10.84 -4.72 -0.25
CA PRO A 58 9.76 -3.84 -0.77
C PRO A 58 8.42 -4.57 -1.04
N MET A 59 7.34 -3.81 -0.83
CA MET A 59 5.95 -4.25 -1.14
C MET A 59 5.59 -4.04 -2.64
N GLU A 60 4.38 -4.52 -3.00
CA GLU A 60 3.83 -4.45 -4.37
C GLU A 60 2.31 -4.13 -4.29
N LEU A 61 1.93 -3.01 -4.92
CA LEU A 61 0.53 -2.55 -5.02
C LEU A 61 0.16 -2.55 -6.53
N ILE A 62 -1.04 -3.07 -6.80
CA ILE A 62 -1.71 -2.99 -8.12
C ILE A 62 -2.75 -1.84 -7.99
N ILE A 63 -2.73 -0.95 -8.99
CA ILE A 63 -3.70 0.18 -9.10
C ILE A 63 -5.05 -0.37 -9.64
N GLY A 64 -6.04 -0.57 -8.75
CA GLY A 64 -7.45 -0.84 -9.13
C GLY A 64 -7.73 -2.02 -10.10
N LYS A 65 -7.28 -3.22 -9.72
CA LYS A 65 -7.41 -4.45 -10.56
C LYS A 65 -7.36 -5.69 -9.62
N LYS A 66 -6.24 -5.92 -8.87
CA LYS A 66 -6.18 -6.94 -7.81
C LYS A 66 -5.56 -6.38 -6.48
N PHE A 67 -6.18 -5.35 -5.88
CA PHE A 67 -5.83 -4.86 -4.53
C PHE A 67 -7.09 -4.31 -3.80
N LYS A 68 -7.15 -4.59 -2.49
CA LYS A 68 -8.31 -4.22 -1.64
C LYS A 68 -8.30 -2.78 -1.04
N LEU A 69 -7.12 -2.20 -0.71
CA LEU A 69 -6.99 -0.91 0.01
C LEU A 69 -6.72 0.25 -1.00
N PRO A 70 -7.70 1.13 -1.38
CA PRO A 70 -7.50 2.21 -2.39
C PRO A 70 -6.71 3.49 -1.97
N VAL A 71 -6.50 3.72 -0.66
CA VAL A 71 -5.66 4.86 -0.16
C VAL A 71 -4.14 4.73 -0.48
N TRP A 72 -3.53 3.52 -0.46
CA TRP A 72 -2.20 3.25 -1.08
C TRP A 72 -2.04 3.73 -2.55
N GLU A 73 -3.09 3.58 -3.37
CA GLU A 73 -3.11 4.04 -4.79
C GLU A 73 -3.19 5.59 -4.98
N THR A 74 -4.02 6.29 -4.19
CA THR A 74 -4.07 7.79 -4.13
C THR A 74 -2.79 8.43 -3.49
N ILE A 75 -2.18 7.81 -2.45
CA ILE A 75 -0.80 8.12 -1.97
C ILE A 75 0.25 8.10 -3.15
N VAL A 76 0.40 6.95 -3.85
CA VAL A 76 1.41 6.82 -4.94
C VAL A 76 1.05 7.38 -6.34
N CYS A 77 -0.19 7.85 -6.61
CA CYS A 77 -0.53 8.57 -7.87
C CYS A 77 0.24 9.91 -8.13
N THR A 78 0.63 10.65 -7.06
CA THR A 78 1.57 11.80 -7.14
C THR A 78 3.09 11.43 -6.93
N MET A 79 3.47 10.14 -7.04
CA MET A 79 4.87 9.64 -6.92
C MET A 79 5.26 8.89 -8.23
N ARG A 80 6.57 8.89 -8.57
CA ARG A 80 7.11 8.21 -9.79
C ARG A 80 8.41 7.41 -9.47
N GLU A 81 9.09 6.81 -10.47
CA GLU A 81 10.29 5.93 -10.25
C GLU A 81 11.48 6.71 -9.63
N GLY A 82 11.80 6.35 -8.37
CA GLY A 82 12.79 7.09 -7.56
C GLY A 82 12.29 8.27 -6.67
N GLU A 83 10.97 8.46 -6.48
CA GLU A 83 10.40 9.56 -5.66
C GLU A 83 10.08 9.06 -4.24
N ILE A 84 10.50 9.84 -3.24
CA ILE A 84 10.42 9.47 -1.81
C ILE A 84 9.50 10.52 -1.15
N ALA A 85 8.35 10.07 -0.60
CA ALA A 85 7.33 10.97 -0.01
C ALA A 85 6.74 10.39 1.29
N GLN A 86 6.66 11.24 2.32
CA GLN A 86 6.24 10.85 3.69
C GLN A 86 5.13 11.81 4.16
N PHE A 87 3.95 11.23 4.49
CA PHE A 87 2.72 12.04 4.68
C PHE A 87 1.53 11.23 5.28
N LEU A 88 0.62 11.95 5.96
CA LEU A 88 -0.58 11.35 6.60
C LEU A 88 -1.81 11.17 5.67
N CYS A 89 -2.74 10.28 6.08
CA CYS A 89 -4.10 10.19 5.48
C CYS A 89 -5.19 10.17 6.59
N ASP A 90 -6.37 10.73 6.27
CA ASP A 90 -7.55 10.74 7.18
C ASP A 90 -8.18 9.32 7.34
N ILE A 91 -8.74 9.05 8.53
CA ILE A 91 -9.41 7.75 8.87
C ILE A 91 -10.59 7.29 7.96
N LYS A 92 -11.38 8.18 7.33
CA LYS A 92 -12.30 7.79 6.22
C LYS A 92 -11.68 7.01 4.99
N HIS A 93 -10.38 7.19 4.73
CA HIS A 93 -9.60 6.47 3.69
C HIS A 93 -8.87 5.23 4.29
N VAL A 94 -8.23 5.35 5.48
CA VAL A 94 -7.52 4.22 6.17
C VAL A 94 -8.40 3.39 7.17
N VAL A 95 -9.74 3.40 7.02
CA VAL A 95 -10.69 2.60 7.85
C VAL A 95 -10.53 1.04 7.68
N LEU A 96 -10.38 0.59 6.43
CA LEU A 96 -10.04 -0.82 6.07
C LEU A 96 -8.53 -1.13 5.83
N TYR A 97 -7.59 -0.24 6.20
CA TYR A 97 -6.14 -0.57 6.34
C TYR A 97 -5.80 -1.72 7.36
N PRO A 98 -6.29 -1.81 8.65
CA PRO A 98 -6.09 -3.03 9.48
C PRO A 98 -6.72 -4.35 8.96
N LEU A 99 -7.77 -4.29 8.10
CA LEU A 99 -8.38 -5.49 7.46
C LEU A 99 -7.50 -6.05 6.30
N VAL A 100 -6.96 -5.14 5.44
CA VAL A 100 -6.13 -5.50 4.26
C VAL A 100 -4.64 -5.81 4.59
N ALA A 101 -4.04 -5.21 5.63
CA ALA A 101 -2.79 -5.74 6.24
C ALA A 101 -2.82 -7.23 6.69
N LYS A 102 -3.98 -7.75 7.14
CA LYS A 102 -4.19 -9.22 7.27
C LYS A 102 -4.74 -9.91 5.96
N SER A 103 -4.26 -9.47 4.79
CA SER A 103 -4.56 -10.05 3.45
C SER A 103 -3.35 -9.89 2.49
N LEU A 104 -2.70 -8.70 2.40
CA LEU A 104 -1.35 -8.53 1.78
C LEU A 104 -0.20 -9.42 2.38
N ARG A 105 -0.26 -9.79 3.68
CA ARG A 105 0.49 -10.95 4.25
C ARG A 105 -0.16 -12.33 3.91
N ASN A 106 -1.46 -12.52 4.19
CA ASN A 106 -2.11 -13.85 4.34
C ASN A 106 -2.43 -14.52 2.97
N ILE A 107 -3.20 -13.83 2.10
CA ILE A 107 -3.45 -14.21 0.69
C ILE A 107 -2.13 -14.40 -0.16
N ALA A 108 -1.12 -13.53 0.05
CA ALA A 108 0.24 -13.66 -0.54
C ALA A 108 1.17 -14.83 -0.08
N VAL A 109 0.68 -15.79 0.73
CA VAL A 109 1.31 -17.16 0.85
C VAL A 109 1.53 -17.91 -0.50
N GLY A 110 0.53 -17.85 -1.41
CA GLY A 110 0.58 -18.58 -2.69
C GLY A 110 -0.71 -18.26 -3.45
N LYS A 111 -1.71 -19.15 -3.31
CA LYS A 111 -3.12 -18.87 -3.70
C LYS A 111 -4.00 -19.21 -2.47
N ASP A 112 -4.80 -18.24 -2.01
CA ASP A 112 -5.66 -18.31 -0.79
C ASP A 112 -4.96 -18.63 0.58
N PRO A 113 -5.48 -18.26 1.79
CA PRO A 113 -4.75 -18.37 3.08
C PRO A 113 -4.74 -19.81 3.70
N LEU A 114 -5.93 -20.40 3.94
CA LEU A 114 -6.08 -21.87 4.18
C LEU A 114 -5.58 -22.80 3.03
N GLU A 115 -5.76 -22.38 1.76
CA GLU A 115 -5.27 -23.10 0.56
C GLU A 115 -3.72 -23.05 0.50
N GLY A 116 -3.05 -24.15 0.90
CA GLY A 116 -1.59 -24.18 1.08
C GLY A 116 -1.11 -23.36 2.30
N GLN A 117 -1.07 -23.99 3.49
CA GLN A 117 -0.63 -23.32 4.74
C GLN A 117 0.92 -23.46 4.86
N ARG A 118 1.61 -22.34 4.56
CA ARG A 118 3.09 -22.32 4.37
C ARG A 118 3.66 -21.00 4.97
N HIS A 119 4.95 -21.04 5.33
CA HIS A 119 5.71 -19.83 5.77
C HIS A 119 5.96 -18.88 4.56
N CYS A 120 5.49 -17.62 4.67
CA CYS A 120 5.48 -16.67 3.52
C CYS A 120 6.88 -16.10 3.15
N CYS A 121 7.60 -15.44 4.09
CA CYS A 121 8.94 -14.86 3.83
C CYS A 121 10.06 -15.92 3.99
N GLY A 122 10.43 -16.57 2.87
CA GLY A 122 11.30 -17.77 2.89
C GLY A 122 10.58 -19.06 3.37
N VAL A 123 11.34 -19.95 4.01
CA VAL A 123 10.81 -21.17 4.69
C VAL A 123 11.54 -21.32 6.05
N ALA A 124 10.76 -21.33 7.14
CA ALA A 124 11.28 -21.57 8.51
C ALA A 124 10.15 -22.26 9.32
N GLN A 125 10.37 -23.53 9.70
CA GLN A 125 9.35 -24.35 10.42
C GLN A 125 9.60 -24.29 11.96
N MET A 126 9.28 -23.13 12.55
CA MET A 126 9.28 -22.89 14.01
C MET A 126 8.39 -21.63 14.20
N ARG A 127 7.10 -21.85 14.50
CA ARG A 127 6.05 -20.78 14.60
C ARG A 127 5.79 -20.15 13.19
N GLU A 128 4.73 -20.62 12.50
CA GLU A 128 4.38 -20.15 11.13
C GLU A 128 3.65 -18.78 11.19
N HIS A 129 2.34 -18.75 11.54
CA HIS A 129 1.55 -17.51 11.79
C HIS A 129 1.40 -16.62 10.52
N SER A 130 0.37 -16.91 9.70
CA SER A 130 -0.06 -16.01 8.59
C SER A 130 -0.86 -14.78 9.14
N SER A 131 -1.97 -15.00 9.88
CA SER A 131 -2.75 -13.91 10.53
C SER A 131 -2.00 -13.27 11.73
N LEU A 132 -1.70 -14.04 12.80
CA LEU A 132 -0.97 -13.56 14.01
C LEU A 132 -1.88 -12.73 14.95
N GLY A 133 -2.11 -11.45 14.63
CA GLY A 133 -2.82 -10.51 15.51
C GLY A 133 -2.25 -9.10 15.32
N HIS A 134 -1.09 -8.85 15.94
CA HIS A 134 -0.31 -7.58 15.79
C HIS A 134 -1.00 -6.44 16.60
N ALA A 135 -0.54 -6.17 17.83
CA ALA A 135 -1.19 -5.15 18.72
C ALA A 135 -1.16 -3.64 18.29
N ASP A 136 -0.31 -3.26 17.33
CA ASP A 136 -0.21 -1.85 16.82
C ASP A 136 -1.24 -1.51 15.70
N LEU A 137 -1.42 -2.36 14.67
CA LEU A 137 -2.60 -2.28 13.75
C LEU A 137 -3.95 -2.76 14.38
N ASP A 138 -3.94 -3.67 15.40
CA ASP A 138 -5.14 -3.97 16.21
C ASP A 138 -5.56 -2.87 17.24
N ALA A 139 -4.67 -1.92 17.61
CA ALA A 139 -5.07 -0.63 18.24
C ALA A 139 -6.07 0.26 17.43
N LEU A 140 -6.08 0.21 16.09
CA LEU A 140 -7.13 0.83 15.24
C LEU A 140 -8.55 0.18 15.33
N GLN A 141 -8.61 -1.16 15.44
CA GLN A 141 -9.87 -1.92 15.70
C GLN A 141 -10.66 -1.50 16.98
N GLN A 142 -9.95 -1.18 18.07
CA GLN A 142 -10.52 -0.54 19.28
C GLN A 142 -10.62 1.01 19.19
N ASN A 143 -9.68 1.73 18.52
CA ASN A 143 -9.66 3.21 18.50
C ASN A 143 -8.96 3.69 17.18
N PRO A 144 -9.66 3.97 16.05
CA PRO A 144 -9.01 4.36 14.76
C PRO A 144 -8.48 5.82 14.76
N GLN A 145 -7.29 6.03 14.17
CA GLN A 145 -6.57 7.32 14.21
C GLN A 145 -5.80 7.58 12.87
N PRO A 146 -5.66 8.83 12.33
CA PRO A 146 -5.02 9.09 11.01
C PRO A 146 -3.47 8.90 11.06
N LEU A 147 -2.96 7.97 10.24
CA LEU A 147 -1.55 7.47 10.35
C LEU A 147 -0.60 8.14 9.33
N ILE A 148 0.72 8.04 9.61
CA ILE A 148 1.80 8.41 8.66
C ILE A 148 2.09 7.16 7.77
N PHE A 149 2.34 7.42 6.49
CA PHE A 149 2.70 6.42 5.48
C PHE A 149 3.94 6.99 4.75
N HIS A 150 5.15 6.52 5.13
CA HIS A 150 6.40 6.86 4.42
C HIS A 150 6.60 5.83 3.28
N MET A 151 6.15 6.21 2.07
CA MET A 151 6.39 5.44 0.83
C MET A 151 7.72 5.88 0.15
N GLU A 152 8.43 4.91 -0.45
CA GLU A 152 9.72 5.16 -1.13
C GLU A 152 9.63 4.40 -2.48
N MET A 153 9.41 5.11 -3.60
CA MET A 153 9.30 4.46 -4.93
C MET A 153 10.67 4.11 -5.57
N LEU A 154 10.66 2.92 -6.20
CA LEU A 154 11.82 2.35 -6.92
C LEU A 154 11.46 2.07 -8.42
N LYS A 155 10.39 1.30 -8.71
CA LYS A 155 9.98 0.93 -10.09
C LYS A 155 8.43 0.93 -10.19
N VAL A 156 7.93 1.26 -11.39
CA VAL A 156 6.48 1.24 -11.70
C VAL A 156 6.32 0.98 -13.24
N GLU A 157 5.39 0.06 -13.57
CA GLU A 157 5.06 -0.34 -14.96
C GLU A 157 3.54 -0.13 -15.21
N SER A 158 3.19 0.47 -16.36
CA SER A 158 1.80 0.87 -16.72
C SER A 158 1.00 -0.23 -17.49
N PRO A 159 -0.36 -0.16 -17.68
CA PRO A 159 -1.16 -1.20 -18.40
C PRO A 159 -0.84 -1.26 -19.93
N GLY A 160 -0.14 -2.33 -20.33
CA GLY A 160 0.57 -2.38 -21.63
C GLY A 160 1.94 -3.08 -21.52
N THR A 161 2.81 -2.55 -20.64
CA THR A 161 4.17 -3.08 -20.41
C THR A 161 4.31 -4.12 -19.26
N TYR A 162 3.47 -4.07 -18.20
CA TYR A 162 3.60 -4.97 -17.03
C TYR A 162 3.15 -6.42 -17.34
N GLN A 163 3.97 -7.42 -16.95
CA GLN A 163 3.62 -8.87 -17.01
C GLN A 163 3.39 -9.36 -18.48
N GLN A 164 4.41 -9.94 -19.11
CA GLN A 164 4.34 -10.37 -20.53
C GLN A 164 3.63 -11.75 -20.66
N ASP A 165 2.59 -11.78 -21.51
CA ASP A 165 1.70 -12.96 -21.68
C ASP A 165 2.05 -13.65 -23.01
N ALA A 1 -6.54 17.15 -13.00
CA ALA A 1 -5.66 18.27 -13.43
C ALA A 1 -4.88 18.82 -12.21
N ASP A 2 -3.59 18.44 -12.10
CA ASP A 2 -2.76 18.63 -10.87
C ASP A 2 -3.23 17.67 -9.74
N ILE A 3 -2.43 16.63 -9.45
CA ILE A 3 -2.75 15.62 -8.40
C ILE A 3 -2.46 16.19 -6.96
N ILE A 4 -1.32 16.87 -6.75
CA ILE A 4 -1.03 17.70 -5.54
C ILE A 4 -2.18 18.67 -5.09
N ALA A 5 -2.79 19.38 -6.06
CA ALA A 5 -3.99 20.21 -5.80
C ALA A 5 -5.29 19.43 -5.44
N ARG A 6 -5.61 18.30 -6.11
CA ARG A 6 -6.75 17.43 -5.72
C ARG A 6 -6.60 16.61 -4.40
N LEU A 7 -5.37 16.25 -3.93
CA LEU A 7 -5.16 15.50 -2.67
C LEU A 7 -5.35 16.34 -1.37
N ARG A 8 -4.90 17.61 -1.30
CA ARG A 8 -5.26 18.52 -0.17
C ARG A 8 -6.78 18.73 0.09
N GLU A 9 -7.59 18.88 -0.98
CA GLU A 9 -9.09 18.79 -0.91
C GLU A 9 -9.74 17.37 -0.83
N ASP A 10 -8.99 16.26 -0.86
CA ASP A 10 -9.54 14.88 -0.62
C ASP A 10 -9.76 14.48 0.88
N GLY A 11 -9.44 15.34 1.86
CA GLY A 11 -9.35 14.91 3.29
C GLY A 11 -7.91 14.65 3.80
N ILE A 12 -7.08 14.01 2.96
CA ILE A 12 -5.64 13.76 3.19
C ILE A 12 -4.78 15.06 2.99
N GLN A 13 -3.51 15.00 3.42
CA GLN A 13 -2.53 16.10 3.21
C GLN A 13 -1.19 15.47 2.73
N LYS A 14 -0.68 15.89 1.55
CA LYS A 14 0.55 15.31 0.93
C LYS A 14 1.83 16.16 1.18
N ARG A 15 2.99 15.47 1.29
CA ARG A 15 4.31 16.11 1.52
C ARG A 15 5.41 15.19 0.93
N VAL A 16 6.25 15.74 0.03
CA VAL A 16 7.44 15.04 -0.53
C VAL A 16 8.73 15.45 0.23
N ILE A 17 9.58 14.44 0.49
CA ILE A 17 10.94 14.64 1.07
C ILE A 17 11.93 14.98 -0.10
N GLN A 18 12.20 14.01 -1.01
CA GLN A 18 13.11 14.19 -2.17
C GLN A 18 12.28 13.95 -3.45
N GLU A 19 12.05 15.02 -4.24
CA GLU A 19 11.48 14.92 -5.61
C GLU A 19 12.46 14.17 -6.57
N GLY A 20 11.96 13.07 -7.17
CA GLY A 20 12.83 12.06 -7.84
C GLY A 20 13.40 12.44 -9.22
N ARG A 21 13.25 11.54 -10.20
CA ARG A 21 13.93 11.65 -11.52
C ARG A 21 12.96 11.38 -12.71
N GLY A 22 12.51 10.13 -12.87
CA GLY A 22 11.83 9.67 -14.11
C GLY A 22 10.43 10.24 -14.40
N GLU A 23 9.83 9.80 -15.52
CA GLU A 23 8.52 10.32 -15.99
C GLU A 23 7.37 9.61 -15.24
N LEU A 24 6.51 10.39 -14.57
CA LEU A 24 5.30 9.87 -13.86
C LEU A 24 4.28 9.28 -14.90
N PRO A 25 3.98 7.94 -14.96
CA PRO A 25 3.14 7.35 -16.03
C PRO A 25 1.61 7.62 -15.84
N ASP A 26 0.76 6.64 -16.17
CA ASP A 26 -0.71 6.73 -15.99
C ASP A 26 -1.14 6.87 -14.49
N PHE A 27 -0.79 5.89 -13.62
CA PHE A 27 -1.45 5.68 -12.30
C PHE A 27 -3.02 5.56 -12.34
N GLN A 28 -3.52 4.81 -13.33
CA GLN A 28 -4.96 4.53 -13.54
C GLN A 28 -5.19 2.98 -13.50
N ASP A 29 -6.36 2.50 -13.95
CA ASP A 29 -6.80 1.07 -13.76
C ASP A 29 -5.91 0.07 -14.56
N GLY A 30 -4.94 -0.52 -13.83
CA GLY A 30 -3.95 -1.47 -14.38
C GLY A 30 -2.48 -0.98 -14.37
N THR A 31 -1.99 -0.26 -13.35
CA THR A 31 -0.58 0.20 -13.26
C THR A 31 0.09 -0.62 -12.13
N LYS A 32 1.24 -1.23 -12.46
CA LYS A 32 2.07 -1.96 -11.48
C LYS A 32 3.11 -0.99 -10.87
N ALA A 33 2.77 -0.43 -9.70
CA ALA A 33 3.69 0.47 -8.94
C ALA A 33 4.47 -0.34 -7.86
N THR A 34 5.81 -0.35 -8.01
CA THR A 34 6.74 -1.08 -7.10
C THR A 34 7.48 -0.03 -6.23
N PHE A 35 7.38 -0.18 -4.90
CA PHE A 35 7.85 0.85 -3.92
C PHE A 35 8.04 0.22 -2.51
N HIS A 36 8.68 0.97 -1.60
CA HIS A 36 8.71 0.65 -0.13
C HIS A 36 7.57 1.35 0.64
N TYR A 37 7.28 0.88 1.87
CA TYR A 37 6.21 1.43 2.74
C TYR A 37 6.65 1.34 4.23
N ARG A 38 6.22 2.32 5.05
CA ARG A 38 6.50 2.32 6.51
C ARG A 38 5.34 3.06 7.21
N THR A 39 4.41 2.27 7.76
CA THR A 39 3.23 2.80 8.49
C THR A 39 3.62 2.98 9.98
N LEU A 40 3.53 4.22 10.48
CA LEU A 40 3.79 4.56 11.89
C LEU A 40 2.73 5.57 12.41
N HIS A 41 2.48 5.56 13.72
CA HIS A 41 1.54 6.48 14.39
C HIS A 41 2.07 7.95 14.39
N SER A 42 1.16 8.90 14.09
CA SER A 42 1.52 10.32 13.84
C SER A 42 1.95 11.10 15.11
N ASP A 43 1.01 11.31 16.06
CA ASP A 43 1.27 11.95 17.37
C ASP A 43 0.67 11.20 18.61
N ASP A 44 -0.26 10.24 18.41
CA ASP A 44 -0.86 9.40 19.50
C ASP A 44 0.18 8.60 20.36
N GLU A 45 1.13 7.89 19.72
CA GLU A 45 2.31 7.29 20.41
C GLU A 45 3.65 7.68 19.71
N GLY A 46 3.70 7.80 18.36
CA GLY A 46 4.95 7.74 17.59
C GLY A 46 5.51 6.33 17.22
N THR A 47 4.76 5.24 17.47
CA THR A 47 5.24 3.85 17.27
C THR A 47 5.07 3.37 15.81
N VAL A 48 6.06 2.63 15.31
CA VAL A 48 6.00 1.97 13.97
C VAL A 48 5.28 0.61 14.13
N LEU A 49 4.12 0.53 13.47
CA LEU A 49 3.32 -0.72 13.38
C LEU A 49 3.75 -1.68 12.23
N ASP A 50 4.22 -1.14 11.07
CA ASP A 50 4.59 -1.94 9.89
C ASP A 50 5.77 -1.24 9.14
N ASP A 51 6.71 -2.02 8.57
CA ASP A 51 7.99 -1.50 8.04
C ASP A 51 8.60 -2.49 7.00
N SER A 52 8.82 -1.97 5.77
CA SER A 52 9.43 -2.73 4.64
C SER A 52 10.88 -2.27 4.32
N ARG A 53 11.15 -0.97 4.13
CA ARG A 53 12.52 -0.40 4.03
C ARG A 53 13.45 -0.53 5.27
N ALA A 54 12.90 -0.79 6.48
CA ALA A 54 13.68 -1.23 7.66
C ALA A 54 14.61 -2.47 7.46
N ARG A 55 14.06 -3.51 6.82
CA ARG A 55 14.82 -4.70 6.33
C ARG A 55 15.34 -4.62 4.86
N GLY A 56 14.84 -3.69 4.01
CA GLY A 56 15.18 -3.63 2.57
C GLY A 56 14.40 -4.59 1.63
N LYS A 57 13.12 -4.85 1.93
CA LYS A 57 12.27 -5.81 1.16
C LYS A 57 11.06 -5.02 0.56
N PRO A 58 11.07 -4.55 -0.72
CA PRO A 58 10.00 -3.66 -1.26
C PRO A 58 8.70 -4.41 -1.66
N MET A 59 7.57 -3.72 -1.44
CA MET A 59 6.22 -4.21 -1.80
C MET A 59 5.83 -3.91 -3.28
N GLU A 60 4.67 -4.44 -3.68
CA GLU A 60 4.06 -4.21 -5.02
C GLU A 60 2.54 -3.98 -4.86
N LEU A 61 2.09 -2.86 -5.43
CA LEU A 61 0.66 -2.45 -5.45
C LEU A 61 0.19 -2.44 -6.92
N ILE A 62 -1.01 -3.01 -7.12
CA ILE A 62 -1.76 -2.92 -8.39
C ILE A 62 -2.76 -1.75 -8.20
N ILE A 63 -2.71 -0.80 -9.15
CA ILE A 63 -3.72 0.30 -9.25
C ILE A 63 -5.03 -0.29 -9.88
N GLY A 64 -6.16 -0.19 -9.16
CA GLY A 64 -7.53 -0.37 -9.73
C GLY A 64 -7.83 -1.56 -10.66
N LYS A 65 -7.57 -2.80 -10.19
CA LYS A 65 -7.69 -4.03 -11.02
C LYS A 65 -7.89 -5.27 -10.12
N LYS A 66 -7.04 -5.49 -9.09
CA LYS A 66 -7.24 -6.54 -8.05
C LYS A 66 -7.00 -6.10 -6.57
N PHE A 67 -6.24 -5.01 -6.29
CA PHE A 67 -5.84 -4.65 -4.90
C PHE A 67 -7.00 -4.01 -4.10
N LYS A 68 -7.07 -4.44 -2.83
CA LYS A 68 -8.20 -4.10 -1.92
C LYS A 68 -8.15 -2.69 -1.27
N LEU A 69 -6.96 -2.09 -1.00
CA LEU A 69 -6.84 -0.71 -0.48
C LEU A 69 -6.82 0.33 -1.65
N PRO A 70 -7.76 1.32 -1.72
CA PRO A 70 -7.61 2.52 -2.58
C PRO A 70 -6.72 3.69 -2.02
N VAL A 71 -6.45 3.77 -0.69
CA VAL A 71 -5.55 4.82 -0.10
C VAL A 71 -4.05 4.65 -0.49
N TRP A 72 -3.50 3.41 -0.51
CA TRP A 72 -2.18 3.11 -1.13
C TRP A 72 -1.99 3.64 -2.59
N GLU A 73 -3.05 3.55 -3.42
CA GLU A 73 -3.07 4.06 -4.83
C GLU A 73 -3.13 5.62 -4.97
N THR A 74 -3.93 6.30 -4.12
CA THR A 74 -4.01 7.79 -4.04
C THR A 74 -2.71 8.46 -3.47
N ILE A 75 -2.06 7.86 -2.45
CA ILE A 75 -0.69 8.23 -1.99
C ILE A 75 0.35 8.21 -3.16
N VAL A 76 0.49 7.07 -3.86
CA VAL A 76 1.46 6.92 -4.99
C VAL A 76 1.06 7.53 -6.37
N CYS A 77 -0.20 7.99 -6.59
CA CYS A 77 -0.56 8.75 -7.82
C CYS A 77 0.27 10.05 -8.10
N THR A 78 0.81 10.70 -7.05
CA THR A 78 1.76 11.84 -7.15
C THR A 78 3.28 11.48 -7.30
N MET A 79 3.68 10.20 -7.32
CA MET A 79 5.07 9.76 -7.08
C MET A 79 5.68 9.14 -8.36
N ARG A 80 6.87 9.64 -8.73
CA ARG A 80 7.62 9.20 -9.94
C ARG A 80 8.81 8.26 -9.58
N GLU A 81 9.49 7.68 -10.60
CA GLU A 81 10.57 6.68 -10.40
C GLU A 81 11.79 7.29 -9.65
N GLY A 82 11.94 6.90 -8.37
CA GLY A 82 12.94 7.53 -7.47
C GLY A 82 12.47 8.67 -6.52
N GLU A 83 11.15 8.91 -6.36
CA GLU A 83 10.61 9.98 -5.48
C GLU A 83 10.22 9.39 -4.10
N ILE A 84 10.58 10.12 -3.03
CA ILE A 84 10.39 9.65 -1.63
C ILE A 84 9.45 10.69 -0.98
N ALA A 85 8.24 10.25 -0.57
CA ALA A 85 7.22 11.12 0.05
C ALA A 85 6.60 10.45 1.28
N GLN A 86 6.55 11.20 2.41
CA GLN A 86 5.96 10.72 3.69
C GLN A 86 4.87 11.69 4.15
N PHE A 87 3.71 11.14 4.54
CA PHE A 87 2.50 11.98 4.79
C PHE A 87 1.35 11.21 5.47
N LEU A 88 0.55 11.98 6.24
CA LEU A 88 -0.65 11.45 6.94
C LEU A 88 -1.88 11.34 6.00
N CYS A 89 -2.73 10.34 6.31
CA CYS A 89 -4.06 10.18 5.68
C CYS A 89 -5.15 10.16 6.78
N ASP A 90 -6.27 10.86 6.53
CA ASP A 90 -7.44 10.86 7.45
C ASP A 90 -8.07 9.44 7.59
N ILE A 91 -8.53 9.11 8.81
CA ILE A 91 -9.00 7.72 9.14
C ILE A 91 -10.20 7.17 8.30
N LYS A 92 -11.05 7.99 7.67
CA LYS A 92 -11.98 7.52 6.58
C LYS A 92 -11.35 6.71 5.39
N HIS A 93 -10.07 6.98 5.06
CA HIS A 93 -9.31 6.29 3.99
C HIS A 93 -8.49 5.09 4.57
N VAL A 94 -7.78 5.26 5.71
CA VAL A 94 -7.08 4.14 6.43
C VAL A 94 -7.95 3.32 7.46
N VAL A 95 -9.30 3.38 7.37
CA VAL A 95 -10.25 2.54 8.16
C VAL A 95 -10.19 1.01 7.81
N LEU A 96 -10.03 0.68 6.52
CA LEU A 96 -9.76 -0.70 6.03
C LEU A 96 -8.26 -1.04 5.75
N TYR A 97 -7.27 -0.27 6.26
CA TYR A 97 -5.89 -0.77 6.50
C TYR A 97 -5.79 -2.03 7.45
N PRO A 98 -6.38 -2.13 8.68
CA PRO A 98 -6.39 -3.41 9.46
C PRO A 98 -7.20 -4.61 8.88
N LEU A 99 -7.93 -4.43 7.76
CA LEU A 99 -8.54 -5.54 6.97
C LEU A 99 -7.61 -6.01 5.81
N VAL A 100 -6.96 -5.07 5.09
CA VAL A 100 -6.08 -5.33 3.91
C VAL A 100 -4.62 -5.71 4.30
N ALA A 101 -4.01 -5.10 5.34
CA ALA A 101 -2.82 -5.67 6.03
C ALA A 101 -2.91 -7.16 6.50
N LYS A 102 -4.12 -7.63 6.87
CA LYS A 102 -4.41 -9.06 7.06
C LYS A 102 -4.46 -9.98 5.79
N SER A 103 -4.19 -9.46 4.57
CA SER A 103 -4.06 -10.30 3.34
C SER A 103 -2.83 -9.92 2.46
N LEU A 104 -2.44 -8.64 2.29
CA LEU A 104 -1.12 -8.25 1.71
C LEU A 104 0.14 -8.87 2.39
N ARG A 105 0.08 -9.14 3.71
CA ARG A 105 1.07 -10.00 4.42
C ARG A 105 0.75 -11.51 4.25
N ASN A 106 -0.47 -11.98 4.61
CA ASN A 106 -0.74 -13.42 4.88
C ASN A 106 -1.10 -14.22 3.61
N ILE A 107 -2.19 -13.83 2.91
CA ILE A 107 -2.60 -14.39 1.58
C ILE A 107 -1.53 -14.26 0.44
N ALA A 108 -0.64 -13.24 0.47
CA ALA A 108 0.55 -13.12 -0.41
C ALA A 108 1.58 -14.31 -0.44
N VAL A 109 1.56 -15.22 0.55
CA VAL A 109 2.19 -16.58 0.47
C VAL A 109 1.98 -17.38 -0.86
N GLY A 110 0.73 -17.45 -1.35
CA GLY A 110 0.38 -18.25 -2.53
C GLY A 110 -0.68 -17.50 -3.36
N LYS A 111 -1.96 -17.83 -3.13
CA LYS A 111 -3.11 -17.16 -3.80
C LYS A 111 -4.36 -17.08 -2.87
N ASP A 112 -5.42 -16.38 -3.33
CA ASP A 112 -6.73 -16.25 -2.60
C ASP A 112 -7.40 -17.64 -2.30
N PRO A 113 -8.09 -17.88 -1.15
CA PRO A 113 -8.32 -19.26 -0.62
C PRO A 113 -9.06 -20.24 -1.57
N LEU A 114 -10.29 -19.92 -2.00
CA LEU A 114 -10.97 -20.69 -3.09
C LEU A 114 -10.42 -20.29 -4.49
N GLU A 115 -10.69 -19.04 -4.95
CA GLU A 115 -10.27 -18.52 -6.29
C GLU A 115 -10.66 -19.41 -7.53
N GLY A 116 -11.90 -19.97 -7.55
CA GLY A 116 -12.25 -21.11 -8.42
C GLY A 116 -11.42 -22.38 -8.11
N GLN A 117 -11.80 -23.14 -7.07
CA GLN A 117 -10.91 -24.15 -6.43
C GLN A 117 -10.71 -25.41 -7.31
N ARG A 118 -9.59 -25.42 -8.06
CA ARG A 118 -9.21 -26.49 -9.01
C ARG A 118 -7.73 -26.18 -9.38
N HIS A 119 -6.80 -27.06 -8.97
CA HIS A 119 -5.35 -26.90 -9.26
C HIS A 119 -5.05 -27.55 -10.65
N CYS A 120 -5.02 -26.72 -11.71
CA CYS A 120 -5.01 -27.20 -13.11
C CYS A 120 -3.58 -27.55 -13.62
N CYS A 121 -3.28 -28.87 -13.68
CA CYS A 121 -1.96 -29.42 -14.13
C CYS A 121 -0.69 -28.80 -13.47
N GLY A 122 -0.57 -28.94 -12.13
CA GLY A 122 0.55 -28.34 -11.35
C GLY A 122 0.41 -26.82 -11.15
N VAL A 123 -0.45 -26.42 -10.19
CA VAL A 123 -0.79 -24.99 -9.94
C VAL A 123 -0.81 -24.78 -8.39
N ALA A 124 -0.31 -23.58 -7.99
CA ALA A 124 -0.20 -23.13 -6.57
C ALA A 124 0.96 -23.85 -5.83
N GLN A 125 2.11 -23.15 -5.71
CA GLN A 125 3.32 -23.70 -5.04
C GLN A 125 3.22 -23.83 -3.48
N MET A 126 2.72 -22.80 -2.77
CA MET A 126 2.44 -22.88 -1.31
C MET A 126 1.15 -22.09 -1.00
N ARG A 127 -0.02 -22.76 -1.15
CA ARG A 127 -1.33 -22.23 -0.70
C ARG A 127 -1.47 -22.54 0.82
N GLU A 128 -1.40 -21.49 1.65
CA GLU A 128 -1.40 -21.63 3.13
C GLU A 128 -2.55 -20.76 3.74
N HIS A 129 -3.09 -21.22 4.88
CA HIS A 129 -4.18 -20.50 5.61
C HIS A 129 -3.69 -19.18 6.28
N SER A 130 -4.56 -18.15 6.29
CA SER A 130 -4.22 -16.80 6.78
C SER A 130 -4.02 -16.77 8.33
N SER A 131 -2.76 -16.50 8.75
CA SER A 131 -2.37 -16.55 10.19
C SER A 131 -2.28 -15.10 10.74
N LEU A 132 -3.42 -14.61 11.26
CA LEU A 132 -3.56 -13.22 11.77
C LEU A 132 -3.38 -13.16 13.31
N GLY A 133 -2.73 -12.07 13.78
CA GLY A 133 -2.51 -11.86 15.22
C GLY A 133 -1.65 -10.62 15.45
N HIS A 134 -2.30 -9.45 15.63
CA HIS A 134 -1.59 -8.16 15.86
C HIS A 134 -2.30 -7.39 17.02
N ALA A 135 -1.53 -6.50 17.67
CA ALA A 135 -2.07 -5.43 18.55
C ALA A 135 -1.77 -3.97 18.08
N ASP A 136 -0.81 -3.73 17.17
CA ASP A 136 -0.44 -2.38 16.67
C ASP A 136 -1.41 -1.84 15.57
N LEU A 137 -1.74 -2.63 14.52
CA LEU A 137 -2.87 -2.31 13.59
C LEU A 137 -4.29 -2.67 14.16
N ASP A 138 -4.43 -3.63 15.10
CA ASP A 138 -5.72 -3.83 15.85
C ASP A 138 -6.07 -2.77 16.94
N ALA A 139 -5.13 -1.88 17.34
CA ALA A 139 -5.46 -0.59 18.01
C ALA A 139 -6.46 0.36 17.29
N LEU A 140 -6.52 0.35 15.95
CA LEU A 140 -7.51 1.12 15.13
C LEU A 140 -8.97 0.61 15.22
N GLN A 141 -9.16 -0.73 15.23
CA GLN A 141 -10.46 -1.40 15.51
C GLN A 141 -11.20 -0.95 16.82
N GLN A 142 -10.43 -0.71 17.91
CA GLN A 142 -10.92 -0.07 19.16
C GLN A 142 -10.87 1.48 19.17
N ASN A 143 -9.87 2.14 18.52
CA ASN A 143 -9.70 3.61 18.59
C ASN A 143 -9.03 4.07 17.26
N PRO A 144 -9.77 4.55 16.20
CA PRO A 144 -9.19 4.90 14.87
C PRO A 144 -8.30 6.18 14.87
N GLN A 145 -7.16 6.14 14.15
CA GLN A 145 -6.07 7.13 14.25
C GLN A 145 -5.46 7.45 12.84
N PRO A 146 -5.18 8.74 12.44
CA PRO A 146 -4.65 9.06 11.08
C PRO A 146 -3.10 8.83 10.98
N LEU A 147 -2.69 7.86 10.15
CA LEU A 147 -1.32 7.29 10.23
C LEU A 147 -0.37 7.85 9.13
N ILE A 148 0.93 7.83 9.44
CA ILE A 148 2.03 8.30 8.54
C ILE A 148 2.46 7.09 7.67
N PHE A 149 2.16 7.18 6.36
CA PHE A 149 2.51 6.12 5.38
C PHE A 149 3.72 6.67 4.56
N HIS A 150 4.93 6.30 5.01
CA HIS A 150 6.21 6.74 4.40
C HIS A 150 6.54 5.76 3.24
N MET A 151 6.31 6.25 2.02
CA MET A 151 6.54 5.46 0.80
C MET A 151 7.76 5.97 0.00
N GLU A 152 8.45 5.03 -0.66
CA GLU A 152 9.70 5.30 -1.40
C GLU A 152 9.53 4.64 -2.79
N MET A 153 9.23 5.45 -3.83
CA MET A 153 9.14 4.96 -5.23
C MET A 153 10.54 4.62 -5.81
N LEU A 154 10.60 3.43 -6.40
CA LEU A 154 11.77 2.94 -7.17
C LEU A 154 11.37 2.79 -8.68
N LYS A 155 10.34 2.00 -9.00
CA LYS A 155 9.90 1.71 -10.39
C LYS A 155 8.35 1.67 -10.47
N VAL A 156 7.83 1.83 -11.70
CA VAL A 156 6.38 1.76 -11.99
C VAL A 156 6.19 1.48 -13.52
N GLU A 157 5.33 0.48 -13.82
CA GLU A 157 5.01 0.04 -15.20
C GLU A 157 3.50 0.32 -15.53
N SER A 158 3.24 0.61 -16.81
CA SER A 158 1.90 1.01 -17.31
C SER A 158 1.02 -0.18 -17.84
N PRO A 159 -0.34 -0.05 -18.03
CA PRO A 159 -1.17 -1.09 -18.67
C PRO A 159 -0.84 -1.29 -20.18
N GLY A 160 -0.17 -2.41 -20.48
CA GLY A 160 0.54 -2.60 -21.76
C GLY A 160 1.87 -3.35 -21.60
N THR A 161 2.77 -2.77 -20.77
CA THR A 161 4.12 -3.35 -20.50
C THR A 161 4.22 -4.31 -19.27
N TYR A 162 3.36 -4.17 -18.24
CA TYR A 162 3.50 -4.96 -16.98
C TYR A 162 3.14 -6.46 -17.14
N GLN A 163 3.87 -7.33 -16.42
CA GLN A 163 3.56 -8.78 -16.33
C GLN A 163 3.86 -9.31 -14.90
N GLN A 164 3.04 -10.28 -14.46
CA GLN A 164 3.36 -11.12 -13.27
C GLN A 164 4.12 -12.41 -13.69
N ASP A 165 5.14 -12.78 -12.89
CA ASP A 165 6.03 -13.92 -13.20
C ASP A 165 5.52 -15.19 -12.48
#